data_1ULQ
#
_entry.id   1ULQ
#
_cell.length_a   135.168
_cell.length_b   88.873
_cell.length_c   164.870
_cell.angle_alpha   90.00
_cell.angle_beta   100.45
_cell.angle_gamma   90.00
#
_symmetry.space_group_name_H-M   'P 1 21 1'
#
_entity_poly.entity_id   1
_entity_poly.type   'polypeptide(L)'
_entity_poly.pdbx_seq_one_letter_code
;MPEAWIVEAVRTPIGKHGGALASVRPDDLLAHALSVLVDRSGVPKEEVEDVYAGCANQAGEDNRNVARMALLLAGFPVEV
AGCTVNRLCGSGLEAVAQAARAIWAGEGKVYIGSGVESMSRAPYAVPKPERGFPTGNLVMYDTTLGWRFVNPKMQALYGT
ESMGETAENLAEMYGIRREEQDRFALLSHQKAVRAWEEGRFQDEVVPVPVKRGKEEILVEQDEGPRRDTSLEKLAALRPV
FREGGTVTAGNSSPLNDGAAAVLLVSDDYAKAHGLRPLARVRAIAVAGVPPRIMGIGPVPATRKALERAGLSFSDLGLIE
LNEAFAAQALAVLREWSLSMEDQRLNPNGGAIALGHPLGASGARILTTLVHEMRRRKVQFGLATMCIGVGQGIAVVVEGM
G
;
_entity_poly.pdbx_strand_id   A,B,C,D,E,F,G,H
#
# COMPACT_ATOMS: atom_id res chain seq x y z
N GLU A 3 27.10 -45.74 -20.35
CA GLU A 3 27.44 -45.43 -18.91
C GLU A 3 27.33 -43.94 -18.55
N ALA A 4 27.87 -43.03 -19.37
CA ALA A 4 27.76 -41.59 -19.07
C ALA A 4 26.70 -40.94 -19.96
N TRP A 5 25.52 -40.69 -19.40
CA TRP A 5 24.40 -40.11 -20.16
C TRP A 5 24.05 -38.64 -19.99
N ILE A 6 23.71 -38.01 -21.10
CA ILE A 6 23.32 -36.63 -21.11
C ILE A 6 21.80 -36.58 -21.07
N VAL A 7 21.27 -36.28 -19.89
CA VAL A 7 19.84 -36.24 -19.71
C VAL A 7 19.18 -34.86 -19.75
N GLU A 8 19.98 -33.83 -19.94
CA GLU A 8 19.43 -32.47 -20.00
C GLU A 8 20.49 -31.46 -20.44
N ALA A 9 20.06 -30.48 -21.22
CA ALA A 9 20.96 -29.43 -21.72
C ALA A 9 20.24 -28.09 -21.84
N VAL A 10 20.83 -27.06 -21.28
CA VAL A 10 20.24 -25.73 -21.34
C VAL A 10 21.29 -24.65 -21.52
N ARG A 11 20.87 -23.52 -22.05
CA ARG A 11 21.76 -22.39 -22.25
C ARG A 11 20.95 -21.10 -22.17
N THR A 12 21.61 -20.03 -21.76
CA THR A 12 20.95 -18.75 -21.67
C THR A 12 21.14 -18.18 -23.07
N PRO A 13 20.37 -17.15 -23.43
CA PRO A 13 20.61 -16.61 -24.78
C PRO A 13 21.97 -15.94 -24.76
N ILE A 14 22.57 -15.74 -25.94
CA ILE A 14 23.89 -15.12 -26.02
C ILE A 14 23.78 -13.61 -26.28
N GLY A 15 24.38 -12.79 -25.42
CA GLY A 15 24.30 -11.35 -25.58
C GLY A 15 25.52 -10.71 -26.22
N LYS A 16 25.34 -9.56 -26.85
CA LYS A 16 26.44 -8.86 -27.49
C LYS A 16 27.25 -8.19 -26.38
N HIS A 17 28.50 -7.86 -26.69
CA HIS A 17 29.37 -7.20 -25.72
C HIS A 17 28.70 -5.89 -25.29
N GLY A 18 28.65 -5.65 -23.98
CA GLY A 18 28.02 -4.45 -23.49
C GLY A 18 26.55 -4.45 -23.88
N GLY A 19 26.03 -5.61 -24.26
CA GLY A 19 24.64 -5.72 -24.67
C GLY A 19 23.63 -6.17 -23.63
N ALA A 20 22.61 -6.88 -24.10
CA ALA A 20 21.50 -7.37 -23.29
C ALA A 20 21.82 -8.04 -21.95
N LEU A 21 22.97 -8.70 -21.87
CA LEU A 21 23.32 -9.34 -20.61
C LEU A 21 24.52 -8.72 -19.91
N ALA A 22 24.94 -7.55 -20.37
CA ALA A 22 26.09 -6.88 -19.77
C ALA A 22 25.86 -6.49 -18.31
N SER A 23 24.60 -6.37 -17.91
CA SER A 23 24.33 -5.99 -16.53
C SER A 23 24.32 -7.20 -15.60
N VAL A 24 24.31 -8.40 -16.16
CA VAL A 24 24.30 -9.63 -15.35
C VAL A 24 25.73 -10.07 -15.09
N ARG A 25 26.07 -10.29 -13.82
CA ARG A 25 27.42 -10.75 -13.53
C ARG A 25 27.59 -12.25 -13.79
N PRO A 26 28.77 -12.66 -14.27
CA PRO A 26 29.05 -14.07 -14.56
C PRO A 26 28.62 -15.12 -13.55
N ASP A 27 28.94 -14.93 -12.28
CA ASP A 27 28.55 -15.92 -11.29
C ASP A 27 27.02 -16.06 -11.26
N ASP A 28 26.31 -14.93 -11.33
CA ASP A 28 24.85 -14.98 -11.33
C ASP A 28 24.30 -15.58 -12.61
N LEU A 29 24.91 -15.23 -13.74
CA LEU A 29 24.48 -15.76 -15.02
C LEU A 29 24.57 -17.28 -14.97
N LEU A 30 25.74 -17.81 -14.61
CA LEU A 30 25.93 -19.26 -14.54
C LEU A 30 24.95 -19.94 -13.58
N ALA A 31 24.58 -19.24 -12.51
CA ALA A 31 23.62 -19.78 -11.54
C ALA A 31 22.25 -19.98 -12.23
N HIS A 32 21.87 -19.07 -13.12
CA HIS A 32 20.61 -19.22 -13.82
C HIS A 32 20.60 -20.52 -14.62
N ALA A 33 21.70 -20.78 -15.34
CA ALA A 33 21.81 -21.99 -16.13
C ALA A 33 21.75 -23.21 -15.22
N LEU A 34 22.55 -23.21 -14.15
CA LEU A 34 22.56 -24.34 -13.23
C LEU A 34 21.19 -24.61 -12.62
N SER A 35 20.49 -23.54 -12.26
CA SER A 35 19.17 -23.66 -11.67
C SER A 35 18.21 -24.26 -12.69
N VAL A 36 18.17 -23.67 -13.86
CA VAL A 36 17.30 -24.14 -14.91
C VAL A 36 17.52 -25.63 -15.21
N LEU A 37 18.78 -26.01 -15.37
CA LEU A 37 19.14 -27.38 -15.68
C LEU A 37 18.44 -28.38 -14.76
N VAL A 38 18.61 -28.20 -13.46
CA VAL A 38 17.99 -29.12 -12.50
C VAL A 38 16.49 -28.97 -12.35
N ASP A 39 15.99 -27.74 -12.42
CA ASP A 39 14.56 -27.55 -12.28
C ASP A 39 13.77 -28.32 -13.32
N ARG A 40 14.22 -28.28 -14.58
CA ARG A 40 13.54 -28.97 -15.68
C ARG A 40 13.75 -30.47 -15.66
N SER A 41 14.87 -30.91 -15.10
CA SER A 41 15.22 -32.32 -15.08
C SER A 41 14.41 -33.17 -14.11
N GLY A 42 14.02 -32.59 -12.99
CA GLY A 42 13.26 -33.34 -12.00
C GLY A 42 14.24 -34.13 -11.15
N VAL A 43 15.46 -33.62 -11.07
CA VAL A 43 16.51 -34.26 -10.29
C VAL A 43 16.87 -33.29 -9.16
N PRO A 44 16.50 -33.62 -7.93
CA PRO A 44 16.82 -32.73 -6.82
C PRO A 44 18.29 -32.32 -6.78
N LYS A 45 18.55 -31.06 -6.45
CA LYS A 45 19.90 -30.53 -6.39
C LYS A 45 20.84 -31.35 -5.54
N GLU A 46 20.37 -31.80 -4.38
CA GLU A 46 21.19 -32.62 -3.46
C GLU A 46 21.73 -33.89 -4.11
N GLU A 47 21.21 -34.25 -5.29
CA GLU A 47 21.66 -35.45 -6.00
C GLU A 47 22.95 -35.22 -6.81
N VAL A 48 23.25 -33.96 -7.11
CA VAL A 48 24.44 -33.63 -7.87
C VAL A 48 25.69 -33.88 -7.02
N GLU A 49 26.68 -34.51 -7.63
CA GLU A 49 27.93 -34.86 -6.97
C GLU A 49 28.95 -33.75 -7.04
N ASP A 50 29.14 -33.20 -8.23
CA ASP A 50 30.11 -32.13 -8.46
C ASP A 50 29.73 -31.28 -9.68
N VAL A 51 30.14 -30.03 -9.70
CA VAL A 51 29.81 -29.15 -10.80
C VAL A 51 31.09 -28.66 -11.47
N TYR A 52 31.25 -28.99 -12.74
CA TYR A 52 32.41 -28.55 -13.50
C TYR A 52 31.94 -27.40 -14.36
N ALA A 53 32.73 -26.35 -14.41
CA ALA A 53 32.39 -25.19 -15.23
C ALA A 53 33.65 -24.57 -15.83
N GLY A 54 33.55 -24.21 -17.11
CA GLY A 54 34.68 -23.60 -17.78
C GLY A 54 34.55 -22.08 -17.76
N CYS A 55 35.70 -21.42 -17.66
CA CYS A 55 35.76 -19.96 -17.64
C CYS A 55 37.17 -19.51 -18.10
N ALA A 56 37.22 -18.75 -19.19
CA ALA A 56 38.48 -18.28 -19.77
C ALA A 56 39.20 -17.18 -19.00
N ASN A 57 38.46 -16.39 -18.23
CA ASN A 57 39.06 -15.30 -17.46
C ASN A 57 38.43 -15.24 -16.08
N GLN A 58 39.11 -15.76 -15.07
CA GLN A 58 38.50 -15.76 -13.76
C GLN A 58 39.00 -14.64 -12.84
N ALA A 59 39.24 -13.48 -13.44
CA ALA A 59 39.78 -12.33 -12.71
C ALA A 59 38.77 -11.35 -12.08
N GLY A 60 37.51 -11.40 -12.52
CA GLY A 60 36.52 -10.49 -11.96
C GLY A 60 35.45 -11.10 -11.09
N GLU A 61 34.19 -10.74 -11.35
CA GLU A 61 33.05 -11.26 -10.60
C GLU A 61 32.99 -12.80 -10.74
N ASP A 62 33.87 -13.36 -11.56
CA ASP A 62 33.95 -14.80 -11.76
C ASP A 62 35.18 -15.39 -11.08
N ASN A 63 35.72 -14.65 -10.10
CA ASN A 63 36.91 -15.11 -9.40
C ASN A 63 36.67 -16.18 -8.35
N ARG A 64 37.76 -16.87 -8.02
CA ARG A 64 37.80 -17.95 -7.03
C ARG A 64 36.82 -19.09 -7.18
N ASN A 65 36.85 -19.72 -8.36
CA ASN A 65 36.03 -20.86 -8.65
C ASN A 65 34.55 -20.52 -8.79
N VAL A 66 34.16 -20.08 -9.98
CA VAL A 66 32.77 -19.70 -10.25
C VAL A 66 31.81 -20.87 -10.06
N ALA A 67 32.27 -22.08 -10.39
CA ALA A 67 31.42 -23.25 -10.24
C ALA A 67 30.80 -23.28 -8.84
N ARG A 68 31.67 -23.30 -7.84
CA ARG A 68 31.24 -23.33 -6.44
C ARG A 68 30.36 -22.14 -6.07
N MET A 69 30.77 -20.94 -6.50
CA MET A 69 30.02 -19.70 -6.23
C MET A 69 28.65 -19.77 -6.87
N ALA A 70 28.63 -20.17 -8.13
CA ALA A 70 27.41 -20.27 -8.88
C ALA A 70 26.43 -21.27 -8.31
N LEU A 71 26.91 -22.46 -7.97
CA LEU A 71 26.01 -23.47 -7.44
C LEU A 71 25.37 -23.00 -6.16
N LEU A 72 26.17 -22.40 -5.27
CA LEU A 72 25.61 -21.91 -4.00
C LEU A 72 24.55 -20.83 -4.25
N LEU A 73 24.86 -19.90 -5.16
CA LEU A 73 23.94 -18.83 -5.50
C LEU A 73 22.66 -19.42 -6.08
N ALA A 74 22.77 -20.56 -6.77
CA ALA A 74 21.62 -21.20 -7.41
C ALA A 74 20.81 -22.08 -6.44
N GLY A 75 21.11 -21.97 -5.16
CA GLY A 75 20.35 -22.71 -4.19
C GLY A 75 20.72 -24.16 -3.96
N PHE A 76 21.77 -24.64 -4.60
CA PHE A 76 22.21 -26.02 -4.39
C PHE A 76 22.64 -26.15 -2.94
N PRO A 77 22.48 -27.36 -2.37
CA PRO A 77 22.89 -27.55 -0.99
C PRO A 77 24.40 -27.51 -0.89
N VAL A 78 24.89 -27.16 0.29
CA VAL A 78 26.34 -27.05 0.55
C VAL A 78 27.23 -28.27 0.26
N GLU A 79 26.63 -29.45 0.18
CA GLU A 79 27.42 -30.64 -0.08
C GLU A 79 27.90 -30.75 -1.54
N VAL A 80 27.15 -30.17 -2.48
CA VAL A 80 27.55 -30.27 -3.88
C VAL A 80 28.89 -29.59 -4.11
N ALA A 81 29.85 -30.31 -4.67
CA ALA A 81 31.15 -29.74 -4.92
C ALA A 81 31.13 -29.01 -6.24
N GLY A 82 32.24 -28.36 -6.57
CA GLY A 82 32.34 -27.61 -7.80
C GLY A 82 33.78 -27.24 -8.10
N CYS A 83 34.10 -27.12 -9.39
CA CYS A 83 35.45 -26.78 -9.82
C CYS A 83 35.38 -26.09 -11.16
N THR A 84 36.26 -25.12 -11.38
CA THR A 84 36.30 -24.38 -12.63
C THR A 84 37.50 -24.74 -13.51
N VAL A 85 37.20 -25.33 -14.67
CA VAL A 85 38.20 -25.75 -15.63
C VAL A 85 38.48 -24.64 -16.62
N ASN A 86 39.71 -24.55 -17.11
CA ASN A 86 40.08 -23.51 -18.07
C ASN A 86 41.03 -23.93 -19.17
N ARG A 87 40.48 -24.18 -20.35
CA ARG A 87 41.27 -24.54 -21.51
C ARG A 87 40.80 -23.55 -22.58
N LEU A 88 40.74 -22.28 -22.17
CA LEU A 88 40.32 -21.18 -23.02
C LEU A 88 39.02 -21.42 -23.79
N CYS A 89 39.06 -21.12 -25.09
CA CYS A 89 37.90 -21.25 -25.95
C CYS A 89 37.18 -22.58 -25.76
N GLY A 90 37.93 -23.63 -25.46
CA GLY A 90 37.30 -24.93 -25.29
C GLY A 90 36.97 -25.35 -23.88
N SER A 91 37.03 -24.43 -22.93
CA SER A 91 36.74 -24.77 -21.53
C SER A 91 35.34 -25.38 -21.34
N GLY A 92 34.36 -24.86 -22.07
CA GLY A 92 33.03 -25.40 -21.93
C GLY A 92 32.93 -26.90 -22.16
N LEU A 93 33.60 -27.38 -23.20
CA LEU A 93 33.56 -28.79 -23.54
C LEU A 93 34.42 -29.58 -22.56
N GLU A 94 35.55 -29.02 -22.16
CA GLU A 94 36.43 -29.70 -21.22
C GLU A 94 35.66 -30.02 -19.95
N ALA A 95 34.71 -29.16 -19.60
CA ALA A 95 33.89 -29.33 -18.42
C ALA A 95 33.03 -30.59 -18.52
N VAL A 96 32.44 -30.81 -19.69
CA VAL A 96 31.62 -31.98 -19.91
C VAL A 96 32.51 -33.21 -19.93
N ALA A 97 33.62 -33.13 -20.62
CA ALA A 97 34.53 -34.27 -20.66
C ALA A 97 34.86 -34.68 -19.23
N GLN A 98 35.26 -33.68 -18.43
CA GLN A 98 35.61 -33.90 -17.03
C GLN A 98 34.52 -34.63 -16.28
N ALA A 99 33.27 -34.22 -16.53
CA ALA A 99 32.13 -34.82 -15.87
C ALA A 99 31.99 -36.26 -16.28
N ALA A 100 32.06 -36.50 -17.59
CA ALA A 100 31.93 -37.83 -18.14
C ALA A 100 32.96 -38.79 -17.56
N ARG A 101 34.24 -38.40 -17.59
CA ARG A 101 35.31 -39.25 -17.07
C ARG A 101 35.11 -39.65 -15.60
N ALA A 102 34.41 -38.81 -14.83
CA ALA A 102 34.16 -39.09 -13.42
C ALA A 102 33.08 -40.18 -13.31
N ILE A 103 32.04 -40.07 -14.13
CA ILE A 103 30.97 -41.05 -14.13
C ILE A 103 31.56 -42.39 -14.57
N TRP A 104 32.41 -42.36 -15.57
CA TRP A 104 33.07 -43.59 -16.04
C TRP A 104 33.96 -44.20 -14.96
N ALA A 105 34.55 -43.36 -14.12
CA ALA A 105 35.42 -43.82 -13.07
C ALA A 105 34.58 -44.40 -11.94
N GLY A 106 33.26 -44.24 -12.06
CA GLY A 106 32.37 -44.77 -11.05
C GLY A 106 32.43 -44.09 -9.70
N GLU A 107 32.58 -42.77 -9.71
CA GLU A 107 32.61 -42.05 -8.45
C GLU A 107 31.17 -41.66 -8.15
N GLY A 108 30.75 -40.50 -8.64
CA GLY A 108 29.38 -40.08 -8.42
C GLY A 108 28.44 -40.64 -9.49
N LYS A 109 27.15 -40.33 -9.39
CA LYS A 109 26.17 -40.78 -10.35
C LYS A 109 25.54 -39.61 -11.08
N VAL A 110 25.71 -38.42 -10.53
CA VAL A 110 25.15 -37.22 -11.15
C VAL A 110 26.19 -36.10 -11.22
N TYR A 111 26.47 -35.62 -12.42
CA TYR A 111 27.44 -34.53 -12.60
C TYR A 111 26.91 -33.46 -13.55
N ILE A 112 27.42 -32.23 -13.41
CA ILE A 112 27.03 -31.14 -14.29
C ILE A 112 28.28 -30.60 -14.99
N GLY A 113 28.21 -30.48 -16.30
CA GLY A 113 29.31 -29.94 -17.05
C GLY A 113 28.79 -28.62 -17.58
N SER A 114 29.49 -27.52 -17.31
CA SER A 114 28.99 -26.24 -17.78
C SER A 114 30.08 -25.22 -18.09
N GLY A 115 29.65 -24.02 -18.46
CA GLY A 115 30.57 -22.95 -18.77
C GLY A 115 29.85 -21.60 -18.70
N VAL A 116 30.64 -20.55 -18.44
CA VAL A 116 30.13 -19.18 -18.37
C VAL A 116 31.23 -18.20 -18.75
N GLU A 117 30.84 -17.06 -19.30
CA GLU A 117 31.80 -16.04 -19.70
C GLU A 117 31.04 -14.76 -19.89
N SER A 118 31.43 -13.75 -19.12
CA SER A 118 30.83 -12.43 -19.27
C SER A 118 32.00 -11.57 -19.72
N MET A 119 32.14 -11.42 -21.03
CA MET A 119 33.21 -10.62 -21.60
C MET A 119 32.92 -9.11 -21.45
N SER A 120 31.68 -8.77 -21.15
CA SER A 120 31.28 -7.37 -20.96
C SER A 120 31.88 -6.80 -19.67
N ARG A 121 31.83 -7.62 -18.61
CA ARG A 121 32.32 -7.23 -17.29
C ARG A 121 33.75 -7.66 -16.93
N ALA A 122 34.50 -8.16 -17.91
CA ALA A 122 35.88 -8.60 -17.64
C ALA A 122 36.65 -7.40 -17.07
N PRO A 123 37.20 -7.54 -15.86
CA PRO A 123 37.95 -6.47 -15.22
C PRO A 123 39.32 -6.17 -15.84
N TYR A 124 40.00 -5.20 -15.22
CA TYR A 124 41.33 -4.78 -15.64
C TYR A 124 42.31 -5.43 -14.67
N ALA A 125 43.49 -5.81 -15.15
CA ALA A 125 44.49 -6.40 -14.28
C ALA A 125 45.72 -5.48 -14.18
N VAL A 126 46.12 -5.16 -12.96
CA VAL A 126 47.28 -4.31 -12.75
C VAL A 126 48.38 -5.05 -12.03
N PRO A 127 49.62 -4.97 -12.53
CA PRO A 127 50.79 -5.64 -11.96
C PRO A 127 51.09 -5.19 -10.54
N LYS A 128 51.82 -6.00 -9.78
CA LYS A 128 52.15 -5.62 -8.42
C LYS A 128 53.53 -4.99 -8.43
N PRO A 129 53.73 -3.92 -7.66
CA PRO A 129 55.01 -3.26 -7.60
C PRO A 129 56.03 -4.24 -7.05
N GLU A 130 57.28 -4.15 -7.49
CA GLU A 130 58.34 -5.04 -7.00
C GLU A 130 59.30 -4.26 -6.13
N ARG A 131 59.28 -2.94 -6.24
CA ARG A 131 60.18 -2.06 -5.48
C ARG A 131 59.40 -1.06 -4.64
N GLY A 132 60.14 -0.41 -3.74
CA GLY A 132 59.57 0.58 -2.83
C GLY A 132 58.74 1.69 -3.45
N PHE A 133 59.36 2.82 -3.81
CA PHE A 133 58.62 3.92 -4.44
C PHE A 133 58.97 3.91 -5.90
N PRO A 134 58.18 3.19 -6.71
CA PRO A 134 58.41 3.08 -8.14
C PRO A 134 58.40 4.41 -8.89
N THR A 135 58.63 4.31 -10.18
CA THR A 135 58.62 5.44 -11.10
C THR A 135 58.45 4.84 -12.48
N GLY A 136 57.59 5.48 -13.25
CA GLY A 136 57.30 4.98 -14.58
C GLY A 136 55.83 4.60 -14.68
N ASN A 137 55.26 4.74 -15.88
CA ASN A 137 53.86 4.41 -16.12
C ASN A 137 53.61 2.93 -16.06
N LEU A 138 52.40 2.56 -15.65
CA LEU A 138 52.02 1.17 -15.57
C LEU A 138 50.90 0.91 -16.56
N VAL A 139 50.60 -0.36 -16.82
CA VAL A 139 49.54 -0.68 -17.75
C VAL A 139 48.38 -1.40 -17.07
N MET A 140 47.17 -1.07 -17.46
CA MET A 140 46.00 -1.75 -16.91
C MET A 140 45.52 -2.64 -18.04
N TYR A 141 45.81 -3.94 -17.96
CA TYR A 141 45.40 -4.87 -19.01
C TYR A 141 43.88 -5.17 -18.99
N ASP A 142 43.25 -5.08 -20.15
CA ASP A 142 41.82 -5.36 -20.24
C ASP A 142 41.69 -6.86 -20.44
N THR A 143 41.21 -7.57 -19.43
CA THR A 143 41.07 -9.03 -19.49
C THR A 143 40.04 -9.53 -20.50
N THR A 144 39.32 -8.60 -21.12
CA THR A 144 38.32 -8.95 -22.12
C THR A 144 39.05 -9.39 -23.36
N LEU A 145 40.23 -8.81 -23.57
CA LEU A 145 41.01 -9.10 -24.76
C LEU A 145 41.91 -10.35 -24.69
N GLY A 146 43.06 -10.31 -25.37
CA GLY A 146 43.94 -11.47 -25.42
C GLY A 146 45.21 -11.46 -24.60
N TRP A 147 46.34 -11.46 -25.29
CA TRP A 147 47.63 -11.47 -24.60
C TRP A 147 47.81 -10.32 -23.62
N ARG A 148 48.33 -10.65 -22.44
CA ARG A 148 48.60 -9.66 -21.38
C ARG A 148 49.71 -10.24 -20.51
N PHE A 149 50.34 -9.38 -19.71
CA PHE A 149 51.43 -9.81 -18.84
C PHE A 149 52.30 -10.74 -19.68
N VAL A 150 52.56 -10.35 -20.92
CA VAL A 150 53.34 -11.19 -21.82
C VAL A 150 54.72 -11.56 -21.31
N ASN A 151 55.09 -12.82 -21.53
CA ASN A 151 56.37 -13.33 -21.11
C ASN A 151 57.33 -13.14 -22.30
N PRO A 152 58.46 -12.47 -22.05
CA PRO A 152 59.43 -12.24 -23.13
C PRO A 152 59.78 -13.55 -23.83
N LYS A 153 60.07 -14.56 -23.02
CA LYS A 153 60.45 -15.88 -23.50
C LYS A 153 59.39 -16.42 -24.44
N MET A 154 58.13 -16.14 -24.10
CA MET A 154 57.03 -16.60 -24.94
C MET A 154 57.18 -15.88 -26.28
N GLN A 155 57.31 -14.56 -26.22
CA GLN A 155 57.46 -13.71 -27.39
C GLN A 155 58.54 -14.20 -28.33
N ALA A 156 59.62 -14.72 -27.74
CA ALA A 156 60.74 -15.22 -28.54
C ALA A 156 60.48 -16.58 -29.18
N LEU A 157 60.01 -17.54 -28.38
CA LEU A 157 59.76 -18.88 -28.91
C LEU A 157 58.69 -18.91 -29.99
N TYR A 158 57.51 -18.41 -29.68
CA TYR A 158 56.40 -18.34 -30.63
C TYR A 158 55.94 -16.90 -30.48
N GLY A 159 55.20 -16.36 -31.44
CA GLY A 159 54.82 -14.98 -31.25
C GLY A 159 53.69 -14.82 -30.27
N THR A 160 53.09 -13.63 -30.27
CA THR A 160 51.94 -13.38 -29.42
C THR A 160 50.90 -12.78 -30.37
N GLU A 161 50.77 -13.42 -31.53
CA GLU A 161 49.83 -12.97 -32.53
C GLU A 161 48.44 -13.15 -31.95
N SER A 162 47.53 -12.26 -32.34
CA SER A 162 46.15 -12.30 -31.87
C SER A 162 45.41 -13.40 -32.58
N MET A 163 44.30 -13.84 -31.99
CA MET A 163 43.50 -14.89 -32.59
C MET A 163 43.21 -14.49 -34.03
N GLY A 164 42.74 -13.25 -34.21
CA GLY A 164 42.42 -12.74 -35.52
C GLY A 164 43.58 -12.85 -36.50
N GLU A 165 44.79 -12.70 -35.99
CA GLU A 165 45.98 -12.83 -36.83
C GLU A 165 46.22 -14.28 -37.20
N THR A 166 45.96 -15.20 -36.26
CA THR A 166 46.15 -16.62 -36.54
C THR A 166 45.13 -17.05 -37.62
N ALA A 167 43.99 -16.37 -37.65
CA ALA A 167 42.95 -16.66 -38.62
C ALA A 167 43.51 -16.32 -40.00
N GLU A 168 44.16 -15.17 -40.10
CA GLU A 168 44.77 -14.76 -41.36
C GLU A 168 45.81 -15.78 -41.78
N ASN A 169 46.69 -16.15 -40.85
CA ASN A 169 47.76 -17.11 -41.15
C ASN A 169 47.17 -18.35 -41.80
N LEU A 170 45.95 -18.72 -41.37
CA LEU A 170 45.29 -19.88 -41.94
C LEU A 170 44.73 -19.57 -43.31
N ALA A 171 44.10 -18.42 -43.44
CA ALA A 171 43.54 -18.03 -44.73
C ALA A 171 44.66 -18.06 -45.79
N GLU A 172 45.86 -17.63 -45.39
CA GLU A 172 47.01 -17.62 -46.30
C GLU A 172 47.45 -19.03 -46.61
N MET A 173 47.69 -19.80 -45.55
CA MET A 173 48.15 -21.17 -45.66
C MET A 173 47.29 -22.05 -46.55
N TYR A 174 45.98 -21.96 -46.41
CA TYR A 174 45.07 -22.76 -47.20
C TYR A 174 44.52 -22.02 -48.43
N GLY A 175 44.81 -20.73 -48.52
CA GLY A 175 44.32 -19.95 -49.64
C GLY A 175 42.82 -19.84 -49.63
N ILE A 176 42.27 -19.41 -48.50
CA ILE A 176 40.83 -19.25 -48.34
C ILE A 176 40.48 -17.80 -48.66
N ARG A 177 39.84 -17.61 -49.80
CA ARG A 177 39.47 -16.28 -50.28
C ARG A 177 38.50 -15.51 -49.40
N ARG A 178 38.45 -14.19 -49.59
CA ARG A 178 37.53 -13.38 -48.81
C ARG A 178 36.10 -13.70 -49.20
N GLU A 179 35.82 -13.81 -50.50
CA GLU A 179 34.47 -14.11 -50.93
C GLU A 179 33.92 -15.39 -50.30
N GLU A 180 34.81 -16.37 -50.15
CA GLU A 180 34.46 -17.66 -49.57
C GLU A 180 34.12 -17.45 -48.09
N GLN A 181 34.99 -16.72 -47.38
CA GLN A 181 34.79 -16.46 -45.96
C GLN A 181 33.49 -15.75 -45.68
N ASP A 182 33.19 -14.69 -46.44
CA ASP A 182 31.97 -13.94 -46.22
C ASP A 182 30.76 -14.80 -46.55
N ARG A 183 30.91 -15.65 -47.56
CA ARG A 183 29.82 -16.53 -47.94
C ARG A 183 29.51 -17.42 -46.75
N PHE A 184 30.56 -17.95 -46.13
CA PHE A 184 30.41 -18.81 -44.97
C PHE A 184 29.69 -18.09 -43.84
N ALA A 185 30.07 -16.83 -43.61
CA ALA A 185 29.47 -16.00 -42.56
C ALA A 185 27.99 -15.73 -42.83
N LEU A 186 27.65 -15.46 -44.09
CA LEU A 186 26.28 -15.20 -44.44
C LEU A 186 25.43 -16.40 -44.07
N LEU A 187 25.94 -17.60 -44.31
CA LEU A 187 25.21 -18.82 -44.00
C LEU A 187 24.94 -18.97 -42.52
N SER A 188 25.93 -18.64 -41.70
CA SER A 188 25.78 -18.74 -40.24
C SER A 188 24.58 -17.93 -39.77
N HIS A 189 24.46 -16.72 -40.29
CA HIS A 189 23.35 -15.85 -39.95
C HIS A 189 22.01 -16.40 -40.44
N GLN A 190 21.93 -16.74 -41.72
CA GLN A 190 20.69 -17.26 -42.29
C GLN A 190 20.15 -18.48 -41.54
N LYS A 191 21.05 -19.43 -41.26
CA LYS A 191 20.68 -20.67 -40.54
C LYS A 191 20.24 -20.35 -39.12
N ALA A 192 20.89 -19.36 -38.51
CA ALA A 192 20.55 -18.96 -37.15
C ALA A 192 19.19 -18.25 -37.13
N VAL A 193 19.03 -17.27 -38.02
CA VAL A 193 17.75 -16.54 -38.10
C VAL A 193 16.62 -17.54 -38.28
N ARG A 194 16.85 -18.48 -39.20
CA ARG A 194 15.88 -19.50 -39.54
C ARG A 194 15.58 -20.39 -38.34
N ALA A 195 16.62 -20.93 -37.73
CA ALA A 195 16.43 -21.81 -36.58
C ALA A 195 15.60 -21.15 -35.49
N TRP A 196 15.86 -19.88 -35.19
CA TRP A 196 15.09 -19.17 -34.17
C TRP A 196 13.64 -19.04 -34.61
N GLU A 197 13.49 -18.40 -35.76
CA GLU A 197 12.22 -18.14 -36.40
C GLU A 197 11.34 -19.38 -36.42
N GLU A 198 11.94 -20.55 -36.66
CA GLU A 198 11.19 -21.80 -36.73
C GLU A 198 11.06 -22.51 -35.38
N GLY A 199 11.54 -21.88 -34.32
CA GLY A 199 11.44 -22.46 -33.00
C GLY A 199 12.36 -23.60 -32.60
N ARG A 200 13.48 -23.78 -33.28
CA ARG A 200 14.39 -24.86 -32.91
C ARG A 200 15.17 -24.55 -31.64
N PHE A 201 15.23 -23.28 -31.25
CA PHE A 201 15.97 -22.93 -30.03
C PHE A 201 15.09 -22.89 -28.78
N GLN A 202 13.78 -22.98 -28.99
CA GLN A 202 12.80 -22.96 -27.91
C GLN A 202 13.03 -23.91 -26.76
N ASP A 203 13.49 -25.11 -27.07
CA ASP A 203 13.73 -26.10 -26.02
C ASP A 203 14.99 -25.85 -25.22
N GLU A 204 16.09 -25.61 -25.92
CA GLU A 204 17.36 -25.41 -25.25
C GLU A 204 17.59 -24.10 -24.55
N VAL A 205 16.90 -23.04 -24.97
CA VAL A 205 17.13 -21.74 -24.32
C VAL A 205 16.22 -21.41 -23.15
N VAL A 206 16.83 -20.91 -22.08
CA VAL A 206 16.10 -20.49 -20.89
C VAL A 206 16.28 -18.97 -20.77
N PRO A 207 15.16 -18.22 -20.70
CA PRO A 207 15.22 -16.76 -20.59
C PRO A 207 15.89 -16.28 -19.32
N VAL A 208 16.60 -15.16 -19.44
CA VAL A 208 17.31 -14.55 -18.33
C VAL A 208 16.70 -13.19 -18.01
N PRO A 209 16.28 -12.99 -16.75
CA PRO A 209 15.69 -11.71 -16.35
C PRO A 209 16.77 -10.66 -16.09
N VAL A 210 16.68 -9.51 -16.74
CA VAL A 210 17.64 -8.43 -16.51
C VAL A 210 16.92 -7.28 -15.85
N LYS A 211 17.54 -6.71 -14.83
CA LYS A 211 16.95 -5.59 -14.10
C LYS A 211 17.42 -4.30 -14.73
N ARG A 212 16.49 -3.52 -15.25
CA ARG A 212 16.83 -2.24 -15.85
C ARG A 212 16.20 -1.16 -14.97
N GLY A 213 16.97 -0.74 -13.97
CA GLY A 213 16.49 0.25 -13.03
C GLY A 213 15.56 -0.37 -12.01
N LYS A 214 14.27 -0.07 -12.16
CA LYS A 214 13.23 -0.56 -11.25
C LYS A 214 12.50 -1.77 -11.79
N GLU A 215 12.34 -1.83 -13.11
CA GLU A 215 11.64 -2.95 -13.74
C GLU A 215 12.52 -4.00 -14.41
N GLU A 216 12.04 -5.24 -14.40
CA GLU A 216 12.75 -6.36 -15.00
C GLU A 216 12.35 -6.58 -16.45
N ILE A 217 13.32 -7.05 -17.24
CA ILE A 217 13.08 -7.35 -18.64
C ILE A 217 13.57 -8.77 -18.84
N LEU A 218 12.92 -9.50 -19.74
CA LEU A 218 13.31 -10.88 -19.95
C LEU A 218 14.01 -11.08 -21.28
N VAL A 219 15.32 -11.28 -21.22
CA VAL A 219 16.13 -11.53 -22.41
C VAL A 219 15.88 -12.99 -22.80
N GLU A 220 15.31 -13.23 -23.98
CA GLU A 220 15.00 -14.61 -24.37
C GLU A 220 15.39 -15.08 -25.77
N GLN A 221 16.28 -14.35 -26.41
CA GLN A 221 16.74 -14.68 -27.75
C GLN A 221 18.15 -14.16 -27.94
N ASP A 222 18.99 -14.90 -28.67
CA ASP A 222 20.34 -14.42 -28.91
C ASP A 222 20.22 -13.10 -29.66
N GLU A 223 20.97 -12.09 -29.25
CA GLU A 223 20.86 -10.82 -29.97
C GLU A 223 21.90 -10.66 -31.06
N GLY A 224 22.64 -11.73 -31.33
CA GLY A 224 23.66 -11.69 -32.35
C GLY A 224 23.16 -11.78 -33.79
N PRO A 225 22.39 -12.82 -34.16
CA PRO A 225 21.87 -13.00 -35.51
C PRO A 225 21.17 -11.78 -36.11
N ARG A 226 21.47 -11.48 -37.36
CA ARG A 226 20.80 -10.35 -38.00
C ARG A 226 20.22 -10.80 -39.34
N ARG A 227 18.94 -10.52 -39.53
CA ARG A 227 18.26 -10.91 -40.75
C ARG A 227 18.71 -10.12 -41.95
N ASP A 228 19.07 -8.85 -41.73
CA ASP A 228 19.52 -7.96 -42.81
C ASP A 228 20.97 -8.19 -43.26
N THR A 229 21.57 -9.29 -42.80
CA THR A 229 22.94 -9.62 -43.17
C THR A 229 22.94 -9.87 -44.67
N SER A 230 23.79 -9.16 -45.39
CA SER A 230 23.87 -9.35 -46.83
C SER A 230 25.30 -9.64 -47.26
N LEU A 231 25.44 -10.25 -48.42
CA LEU A 231 26.75 -10.58 -48.96
C LEU A 231 27.49 -9.31 -49.38
N GLU A 232 26.74 -8.26 -49.77
CA GLU A 232 27.35 -7.01 -50.18
C GLU A 232 27.91 -6.26 -49.00
N LYS A 233 27.10 -6.15 -47.95
CA LYS A 233 27.52 -5.45 -46.74
C LYS A 233 28.80 -6.11 -46.21
N LEU A 234 28.78 -7.43 -46.15
CA LEU A 234 29.90 -8.21 -45.63
C LEU A 234 31.21 -7.92 -46.38
N ALA A 235 31.09 -7.66 -47.68
CA ALA A 235 32.24 -7.39 -48.53
C ALA A 235 32.76 -5.97 -48.41
N ALA A 236 31.94 -5.09 -47.84
CA ALA A 236 32.32 -3.69 -47.68
C ALA A 236 33.13 -3.43 -46.43
N LEU A 237 33.25 -4.41 -45.54
CA LEU A 237 34.01 -4.25 -44.32
C LEU A 237 35.51 -4.28 -44.63
N ARG A 238 36.32 -3.60 -43.82
CA ARG A 238 37.77 -3.59 -44.03
C ARG A 238 38.44 -4.64 -43.16
N PRO A 239 39.58 -5.19 -43.62
CA PRO A 239 40.31 -6.19 -42.84
C PRO A 239 40.57 -5.61 -41.47
N VAL A 240 40.58 -6.44 -40.43
CA VAL A 240 40.78 -5.93 -39.08
C VAL A 240 42.08 -6.36 -38.41
N PHE A 241 42.73 -7.40 -38.92
CA PHE A 241 43.95 -7.89 -38.28
C PHE A 241 45.21 -7.80 -39.12
N ARG A 242 45.07 -7.51 -40.41
CA ARG A 242 46.24 -7.42 -41.26
C ARG A 242 45.93 -6.59 -42.47
N GLU A 243 46.68 -5.50 -42.66
CA GLU A 243 46.45 -4.63 -43.81
C GLU A 243 46.48 -5.41 -45.12
N GLY A 244 45.45 -5.18 -45.93
CA GLY A 244 45.34 -5.88 -47.20
C GLY A 244 45.01 -7.32 -46.90
N GLY A 245 44.49 -7.54 -45.69
CA GLY A 245 44.12 -8.89 -45.25
C GLY A 245 42.77 -9.37 -45.73
N THR A 246 42.24 -10.39 -45.07
CA THR A 246 40.97 -10.98 -45.45
C THR A 246 39.95 -11.16 -44.33
N VAL A 247 40.40 -11.21 -43.09
CA VAL A 247 39.50 -11.38 -41.95
C VAL A 247 38.90 -10.03 -41.51
N THR A 248 37.57 -9.93 -41.51
CA THR A 248 36.87 -8.71 -41.13
C THR A 248 36.03 -8.96 -39.89
N ALA A 249 35.53 -7.88 -39.27
CA ALA A 249 34.72 -8.03 -38.08
C ALA A 249 33.44 -8.80 -38.42
N GLY A 250 33.10 -8.81 -39.70
CA GLY A 250 31.90 -9.48 -40.16
C GLY A 250 32.01 -10.98 -40.36
N ASN A 251 33.17 -11.49 -40.75
CA ASN A 251 33.32 -12.93 -40.96
C ASN A 251 34.09 -13.56 -39.83
N SER A 252 33.92 -13.00 -38.64
CA SER A 252 34.55 -13.51 -37.44
C SER A 252 33.56 -13.37 -36.27
N SER A 253 33.74 -14.18 -35.25
CA SER A 253 32.83 -14.13 -34.11
C SER A 253 33.05 -12.87 -33.32
N PRO A 254 32.04 -12.50 -32.50
CA PRO A 254 32.17 -11.28 -31.68
C PRO A 254 32.51 -11.65 -30.24
N LEU A 255 32.45 -10.66 -29.36
CA LEU A 255 32.71 -10.90 -27.95
C LEU A 255 31.30 -10.94 -27.38
N ASN A 256 31.00 -11.90 -26.51
CA ASN A 256 29.64 -12.00 -25.96
C ASN A 256 29.57 -12.45 -24.52
N ASP A 257 28.37 -12.45 -23.96
CA ASP A 257 28.12 -12.91 -22.61
C ASP A 257 27.18 -14.10 -22.77
N GLY A 258 27.33 -15.11 -21.91
CA GLY A 258 26.45 -16.25 -21.98
C GLY A 258 26.86 -17.34 -21.02
N ALA A 259 25.98 -18.33 -20.83
CA ALA A 259 26.28 -19.43 -19.94
C ALA A 259 25.48 -20.65 -20.40
N ALA A 260 26.06 -21.83 -20.19
CA ALA A 260 25.40 -23.07 -20.59
C ALA A 260 25.73 -24.19 -19.63
N ALA A 261 24.82 -25.15 -19.48
CA ALA A 261 25.04 -26.28 -18.58
C ALA A 261 24.34 -27.55 -19.06
N VAL A 262 25.06 -28.67 -18.97
CA VAL A 262 24.51 -29.97 -19.35
C VAL A 262 24.57 -30.92 -18.15
N LEU A 263 23.50 -31.69 -17.97
CA LEU A 263 23.43 -32.63 -16.85
C LEU A 263 23.72 -34.07 -17.28
N LEU A 264 24.79 -34.65 -16.74
CA LEU A 264 25.13 -36.04 -17.08
C LEU A 264 24.92 -36.93 -15.87
N VAL A 265 24.41 -38.12 -16.15
CA VAL A 265 24.14 -39.05 -15.08
C VAL A 265 24.52 -40.46 -15.54
N SER A 266 24.82 -41.35 -14.59
CA SER A 266 25.21 -42.73 -14.96
C SER A 266 24.00 -43.44 -15.54
N ASP A 267 24.24 -44.39 -16.43
CA ASP A 267 23.14 -45.12 -17.05
C ASP A 267 22.27 -45.82 -16.02
N ASP A 268 22.90 -46.44 -15.02
CA ASP A 268 22.16 -47.14 -13.98
C ASP A 268 21.26 -46.15 -13.22
N TYR A 269 21.75 -44.92 -13.00
CA TYR A 269 20.98 -43.90 -12.28
C TYR A 269 19.80 -43.44 -13.13
N ALA A 270 20.06 -43.21 -14.41
CA ALA A 270 19.02 -42.78 -15.31
C ALA A 270 17.88 -43.79 -15.32
N LYS A 271 18.21 -45.07 -15.38
CA LYS A 271 17.20 -46.14 -15.39
C LYS A 271 16.42 -46.19 -14.08
N ALA A 272 17.12 -45.96 -12.98
CA ALA A 272 16.48 -46.01 -11.67
C ALA A 272 15.54 -44.84 -11.46
N HIS A 273 15.78 -43.74 -12.14
CA HIS A 273 14.93 -42.57 -11.94
C HIS A 273 14.11 -42.14 -13.14
N GLY A 274 14.05 -43.01 -14.13
CA GLY A 274 13.26 -42.72 -15.31
C GLY A 274 13.70 -41.50 -16.09
N LEU A 275 14.99 -41.20 -16.09
CA LEU A 275 15.45 -40.06 -16.85
C LEU A 275 15.70 -40.50 -18.30
N ARG A 276 15.04 -39.84 -19.24
CA ARG A 276 15.21 -40.19 -20.65
C ARG A 276 16.45 -39.52 -21.22
N PRO A 277 17.40 -40.33 -21.71
CA PRO A 277 18.66 -39.89 -22.29
C PRO A 277 18.49 -39.05 -23.56
N LEU A 278 19.34 -38.05 -23.70
CA LEU A 278 19.31 -37.17 -24.86
C LEU A 278 20.41 -37.69 -25.77
N ALA A 279 21.46 -38.20 -25.15
CA ALA A 279 22.60 -38.75 -25.88
C ALA A 279 23.54 -39.38 -24.89
N ARG A 280 24.53 -40.09 -25.42
CA ARG A 280 25.53 -40.78 -24.60
C ARG A 280 26.93 -40.34 -25.01
N VAL A 281 27.81 -40.14 -24.03
CA VAL A 281 29.18 -39.73 -24.32
C VAL A 281 30.01 -40.94 -24.81
N ARG A 282 30.36 -40.95 -26.09
CA ARG A 282 31.15 -42.02 -26.72
C ARG A 282 32.65 -41.90 -26.51
N ALA A 283 33.24 -40.80 -26.97
CA ALA A 283 34.69 -40.60 -26.83
C ALA A 283 35.10 -39.12 -26.75
N ILE A 284 36.25 -38.89 -26.12
CA ILE A 284 36.77 -37.53 -25.95
C ILE A 284 38.22 -37.50 -26.38
N ALA A 285 38.65 -36.39 -26.96
CA ALA A 285 40.03 -36.26 -27.39
C ALA A 285 40.46 -34.81 -27.35
N VAL A 286 41.71 -34.59 -26.96
CA VAL A 286 42.31 -33.28 -26.85
C VAL A 286 43.65 -33.32 -27.59
N ALA A 287 44.01 -32.25 -28.27
CA ALA A 287 45.25 -32.22 -29.03
C ALA A 287 45.80 -30.82 -29.21
N GLY A 288 47.11 -30.73 -29.37
CA GLY A 288 47.75 -29.45 -29.54
C GLY A 288 48.28 -29.24 -30.95
N VAL A 289 48.38 -27.98 -31.37
CA VAL A 289 48.88 -27.64 -32.70
C VAL A 289 49.68 -26.36 -32.53
N PRO A 290 50.49 -25.99 -33.53
CA PRO A 290 51.27 -24.75 -33.38
C PRO A 290 50.40 -23.51 -33.17
N PRO A 291 50.77 -22.67 -32.20
CA PRO A 291 50.05 -21.43 -31.84
C PRO A 291 49.66 -20.54 -33.01
N ARG A 292 50.61 -20.32 -33.92
CA ARG A 292 50.38 -19.46 -35.07
C ARG A 292 49.21 -19.86 -35.98
N ILE A 293 48.73 -21.09 -35.85
CA ILE A 293 47.57 -21.56 -36.62
C ILE A 293 46.64 -22.39 -35.75
N MET A 294 46.36 -21.89 -34.55
CA MET A 294 45.48 -22.61 -33.63
C MET A 294 44.12 -22.94 -34.25
N GLY A 295 43.73 -22.19 -35.28
CA GLY A 295 42.45 -22.46 -35.90
C GLY A 295 42.20 -23.91 -36.26
N ILE A 296 43.25 -24.62 -36.67
CA ILE A 296 43.13 -26.02 -37.07
C ILE A 296 42.96 -27.07 -35.95
N GLY A 297 43.10 -26.65 -34.69
CA GLY A 297 42.96 -27.57 -33.58
C GLY A 297 41.93 -28.70 -33.76
N PRO A 298 40.71 -28.40 -34.25
CA PRO A 298 39.70 -29.45 -34.43
C PRO A 298 40.13 -30.69 -35.21
N VAL A 299 41.01 -30.52 -36.20
CA VAL A 299 41.47 -31.65 -37.01
C VAL A 299 42.10 -32.83 -36.27
N PRO A 300 43.24 -32.62 -35.59
CA PRO A 300 43.82 -33.76 -34.89
C PRO A 300 42.96 -34.26 -33.71
N ALA A 301 42.15 -33.37 -33.12
CA ALA A 301 41.30 -33.74 -32.00
C ALA A 301 40.11 -34.59 -32.48
N THR A 302 39.52 -34.21 -33.60
CA THR A 302 38.39 -34.93 -34.18
C THR A 302 38.86 -36.31 -34.65
N ARG A 303 40.06 -36.37 -35.21
CA ARG A 303 40.61 -37.64 -35.66
C ARG A 303 40.81 -38.59 -34.47
N LYS A 304 41.41 -38.08 -33.40
CA LYS A 304 41.67 -38.87 -32.20
C LYS A 304 40.38 -39.34 -31.57
N ALA A 305 39.39 -38.45 -31.51
CA ALA A 305 38.11 -38.78 -30.91
C ALA A 305 37.37 -39.85 -31.71
N LEU A 306 37.27 -39.66 -33.03
CA LEU A 306 36.62 -40.64 -33.89
C LEU A 306 37.26 -42.01 -33.75
N GLU A 307 38.58 -42.03 -33.77
CA GLU A 307 39.32 -43.26 -33.65
C GLU A 307 39.02 -43.93 -32.32
N ARG A 308 38.94 -43.14 -31.25
CA ARG A 308 38.66 -43.68 -29.94
C ARG A 308 37.23 -44.18 -29.83
N ALA A 309 36.34 -43.65 -30.65
CA ALA A 309 34.95 -44.07 -30.63
C ALA A 309 34.75 -45.14 -31.70
N GLY A 310 35.84 -45.50 -32.36
CA GLY A 310 35.77 -46.50 -33.40
C GLY A 310 34.77 -46.17 -34.49
N LEU A 311 34.82 -44.93 -34.96
CA LEU A 311 33.94 -44.50 -36.03
C LEU A 311 34.73 -43.79 -37.11
N SER A 312 34.07 -43.49 -38.22
CA SER A 312 34.69 -42.78 -39.33
C SER A 312 33.95 -41.48 -39.46
N PHE A 313 34.61 -40.46 -39.98
CA PHE A 313 33.95 -39.17 -40.15
C PHE A 313 32.59 -39.34 -40.83
N SER A 314 32.53 -40.23 -41.80
CA SER A 314 31.29 -40.48 -42.54
C SER A 314 30.15 -41.11 -41.73
N ASP A 315 30.43 -41.52 -40.50
CA ASP A 315 29.37 -42.10 -39.67
C ASP A 315 28.66 -40.97 -38.91
N LEU A 316 29.27 -39.78 -38.90
CA LEU A 316 28.70 -38.63 -38.21
C LEU A 316 27.47 -38.13 -38.95
N GLY A 317 26.41 -37.82 -38.20
CA GLY A 317 25.20 -37.34 -38.83
C GLY A 317 24.89 -35.88 -38.52
N LEU A 318 25.72 -35.28 -37.67
CA LEU A 318 25.54 -33.88 -37.28
C LEU A 318 26.88 -33.41 -36.74
N ILE A 319 27.34 -32.25 -37.21
CA ILE A 319 28.64 -31.76 -36.75
C ILE A 319 28.61 -30.31 -36.31
N GLU A 320 28.99 -30.08 -35.05
CA GLU A 320 29.04 -28.73 -34.49
C GLU A 320 30.49 -28.26 -34.42
N LEU A 321 30.91 -27.46 -35.41
CA LEU A 321 32.27 -26.92 -35.47
C LEU A 321 32.21 -25.44 -35.11
N ASN A 322 32.60 -25.12 -33.87
CA ASN A 322 32.56 -23.74 -33.40
C ASN A 322 33.21 -22.78 -34.40
N GLU A 323 32.50 -21.72 -34.73
CA GLU A 323 32.96 -20.73 -35.70
C GLU A 323 33.72 -19.56 -35.04
N ALA A 324 35.03 -19.72 -34.84
CA ALA A 324 35.83 -18.66 -34.23
C ALA A 324 36.08 -17.61 -35.31
N PHE A 325 36.34 -18.08 -36.53
CA PHE A 325 36.61 -17.23 -37.69
C PHE A 325 36.24 -17.99 -38.96
N ALA A 326 35.59 -17.32 -39.89
CA ALA A 326 35.22 -17.97 -41.14
C ALA A 326 36.46 -18.64 -41.70
N ALA A 327 37.55 -17.88 -41.76
CA ALA A 327 38.80 -18.40 -42.29
C ALA A 327 39.24 -19.68 -41.62
N GLN A 328 39.25 -19.70 -40.28
CA GLN A 328 39.68 -20.89 -39.54
C GLN A 328 38.76 -22.09 -39.77
N ALA A 329 37.45 -21.88 -39.67
CA ALA A 329 36.50 -22.95 -39.88
C ALA A 329 36.70 -23.57 -41.26
N LEU A 330 36.77 -22.72 -42.28
CA LEU A 330 36.95 -23.19 -43.65
C LEU A 330 38.24 -23.98 -43.85
N ALA A 331 39.28 -23.63 -43.10
CA ALA A 331 40.56 -24.35 -43.19
C ALA A 331 40.31 -25.73 -42.63
N VAL A 332 39.57 -25.79 -41.51
CA VAL A 332 39.24 -27.07 -40.89
C VAL A 332 38.44 -27.89 -41.90
N LEU A 333 37.45 -27.25 -42.54
CA LEU A 333 36.63 -27.93 -43.53
C LEU A 333 37.50 -28.49 -44.65
N ARG A 334 38.54 -27.76 -45.02
CA ARG A 334 39.45 -28.21 -46.07
C ARG A 334 40.01 -29.59 -45.70
N GLU A 335 40.58 -29.71 -44.51
CA GLU A 335 41.16 -30.96 -44.06
C GLU A 335 40.16 -32.12 -44.08
N TRP A 336 38.91 -31.83 -43.72
CA TRP A 336 37.85 -32.84 -43.70
C TRP A 336 37.25 -33.06 -45.09
N SER A 337 37.61 -32.22 -46.05
CA SER A 337 37.09 -32.31 -47.40
C SER A 337 35.58 -32.15 -47.37
N LEU A 338 35.12 -31.19 -46.58
CA LEU A 338 33.70 -30.90 -46.46
C LEU A 338 33.36 -29.53 -46.99
N SER A 339 32.14 -29.41 -47.51
CA SER A 339 31.65 -28.16 -48.08
C SER A 339 30.85 -27.39 -47.04
N MET A 340 31.02 -26.07 -47.00
CA MET A 340 30.28 -25.28 -46.02
C MET A 340 28.77 -25.46 -46.21
N GLU A 341 28.36 -26.15 -47.28
CA GLU A 341 26.94 -26.38 -47.55
C GLU A 341 26.45 -27.70 -46.94
N ASP A 342 27.36 -28.46 -46.33
CA ASP A 342 27.04 -29.74 -45.72
C ASP A 342 25.86 -29.55 -44.78
N GLN A 343 24.79 -30.31 -45.01
CA GLN A 343 23.58 -30.23 -44.20
C GLN A 343 23.79 -30.63 -42.74
N ARG A 344 24.91 -31.29 -42.46
CA ARG A 344 25.20 -31.72 -41.11
C ARG A 344 25.91 -30.64 -40.28
N LEU A 345 26.54 -29.69 -40.96
CA LEU A 345 27.31 -28.65 -40.30
C LEU A 345 26.50 -27.50 -39.71
N ASN A 346 26.78 -27.18 -38.45
CA ASN A 346 26.13 -26.10 -37.73
C ASN A 346 24.78 -25.80 -38.36
N PRO A 347 23.82 -26.74 -38.21
CA PRO A 347 22.47 -26.64 -38.76
C PRO A 347 21.65 -25.44 -38.29
N ASN A 348 21.87 -24.98 -37.07
CA ASN A 348 21.10 -23.86 -36.59
C ASN A 348 21.94 -22.61 -36.48
N GLY A 349 23.08 -22.61 -37.16
CA GLY A 349 23.96 -21.47 -37.13
C GLY A 349 25.17 -21.67 -36.24
N GLY A 350 26.15 -20.79 -36.40
CA GLY A 350 27.35 -20.86 -35.61
C GLY A 350 27.71 -19.60 -34.85
N ALA A 351 28.85 -19.63 -34.19
CA ALA A 351 29.31 -18.51 -33.38
C ALA A 351 29.38 -17.16 -34.09
N ILE A 352 29.62 -17.13 -35.40
CA ILE A 352 29.69 -15.85 -36.10
C ILE A 352 28.38 -15.08 -35.94
N ALA A 353 27.26 -15.80 -36.00
CA ALA A 353 25.95 -15.18 -35.87
C ALA A 353 25.36 -15.30 -34.47
N LEU A 354 25.67 -16.39 -33.76
CA LEU A 354 25.13 -16.60 -32.43
C LEU A 354 25.93 -15.95 -31.27
N GLY A 355 27.25 -16.01 -31.36
CA GLY A 355 28.09 -15.43 -30.32
C GLY A 355 29.11 -16.42 -29.79
N HIS A 356 30.22 -15.92 -29.27
CA HIS A 356 31.27 -16.80 -28.75
C HIS A 356 31.67 -16.40 -27.34
N PRO A 357 30.79 -16.67 -26.36
CA PRO A 357 31.06 -16.33 -24.96
C PRO A 357 32.10 -17.29 -24.42
N LEU A 358 33.32 -17.19 -24.96
CA LEU A 358 34.42 -18.06 -24.58
C LEU A 358 34.10 -19.23 -23.66
N GLY A 359 34.35 -19.05 -22.36
CA GLY A 359 34.14 -20.10 -21.38
C GLY A 359 32.90 -20.96 -21.53
N ALA A 360 31.81 -20.39 -22.01
CA ALA A 360 30.57 -21.12 -22.17
C ALA A 360 30.31 -21.75 -23.54
N SER A 361 31.05 -21.31 -24.56
CA SER A 361 30.86 -21.85 -25.91
C SER A 361 30.87 -23.38 -26.03
N GLY A 362 31.85 -24.04 -25.42
CA GLY A 362 31.93 -25.49 -25.50
C GLY A 362 30.62 -26.15 -25.12
N ALA A 363 30.16 -25.88 -23.90
CA ALA A 363 28.91 -26.44 -23.42
C ALA A 363 27.74 -25.92 -24.26
N ARG A 364 27.88 -24.70 -24.77
CA ARG A 364 26.85 -24.09 -25.59
C ARG A 364 26.60 -24.92 -26.87
N ILE A 365 27.65 -25.18 -27.64
CA ILE A 365 27.47 -25.95 -28.86
C ILE A 365 27.10 -27.40 -28.58
N LEU A 366 27.53 -27.94 -27.45
CA LEU A 366 27.16 -29.32 -27.14
C LEU A 366 25.66 -29.32 -26.92
N THR A 367 25.15 -28.29 -26.28
CA THR A 367 23.72 -28.19 -26.02
C THR A 367 22.94 -28.17 -27.32
N THR A 368 23.37 -27.34 -28.27
CA THR A 368 22.68 -27.23 -29.55
C THR A 368 22.74 -28.52 -30.37
N LEU A 369 23.87 -29.22 -30.28
CA LEU A 369 24.06 -30.47 -31.00
C LEU A 369 23.06 -31.54 -30.53
N VAL A 370 23.13 -31.85 -29.23
CA VAL A 370 22.27 -32.85 -28.62
C VAL A 370 20.79 -32.65 -28.95
N HIS A 371 20.29 -31.44 -28.75
CA HIS A 371 18.89 -31.12 -29.03
C HIS A 371 18.53 -31.33 -30.50
N GLU A 372 19.40 -30.91 -31.42
CA GLU A 372 19.10 -31.11 -32.83
C GLU A 372 19.20 -32.59 -33.17
N MET A 373 20.17 -33.28 -32.60
CA MET A 373 20.33 -34.71 -32.83
C MET A 373 19.04 -35.44 -32.53
N ARG A 374 18.44 -35.12 -31.38
CA ARG A 374 17.20 -35.76 -30.98
C ARG A 374 16.05 -35.49 -31.93
N ARG A 375 15.87 -34.24 -32.34
CA ARG A 375 14.75 -33.95 -33.22
C ARG A 375 14.88 -34.52 -34.62
N ARG A 376 16.09 -34.71 -35.10
CA ARG A 376 16.25 -35.28 -36.43
C ARG A 376 16.73 -36.72 -36.36
N LYS A 377 16.66 -37.29 -35.15
CA LYS A 377 17.06 -38.67 -34.89
C LYS A 377 18.40 -39.13 -35.49
N VAL A 378 19.43 -38.31 -35.30
CA VAL A 378 20.78 -38.59 -35.77
C VAL A 378 21.44 -39.51 -34.76
N GLN A 379 22.22 -40.48 -35.23
CA GLN A 379 22.88 -41.40 -34.31
C GLN A 379 24.19 -40.91 -33.72
N PHE A 380 25.07 -40.35 -34.55
CA PHE A 380 26.36 -39.87 -34.06
C PHE A 380 26.61 -38.39 -34.36
N GLY A 381 26.98 -37.65 -33.32
CA GLY A 381 27.24 -36.24 -33.48
C GLY A 381 28.63 -35.89 -33.00
N LEU A 382 29.20 -34.83 -33.54
CA LEU A 382 30.54 -34.37 -33.16
C LEU A 382 30.54 -32.90 -32.77
N ALA A 383 31.13 -32.59 -31.62
CA ALA A 383 31.26 -31.21 -31.15
C ALA A 383 32.75 -30.93 -31.00
N THR A 384 33.28 -29.97 -31.76
CA THR A 384 34.70 -29.68 -31.66
C THR A 384 35.01 -28.20 -31.81
N MET A 385 36.11 -27.74 -31.23
CA MET A 385 36.48 -26.32 -31.29
C MET A 385 37.97 -26.08 -31.35
N CYS A 386 38.35 -24.89 -31.80
CA CYS A 386 39.75 -24.51 -31.85
C CYS A 386 40.01 -23.84 -30.50
N ILE A 387 41.25 -23.90 -30.01
CA ILE A 387 41.59 -23.31 -28.73
C ILE A 387 42.81 -22.37 -28.77
N GLY A 388 42.68 -21.21 -28.12
CA GLY A 388 43.75 -20.21 -28.11
C GLY A 388 45.14 -20.72 -27.77
N VAL A 389 46.15 -20.21 -28.49
CA VAL A 389 47.53 -20.61 -28.28
C VAL A 389 47.82 -22.05 -28.71
N GLY A 390 47.03 -22.54 -29.68
CA GLY A 390 47.26 -23.86 -30.25
C GLY A 390 46.76 -25.16 -29.65
N GLN A 391 45.44 -25.32 -29.58
CA GLN A 391 44.84 -26.55 -29.06
C GLN A 391 43.51 -26.87 -29.72
N GLY A 392 43.01 -28.06 -29.42
CA GLY A 392 41.75 -28.46 -29.99
C GLY A 392 41.09 -29.55 -29.17
N ILE A 393 39.78 -29.49 -29.02
CA ILE A 393 39.07 -30.52 -28.30
C ILE A 393 37.89 -30.98 -29.13
N ALA A 394 37.54 -32.25 -29.03
CA ALA A 394 36.41 -32.81 -29.76
C ALA A 394 35.75 -33.90 -28.92
N VAL A 395 34.43 -33.99 -29.00
CA VAL A 395 33.68 -34.98 -28.26
C VAL A 395 32.65 -35.67 -29.14
N VAL A 396 32.70 -37.00 -29.19
CA VAL A 396 31.74 -37.73 -30.00
C VAL A 396 30.62 -38.18 -29.09
N VAL A 397 29.41 -38.04 -29.58
CA VAL A 397 28.22 -38.37 -28.82
C VAL A 397 27.28 -39.22 -29.67
N GLU A 398 26.62 -40.18 -29.01
CA GLU A 398 25.66 -41.08 -29.66
C GLU A 398 24.25 -40.79 -29.16
N GLY A 399 23.34 -40.48 -30.08
CA GLY A 399 21.98 -40.18 -29.72
C GLY A 399 21.24 -41.39 -29.19
N MET A 400 20.20 -41.17 -28.39
CA MET A 400 19.42 -42.27 -27.83
C MET A 400 17.96 -41.90 -27.62
N GLU B 3 45.98 -49.36 -13.26
CA GLU B 3 45.86 -48.71 -14.61
C GLU B 3 46.52 -47.33 -14.64
N ALA B 4 46.40 -46.52 -13.57
CA ALA B 4 47.03 -45.17 -13.55
C ALA B 4 48.23 -45.11 -12.60
N TRP B 5 49.44 -45.08 -13.15
CA TRP B 5 50.65 -45.09 -12.32
C TRP B 5 51.45 -43.80 -12.21
N ILE B 6 51.89 -43.50 -11.00
CA ILE B 6 52.70 -42.33 -10.74
C ILE B 6 54.16 -42.77 -10.87
N VAL B 7 54.82 -42.30 -11.92
CA VAL B 7 56.20 -42.69 -12.16
C VAL B 7 57.25 -41.63 -11.85
N GLU B 8 56.81 -40.42 -11.52
CA GLU B 8 57.75 -39.34 -11.21
C GLU B 8 57.04 -38.19 -10.51
N ALA B 9 57.71 -37.60 -9.52
CA ALA B 9 57.17 -36.49 -8.76
C ALA B 9 58.25 -35.46 -8.46
N VAL B 10 57.96 -34.20 -8.78
CA VAL B 10 58.91 -33.12 -8.58
C VAL B 10 58.25 -31.83 -8.05
N ARG B 11 59.01 -31.04 -7.32
CA ARG B 11 58.50 -29.78 -6.81
C ARG B 11 59.64 -28.76 -6.64
N THR B 12 59.33 -27.49 -6.89
CA THR B 12 60.34 -26.47 -6.73
C THR B 12 60.30 -26.19 -5.24
N PRO B 13 61.33 -25.53 -4.69
CA PRO B 13 61.23 -25.28 -3.26
C PRO B 13 60.12 -24.23 -3.09
N ILE B 14 59.64 -24.05 -1.86
CA ILE B 14 58.58 -23.09 -1.55
C ILE B 14 59.13 -21.81 -0.95
N GLY B 15 58.85 -20.68 -1.59
CA GLY B 15 59.34 -19.41 -1.09
C GLY B 15 58.35 -18.55 -0.33
N LYS B 16 58.85 -17.66 0.52
CA LYS B 16 57.99 -16.77 1.29
C LYS B 16 57.41 -15.74 0.35
N HIS B 17 56.39 -15.03 0.80
CA HIS B 17 55.75 -13.97 0.01
C HIS B 17 56.78 -12.86 -0.21
N GLY B 18 56.91 -12.39 -1.45
CA GLY B 18 57.89 -11.36 -1.73
C GLY B 18 59.26 -11.84 -1.33
N GLY B 19 59.47 -13.15 -1.36
CA GLY B 19 60.75 -13.72 -0.98
C GLY B 19 61.61 -14.24 -2.11
N ALA B 20 62.31 -15.34 -1.82
CA ALA B 20 63.23 -15.99 -2.75
C ALA B 20 62.74 -16.25 -4.18
N LEU B 21 61.43 -16.46 -4.37
CA LEU B 21 60.93 -16.71 -5.72
C LEU B 21 59.91 -15.67 -6.21
N ALA B 22 59.94 -14.50 -5.60
CA ALA B 22 59.03 -13.42 -5.95
C ALA B 22 59.40 -12.83 -7.30
N SER B 23 60.64 -13.07 -7.72
CA SER B 23 61.11 -12.55 -9.00
C SER B 23 60.74 -13.46 -10.16
N VAL B 24 60.43 -14.72 -9.87
CA VAL B 24 60.08 -15.70 -10.89
C VAL B 24 58.59 -15.66 -11.14
N ARG B 25 58.19 -15.53 -12.40
CA ARG B 25 56.77 -15.50 -12.72
C ARG B 25 56.20 -16.90 -12.75
N PRO B 26 54.96 -17.05 -12.29
CA PRO B 26 54.24 -18.33 -12.25
C PRO B 26 54.38 -19.22 -13.48
N ASP B 27 54.11 -18.70 -14.67
CA ASP B 27 54.22 -19.48 -15.90
C ASP B 27 55.63 -20.03 -16.07
N ASP B 28 56.63 -19.23 -15.72
CA ASP B 28 58.01 -19.70 -15.82
C ASP B 28 58.30 -20.70 -14.73
N LEU B 29 57.82 -20.40 -13.52
CA LEU B 29 58.02 -21.30 -12.38
C LEU B 29 57.48 -22.69 -12.68
N LEU B 30 56.25 -22.77 -13.18
CA LEU B 30 55.63 -24.05 -13.50
C LEU B 30 56.38 -24.77 -14.61
N ALA B 31 56.98 -24.00 -15.52
CA ALA B 31 57.73 -24.58 -16.62
C ALA B 31 58.92 -25.35 -16.04
N HIS B 32 59.58 -24.77 -15.04
CA HIS B 32 60.71 -25.42 -14.42
C HIS B 32 60.30 -26.80 -13.91
N ALA B 33 59.17 -26.87 -13.24
CA ALA B 33 58.68 -28.13 -12.72
C ALA B 33 58.40 -29.11 -13.86
N LEU B 34 57.65 -28.66 -14.86
CA LEU B 34 57.31 -29.51 -15.99
C LEU B 34 58.56 -30.03 -16.70
N SER B 35 59.55 -29.16 -16.91
CA SER B 35 60.79 -29.56 -17.58
C SER B 35 61.51 -30.64 -16.78
N VAL B 36 61.75 -30.34 -15.51
CA VAL B 36 62.44 -31.27 -14.64
C VAL B 36 61.78 -32.63 -14.50
N LEU B 37 60.46 -32.65 -14.44
CA LEU B 37 59.72 -33.91 -14.30
C LEU B 37 60.08 -34.86 -15.44
N VAL B 38 59.92 -34.37 -16.67
CA VAL B 38 60.20 -35.14 -17.88
C VAL B 38 61.67 -35.45 -18.11
N ASP B 39 62.54 -34.49 -17.81
CA ASP B 39 63.96 -34.73 -18.02
C ASP B 39 64.49 -35.92 -17.21
N ARG B 40 64.14 -35.99 -15.93
CA ARG B 40 64.62 -37.10 -15.11
C ARG B 40 63.85 -38.41 -15.28
N SER B 41 62.69 -38.35 -15.91
CA SER B 41 61.89 -39.54 -16.08
C SER B 41 62.38 -40.41 -17.22
N GLY B 42 62.94 -39.79 -18.25
CA GLY B 42 63.40 -40.56 -19.37
C GLY B 42 62.25 -40.86 -20.31
N VAL B 43 61.28 -39.95 -20.34
CA VAL B 43 60.11 -40.08 -21.22
C VAL B 43 60.12 -38.83 -22.10
N PRO B 44 60.36 -39.00 -23.42
CA PRO B 44 60.36 -37.83 -24.30
C PRO B 44 59.13 -36.97 -24.16
N LYS B 45 59.32 -35.65 -24.18
CA LYS B 45 58.22 -34.71 -24.04
C LYS B 45 57.09 -35.01 -25.01
N GLU B 46 57.46 -35.31 -26.25
CA GLU B 46 56.48 -35.64 -27.28
C GLU B 46 55.50 -36.76 -26.88
N GLU B 47 55.84 -37.53 -25.85
CA GLU B 47 54.97 -38.62 -25.41
C GLU B 47 53.82 -38.17 -24.52
N VAL B 48 53.97 -37.00 -23.91
CA VAL B 48 52.92 -36.48 -23.04
C VAL B 48 51.69 -36.08 -23.85
N GLU B 49 50.54 -36.57 -23.41
CA GLU B 49 49.28 -36.32 -24.08
C GLU B 49 48.62 -34.98 -23.75
N ASP B 50 48.66 -34.60 -22.48
CA ASP B 50 47.98 -33.41 -22.01
C ASP B 50 48.56 -33.06 -20.64
N VAL B 51 48.54 -31.79 -20.28
CA VAL B 51 49.06 -31.36 -18.98
C VAL B 51 48.03 -30.58 -18.17
N TYR B 52 47.62 -31.15 -17.04
CA TYR B 52 46.66 -30.49 -16.16
C TYR B 52 47.43 -29.74 -15.10
N ALA B 53 46.98 -28.54 -14.78
CA ALA B 53 47.65 -27.75 -13.77
C ALA B 53 46.64 -26.99 -12.92
N GLY B 54 46.92 -26.92 -11.63
CA GLY B 54 46.05 -26.18 -10.73
C GLY B 54 46.59 -24.77 -10.46
N CYS B 55 45.70 -23.79 -10.43
CA CYS B 55 46.05 -22.41 -10.18
C CYS B 55 44.84 -21.70 -9.60
N ALA B 56 44.99 -21.19 -8.38
CA ALA B 56 43.92 -20.49 -7.66
C ALA B 56 43.54 -19.10 -8.17
N ASN B 57 44.49 -18.42 -8.80
CA ASN B 57 44.25 -17.09 -9.32
C ASN B 57 44.91 -16.97 -10.69
N GLN B 58 44.13 -16.94 -11.76
CA GLN B 58 44.74 -16.84 -13.08
C GLN B 58 44.58 -15.46 -13.70
N ALA B 59 44.75 -14.43 -12.88
CA ALA B 59 44.58 -13.05 -13.33
C ALA B 59 45.85 -12.30 -13.74
N GLY B 60 47.01 -12.81 -13.34
CA GLY B 60 48.25 -12.16 -13.68
C GLY B 60 49.10 -12.86 -14.74
N GLU B 61 50.39 -12.98 -14.45
CA GLU B 61 51.33 -13.63 -15.38
C GLU B 61 50.98 -15.11 -15.60
N ASP B 62 49.91 -15.55 -14.95
CA ASP B 62 49.42 -16.92 -15.05
C ASP B 62 48.08 -16.96 -15.80
N ASN B 63 47.77 -15.89 -16.53
CA ASN B 63 46.50 -15.81 -17.24
C ASN B 63 46.42 -16.62 -18.51
N ARG B 64 45.19 -16.89 -18.91
CA ARG B 64 44.91 -17.64 -20.13
C ARG B 64 45.55 -19.02 -20.25
N ASN B 65 45.24 -19.87 -19.25
CA ASN B 65 45.69 -21.26 -19.25
C ASN B 65 47.19 -21.41 -19.05
N VAL B 66 47.61 -21.35 -17.79
CA VAL B 66 49.01 -21.48 -17.45
C VAL B 66 49.60 -22.77 -17.98
N ALA B 67 48.87 -23.87 -17.82
CA ALA B 67 49.35 -25.17 -18.25
C ALA B 67 49.95 -25.14 -19.66
N ARG B 68 49.16 -24.66 -20.62
CA ARG B 68 49.59 -24.58 -22.01
C ARG B 68 50.76 -23.61 -22.20
N MET B 69 50.73 -22.49 -21.50
CA MET B 69 51.79 -21.48 -21.59
C MET B 69 53.06 -22.10 -21.05
N ALA B 70 52.96 -22.70 -19.87
CA ALA B 70 54.10 -23.30 -19.20
C ALA B 70 54.71 -24.47 -19.94
N LEU B 71 53.88 -25.36 -20.50
CA LEU B 71 54.44 -26.51 -21.21
C LEU B 71 55.17 -26.06 -22.48
N LEU B 72 54.66 -25.00 -23.11
CA LEU B 72 55.32 -24.47 -24.31
C LEU B 72 56.66 -23.85 -23.90
N LEU B 73 56.62 -23.03 -22.85
CA LEU B 73 57.81 -22.38 -22.32
C LEU B 73 58.88 -23.39 -21.95
N ALA B 74 58.43 -24.55 -21.46
CA ALA B 74 59.32 -25.63 -21.04
C ALA B 74 59.91 -26.42 -22.20
N GLY B 75 59.59 -26.01 -23.42
CA GLY B 75 60.11 -26.68 -24.59
C GLY B 75 59.39 -27.93 -25.04
N PHE B 76 58.17 -28.18 -24.56
CA PHE B 76 57.43 -29.36 -25.00
C PHE B 76 56.96 -29.10 -26.42
N PRO B 77 56.83 -30.15 -27.23
CA PRO B 77 56.37 -29.91 -28.60
C PRO B 77 54.95 -29.37 -28.62
N VAL B 78 54.65 -28.65 -29.69
CA VAL B 78 53.36 -28.02 -29.87
C VAL B 78 52.13 -28.95 -29.74
N GLU B 79 52.33 -30.24 -29.99
CA GLU B 79 51.26 -31.24 -29.92
C GLU B 79 50.67 -31.52 -28.51
N VAL B 80 51.48 -31.33 -27.48
CA VAL B 80 51.05 -31.54 -26.10
C VAL B 80 49.98 -30.54 -25.69
N ALA B 81 48.86 -31.04 -25.22
CA ALA B 81 47.76 -30.17 -24.79
C ALA B 81 47.92 -29.85 -23.32
N GLY B 82 47.06 -28.94 -22.84
CA GLY B 82 47.11 -28.56 -21.45
C GLY B 82 45.85 -27.84 -21.07
N CYS B 83 45.53 -27.90 -19.79
CA CYS B 83 44.33 -27.28 -19.24
C CYS B 83 44.64 -26.88 -17.81
N THR B 84 44.05 -25.79 -17.35
CA THR B 84 44.26 -25.31 -16.00
C THR B 84 43.00 -25.54 -15.18
N VAL B 85 43.14 -26.30 -14.11
CA VAL B 85 42.01 -26.60 -13.25
C VAL B 85 42.03 -25.69 -12.02
N ASN B 86 40.84 -25.33 -11.52
CA ASN B 86 40.75 -24.46 -10.34
C ASN B 86 39.69 -24.82 -9.31
N ARG B 87 40.12 -25.47 -8.24
CA ARG B 87 39.24 -25.83 -7.14
C ARG B 87 39.96 -25.26 -5.91
N LEU B 88 40.41 -24.01 -6.04
CA LEU B 88 41.13 -23.27 -5.00
C LEU B 88 42.27 -24.04 -4.33
N CYS B 89 42.34 -23.97 -3.01
CA CYS B 89 43.38 -24.66 -2.25
C CYS B 89 43.68 -26.08 -2.74
N GLY B 90 42.66 -26.75 -3.23
CA GLY B 90 42.86 -28.12 -3.70
C GLY B 90 43.08 -28.31 -5.18
N SER B 91 43.33 -27.24 -5.90
CA SER B 91 43.52 -27.37 -7.34
C SER B 91 44.67 -28.31 -7.73
N GLY B 92 45.74 -28.29 -6.94
CA GLY B 92 46.87 -29.13 -7.25
C GLY B 92 46.53 -30.60 -7.29
N LEU B 93 45.70 -31.04 -6.35
CA LEU B 93 45.31 -32.44 -6.31
C LEU B 93 44.32 -32.72 -7.43
N GLU B 94 43.36 -31.82 -7.61
CA GLU B 94 42.34 -31.98 -8.65
C GLU B 94 43.00 -32.22 -10.01
N ALA B 95 44.16 -31.61 -10.21
CA ALA B 95 44.90 -31.77 -11.47
C ALA B 95 45.33 -33.23 -11.65
N VAL B 96 45.81 -33.86 -10.58
CA VAL B 96 46.26 -35.25 -10.64
C VAL B 96 45.07 -36.14 -10.84
N ALA B 97 43.98 -35.82 -10.16
CA ALA B 97 42.77 -36.61 -10.27
C ALA B 97 42.34 -36.63 -11.73
N GLN B 98 42.31 -35.45 -12.32
CA GLN B 98 41.91 -35.29 -13.71
C GLN B 98 42.81 -36.12 -14.64
N ALA B 99 44.11 -36.12 -14.37
CA ALA B 99 45.06 -36.88 -15.17
C ALA B 99 44.74 -38.36 -15.05
N ALA B 100 44.60 -38.83 -13.81
CA ALA B 100 44.28 -40.23 -13.57
C ALA B 100 43.00 -40.66 -14.30
N ARG B 101 41.90 -39.91 -14.11
CA ARG B 101 40.63 -40.25 -14.75
C ARG B 101 40.73 -40.42 -16.27
N ALA B 102 41.63 -39.65 -16.87
CA ALA B 102 41.84 -39.73 -18.31
C ALA B 102 42.50 -41.06 -18.63
N ILE B 103 43.55 -41.40 -17.90
CA ILE B 103 44.22 -42.66 -18.16
C ILE B 103 43.25 -43.82 -17.99
N TRP B 104 42.39 -43.74 -16.98
CA TRP B 104 41.41 -44.80 -16.71
C TRP B 104 40.42 -44.93 -17.86
N ALA B 105 40.13 -43.82 -18.50
CA ALA B 105 39.18 -43.82 -19.61
C ALA B 105 39.85 -44.34 -20.89
N GLY B 106 41.10 -44.76 -20.78
CA GLY B 106 41.82 -45.27 -21.94
C GLY B 106 42.06 -44.32 -23.08
N GLU B 107 42.31 -43.04 -22.77
CA GLU B 107 42.58 -42.04 -23.80
C GLU B 107 44.08 -42.00 -24.04
N GLY B 108 44.80 -41.13 -23.35
CA GLY B 108 46.24 -41.08 -23.53
C GLY B 108 46.93 -42.12 -22.67
N LYS B 109 48.25 -42.17 -22.75
CA LYS B 109 49.04 -43.12 -21.96
C LYS B 109 49.97 -42.37 -21.00
N VAL B 110 50.25 -41.10 -21.34
CA VAL B 110 51.11 -40.26 -20.51
C VAL B 110 50.43 -38.92 -20.21
N TYR B 111 50.23 -38.63 -18.93
CA TYR B 111 49.61 -37.39 -18.51
C TYR B 111 50.40 -36.77 -17.37
N ILE B 112 50.28 -35.46 -17.21
CA ILE B 112 50.97 -34.77 -16.11
C ILE B 112 49.96 -34.04 -15.26
N GLY B 113 50.10 -34.16 -13.95
CA GLY B 113 49.22 -33.50 -13.01
C GLY B 113 50.10 -32.55 -12.22
N SER B 114 49.81 -31.25 -12.28
CA SER B 114 50.65 -30.27 -11.59
C SER B 114 49.89 -29.06 -11.09
N GLY B 115 50.63 -28.17 -10.45
CA GLY B 115 50.05 -26.97 -9.91
C GLY B 115 51.11 -25.91 -9.66
N VAL B 116 50.68 -24.65 -9.69
CA VAL B 116 51.59 -23.52 -9.48
C VAL B 116 50.80 -22.35 -8.91
N GLU B 117 51.48 -21.51 -8.14
CA GLU B 117 50.84 -20.35 -7.52
C GLU B 117 51.91 -19.38 -7.07
N SER B 118 51.89 -18.17 -7.62
CA SER B 118 52.85 -17.15 -7.24
C SER B 118 52.05 -16.04 -6.56
N MET B 119 51.89 -16.18 -5.25
CA MET B 119 51.12 -15.21 -4.49
C MET B 119 51.80 -13.87 -4.37
N SER B 120 53.10 -13.84 -4.66
CA SER B 120 53.88 -12.60 -4.57
C SER B 120 53.54 -11.66 -5.72
N ARG B 121 53.44 -12.23 -6.91
CA ARG B 121 53.15 -11.46 -8.12
C ARG B 121 51.67 -11.37 -8.51
N ALA B 122 50.77 -11.79 -7.62
CA ALA B 122 49.33 -11.73 -7.90
C ALA B 122 48.96 -10.28 -8.14
N PRO B 123 48.38 -9.97 -9.30
CA PRO B 123 47.98 -8.61 -9.68
C PRO B 123 46.79 -8.03 -8.94
N TYR B 124 46.36 -6.85 -9.39
CA TYR B 124 45.20 -6.16 -8.84
C TYR B 124 44.12 -6.27 -9.89
N ALA B 125 42.87 -6.40 -9.46
CA ALA B 125 41.76 -6.49 -10.40
C ALA B 125 40.87 -5.26 -10.20
N VAL B 126 40.53 -4.58 -11.29
CA VAL B 126 39.71 -3.38 -11.21
C VAL B 126 38.48 -3.56 -12.08
N PRO B 127 37.29 -3.26 -11.54
CA PRO B 127 35.98 -3.37 -12.19
C PRO B 127 35.88 -2.55 -13.46
N LYS B 128 35.00 -2.96 -14.38
CA LYS B 128 34.82 -2.20 -15.61
C LYS B 128 33.66 -1.21 -15.41
N PRO B 129 33.78 -0.01 -16.00
CA PRO B 129 32.70 0.95 -15.84
C PRO B 129 31.49 0.41 -16.53
N GLU B 130 30.31 0.83 -16.10
CA GLU B 130 29.07 0.39 -16.70
C GLU B 130 28.35 1.60 -17.32
N ARG B 131 28.80 2.79 -16.97
CA ARG B 131 28.18 4.00 -17.47
C ARG B 131 29.25 4.84 -18.19
N GLY B 132 28.81 5.88 -18.90
CA GLY B 132 29.70 6.75 -19.65
C GLY B 132 30.79 7.48 -18.89
N PHE B 133 30.44 8.50 -18.15
CA PHE B 133 31.44 9.21 -17.38
C PHE B 133 31.07 8.99 -15.93
N PRO B 134 31.52 7.89 -15.35
CA PRO B 134 31.23 7.56 -13.96
C PRO B 134 31.62 8.64 -12.96
N THR B 135 31.33 8.32 -11.71
CA THR B 135 31.66 9.14 -10.54
C THR B 135 31.71 8.14 -9.39
N GLY B 136 32.54 8.41 -8.39
CA GLY B 136 32.65 7.49 -7.27
C GLY B 136 33.95 6.74 -7.34
N ASN B 137 34.59 6.56 -6.18
CA ASN B 137 35.84 5.85 -6.15
C ASN B 137 35.63 4.41 -6.54
N LEU B 138 36.71 3.76 -6.94
CA LEU B 138 36.70 2.36 -7.32
C LEU B 138 37.68 1.65 -6.41
N VAL B 139 37.58 0.33 -6.37
CA VAL B 139 38.48 -0.45 -5.54
C VAL B 139 39.39 -1.28 -6.42
N MET B 140 40.65 -1.39 -6.02
CA MET B 140 41.58 -2.23 -6.77
C MET B 140 41.75 -3.44 -5.87
N TYR B 141 41.16 -4.56 -6.24
CA TYR B 141 41.27 -5.77 -5.41
C TYR B 141 42.61 -6.46 -5.57
N ASP B 142 43.23 -6.82 -4.46
CA ASP B 142 44.50 -7.53 -4.44
C ASP B 142 44.20 -9.04 -4.52
N THR B 143 44.42 -9.64 -5.68
CA THR B 143 44.13 -11.06 -5.89
C THR B 143 44.99 -11.97 -5.04
N THR B 144 45.97 -11.42 -4.32
CA THR B 144 46.83 -12.20 -3.45
C THR B 144 46.03 -12.69 -2.27
N LEU B 145 45.01 -11.91 -1.89
CA LEU B 145 44.17 -12.22 -0.74
C LEU B 145 42.95 -13.12 -1.06
N GLY B 146 41.79 -12.82 -0.48
CA GLY B 146 40.63 -13.67 -0.69
C GLY B 146 39.39 -13.12 -1.40
N TRP B 147 38.33 -12.88 -0.63
CA TRP B 147 37.07 -12.36 -1.17
C TRP B 147 37.20 -11.02 -1.88
N ARG B 148 36.68 -10.97 -3.10
CA ARG B 148 36.73 -9.78 -3.93
C ARG B 148 35.54 -9.77 -4.89
N PHE B 149 35.21 -8.59 -5.41
CA PHE B 149 34.06 -8.47 -6.30
C PHE B 149 32.92 -9.24 -5.65
N VAL B 150 32.83 -9.13 -4.33
CA VAL B 150 31.81 -9.82 -3.56
C VAL B 150 30.40 -9.69 -4.15
N ASN B 151 29.62 -10.77 -4.08
CA ASN B 151 28.24 -10.76 -4.57
C ASN B 151 27.33 -10.55 -3.37
N PRO B 152 26.48 -9.51 -3.40
CA PRO B 152 25.57 -9.26 -2.27
C PRO B 152 24.78 -10.50 -1.87
N LYS B 153 24.24 -11.21 -2.85
CA LYS B 153 23.46 -12.42 -2.60
C LYS B 153 24.30 -13.45 -1.87
N MET B 154 25.59 -13.47 -2.16
CA MET B 154 26.51 -14.39 -1.50
C MET B 154 26.63 -13.97 -0.04
N GLN B 155 26.90 -12.69 0.21
CA GLN B 155 27.02 -12.15 1.57
C GLN B 155 25.78 -12.48 2.40
N ALA B 156 24.63 -12.53 1.75
CA ALA B 156 23.36 -12.81 2.42
C ALA B 156 23.10 -14.27 2.74
N LEU B 157 23.51 -15.17 1.86
CA LEU B 157 23.30 -16.62 2.06
C LEU B 157 24.28 -17.21 3.07
N TYR B 158 25.56 -16.98 2.83
CA TYR B 158 26.63 -17.44 3.72
C TYR B 158 27.44 -16.17 3.86
N GLY B 159 28.30 -16.07 4.86
CA GLY B 159 29.05 -14.82 4.94
C GLY B 159 30.17 -14.78 3.92
N THR B 160 31.16 -13.96 4.21
CA THR B 160 32.32 -13.86 3.35
C THR B 160 33.48 -13.82 4.35
N GLU B 161 33.38 -14.66 5.37
CA GLU B 161 34.41 -14.72 6.39
C GLU B 161 35.71 -15.24 5.77
N SER B 162 36.82 -14.70 6.23
CA SER B 162 38.12 -15.09 5.71
C SER B 162 38.47 -16.52 6.13
N MET B 163 39.41 -17.14 5.41
CA MET B 163 39.83 -18.48 5.73
C MET B 163 40.22 -18.46 7.21
N GLY B 164 41.01 -17.47 7.59
CA GLY B 164 41.44 -17.34 8.97
C GLY B 164 40.27 -17.34 9.92
N GLU B 165 39.18 -16.66 9.54
CA GLU B 165 38.02 -16.64 10.41
C GLU B 165 37.35 -18.01 10.54
N THR B 166 37.25 -18.75 9.44
CA THR B 166 36.64 -20.06 9.50
C THR B 166 37.49 -20.95 10.41
N ALA B 167 38.79 -20.67 10.44
CA ALA B 167 39.68 -21.45 11.28
C ALA B 167 39.27 -21.24 12.75
N GLU B 168 38.93 -19.99 13.10
CA GLU B 168 38.49 -19.67 14.46
C GLU B 168 37.17 -20.39 14.73
N ASN B 169 36.28 -20.36 13.74
CA ASN B 169 34.98 -20.99 13.88
C ASN B 169 35.19 -22.44 14.24
N LEU B 170 36.22 -23.05 13.67
CA LEU B 170 36.50 -24.44 13.95
C LEU B 170 37.10 -24.57 15.34
N ALA B 171 38.08 -23.72 15.64
CA ALA B 171 38.71 -23.75 16.97
C ALA B 171 37.63 -23.66 18.03
N GLU B 172 36.62 -22.83 17.80
CA GLU B 172 35.51 -22.70 18.74
C GLU B 172 34.75 -24.02 18.84
N MET B 173 34.20 -24.44 17.71
CA MET B 173 33.38 -25.63 17.63
C MET B 173 33.98 -26.87 18.28
N TYR B 174 35.26 -27.13 18.00
CA TYR B 174 35.94 -28.30 18.56
C TYR B 174 36.66 -28.05 19.86
N GLY B 175 36.66 -26.79 20.30
CA GLY B 175 37.32 -26.44 21.55
C GLY B 175 38.83 -26.62 21.51
N ILE B 176 39.43 -26.26 20.38
CA ILE B 176 40.88 -26.39 20.22
C ILE B 176 41.59 -25.15 20.77
N ARG B 177 42.22 -25.34 21.92
CA ARG B 177 42.94 -24.28 22.64
C ARG B 177 44.15 -23.73 21.90
N ARG B 178 44.64 -22.59 22.38
CA ARG B 178 45.81 -21.93 21.80
C ARG B 178 47.11 -22.73 22.02
N GLU B 179 47.27 -23.28 23.23
CA GLU B 179 48.44 -24.07 23.53
C GLU B 179 48.58 -25.24 22.57
N GLU B 180 47.46 -25.92 22.29
CA GLU B 180 47.50 -27.05 21.39
C GLU B 180 47.81 -26.62 19.95
N GLN B 181 47.23 -25.50 19.51
CA GLN B 181 47.49 -25.00 18.16
C GLN B 181 48.97 -24.68 17.98
N ASP B 182 49.55 -23.95 18.93
CA ASP B 182 50.96 -23.60 18.81
C ASP B 182 51.84 -24.84 18.88
N ARG B 183 51.44 -25.82 19.69
CA ARG B 183 52.21 -27.04 19.83
C ARG B 183 52.22 -27.76 18.50
N PHE B 184 51.07 -27.83 17.84
CA PHE B 184 50.97 -28.49 16.54
C PHE B 184 51.89 -27.78 15.58
N ALA B 185 51.90 -26.45 15.64
CA ALA B 185 52.73 -25.62 14.77
C ALA B 185 54.21 -25.87 14.99
N LEU B 186 54.63 -25.95 16.25
CA LEU B 186 56.03 -26.19 16.55
C LEU B 186 56.51 -27.49 15.93
N LEU B 187 55.67 -28.52 15.98
CA LEU B 187 56.02 -29.82 15.40
C LEU B 187 56.20 -29.76 13.89
N SER B 188 55.36 -28.99 13.22
CA SER B 188 55.46 -28.89 11.79
C SER B 188 56.86 -28.38 11.43
N HIS B 189 57.32 -27.38 12.17
CA HIS B 189 58.62 -26.80 11.93
C HIS B 189 59.72 -27.80 12.22
N GLN B 190 59.63 -28.44 13.37
CA GLN B 190 60.64 -29.41 13.79
C GLN B 190 60.82 -30.58 12.81
N LYS B 191 59.72 -31.13 12.30
CA LYS B 191 59.77 -32.24 11.36
C LYS B 191 60.30 -31.78 10.01
N ALA B 192 59.93 -30.57 9.60
CA ALA B 192 60.39 -30.03 8.33
C ALA B 192 61.90 -29.81 8.41
N VAL B 193 62.34 -29.07 9.44
CA VAL B 193 63.77 -28.80 9.61
C VAL B 193 64.57 -30.10 9.60
N ARG B 194 64.05 -31.08 10.33
CA ARG B 194 64.69 -32.37 10.46
C ARG B 194 64.73 -33.06 9.11
N ALA B 195 63.63 -33.00 8.38
CA ALA B 195 63.54 -33.66 7.09
C ALA B 195 64.56 -33.13 6.10
N TRP B 196 64.73 -31.81 6.09
CA TRP B 196 65.68 -31.16 5.18
C TRP B 196 67.09 -31.57 5.55
N GLU B 197 67.40 -31.30 6.80
CA GLU B 197 68.66 -31.57 7.45
C GLU B 197 69.14 -33.00 7.20
N GLU B 198 68.20 -33.94 7.26
CA GLU B 198 68.50 -35.35 7.05
C GLU B 198 68.42 -35.80 5.59
N GLY B 199 68.22 -34.85 4.69
CA GLY B 199 68.17 -35.16 3.27
C GLY B 199 66.95 -35.85 2.68
N ARG B 200 65.81 -35.84 3.35
CA ARG B 200 64.63 -36.48 2.80
C ARG B 200 63.99 -35.65 1.67
N PHE B 201 64.34 -34.37 1.58
CA PHE B 201 63.75 -33.55 0.52
C PHE B 201 64.61 -33.50 -0.74
N GLN B 202 65.84 -33.97 -0.64
CA GLN B 202 66.75 -33.94 -1.77
C GLN B 202 66.26 -34.58 -3.07
N ASP B 203 65.53 -35.68 -2.97
CA ASP B 203 65.03 -36.36 -4.18
C ASP B 203 63.91 -35.64 -4.91
N GLU B 204 62.91 -35.18 -4.17
CA GLU B 204 61.75 -34.51 -4.74
C GLU B 204 61.93 -33.05 -5.12
N VAL B 205 62.88 -32.35 -4.51
CA VAL B 205 63.08 -30.94 -4.80
C VAL B 205 64.09 -30.65 -5.91
N VAL B 206 63.69 -29.82 -6.86
CA VAL B 206 64.55 -29.43 -7.97
C VAL B 206 64.76 -27.92 -7.85
N PRO B 207 66.02 -27.50 -7.72
CA PRO B 207 66.36 -26.08 -7.60
C PRO B 207 65.86 -25.19 -8.73
N VAL B 208 65.66 -23.92 -8.40
CA VAL B 208 65.18 -22.92 -9.34
C VAL B 208 66.17 -21.77 -9.42
N PRO B 209 66.72 -21.50 -10.61
CA PRO B 209 67.67 -20.42 -10.77
C PRO B 209 66.93 -19.09 -10.76
N VAL B 210 67.43 -18.15 -9.97
CA VAL B 210 66.83 -16.82 -9.84
C VAL B 210 67.84 -15.81 -10.33
N LYS B 211 67.42 -14.89 -11.18
CA LYS B 211 68.35 -13.88 -11.65
C LYS B 211 68.26 -12.62 -10.80
N ARG B 212 69.35 -12.32 -10.10
CA ARG B 212 69.40 -11.13 -9.28
C ARG B 212 70.33 -10.13 -9.97
N GLY B 213 69.71 -9.27 -10.77
CA GLY B 213 70.45 -8.28 -11.50
C GLY B 213 71.18 -8.90 -12.68
N LYS B 214 72.49 -9.09 -12.50
CA LYS B 214 73.35 -9.64 -13.55
C LYS B 214 73.72 -11.10 -13.33
N GLU B 215 73.78 -11.52 -12.07
CA GLU B 215 74.13 -12.90 -11.77
C GLU B 215 73.00 -13.78 -11.23
N GLU B 216 73.06 -15.07 -11.54
CA GLU B 216 72.05 -16.03 -11.11
C GLU B 216 72.33 -16.65 -9.75
N ILE B 217 71.26 -16.88 -9.00
CA ILE B 217 71.32 -17.48 -7.67
C ILE B 217 70.53 -18.77 -7.79
N LEU B 218 70.87 -19.77 -6.99
CA LEU B 218 70.16 -21.03 -7.06
C LEU B 218 69.36 -21.25 -5.80
N VAL B 219 68.04 -21.09 -5.87
CA VAL B 219 67.22 -21.32 -4.70
C VAL B 219 67.03 -22.84 -4.68
N GLU B 220 67.43 -23.49 -3.59
CA GLU B 220 67.30 -24.94 -3.54
C GLU B 220 66.77 -25.51 -2.25
N GLN B 221 66.08 -24.70 -1.46
CA GLN B 221 65.56 -25.19 -0.19
C GLN B 221 64.39 -24.32 0.25
N ASP B 222 63.36 -24.93 0.83
CA ASP B 222 62.22 -24.13 1.28
C ASP B 222 62.70 -23.09 2.29
N GLU B 223 62.31 -21.84 2.10
CA GLU B 223 62.76 -20.82 3.02
C GLU B 223 61.78 -20.62 4.15
N GLY B 224 60.78 -21.49 4.22
CA GLY B 224 59.79 -21.37 5.28
C GLY B 224 60.19 -21.88 6.66
N PRO B 225 60.64 -23.13 6.79
CA PRO B 225 61.04 -23.72 8.07
C PRO B 225 62.09 -22.93 8.84
N ARG B 226 61.85 -22.77 10.14
CA ARG B 226 62.79 -22.05 11.00
C ARG B 226 63.25 -22.95 12.13
N ARG B 227 64.56 -23.09 12.31
CA ARG B 227 65.04 -23.93 13.40
C ARG B 227 64.79 -23.28 14.76
N ASP B 228 64.83 -21.96 14.78
CA ASP B 228 64.64 -21.24 16.03
C ASP B 228 63.19 -21.10 16.51
N THR B 229 62.27 -21.78 15.83
CA THR B 229 60.86 -21.70 16.23
C THR B 229 60.76 -22.26 17.64
N SER B 230 60.21 -21.49 18.56
CA SER B 230 60.08 -21.96 19.94
C SER B 230 58.64 -21.85 20.38
N LEU B 231 58.28 -22.64 21.37
CA LEU B 231 56.92 -22.63 21.87
C LEU B 231 56.62 -21.31 22.59
N GLU B 232 57.66 -20.62 23.06
CA GLU B 232 57.45 -19.35 23.77
C GLU B 232 57.12 -18.24 22.79
N LYS B 233 57.91 -18.13 21.73
CA LYS B 233 57.69 -17.11 20.72
C LYS B 233 56.30 -17.26 20.10
N LEU B 234 55.96 -18.50 19.78
CA LEU B 234 54.67 -18.79 19.17
C LEU B 234 53.52 -18.30 20.05
N ALA B 235 53.71 -18.37 21.36
CA ALA B 235 52.68 -17.96 22.32
C ALA B 235 52.59 -16.45 22.51
N ALA B 236 53.62 -15.74 22.06
CA ALA B 236 53.71 -14.29 22.17
C ALA B 236 52.95 -13.52 21.09
N LEU B 237 52.70 -14.19 19.97
CA LEU B 237 51.99 -13.59 18.84
C LEU B 237 50.55 -13.28 19.18
N ARG B 238 50.02 -12.22 18.59
CA ARG B 238 48.65 -11.81 18.84
C ARG B 238 47.66 -12.43 17.86
N PRO B 239 46.40 -12.65 18.30
CA PRO B 239 45.42 -13.24 17.39
C PRO B 239 45.40 -12.35 16.15
N VAL B 240 45.09 -12.89 14.99
CA VAL B 240 45.09 -12.08 13.78
C VAL B 240 43.76 -12.02 13.04
N PHE B 241 42.81 -12.89 13.40
CA PHE B 241 41.51 -12.89 12.73
C PHE B 241 40.32 -12.54 13.61
N ARG B 242 40.49 -12.64 14.93
CA ARG B 242 39.40 -12.35 15.85
C ARG B 242 39.95 -11.87 17.20
N GLU B 243 39.55 -10.69 17.63
CA GLU B 243 40.03 -10.14 18.89
C GLU B 243 39.79 -11.10 20.03
N GLY B 244 40.84 -11.35 20.81
CA GLY B 244 40.72 -12.28 21.92
C GLY B 244 40.60 -13.67 21.34
N GLY B 245 41.09 -13.80 20.10
CA GLY B 245 41.05 -15.06 19.39
C GLY B 245 42.15 -16.05 19.72
N THR B 246 42.34 -17.02 18.84
CA THR B 246 43.33 -18.06 19.04
C THR B 246 44.25 -18.31 17.85
N VAL B 247 43.79 -17.99 16.65
CA VAL B 247 44.61 -18.22 15.48
C VAL B 247 45.54 -17.06 15.23
N THR B 248 46.84 -17.33 15.23
CA THR B 248 47.83 -16.29 15.00
C THR B 248 48.60 -16.58 13.73
N ALA B 249 49.42 -15.62 13.31
CA ALA B 249 50.21 -15.77 12.10
C ALA B 249 51.18 -16.94 12.23
N GLY B 250 51.51 -17.30 13.47
CA GLY B 250 52.44 -18.38 13.73
C GLY B 250 51.88 -19.79 13.66
N ASN B 251 50.59 -19.94 13.93
CA ASN B 251 49.98 -21.26 13.87
C ASN B 251 49.04 -21.41 12.68
N SER B 252 49.38 -20.71 11.60
CA SER B 252 48.63 -20.77 10.34
C SER B 252 49.64 -20.66 9.21
N SER B 253 49.31 -21.21 8.04
CA SER B 253 50.24 -21.19 6.93
C SER B 253 50.45 -19.79 6.34
N PRO B 254 51.61 -19.55 5.72
CA PRO B 254 51.84 -18.23 5.13
C PRO B 254 51.39 -18.19 3.69
N LEU B 255 51.71 -17.09 3.01
CA LEU B 255 51.39 -16.95 1.59
C LEU B 255 52.73 -17.31 0.93
N ASN B 256 52.73 -18.16 -0.09
CA ASN B 256 53.99 -18.56 -0.71
C ASN B 256 53.94 -18.71 -2.21
N ASP B 257 55.12 -18.91 -2.81
CA ASP B 257 55.28 -19.12 -4.25
C ASP B 257 55.81 -20.53 -4.40
N GLY B 258 55.39 -21.23 -5.45
CA GLY B 258 55.89 -22.56 -5.66
C GLY B 258 55.20 -23.30 -6.79
N ALA B 259 55.79 -24.41 -7.19
CA ALA B 259 55.23 -25.23 -8.26
C ALA B 259 55.58 -26.70 -8.06
N ALA B 260 54.67 -27.58 -8.50
CA ALA B 260 54.87 -29.00 -8.38
C ALA B 260 54.20 -29.74 -9.53
N ALA B 261 54.79 -30.86 -9.92
CA ALA B 261 54.27 -31.66 -11.02
C ALA B 261 54.57 -33.16 -10.83
N VAL B 262 53.58 -33.97 -11.16
CA VAL B 262 53.71 -35.41 -11.07
C VAL B 262 53.36 -36.02 -12.43
N LEU B 263 54.18 -36.99 -12.85
CA LEU B 263 54.00 -37.66 -14.12
C LEU B 263 53.27 -39.01 -13.94
N LEU B 264 52.12 -39.14 -14.58
CA LEU B 264 51.33 -40.37 -14.52
C LEU B 264 51.23 -41.03 -15.89
N VAL B 265 51.42 -42.36 -15.93
CA VAL B 265 51.34 -43.10 -17.16
C VAL B 265 50.50 -44.35 -16.95
N SER B 266 50.00 -44.93 -18.04
CA SER B 266 49.20 -46.15 -17.95
C SER B 266 50.12 -47.32 -17.61
N ASP B 267 49.60 -48.29 -16.85
CA ASP B 267 50.42 -49.43 -16.47
C ASP B 267 51.03 -50.15 -17.65
N ASP B 268 50.26 -50.30 -18.73
CA ASP B 268 50.81 -50.99 -19.88
C ASP B 268 51.98 -50.19 -20.44
N TYR B 269 51.84 -48.88 -20.53
CA TYR B 269 52.92 -48.03 -21.05
C TYR B 269 54.17 -48.18 -20.20
N ALA B 270 53.99 -48.10 -18.88
CA ALA B 270 55.12 -48.24 -17.96
C ALA B 270 55.84 -49.55 -18.23
N LYS B 271 55.07 -50.63 -18.37
CA LYS B 271 55.66 -51.93 -18.63
C LYS B 271 56.43 -51.98 -19.94
N ALA B 272 55.86 -51.39 -20.99
CA ALA B 272 56.52 -51.39 -22.28
C ALA B 272 57.77 -50.52 -22.34
N HIS B 273 57.96 -49.63 -21.37
CA HIS B 273 59.13 -48.75 -21.38
C HIS B 273 60.03 -48.88 -20.14
N GLY B 274 59.74 -49.88 -19.32
CA GLY B 274 60.52 -50.12 -18.13
C GLY B 274 60.53 -49.01 -17.10
N LEU B 275 59.40 -48.34 -16.93
CA LEU B 275 59.32 -47.26 -15.97
C LEU B 275 58.93 -47.84 -14.61
N ARG B 276 59.76 -47.56 -13.60
CA ARG B 276 59.51 -48.05 -12.24
C ARG B 276 58.47 -47.16 -11.52
N PRO B 277 57.32 -47.74 -11.16
CA PRO B 277 56.24 -47.04 -10.47
C PRO B 277 56.63 -46.57 -9.10
N LEU B 278 56.10 -45.43 -8.71
CA LEU B 278 56.37 -44.88 -7.39
C LEU B 278 55.15 -45.27 -6.58
N ALA B 279 54.00 -45.15 -7.20
CA ALA B 279 52.73 -45.47 -6.57
C ALA B 279 51.66 -45.59 -7.63
N ARG B 280 50.48 -46.01 -7.20
CA ARG B 280 49.32 -46.22 -8.08
C ARG B 280 48.12 -45.50 -7.50
N VAL B 281 47.40 -44.76 -8.34
CA VAL B 281 46.22 -44.03 -7.90
C VAL B 281 45.09 -45.02 -7.64
N ARG B 282 44.72 -45.19 -6.38
CA ARG B 282 43.65 -46.13 -6.01
C ARG B 282 42.24 -45.59 -6.12
N ALA B 283 41.96 -44.46 -5.47
CA ALA B 283 40.64 -43.86 -5.53
C ALA B 283 40.70 -42.37 -5.27
N ILE B 284 39.69 -41.65 -5.77
CA ILE B 284 39.62 -40.22 -5.53
C ILE B 284 38.21 -39.86 -5.10
N ALA B 285 38.11 -38.75 -4.36
CA ALA B 285 36.82 -38.27 -3.88
C ALA B 285 36.88 -36.78 -3.60
N VAL B 286 35.73 -36.13 -3.81
CA VAL B 286 35.63 -34.71 -3.58
C VAL B 286 34.33 -34.56 -2.77
N ALA B 287 34.26 -33.52 -1.95
CA ALA B 287 33.08 -33.31 -1.12
C ALA B 287 32.95 -31.88 -0.64
N GLY B 288 31.72 -31.43 -0.44
CA GLY B 288 31.48 -30.08 0.01
C GLY B 288 31.00 -30.00 1.44
N VAL B 289 31.40 -28.94 2.14
CA VAL B 289 31.01 -28.70 3.53
C VAL B 289 30.62 -27.23 3.67
N PRO B 290 29.94 -26.85 4.77
CA PRO B 290 29.55 -25.44 4.91
C PRO B 290 30.74 -24.49 4.92
N PRO B 291 30.69 -23.39 4.12
CA PRO B 291 31.74 -22.38 4.01
C PRO B 291 32.32 -21.90 5.32
N ARG B 292 31.43 -21.59 6.27
CA ARG B 292 31.87 -21.10 7.56
C ARG B 292 32.89 -22.01 8.24
N ILE B 293 32.88 -23.30 7.90
CA ILE B 293 33.83 -24.24 8.49
C ILE B 293 34.51 -25.12 7.44
N MET B 294 34.95 -24.49 6.35
CA MET B 294 35.61 -25.18 5.26
C MET B 294 36.80 -26.02 5.72
N GLY B 295 37.28 -25.75 6.93
CA GLY B 295 38.41 -26.51 7.44
C GLY B 295 38.22 -28.01 7.49
N ILE B 296 37.04 -28.50 7.86
CA ILE B 296 36.87 -29.95 7.94
C ILE B 296 36.68 -30.67 6.61
N GLY B 297 36.69 -29.94 5.51
CA GLY B 297 36.53 -30.56 4.21
C GLY B 297 37.17 -31.92 4.02
N PRO B 298 38.36 -32.19 4.62
CA PRO B 298 39.00 -33.50 4.45
C PRO B 298 38.26 -34.69 5.03
N VAL B 299 37.42 -34.47 6.04
CA VAL B 299 36.68 -35.57 6.66
C VAL B 299 35.78 -36.36 5.71
N PRO B 300 34.76 -35.70 5.13
CA PRO B 300 33.89 -36.44 4.21
C PRO B 300 34.59 -36.88 2.92
N ALA B 301 35.64 -36.16 2.53
CA ALA B 301 36.35 -36.47 1.30
C ALA B 301 37.15 -37.73 1.48
N THR B 302 37.79 -37.84 2.64
CA THR B 302 38.62 -39.00 2.95
C THR B 302 37.76 -40.22 3.16
N ARG B 303 36.59 -40.06 3.79
CA ARG B 303 35.73 -41.22 4.01
C ARG B 303 35.20 -41.75 2.69
N LYS B 304 34.88 -40.85 1.77
CA LYS B 304 34.38 -41.26 0.46
C LYS B 304 35.47 -41.93 -0.33
N ALA B 305 36.69 -41.40 -0.21
CA ALA B 305 37.82 -41.94 -0.94
C ALA B 305 38.18 -43.32 -0.44
N LEU B 306 38.32 -43.45 0.87
CA LEU B 306 38.66 -44.73 1.47
C LEU B 306 37.62 -45.75 1.06
N GLU B 307 36.36 -45.37 1.18
CA GLU B 307 35.29 -46.26 0.81
C GLU B 307 35.45 -46.74 -0.63
N ARG B 308 35.66 -45.80 -1.55
CA ARG B 308 35.84 -46.15 -2.96
C ARG B 308 37.05 -47.04 -3.19
N ALA B 309 38.02 -46.98 -2.28
CA ALA B 309 39.22 -47.79 -2.44
C ALA B 309 39.11 -49.04 -1.59
N GLY B 310 37.92 -49.23 -1.02
CA GLY B 310 37.69 -50.40 -0.19
C GLY B 310 38.74 -50.55 0.87
N LEU B 311 39.04 -49.47 1.58
CA LEU B 311 40.03 -49.51 2.63
C LEU B 311 39.51 -48.81 3.88
N SER B 312 40.19 -49.04 4.99
CA SER B 312 39.84 -48.44 6.27
C SER B 312 40.90 -47.45 6.64
N PHE B 313 40.53 -46.42 7.40
CA PHE B 313 41.53 -45.44 7.79
C PHE B 313 42.79 -46.12 8.33
N SER B 314 42.57 -47.17 9.13
CA SER B 314 43.65 -47.94 9.75
C SER B 314 44.60 -48.65 8.77
N ASP B 315 44.22 -48.72 7.51
CA ASP B 315 45.10 -49.37 6.53
C ASP B 315 46.13 -48.36 6.04
N LEU B 316 45.87 -47.08 6.29
CA LEU B 316 46.76 -46.02 5.85
C LEU B 316 48.06 -46.07 6.60
N GLY B 317 49.17 -45.97 5.87
CA GLY B 317 50.47 -46.02 6.52
C GLY B 317 51.26 -44.72 6.50
N LEU B 318 50.69 -43.72 5.83
CA LEU B 318 51.31 -42.40 5.71
C LEU B 318 50.17 -41.44 5.34
N ILE B 319 50.00 -40.38 6.14
CA ILE B 319 48.92 -39.42 5.91
C ILE B 319 49.42 -38.00 5.67
N GLU B 320 49.08 -37.45 4.51
CA GLU B 320 49.46 -36.09 4.18
C GLU B 320 48.22 -35.22 4.29
N LEU B 321 48.11 -34.47 5.39
CA LEU B 321 46.98 -33.56 5.61
C LEU B 321 47.52 -32.14 5.55
N ASN B 322 47.13 -31.42 4.52
CA ASN B 322 47.58 -30.06 4.31
C ASN B 322 47.24 -29.19 5.50
N GLU B 323 48.25 -28.50 6.03
CA GLU B 323 48.10 -27.64 7.21
C GLU B 323 47.74 -26.19 6.87
N ALA B 324 46.46 -25.92 6.65
CA ALA B 324 46.02 -24.56 6.32
C ALA B 324 46.11 -23.70 7.56
N PHE B 325 45.69 -24.27 8.69
CA PHE B 325 45.69 -23.61 9.99
C PHE B 325 45.80 -24.73 11.02
N ALA B 326 46.56 -24.50 12.09
CA ALA B 326 46.71 -25.52 13.12
C ALA B 326 45.32 -25.87 13.65
N ALA B 327 44.51 -24.83 13.88
CA ALA B 327 43.16 -25.04 14.38
C ALA B 327 42.35 -25.94 13.44
N GLN B 328 42.42 -25.68 12.13
CA GLN B 328 41.65 -26.51 11.20
C GLN B 328 42.17 -27.95 11.18
N ALA B 329 43.48 -28.12 11.06
CA ALA B 329 44.08 -29.46 11.01
C ALA B 329 43.75 -30.30 12.24
N LEU B 330 43.77 -29.67 13.40
CA LEU B 330 43.46 -30.38 14.63
C LEU B 330 41.98 -30.76 14.69
N ALA B 331 41.11 -29.94 14.10
CA ALA B 331 39.70 -30.27 14.12
C ALA B 331 39.54 -31.54 13.29
N VAL B 332 40.21 -31.59 12.15
CA VAL B 332 40.16 -32.77 11.29
C VAL B 332 40.67 -33.98 12.04
N LEU B 333 41.79 -33.80 12.75
CA LEU B 333 42.36 -34.88 13.52
C LEU B 333 41.37 -35.37 14.56
N ARG B 334 40.54 -34.46 15.09
CA ARG B 334 39.55 -34.85 16.09
C ARG B 334 38.57 -35.86 15.50
N GLU B 335 38.05 -35.55 14.32
CA GLU B 335 37.11 -36.43 13.62
C GLU B 335 37.72 -37.80 13.36
N TRP B 336 38.99 -37.81 13.02
CA TRP B 336 39.70 -39.05 12.74
C TRP B 336 40.18 -39.76 13.99
N SER B 337 40.05 -39.12 15.14
CA SER B 337 40.51 -39.74 16.38
C SER B 337 41.99 -40.04 16.29
N LEU B 338 42.77 -39.05 15.86
CA LEU B 338 44.20 -39.20 15.74
C LEU B 338 44.89 -38.14 16.57
N SER B 339 46.11 -38.44 17.02
CA SER B 339 46.85 -37.46 17.80
C SER B 339 47.88 -36.81 16.91
N MET B 340 48.17 -35.52 17.15
CA MET B 340 49.13 -34.81 16.32
C MET B 340 50.50 -35.46 16.36
N GLU B 341 50.69 -36.42 17.26
CA GLU B 341 51.96 -37.11 17.38
C GLU B 341 52.04 -38.38 16.54
N ASP B 342 50.97 -38.65 15.79
CA ASP B 342 50.87 -39.81 14.91
C ASP B 342 52.04 -39.88 13.94
N GLN B 343 52.84 -40.95 14.00
CA GLN B 343 53.99 -41.15 13.13
C GLN B 343 53.68 -41.08 11.65
N ARG B 344 52.43 -41.31 11.28
CA ARG B 344 52.02 -41.30 9.89
C ARG B 344 51.72 -39.92 9.34
N LEU B 345 51.37 -38.99 10.22
CA LEU B 345 51.00 -37.62 9.83
C LEU B 345 52.15 -36.70 9.44
N ASN B 346 51.99 -36.03 8.29
CA ASN B 346 52.99 -35.09 7.76
C ASN B 346 54.37 -35.36 8.38
N PRO B 347 54.97 -36.49 8.02
CA PRO B 347 56.28 -36.92 8.51
C PRO B 347 57.43 -35.93 8.27
N ASN B 348 57.37 -35.18 7.19
CA ASN B 348 58.47 -34.26 6.92
C ASN B 348 58.04 -32.81 7.07
N GLY B 349 56.94 -32.60 7.78
CA GLY B 349 56.47 -31.25 7.99
C GLY B 349 55.25 -30.92 7.16
N GLY B 350 54.56 -29.87 7.55
CA GLY B 350 53.37 -29.45 6.84
C GLY B 350 53.44 -28.02 6.34
N ALA B 351 52.34 -27.55 5.78
CA ALA B 351 52.29 -26.21 5.24
C ALA B 351 52.63 -25.10 6.23
N ILE B 352 52.35 -25.28 7.51
CA ILE B 352 52.65 -24.19 8.44
C ILE B 352 54.13 -23.81 8.42
N ALA B 353 54.98 -24.82 8.22
CA ALA B 353 56.42 -24.59 8.17
C ALA B 353 56.95 -24.53 6.73
N LEU B 354 56.42 -25.39 5.87
CA LEU B 354 56.86 -25.45 4.48
C LEU B 354 56.28 -24.40 3.53
N GLY B 355 55.01 -24.07 3.69
CA GLY B 355 54.40 -23.07 2.82
C GLY B 355 53.13 -23.54 2.12
N HIS B 356 52.23 -22.62 1.85
CA HIS B 356 50.98 -22.97 1.18
C HIS B 356 50.72 -22.19 -0.11
N PRO B 357 51.50 -22.52 -1.18
CA PRO B 357 51.35 -21.86 -2.48
C PRO B 357 50.11 -22.41 -3.17
N LEU B 358 48.96 -22.03 -2.61
CA LEU B 358 47.64 -22.44 -3.08
C LEU B 358 47.60 -23.45 -4.22
N GLY B 359 47.39 -22.94 -5.43
CA GLY B 359 47.32 -23.81 -6.60
C GLY B 359 48.29 -24.95 -6.71
N ALA B 360 49.47 -24.84 -6.11
CA ALA B 360 50.48 -25.90 -6.20
C ALA B 360 50.51 -26.91 -5.05
N SER B 361 49.98 -26.50 -3.90
CA SER B 361 49.99 -27.35 -2.72
C SER B 361 49.47 -28.78 -2.91
N GLY B 362 48.35 -28.93 -3.61
CA GLY B 362 47.81 -30.25 -3.81
C GLY B 362 48.85 -31.18 -4.40
N ALA B 363 49.50 -30.75 -5.47
CA ALA B 363 50.51 -31.57 -6.12
C ALA B 363 51.76 -31.60 -5.27
N ARG B 364 51.96 -30.54 -4.48
CA ARG B 364 53.14 -30.49 -3.62
C ARG B 364 53.08 -31.61 -2.57
N ILE B 365 51.96 -31.69 -1.84
CA ILE B 365 51.82 -32.73 -0.81
C ILE B 365 51.78 -34.16 -1.37
N LEU B 366 51.21 -34.36 -2.56
CA LEU B 366 51.21 -35.70 -3.13
C LEU B 366 52.64 -36.11 -3.45
N THR B 367 53.45 -35.16 -3.91
CA THR B 367 54.84 -35.44 -4.22
C THR B 367 55.60 -35.90 -2.97
N THR B 368 55.40 -35.18 -1.86
CA THR B 368 56.03 -35.48 -0.58
C THR B 368 55.56 -36.84 -0.02
N LEU B 369 54.30 -37.16 -0.27
CA LEU B 369 53.72 -38.40 0.19
C LEU B 369 54.35 -39.59 -0.52
N VAL B 370 54.27 -39.56 -1.85
CA VAL B 370 54.81 -40.62 -2.69
C VAL B 370 56.27 -40.93 -2.38
N HIS B 371 57.11 -39.90 -2.38
CA HIS B 371 58.53 -40.09 -2.10
C HIS B 371 58.78 -40.72 -0.75
N GLU B 372 58.00 -40.32 0.25
CA GLU B 372 58.14 -40.87 1.60
C GLU B 372 57.60 -42.29 1.64
N MET B 373 56.51 -42.53 0.92
CA MET B 373 55.92 -43.87 0.87
C MET B 373 56.98 -44.84 0.40
N ARG B 374 57.70 -44.45 -0.65
CA ARG B 374 58.74 -45.31 -1.22
C ARG B 374 59.88 -45.62 -0.28
N ARG B 375 60.43 -44.61 0.38
CA ARG B 375 61.54 -44.88 1.27
C ARG B 375 61.20 -45.73 2.48
N ARG B 376 60.03 -45.53 3.08
CA ARG B 376 59.68 -46.35 4.24
C ARG B 376 58.78 -47.51 3.87
N LYS B 377 58.67 -47.77 2.57
CA LYS B 377 57.87 -48.86 2.04
C LYS B 377 56.48 -49.06 2.65
N VAL B 378 55.70 -47.98 2.66
CA VAL B 378 54.35 -47.99 3.16
C VAL B 378 53.48 -48.46 2.01
N GLN B 379 52.42 -49.20 2.31
CA GLN B 379 51.55 -49.69 1.25
C GLN B 379 50.46 -48.72 0.84
N PHE B 380 49.84 -48.04 1.81
CA PHE B 380 48.78 -47.10 1.49
C PHE B 380 48.95 -45.72 2.05
N GLY B 381 48.80 -44.73 1.18
CA GLY B 381 48.94 -43.35 1.62
C GLY B 381 47.74 -42.51 1.26
N LEU B 382 47.50 -41.48 2.06
CA LEU B 382 46.39 -40.56 1.84
C LEU B 382 46.91 -39.13 1.72
N ALA B 383 46.34 -38.37 0.80
CA ALA B 383 46.68 -36.97 0.59
C ALA B 383 45.35 -36.23 0.52
N THR B 384 45.08 -35.33 1.46
CA THR B 384 43.81 -34.61 1.46
C THR B 384 43.95 -33.17 1.96
N MET B 385 43.12 -32.28 1.43
CA MET B 385 43.16 -30.86 1.78
C MET B 385 41.81 -30.21 2.00
N CYS B 386 41.80 -29.10 2.74
CA CYS B 386 40.59 -28.34 2.95
C CYS B 386 40.59 -27.38 1.77
N ILE B 387 39.41 -26.91 1.35
CA ILE B 387 39.30 -25.98 0.22
C ILE B 387 38.40 -24.79 0.52
N GLY B 388 38.88 -23.59 0.17
CA GLY B 388 38.12 -22.36 0.38
C GLY B 388 36.67 -22.36 -0.07
N VAL B 389 35.81 -21.73 0.72
CA VAL B 389 34.38 -21.63 0.44
C VAL B 389 33.65 -22.95 0.68
N GLY B 390 34.27 -23.88 1.40
CA GLY B 390 33.63 -25.15 1.74
C GLY B 390 33.74 -26.41 0.90
N GLN B 391 34.95 -26.95 0.81
CA GLN B 391 35.15 -28.16 0.04
C GLN B 391 36.28 -28.99 0.57
N GLY B 392 36.44 -30.17 0.01
CA GLY B 392 37.51 -31.04 0.41
C GLY B 392 37.81 -32.02 -0.70
N ILE B 393 39.08 -32.40 -0.80
CA ILE B 393 39.48 -33.38 -1.79
C ILE B 393 40.49 -34.34 -1.14
N ALA B 394 40.44 -35.61 -1.54
CA ALA B 394 41.34 -36.63 -1.01
C ALA B 394 41.64 -37.64 -2.10
N VAL B 395 42.85 -38.17 -2.07
CA VAL B 395 43.30 -39.16 -3.05
C VAL B 395 44.02 -40.28 -2.35
N VAL B 396 43.63 -41.53 -2.62
CA VAL B 396 44.27 -42.68 -1.99
C VAL B 396 45.24 -43.34 -2.95
N VAL B 397 46.47 -43.49 -2.49
CA VAL B 397 47.52 -44.04 -3.30
C VAL B 397 48.09 -45.31 -2.70
N GLU B 398 48.50 -46.24 -3.58
CA GLU B 398 49.07 -47.51 -3.16
C GLU B 398 50.51 -47.64 -3.64
N GLY B 399 51.44 -47.74 -2.71
CA GLY B 399 52.84 -47.85 -3.08
C GLY B 399 53.23 -49.09 -3.86
N MET B 400 54.31 -48.99 -4.63
CA MET B 400 54.80 -50.11 -5.42
C MET B 400 56.32 -50.11 -5.56
N PRO C 2 40.85 54.64 -11.31
CA PRO C 2 40.75 53.57 -12.33
C PRO C 2 42.13 53.14 -12.87
N GLU C 3 42.53 51.91 -12.53
CA GLU C 3 43.79 51.36 -13.00
C GLU C 3 43.50 50.03 -13.72
N ALA C 4 42.72 49.13 -13.11
CA ALA C 4 42.42 47.83 -13.75
C ALA C 4 41.01 47.75 -14.36
N TRP C 5 40.93 47.74 -15.70
CA TRP C 5 39.64 47.71 -16.41
C TRP C 5 39.24 46.44 -17.12
N ILE C 6 37.99 46.03 -16.88
CA ILE C 6 37.45 44.83 -17.53
C ILE C 6 36.90 45.28 -18.87
N VAL C 7 37.56 44.88 -19.94
CA VAL C 7 37.16 45.29 -21.28
C VAL C 7 36.47 44.23 -22.13
N GLU C 8 36.40 43.01 -21.62
CA GLU C 8 35.76 41.92 -22.36
C GLU C 8 35.51 40.76 -21.41
N ALA C 9 34.38 40.08 -21.59
CA ALA C 9 34.00 38.91 -20.77
C ALA C 9 33.29 37.90 -21.64
N VAL C 10 33.76 36.65 -21.61
CA VAL C 10 33.16 35.58 -22.40
C VAL C 10 33.11 34.30 -21.60
N ARG C 11 32.23 33.38 -22.01
CA ARG C 11 32.10 32.09 -21.35
C ARG C 11 31.47 31.12 -22.32
N THR C 12 31.85 29.86 -22.22
CA THR C 12 31.27 28.84 -23.09
C THR C 12 30.01 28.43 -22.37
N PRO C 13 29.08 27.77 -23.07
CA PRO C 13 27.86 27.36 -22.35
C PRO C 13 28.24 26.30 -21.31
N ILE C 14 27.42 26.11 -20.28
CA ILE C 14 27.72 25.13 -19.23
C ILE C 14 27.02 23.80 -19.51
N GLY C 15 27.79 22.72 -19.55
CA GLY C 15 27.23 21.40 -19.83
C GLY C 15 27.06 20.50 -18.62
N LYS C 16 26.11 19.57 -18.71
CA LYS C 16 25.87 18.64 -17.61
C LYS C 16 26.97 17.61 -17.55
N HIS C 17 27.14 16.98 -16.39
CA HIS C 17 28.16 15.96 -16.23
C HIS C 17 27.90 14.86 -17.26
N GLY C 18 28.93 14.46 -17.98
CA GLY C 18 28.76 13.44 -18.99
C GLY C 18 27.82 13.95 -20.07
N GLY C 19 27.58 15.26 -20.07
CA GLY C 19 26.68 15.86 -21.03
C GLY C 19 27.28 16.40 -22.31
N ALA C 20 26.65 17.46 -22.83
CA ALA C 20 27.03 18.11 -24.06
C ALA C 20 28.50 18.48 -24.27
N LEU C 21 29.27 18.64 -23.20
CA LEU C 21 30.68 19.00 -23.36
C LEU C 21 31.62 17.99 -22.77
N ALA C 22 31.08 16.83 -22.42
CA ALA C 22 31.90 15.78 -21.83
C ALA C 22 32.97 15.30 -22.80
N SER C 23 32.72 15.49 -24.09
CA SER C 23 33.68 15.04 -25.10
C SER C 23 34.84 16.01 -25.23
N VAL C 24 34.66 17.25 -24.77
CA VAL C 24 35.69 18.27 -24.86
C VAL C 24 36.62 18.24 -23.67
N ARG C 25 37.92 18.18 -23.93
CA ARG C 25 38.87 18.18 -22.84
C ARG C 25 39.13 19.59 -22.31
N PRO C 26 39.28 19.74 -20.98
CA PRO C 26 39.53 20.99 -20.26
C PRO C 26 40.53 21.96 -20.90
N ASP C 27 41.72 21.49 -21.22
CA ASP C 27 42.71 22.36 -21.83
C ASP C 27 42.16 22.94 -23.15
N ASP C 28 41.52 22.09 -23.96
CA ASP C 28 40.95 22.57 -25.22
C ASP C 28 39.79 23.53 -24.97
N LEU C 29 38.93 23.17 -24.03
CA LEU C 29 37.78 24.00 -23.68
C LEU C 29 38.25 25.38 -23.27
N LEU C 30 39.20 25.47 -22.34
CA LEU C 30 39.71 26.77 -21.91
C LEU C 30 40.29 27.54 -23.09
N ALA C 31 40.93 26.83 -24.01
CA ALA C 31 41.51 27.47 -25.17
C ALA C 31 40.40 28.18 -25.95
N HIS C 32 39.23 27.54 -26.06
CA HIS C 32 38.14 28.16 -26.78
C HIS C 32 37.73 29.49 -26.16
N ALA C 33 37.69 29.53 -24.84
CA ALA C 33 37.33 30.74 -24.14
C ALA C 33 38.40 31.82 -24.36
N LEU C 34 39.66 31.44 -24.22
CA LEU C 34 40.76 32.38 -24.38
C LEU C 34 40.82 32.96 -25.78
N SER C 35 40.67 32.10 -26.78
CA SER C 35 40.69 32.53 -28.17
C SER C 35 39.56 33.50 -28.44
N VAL C 36 38.36 33.15 -28.03
CA VAL C 36 37.20 34.00 -28.24
C VAL C 36 37.31 35.37 -27.57
N LEU C 37 37.83 35.38 -26.35
CA LEU C 37 37.97 36.63 -25.61
C LEU C 37 38.81 37.63 -26.38
N VAL C 38 39.94 37.16 -26.90
CA VAL C 38 40.84 38.02 -27.65
C VAL C 38 40.31 38.38 -29.04
N ASP C 39 39.75 37.40 -29.74
CA ASP C 39 39.23 37.66 -31.06
C ASP C 39 38.25 38.82 -31.11
N ARG C 40 37.24 38.80 -30.26
CA ARG C 40 36.26 39.87 -30.27
C ARG C 40 36.69 41.18 -29.61
N SER C 41 37.83 41.16 -28.93
CA SER C 41 38.32 42.35 -28.25
C SER C 41 39.09 43.28 -29.20
N GLY C 42 39.71 42.70 -30.21
CA GLY C 42 40.47 43.51 -31.14
C GLY C 42 41.83 43.84 -30.54
N VAL C 43 42.27 42.99 -29.62
CA VAL C 43 43.56 43.18 -28.99
C VAL C 43 44.38 41.97 -29.41
N PRO C 44 45.45 42.19 -30.19
CA PRO C 44 46.30 41.06 -30.63
C PRO C 44 46.81 40.25 -29.44
N LYS C 45 46.85 38.92 -29.62
CA LYS C 45 47.29 38.01 -28.57
C LYS C 45 48.68 38.32 -28.05
N GLU C 46 49.55 38.80 -28.92
CA GLU C 46 50.90 39.13 -28.50
C GLU C 46 50.93 40.23 -27.43
N GLU C 47 49.83 40.96 -27.27
CA GLU C 47 49.73 42.05 -26.29
C GLU C 47 49.53 41.58 -24.85
N VAL C 48 48.94 40.40 -24.71
CA VAL C 48 48.69 39.80 -23.40
C VAL C 48 50.00 39.50 -22.69
N GLU C 49 50.05 39.90 -21.43
CA GLU C 49 51.22 39.73 -20.57
C GLU C 49 51.28 38.36 -19.89
N ASP C 50 50.18 37.96 -19.28
CA ASP C 50 50.13 36.68 -18.56
C ASP C 50 48.68 36.20 -18.54
N VAL C 51 48.47 34.91 -18.34
CA VAL C 51 47.11 34.37 -18.29
C VAL C 51 46.86 33.58 -17.02
N TYR C 52 45.97 34.08 -16.18
CA TYR C 52 45.64 33.38 -14.96
C TYR C 52 44.38 32.58 -15.21
N ALA C 53 44.34 31.37 -14.65
CA ALA C 53 43.18 30.50 -14.81
C ALA C 53 42.96 29.65 -13.57
N GLY C 54 41.71 29.53 -13.17
CA GLY C 54 41.37 28.74 -12.00
C GLY C 54 40.93 27.34 -12.36
N CYS C 55 41.43 26.35 -11.61
CA CYS C 55 41.09 24.96 -11.87
C CYS C 55 41.17 24.19 -10.54
N ALA C 56 40.04 23.61 -10.14
CA ALA C 56 39.93 22.89 -8.88
C ALA C 56 40.59 21.52 -8.84
N ASN C 57 40.79 20.92 -10.00
CA ASN C 57 41.41 19.60 -10.05
C ASN C 57 42.34 19.55 -11.24
N GLN C 58 43.64 19.59 -11.01
CA GLN C 58 44.54 19.57 -12.15
C GLN C 58 45.25 18.27 -12.35
N ALA C 59 44.53 17.16 -12.14
CA ALA C 59 45.13 15.84 -12.25
C ALA C 59 45.02 15.15 -13.63
N GLY C 60 44.04 15.54 -14.43
CA GLY C 60 43.85 14.93 -15.73
C GLY C 60 44.37 15.68 -16.94
N GLU C 61 43.51 15.83 -17.95
CA GLU C 61 43.88 16.54 -19.17
C GLU C 61 44.14 18.01 -18.86
N ASP C 62 43.93 18.41 -17.62
CA ASP C 62 44.17 19.78 -17.21
C ASP C 62 45.43 19.87 -16.35
N ASN C 63 46.30 18.87 -16.48
CA ASN C 63 47.53 18.83 -15.70
C ASN C 63 48.68 19.75 -16.15
N ARG C 64 49.58 20.02 -15.21
CA ARG C 64 50.75 20.85 -15.45
C ARG C 64 50.49 22.24 -15.99
N ASN C 65 49.66 22.98 -15.27
CA ASN C 65 49.32 24.35 -15.59
C ASN C 65 48.51 24.51 -16.86
N VAL C 66 47.20 24.33 -16.76
CA VAL C 66 46.31 24.45 -17.91
C VAL C 66 46.43 25.81 -18.58
N ALA C 67 46.54 26.86 -17.78
CA ALA C 67 46.64 28.20 -18.34
C ALA C 67 47.62 28.23 -19.50
N ARG C 68 48.85 27.80 -19.24
CA ARG C 68 49.89 27.79 -20.26
C ARG C 68 49.56 26.85 -21.42
N MET C 69 49.06 25.66 -21.10
CA MET C 69 48.69 24.70 -22.14
C MET C 69 47.60 25.30 -23.02
N ALA C 70 46.55 25.79 -22.37
CA ALA C 70 45.42 26.36 -23.08
C ALA C 70 45.78 27.50 -24.00
N LEU C 71 46.54 28.46 -23.49
CA LEU C 71 46.91 29.61 -24.30
C LEU C 71 47.72 29.19 -25.53
N LEU C 72 48.67 28.27 -25.36
CA LEU C 72 49.44 27.84 -26.52
C LEU C 72 48.48 27.21 -27.49
N LEU C 73 47.59 26.34 -27.00
CA LEU C 73 46.61 25.67 -27.84
C LEU C 73 45.75 26.70 -28.59
N ALA C 74 45.40 27.78 -27.90
CA ALA C 74 44.56 28.82 -28.49
C ALA C 74 45.30 29.70 -29.52
N GLY C 75 46.56 29.36 -29.81
CA GLY C 75 47.30 30.12 -30.79
C GLY C 75 48.02 31.37 -30.32
N PHE C 76 48.10 31.58 -29.01
CA PHE C 76 48.82 32.74 -28.49
C PHE C 76 50.29 32.52 -28.76
N PRO C 77 51.05 33.61 -28.91
CA PRO C 77 52.49 33.49 -29.17
C PRO C 77 53.17 32.97 -27.92
N VAL C 78 54.28 32.30 -28.12
CA VAL C 78 55.04 31.72 -27.04
C VAL C 78 55.45 32.66 -25.88
N GLU C 79 55.44 33.98 -26.13
CA GLU C 79 55.84 34.94 -25.09
C GLU C 79 54.85 35.09 -23.96
N VAL C 80 53.55 34.96 -24.26
CA VAL C 80 52.53 35.11 -23.22
C VAL C 80 52.70 34.10 -22.08
N ALA C 81 52.78 34.60 -20.85
CA ALA C 81 52.94 33.73 -19.70
C ALA C 81 51.61 33.20 -19.23
N GLY C 82 51.67 32.26 -18.29
CA GLY C 82 50.45 31.67 -17.76
C GLY C 82 50.67 30.94 -16.45
N CYS C 83 49.66 30.98 -15.58
CA CYS C 83 49.71 30.32 -14.28
C CYS C 83 48.32 29.86 -13.94
N THR C 84 48.22 28.75 -13.24
CA THR C 84 46.93 28.20 -12.84
C THR C 84 46.70 28.34 -11.33
N VAL C 85 45.74 29.15 -10.94
CA VAL C 85 45.43 29.36 -9.54
C VAL C 85 44.38 28.37 -9.05
N ASN C 86 44.44 28.00 -7.78
CA ASN C 86 43.48 27.05 -7.24
C ASN C 86 43.03 27.32 -5.81
N ARG C 87 41.83 27.88 -5.68
CA ARG C 87 41.23 28.17 -4.39
C ARG C 87 39.86 27.53 -4.49
N LEU C 88 39.85 26.29 -4.99
CA LEU C 88 38.64 25.50 -5.17
C LEU C 88 37.49 26.21 -5.88
N CYS C 89 36.30 26.12 -5.30
CA CYS C 89 35.11 26.72 -5.87
C CYS C 89 35.30 28.17 -6.31
N GLY C 90 36.16 28.89 -5.62
CA GLY C 90 36.39 30.28 -5.97
C GLY C 90 37.62 30.55 -6.83
N SER C 91 38.20 29.53 -7.42
CA SER C 91 39.38 29.72 -8.25
C SER C 91 39.17 30.68 -9.42
N GLY C 92 38.01 30.62 -10.03
CA GLY C 92 37.73 31.49 -11.16
C GLY C 92 37.84 32.97 -10.84
N LEU C 93 37.31 33.37 -9.68
CA LEU C 93 37.36 34.76 -9.29
C LEU C 93 38.79 35.13 -8.85
N GLU C 94 39.47 34.22 -8.16
CA GLU C 94 40.85 34.46 -7.71
C GLU C 94 41.71 34.82 -8.91
N ALA C 95 41.43 34.16 -10.02
CA ALA C 95 42.16 34.40 -11.26
C ALA C 95 42.05 35.86 -11.68
N VAL C 96 40.83 36.39 -11.62
CA VAL C 96 40.60 37.78 -11.98
C VAL C 96 41.31 38.69 -11.00
N ALA C 97 41.17 38.39 -9.71
CA ALA C 97 41.81 39.20 -8.69
C ALA C 97 43.31 39.26 -8.94
N GLN C 98 43.87 38.10 -9.21
CA GLN C 98 45.30 37.99 -9.49
C GLN C 98 45.71 38.92 -10.62
N ALA C 99 44.89 38.96 -11.68
CA ALA C 99 45.17 39.80 -12.83
C ALA C 99 45.11 41.27 -12.45
N ALA C 100 44.03 41.65 -11.81
CA ALA C 100 43.88 43.02 -11.38
C ALA C 100 45.08 43.48 -10.56
N ARG C 101 45.45 42.71 -9.55
CA ARG C 101 46.55 43.10 -8.68
C ARG C 101 47.85 43.34 -9.41
N ALA C 102 48.04 42.63 -10.51
CA ALA C 102 49.27 42.78 -11.31
C ALA C 102 49.22 44.13 -12.06
N ILE C 103 48.05 44.46 -12.58
CA ILE C 103 47.86 45.70 -13.30
C ILE C 103 48.05 46.86 -12.34
N TRP C 104 47.58 46.72 -11.10
CA TRP C 104 47.75 47.78 -10.11
C TRP C 104 49.22 47.95 -9.73
N ALA C 105 49.97 46.84 -9.75
CA ALA C 105 51.39 46.87 -9.42
C ALA C 105 52.20 47.48 -10.57
N GLY C 106 51.51 47.82 -11.65
CA GLY C 106 52.17 48.43 -12.79
C GLY C 106 53.16 47.56 -13.53
N GLU C 107 52.83 46.29 -13.71
CA GLU C 107 53.73 45.42 -14.42
C GLU C 107 53.31 45.44 -15.88
N GLY C 108 52.43 44.52 -16.27
CA GLY C 108 51.99 44.49 -17.63
C GLY C 108 50.81 45.42 -17.81
N LYS C 109 50.25 45.48 -19.02
CA LYS C 109 49.12 46.35 -19.28
C LYS C 109 47.90 45.57 -19.74
N VAL C 110 48.09 44.31 -20.09
CA VAL C 110 47.02 43.45 -20.55
C VAL C 110 47.09 42.08 -19.90
N TYR C 111 46.07 41.72 -19.13
CA TYR C 111 46.03 40.43 -18.46
C TYR C 111 44.70 39.69 -18.65
N ILE C 112 44.73 38.37 -18.56
CA ILE C 112 43.50 37.58 -18.69
C ILE C 112 43.23 36.83 -17.39
N GLY C 113 42.00 36.91 -16.91
CA GLY C 113 41.62 36.21 -15.71
C GLY C 113 40.60 35.18 -16.18
N SER C 114 40.86 33.90 -15.94
CA SER C 114 39.92 32.89 -16.40
C SER C 114 39.83 31.65 -15.54
N GLY C 115 39.00 30.71 -15.97
CA GLY C 115 38.82 29.47 -15.25
C GLY C 115 38.22 28.40 -16.12
N VAL C 116 38.50 27.14 -15.78
CA VAL C 116 37.97 25.99 -16.50
C VAL C 116 37.81 24.81 -15.55
N GLU C 117 36.90 23.90 -15.89
CA GLU C 117 36.67 22.72 -15.07
C GLU C 117 35.89 21.72 -15.87
N SER C 118 36.48 20.55 -16.11
CA SER C 118 35.80 19.49 -16.83
C SER C 118 35.53 18.38 -15.82
N MET C 119 34.43 18.49 -15.09
CA MET C 119 34.10 17.50 -14.08
C MET C 119 33.79 16.14 -14.68
N SER C 120 33.44 16.12 -15.97
CA SER C 120 33.10 14.89 -16.66
C SER C 120 34.33 14.01 -16.92
N ARG C 121 35.45 14.64 -17.24
CA ARG C 121 36.67 13.91 -17.54
C ARG C 121 37.67 13.83 -16.40
N ALA C 122 37.26 14.24 -15.21
CA ALA C 122 38.17 14.18 -14.07
C ALA C 122 38.66 12.74 -13.93
N PRO C 123 39.99 12.53 -13.93
CA PRO C 123 40.58 11.19 -13.80
C PRO C 123 40.45 10.56 -12.43
N TYR C 124 41.12 9.42 -12.27
CA TYR C 124 41.13 8.72 -10.99
C TYR C 124 42.56 8.85 -10.48
N ALA C 125 42.72 8.94 -9.16
CA ALA C 125 44.04 9.04 -8.58
C ALA C 125 44.34 7.79 -7.77
N VAL C 126 45.51 7.21 -7.99
CA VAL C 126 45.91 5.99 -7.29
C VAL C 126 47.21 6.25 -6.53
N PRO C 127 47.26 5.88 -5.24
CA PRO C 127 48.42 6.07 -4.37
C PRO C 127 49.65 5.33 -4.86
N LYS C 128 50.84 5.74 -4.40
CA LYS C 128 52.03 5.04 -4.81
C LYS C 128 52.41 4.05 -3.71
N PRO C 129 52.96 2.90 -4.10
CA PRO C 129 53.38 1.88 -3.13
C PRO C 129 54.52 2.44 -2.32
N GLU C 130 54.65 2.01 -1.07
CA GLU C 130 55.72 2.50 -0.22
C GLU C 130 56.65 1.36 0.09
N ARG C 131 56.20 0.15 -0.17
CA ARG C 131 56.99 -1.05 0.12
C ARG C 131 57.17 -1.85 -1.16
N GLY C 132 58.08 -2.82 -1.11
CA GLY C 132 58.38 -3.67 -2.25
C GLY C 132 57.23 -4.44 -2.90
N PHE C 133 56.81 -5.55 -2.32
CA PHE C 133 55.69 -6.35 -2.86
C PHE C 133 54.53 -6.16 -1.91
N PRO C 134 53.74 -5.10 -2.10
CA PRO C 134 52.61 -4.84 -1.22
C PRO C 134 51.61 -5.98 -1.11
N THR C 135 50.59 -5.76 -0.29
CA THR C 135 49.51 -6.68 -0.05
C THR C 135 48.38 -5.83 0.50
N GLY C 136 47.17 -6.11 0.06
CA GLY C 136 46.02 -5.34 0.51
C GLY C 136 45.41 -4.55 -0.63
N ASN C 137 44.10 -4.32 -0.58
CA ASN C 137 43.42 -3.58 -1.63
C ASN C 137 43.77 -2.12 -1.60
N LEU C 138 43.70 -1.47 -2.75
CA LEU C 138 43.98 -0.06 -2.86
C LEU C 138 42.70 0.61 -3.31
N VAL C 139 42.71 1.93 -3.35
CA VAL C 139 41.54 2.68 -3.78
C VAL C 139 41.85 3.63 -4.91
N MET C 140 40.97 3.68 -5.89
CA MET C 140 41.14 4.61 -7.00
C MET C 140 40.19 5.77 -6.73
N TYR C 141 40.71 6.90 -6.25
CA TYR C 141 39.89 8.06 -5.93
C TYR C 141 39.38 8.76 -7.17
N ASP C 142 38.09 9.07 -7.19
CA ASP C 142 37.48 9.78 -8.31
C ASP C 142 37.59 11.28 -8.06
N THR C 143 38.48 11.94 -8.81
CA THR C 143 38.73 13.37 -8.63
C THR C 143 37.57 14.27 -9.02
N THR C 144 36.48 13.66 -9.48
CA THR C 144 35.30 14.44 -9.84
C THR C 144 34.64 14.81 -8.54
N LEU C 145 34.79 13.95 -7.53
CA LEU C 145 34.17 14.15 -6.23
C LEU C 145 34.94 15.06 -5.27
N GLY C 146 34.79 14.82 -3.97
CA GLY C 146 35.45 15.67 -2.99
C GLY C 146 36.65 15.14 -2.25
N TRP C 147 36.49 14.94 -0.95
CA TRP C 147 37.57 14.44 -0.12
C TRP C 147 38.22 13.15 -0.61
N ARG C 148 39.55 13.14 -0.65
CA ARG C 148 40.30 11.98 -1.08
C ARG C 148 41.69 12.04 -0.45
N PHE C 149 42.39 10.91 -0.41
CA PHE C 149 43.71 10.85 0.20
C PHE C 149 43.61 11.61 1.53
N VAL C 150 42.52 11.36 2.23
CA VAL C 150 42.28 12.02 3.52
C VAL C 150 43.42 11.89 4.52
N ASN C 151 43.71 12.99 5.21
CA ASN C 151 44.76 13.03 6.21
C ASN C 151 44.10 12.81 7.57
N PRO C 152 44.48 11.75 8.28
CA PRO C 152 43.92 11.45 9.59
C PRO C 152 43.83 12.68 10.48
N LYS C 153 44.96 13.40 10.57
CA LYS C 153 45.05 14.59 11.39
C LYS C 153 43.95 15.57 11.04
N MET C 154 43.64 15.63 9.75
CA MET C 154 42.59 16.52 9.27
C MET C 154 41.26 16.04 9.83
N GLN C 155 41.03 14.74 9.71
CA GLN C 155 39.81 14.09 10.18
C GLN C 155 39.60 14.38 11.65
N ALA C 156 40.69 14.45 12.39
CA ALA C 156 40.62 14.69 13.83
C ALA C 156 40.30 16.12 14.23
N LEU C 157 40.94 17.09 13.56
CA LEU C 157 40.73 18.49 13.88
C LEU C 157 39.37 19.03 13.43
N TYR C 158 39.03 18.83 12.16
CA TYR C 158 37.73 19.24 11.61
C TYR C 158 37.32 17.97 10.90
N GLY C 159 36.05 17.79 10.58
CA GLY C 159 35.72 16.54 9.92
C GLY C 159 36.15 16.52 8.47
N THR C 160 35.44 15.72 7.68
CA THR C 160 35.68 15.68 6.25
C THR C 160 34.28 15.55 5.68
N GLU C 161 33.38 16.35 6.27
CA GLU C 161 31.98 16.39 5.83
C GLU C 161 31.94 16.93 4.40
N SER C 162 31.08 16.33 3.58
CA SER C 162 30.93 16.74 2.20
C SER C 162 30.30 18.13 2.10
N MET C 163 30.46 18.77 0.94
CA MET C 163 29.87 20.08 0.74
C MET C 163 28.39 19.97 1.06
N GLY C 164 27.76 18.91 0.53
CA GLY C 164 26.35 18.70 0.74
C GLY C 164 26.02 18.68 2.22
N GLU C 165 26.88 18.07 3.01
CA GLU C 165 26.65 18.01 4.45
C GLU C 165 26.81 19.37 5.12
N THR C 166 27.77 20.16 4.65
CA THR C 166 27.96 21.49 5.22
C THR C 166 26.73 22.34 4.89
N ALA C 167 26.07 22.02 3.78
CA ALA C 167 24.87 22.73 3.38
C ALA C 167 23.84 22.45 4.46
N GLU C 168 23.69 21.17 4.80
CA GLU C 168 22.75 20.75 5.84
C GLU C 168 23.08 21.46 7.15
N ASN C 169 24.35 21.43 7.56
CA ASN C 169 24.76 22.08 8.81
C ASN C 169 24.25 23.52 8.88
N LEU C 170 24.29 24.21 7.72
CA LEU C 170 23.84 25.60 7.65
C LEU C 170 22.32 25.69 7.68
N ALA C 171 21.64 24.77 7.00
CA ALA C 171 20.18 24.80 6.98
C ALA C 171 19.70 24.68 8.41
N GLU C 172 20.38 23.84 9.19
CA GLU C 172 20.05 23.62 10.59
C GLU C 172 20.35 24.86 11.41
N MET C 173 21.58 25.35 11.29
CA MET C 173 21.99 26.52 12.04
C MET C 173 21.08 27.73 11.85
N TYR C 174 20.65 27.99 10.63
CA TYR C 174 19.77 29.13 10.37
C TYR C 174 18.30 28.75 10.23
N GLY C 175 17.99 27.47 10.42
CA GLY C 175 16.62 27.03 10.33
C GLY C 175 15.99 27.36 8.98
N ILE C 176 16.68 27.01 7.91
CA ILE C 176 16.18 27.24 6.55
C ILE C 176 15.38 26.04 6.12
N ARG C 177 14.06 26.19 6.10
CA ARG C 177 13.19 25.09 5.74
C ARG C 177 13.35 24.51 4.34
N ARG C 178 12.71 23.36 4.12
CA ARG C 178 12.74 22.67 2.85
C ARG C 178 11.94 23.43 1.80
N GLU C 179 10.75 23.90 2.16
CA GLU C 179 9.91 24.63 1.22
C GLU C 179 10.61 25.89 0.72
N GLU C 180 11.36 26.52 1.62
CA GLU C 180 12.11 27.73 1.31
C GLU C 180 13.20 27.37 0.29
N GLN C 181 13.99 26.36 0.60
CA GLN C 181 15.08 25.91 -0.27
C GLN C 181 14.62 25.59 -1.68
N ASP C 182 13.59 24.78 -1.82
CA ASP C 182 13.09 24.43 -3.14
C ASP C 182 12.51 25.65 -3.86
N ARG C 183 11.90 26.56 -3.12
CA ARG C 183 11.31 27.75 -3.69
C ARG C 183 12.45 28.57 -4.31
N PHE C 184 13.56 28.68 -3.57
CA PHE C 184 14.71 29.41 -4.05
C PHE C 184 15.23 28.78 -5.33
N ALA C 185 15.28 27.46 -5.37
CA ALA C 185 15.75 26.72 -6.54
C ALA C 185 14.85 26.93 -7.74
N LEU C 186 13.53 26.89 -7.53
CA LEU C 186 12.59 27.08 -8.63
C LEU C 186 12.84 28.42 -9.30
N LEU C 187 13.19 29.44 -8.50
CA LEU C 187 13.43 30.77 -9.04
C LEU C 187 14.67 30.80 -9.90
N SER C 188 15.72 30.10 -9.46
CA SER C 188 16.97 30.07 -10.21
C SER C 188 16.70 29.58 -11.62
N HIS C 189 15.87 28.55 -11.73
CA HIS C 189 15.53 27.99 -13.02
C HIS C 189 14.70 28.94 -13.86
N GLN C 190 13.70 29.55 -13.24
CA GLN C 190 12.81 30.48 -13.95
C GLN C 190 13.53 31.72 -14.50
N LYS C 191 14.41 32.30 -13.69
CA LYS C 191 15.16 33.46 -14.12
C LYS C 191 16.11 33.07 -15.24
N ALA C 192 16.72 31.90 -15.13
CA ALA C 192 17.64 31.39 -16.16
C ALA C 192 16.92 31.13 -17.48
N VAL C 193 15.83 30.38 -17.40
CA VAL C 193 15.05 30.08 -18.59
C VAL C 193 14.60 31.37 -19.25
N ARG C 194 14.20 32.34 -18.43
CA ARG C 194 13.74 33.62 -18.94
C ARG C 194 14.88 34.41 -19.56
N ALA C 195 16.03 34.44 -18.89
CA ALA C 195 17.16 35.17 -19.43
C ALA C 195 17.58 34.63 -20.79
N TRP C 196 17.69 33.32 -20.93
CA TRP C 196 18.10 32.73 -22.20
C TRP C 196 17.10 33.09 -23.28
N GLU C 197 15.85 32.76 -22.97
CA GLU C 197 14.68 32.98 -23.80
C GLU C 197 14.63 34.41 -24.36
N GLU C 198 14.94 35.37 -23.50
CA GLU C 198 14.90 36.78 -23.88
C GLU C 198 16.24 37.33 -24.41
N GLY C 199 17.17 36.41 -24.67
CA GLY C 199 18.47 36.77 -25.22
C GLY C 199 19.51 37.48 -24.40
N ARG C 200 19.38 37.48 -23.08
CA ARG C 200 20.36 38.18 -22.27
C ARG C 200 21.70 37.45 -22.20
N PHE C 201 21.72 36.19 -22.63
CA PHE C 201 22.96 35.43 -22.60
C PHE C 201 23.67 35.41 -23.94
N GLN C 202 23.03 35.97 -24.97
CA GLN C 202 23.62 35.98 -26.30
C GLN C 202 24.97 36.72 -26.41
N ASP C 203 25.15 37.77 -25.62
CA ASP C 203 26.40 38.53 -25.67
C ASP C 203 27.59 37.84 -25.04
N GLU C 204 27.40 37.36 -23.82
CA GLU C 204 28.47 36.71 -23.05
C GLU C 204 28.82 35.28 -23.45
N VAL C 205 27.90 34.56 -24.09
CA VAL C 205 28.17 33.17 -24.49
C VAL C 205 28.78 32.97 -25.88
N VAL C 206 29.78 32.11 -25.97
CA VAL C 206 30.43 31.78 -27.24
C VAL C 206 30.30 30.27 -27.46
N PRO C 207 29.62 29.87 -28.54
CA PRO C 207 29.39 28.46 -28.88
C PRO C 207 30.64 27.61 -28.99
N VAL C 208 30.54 26.37 -28.55
CA VAL C 208 31.64 25.40 -28.57
C VAL C 208 31.34 24.25 -29.52
N PRO C 209 32.21 24.04 -30.52
CA PRO C 209 32.01 22.95 -31.47
C PRO C 209 32.37 21.61 -30.85
N VAL C 210 31.45 20.67 -30.92
CA VAL C 210 31.69 19.34 -30.36
C VAL C 210 31.72 18.38 -31.53
N LYS C 211 32.69 17.48 -31.55
CA LYS C 211 32.76 16.52 -32.64
C LYS C 211 32.13 15.21 -32.23
N ARG C 212 31.07 14.84 -32.94
CA ARG C 212 30.38 13.58 -32.67
C ARG C 212 30.64 12.62 -33.80
N GLY C 213 31.68 11.81 -33.62
CA GLY C 213 32.06 10.86 -34.65
C GLY C 213 32.72 11.58 -35.83
N LYS C 214 31.95 11.76 -36.89
CA LYS C 214 32.44 12.40 -38.11
C LYS C 214 31.99 13.84 -38.27
N GLU C 215 30.81 14.16 -37.75
CA GLU C 215 30.26 15.50 -37.87
C GLU C 215 30.34 16.35 -36.61
N GLU C 216 30.43 17.66 -36.80
CA GLU C 216 30.48 18.61 -35.71
C GLU C 216 29.11 19.15 -35.33
N ILE C 217 28.93 19.38 -34.03
CA ILE C 217 27.70 19.92 -33.49
C ILE C 217 28.10 21.14 -32.69
N LEU C 218 27.25 22.14 -32.71
CA LEU C 218 27.57 23.37 -32.00
C LEU C 218 26.76 23.54 -30.72
N VAL C 219 27.41 23.36 -29.58
CA VAL C 219 26.75 23.54 -28.29
C VAL C 219 26.71 25.06 -28.05
N GLU C 220 25.51 25.63 -27.92
CA GLU C 220 25.42 27.08 -27.73
C GLU C 220 24.45 27.59 -26.68
N GLN C 221 24.01 26.71 -25.78
CA GLN C 221 23.09 27.11 -24.72
C GLN C 221 23.36 26.22 -23.48
N ASP C 222 23.29 26.80 -22.28
CA ASP C 222 23.54 26.00 -21.07
C ASP C 222 22.49 24.90 -21.10
N GLU C 223 22.89 23.66 -20.84
CA GLU C 223 21.90 22.58 -20.89
C GLU C 223 21.33 22.27 -19.52
N GLY C 224 21.67 23.11 -18.55
CA GLY C 224 21.17 22.90 -17.20
C GLY C 224 19.75 23.36 -16.93
N PRO C 225 19.41 24.63 -17.22
CA PRO C 225 18.05 25.15 -16.98
C PRO C 225 16.93 24.29 -17.54
N ARG C 226 15.88 24.07 -16.74
CA ARG C 226 14.71 23.29 -17.20
C ARG C 226 13.43 24.11 -17.09
N ARG C 227 12.69 24.22 -18.20
CA ARG C 227 11.45 24.98 -18.19
C ARG C 227 10.39 24.25 -17.36
N ASP C 228 10.46 22.92 -17.35
CA ASP C 228 9.49 22.11 -16.63
C ASP C 228 9.70 21.99 -15.14
N THR C 229 10.67 22.73 -14.60
CA THR C 229 10.93 22.67 -13.17
C THR C 229 9.70 23.13 -12.41
N SER C 230 9.21 22.28 -11.51
CA SER C 230 8.01 22.61 -10.74
C SER C 230 8.26 22.50 -9.26
N LEU C 231 7.47 23.24 -8.49
CA LEU C 231 7.59 23.23 -7.04
C LEU C 231 7.16 21.87 -6.51
N GLU C 232 6.34 21.16 -7.28
CA GLU C 232 5.84 19.83 -6.91
C GLU C 232 6.96 18.81 -7.04
N LYS C 233 7.58 18.77 -8.21
CA LYS C 233 8.66 17.84 -8.46
C LYS C 233 9.78 18.00 -7.45
N LEU C 234 10.18 19.25 -7.25
CA LEU C 234 11.26 19.59 -6.34
C LEU C 234 11.04 19.04 -4.92
N ALA C 235 9.78 19.05 -4.50
CA ALA C 235 9.39 18.59 -3.18
C ALA C 235 9.36 17.09 -3.08
N ALA C 236 9.29 16.43 -4.22
CA ALA C 236 9.22 14.98 -4.24
C ALA C 236 10.58 14.29 -4.12
N LEU C 237 11.66 15.06 -4.23
CA LEU C 237 13.01 14.51 -4.14
C LEU C 237 13.36 14.16 -2.70
N ARG C 238 14.17 13.12 -2.52
CA ARG C 238 14.59 12.70 -1.18
C ARG C 238 15.91 13.37 -0.79
N PRO C 239 16.11 13.63 0.51
CA PRO C 239 17.36 14.26 0.95
C PRO C 239 18.49 13.44 0.37
N VAL C 240 19.64 14.07 0.13
CA VAL C 240 20.77 13.37 -0.47
C VAL C 240 21.99 13.29 0.45
N PHE C 241 22.06 14.13 1.46
CA PHE C 241 23.23 14.15 2.33
C PHE C 241 22.98 13.81 3.80
N ARG C 242 21.73 13.76 4.22
CA ARG C 242 21.46 13.44 5.62
C ARG C 242 20.05 12.92 5.77
N GLU C 243 19.93 11.70 6.29
CA GLU C 243 18.62 11.07 6.46
C GLU C 243 17.66 12.01 7.19
N GLY C 244 16.48 12.19 6.63
CA GLY C 244 15.53 13.09 7.24
C GLY C 244 16.05 14.51 7.13
N GLY C 245 16.85 14.76 6.11
CA GLY C 245 17.42 16.09 5.90
C GLY C 245 16.60 17.04 5.04
N THR C 246 17.28 18.00 4.43
CA THR C 246 16.61 18.99 3.62
C THR C 246 17.23 19.23 2.24
N VAL C 247 18.53 19.02 2.13
CA VAL C 247 19.19 19.26 0.86
C VAL C 247 18.97 18.13 -0.12
N THR C 248 18.36 18.43 -1.27
CA THR C 248 18.09 17.42 -2.28
C THR C 248 18.93 17.71 -3.49
N ALA C 249 18.99 16.77 -4.42
CA ALA C 249 19.74 16.98 -5.65
C ALA C 249 19.13 18.13 -6.43
N GLY C 250 17.87 18.43 -6.14
CA GLY C 250 17.17 19.46 -6.85
C GLY C 250 17.42 20.86 -6.38
N ASN C 251 17.69 21.03 -5.09
CA ASN C 251 17.95 22.37 -4.57
C ASN C 251 19.43 22.59 -4.28
N SER C 252 20.25 21.94 -5.09
CA SER C 252 21.70 22.08 -5.00
C SER C 252 22.27 22.09 -6.43
N SER C 253 23.45 22.70 -6.63
CA SER C 253 24.02 22.77 -7.96
C SER C 253 24.51 21.41 -8.45
N PRO C 254 24.56 21.22 -9.77
CA PRO C 254 25.05 19.94 -10.27
C PRO C 254 26.56 19.97 -10.51
N LEU C 255 27.05 18.94 -11.19
CA LEU C 255 28.45 18.85 -11.54
C LEU C 255 28.43 19.20 -13.02
N ASN C 256 29.27 20.13 -13.46
CA ASN C 256 29.25 20.50 -14.86
C ASN C 256 30.61 20.73 -15.49
N ASP C 257 30.60 21.00 -16.79
CA ASP C 257 31.79 21.29 -17.57
C ASP C 257 31.60 22.73 -18.08
N GLY C 258 32.68 23.51 -18.12
CA GLY C 258 32.56 24.87 -18.61
C GLY C 258 33.85 25.65 -18.48
N ALA C 259 33.95 26.77 -19.18
CA ALA C 259 35.13 27.62 -19.12
C ALA C 259 34.71 29.05 -19.35
N ALA C 260 35.42 29.98 -18.72
CA ALA C 260 35.13 31.42 -18.86
C ALA C 260 36.41 32.21 -18.73
N ALA C 261 36.47 33.36 -19.39
CA ALA C 261 37.65 34.21 -19.36
C ALA C 261 37.29 35.68 -19.51
N VAL C 262 37.94 36.53 -18.74
CA VAL C 262 37.70 37.96 -18.81
C VAL C 262 39.03 38.67 -19.07
N LEU C 263 38.99 39.67 -19.96
CA LEU C 263 40.18 40.43 -20.32
C LEU C 263 40.28 41.76 -19.57
N LEU C 264 41.36 41.93 -18.81
CA LEU C 264 41.57 43.15 -18.06
C LEU C 264 42.78 43.90 -18.59
N VAL C 265 42.67 45.22 -18.66
CA VAL C 265 43.76 46.04 -19.19
C VAL C 265 43.91 47.27 -18.32
N SER C 266 45.08 47.91 -18.37
CA SER C 266 45.30 49.11 -17.59
C SER C 266 44.47 50.22 -18.23
N ASP C 267 44.03 51.19 -17.42
CA ASP C 267 43.21 52.26 -17.94
C ASP C 267 43.97 53.06 -19.01
N ASP C 268 45.25 53.32 -18.79
CA ASP C 268 45.99 54.07 -19.78
C ASP C 268 46.07 53.29 -21.10
N TYR C 269 46.14 51.96 -21.02
CA TYR C 269 46.21 51.12 -22.21
C TYR C 269 44.91 51.23 -22.98
N ALA C 270 43.81 51.14 -22.23
CA ALA C 270 42.46 51.22 -22.80
C ALA C 270 42.28 52.52 -23.58
N LYS C 271 42.68 53.62 -22.97
CA LYS C 271 42.58 54.93 -23.60
C LYS C 271 43.45 55.01 -24.86
N ALA C 272 44.61 54.37 -24.82
CA ALA C 272 45.52 54.41 -25.95
C ALA C 272 45.06 53.55 -27.10
N HIS C 273 44.13 52.64 -26.84
CA HIS C 273 43.65 51.76 -27.91
C HIS C 273 42.18 51.83 -28.19
N GLY C 274 41.49 52.77 -27.55
CA GLY C 274 40.07 52.93 -27.77
C GLY C 274 39.24 51.74 -27.33
N LEU C 275 39.61 51.11 -26.23
CA LEU C 275 38.85 49.97 -25.72
C LEU C 275 37.81 50.47 -24.74
N ARG C 276 36.55 50.17 -25.03
CA ARG C 276 35.46 50.60 -24.19
C ARG C 276 35.33 49.71 -22.94
N PRO C 277 35.43 50.32 -21.75
CA PRO C 277 35.33 49.63 -20.46
C PRO C 277 33.96 49.04 -20.20
N LEU C 278 33.94 47.87 -19.59
CA LEU C 278 32.69 47.20 -19.27
C LEU C 278 32.48 47.48 -17.80
N ALA C 279 33.59 47.53 -17.08
CA ALA C 279 33.58 47.81 -15.66
C ALA C 279 35.01 47.98 -15.19
N ARG C 280 35.14 48.41 -13.94
CA ARG C 280 36.42 48.66 -13.29
C ARG C 280 36.47 47.84 -11.99
N VAL C 281 37.61 47.20 -11.72
CA VAL C 281 37.75 46.42 -10.49
C VAL C 281 38.01 47.39 -9.33
N ARG C 282 37.05 47.48 -8.42
CA ARG C 282 37.18 48.37 -7.27
C ARG C 282 37.93 47.77 -6.08
N ALA C 283 37.46 46.64 -5.56
CA ALA C 283 38.14 46.04 -4.42
C ALA C 283 37.96 44.54 -4.37
N ILE C 284 38.95 43.86 -3.78
CA ILE C 284 38.92 42.42 -3.63
C ILE C 284 39.14 42.02 -2.18
N ALA C 285 38.54 40.92 -1.76
CA ALA C 285 38.68 40.43 -0.39
C ALA C 285 38.49 38.93 -0.28
N VAL C 286 39.35 38.30 0.50
CA VAL C 286 39.31 36.86 0.69
C VAL C 286 39.19 36.63 2.21
N ALA C 287 38.46 35.60 2.62
CA ALA C 287 38.29 35.32 4.04
C ALA C 287 38.05 33.86 4.32
N GLY C 288 38.41 33.43 5.53
CA GLY C 288 38.20 32.04 5.92
C GLY C 288 37.11 31.90 6.97
N VAL C 289 36.39 30.78 6.91
CA VAL C 289 35.33 30.49 7.88
C VAL C 289 35.51 29.03 8.24
N PRO C 290 34.84 28.56 9.29
CA PRO C 290 34.98 27.14 9.70
C PRO C 290 34.47 26.17 8.63
N PRO C 291 35.27 25.16 8.31
CA PRO C 291 34.93 24.14 7.30
C PRO C 291 33.51 23.63 7.37
N ARG C 292 33.08 23.22 8.57
CA ARG C 292 31.75 22.67 8.75
C ARG C 292 30.57 23.54 8.26
N ILE C 293 30.82 24.80 7.93
CA ILE C 293 29.77 25.69 7.43
C ILE C 293 30.35 26.64 6.40
N MET C 294 31.21 26.10 5.54
CA MET C 294 31.87 26.87 4.48
C MET C 294 30.91 27.74 3.71
N GLY C 295 29.63 27.36 3.71
CA GLY C 295 28.64 28.10 2.98
C GLY C 295 28.58 29.60 3.20
N ILE C 296 28.80 30.06 4.43
CA ILE C 296 28.72 31.50 4.69
C ILE C 296 29.92 32.31 4.23
N GLY C 297 30.95 31.64 3.74
CA GLY C 297 32.14 32.35 3.27
C GLY C 297 31.89 33.71 2.66
N PRO C 298 30.87 33.88 1.80
CA PRO C 298 30.65 35.20 1.20
C PRO C 298 30.46 36.32 2.23
N VAL C 299 29.88 36.00 3.37
CA VAL C 299 29.61 37.00 4.37
C VAL C 299 30.81 37.84 4.81
N PRO C 300 31.81 37.23 5.44
CA PRO C 300 32.96 38.04 5.85
C PRO C 300 33.74 38.63 4.67
N ALA C 301 33.74 37.93 3.54
CA ALA C 301 34.46 38.38 2.36
C ALA C 301 33.82 39.64 1.76
N THR C 302 32.50 39.64 1.68
CA THR C 302 31.80 40.77 1.12
C THR C 302 31.95 41.99 2.02
N ARG C 303 31.89 41.80 3.33
CA ARG C 303 32.04 42.96 4.19
C ARG C 303 33.44 43.54 4.01
N LYS C 304 34.45 42.67 3.93
CA LYS C 304 35.83 43.13 3.74
C LYS C 304 36.02 43.84 2.42
N ALA C 305 35.39 43.32 1.36
CA ALA C 305 35.52 43.91 0.04
C ALA C 305 34.82 45.27 -0.02
N LEU C 306 33.60 45.32 0.49
CA LEU C 306 32.85 46.56 0.47
C LEU C 306 33.62 47.63 1.25
N GLU C 307 34.09 47.27 2.44
CA GLU C 307 34.83 48.19 3.27
C GLU C 307 36.05 48.72 2.51
N ARG C 308 36.76 47.82 1.85
CA ARG C 308 37.94 48.23 1.10
C ARG C 308 37.59 49.14 -0.08
N ALA C 309 36.35 49.05 -0.57
CA ALA C 309 35.93 49.88 -1.69
C ALA C 309 35.20 51.13 -1.18
N GLY C 310 35.11 51.26 0.14
CA GLY C 310 34.43 52.40 0.71
C GLY C 310 32.98 52.47 0.32
N LEU C 311 32.29 51.33 0.37
CA LEU C 311 30.88 51.28 0.02
C LEU C 311 30.07 50.51 1.05
N SER C 312 28.75 50.63 0.94
CA SER C 312 27.82 49.95 1.83
C SER C 312 27.08 48.94 0.97
N PHE C 313 26.58 47.87 1.58
CA PHE C 313 25.86 46.84 0.83
C PHE C 313 24.75 47.50 0.01
N SER C 314 24.14 48.52 0.59
CA SER C 314 23.05 49.27 -0.03
C SER C 314 23.42 50.01 -1.33
N ASP C 315 24.73 50.23 -1.55
CA ASP C 315 25.19 50.92 -2.76
C ASP C 315 25.25 49.92 -3.93
N LEU C 316 25.15 48.62 -3.63
CA LEU C 316 25.20 47.58 -4.67
C LEU C 316 23.91 47.56 -5.50
N GLY C 317 24.06 47.55 -6.82
CA GLY C 317 22.89 47.54 -7.67
C GLY C 317 22.71 46.26 -8.44
N LEU C 318 23.58 45.29 -8.17
CA LEU C 318 23.52 44.00 -8.82
C LEU C 318 24.41 43.09 -8.00
N ILE C 319 23.87 41.94 -7.60
CA ILE C 319 24.60 41.00 -6.77
C ILE C 319 24.60 39.59 -7.32
N GLU C 320 25.78 39.05 -7.61
CA GLU C 320 25.91 37.68 -8.11
C GLU C 320 26.47 36.81 -6.99
N LEU C 321 25.58 36.05 -6.35
CA LEU C 321 25.95 35.15 -5.25
C LEU C 321 25.90 33.73 -5.78
N ASN C 322 27.04 33.10 -6.00
CA ASN C 322 27.06 31.74 -6.55
C ASN C 322 26.21 30.81 -5.71
N GLU C 323 25.35 30.04 -6.39
CA GLU C 323 24.44 29.12 -5.74
C GLU C 323 25.01 27.71 -5.61
N ALA C 324 25.78 27.46 -4.56
CA ALA C 324 26.35 26.14 -4.35
C ALA C 324 25.22 25.24 -3.89
N PHE C 325 24.41 25.74 -2.96
CA PHE C 325 23.27 25.03 -2.40
C PHE C 325 22.20 26.04 -1.99
N ALA C 326 20.94 25.74 -2.30
CA ALA C 326 19.87 26.65 -1.92
C ALA C 326 20.03 27.01 -0.44
N ALA C 327 20.27 25.99 0.38
CA ALA C 327 20.42 26.18 1.81
C ALA C 327 21.58 27.11 2.15
N GLN C 328 22.69 26.96 1.45
CA GLN C 328 23.85 27.82 1.74
C GLN C 328 23.59 29.25 1.31
N ALA C 329 23.03 29.43 0.12
CA ALA C 329 22.73 30.76 -0.39
C ALA C 329 21.81 31.54 0.56
N LEU C 330 20.70 30.89 0.92
CA LEU C 330 19.70 31.49 1.81
C LEU C 330 20.31 31.86 3.16
N ALA C 331 21.27 31.08 3.63
CA ALA C 331 21.91 31.39 4.91
C ALA C 331 22.67 32.69 4.74
N VAL C 332 23.38 32.80 3.62
CA VAL C 332 24.13 34.02 3.34
C VAL C 332 23.14 35.16 3.29
N LEU C 333 22.05 34.96 2.55
CA LEU C 333 21.03 35.99 2.43
C LEU C 333 20.49 36.38 3.80
N ARG C 334 20.44 35.42 4.73
CA ARG C 334 19.98 35.73 6.07
C ARG C 334 20.88 36.80 6.70
N GLU C 335 22.19 36.59 6.62
CA GLU C 335 23.16 37.53 7.18
C GLU C 335 22.99 38.93 6.56
N TRP C 336 22.79 38.97 5.24
CA TRP C 336 22.62 40.22 4.52
C TRP C 336 21.24 40.85 4.73
N SER C 337 20.33 40.08 5.31
CA SER C 337 18.97 40.54 5.57
C SER C 337 18.31 40.89 4.25
N LEU C 338 18.41 39.96 3.30
CA LEU C 338 17.84 40.12 1.97
C LEU C 338 16.88 39.00 1.62
N SER C 339 15.90 39.31 0.78
CA SER C 339 14.91 38.33 0.34
C SER C 339 15.36 37.72 -0.98
N MET C 340 15.11 36.42 -1.18
CA MET C 340 15.51 35.77 -2.41
C MET C 340 14.76 36.37 -3.59
N GLU C 341 13.84 37.30 -3.30
CA GLU C 341 13.06 37.96 -4.33
C GLU C 341 13.75 39.25 -4.82
N ASP C 342 14.81 39.66 -4.12
CA ASP C 342 15.52 40.88 -4.49
C ASP C 342 15.88 40.88 -5.98
N GLN C 343 15.46 41.92 -6.68
CA GLN C 343 15.72 42.04 -8.11
C GLN C 343 17.18 42.17 -8.48
N ARG C 344 18.04 42.43 -7.50
CA ARG C 344 19.46 42.57 -7.74
C ARG C 344 20.17 41.20 -7.74
N LEU C 345 19.61 40.25 -7.00
CA LEU C 345 20.18 38.91 -6.84
C LEU C 345 20.07 38.01 -8.05
N ASN C 346 21.21 37.47 -8.50
CA ASN C 346 21.28 36.58 -9.66
C ASN C 346 20.09 36.80 -10.58
N PRO C 347 20.07 37.93 -11.28
CA PRO C 347 19.00 38.31 -12.20
C PRO C 347 18.73 37.31 -13.32
N ASN C 348 19.76 36.66 -13.82
CA ASN C 348 19.56 35.71 -14.91
C ASN C 348 19.70 34.25 -14.52
N GLY C 349 19.56 33.97 -13.23
CA GLY C 349 19.68 32.61 -12.77
C GLY C 349 21.00 32.36 -12.05
N GLY C 350 21.03 31.27 -11.28
CA GLY C 350 22.21 30.92 -10.54
C GLY C 350 22.70 29.53 -10.89
N ALA C 351 23.79 29.12 -10.23
CA ALA C 351 24.38 27.82 -10.49
C ALA C 351 23.42 26.64 -10.37
N ILE C 352 22.42 26.73 -9.49
CA ILE C 352 21.50 25.60 -9.36
C ILE C 352 20.85 25.23 -10.69
N ALA C 353 20.56 26.23 -11.51
CA ALA C 353 19.96 26.00 -12.82
C ALA C 353 20.97 26.07 -13.96
N LEU C 354 21.98 26.93 -13.83
CA LEU C 354 22.99 27.10 -14.87
C LEU C 354 24.14 26.08 -14.83
N GLY C 355 24.65 25.80 -13.64
CA GLY C 355 25.74 24.85 -13.51
C GLY C 355 26.90 25.38 -12.68
N HIS C 356 27.66 24.48 -12.08
CA HIS C 356 28.77 24.90 -11.24
C HIS C 356 30.07 24.19 -11.59
N PRO C 357 30.65 24.52 -12.76
CA PRO C 357 31.90 23.92 -13.23
C PRO C 357 33.03 24.51 -12.38
N LEU C 358 33.09 24.09 -11.13
CA LEU C 358 34.08 24.57 -10.16
C LEU C 358 35.03 25.65 -10.65
N GLY C 359 36.23 25.24 -11.01
CA GLY C 359 37.26 26.16 -11.47
C GLY C 359 36.85 27.37 -12.32
N ALA C 360 35.80 27.21 -13.11
CA ALA C 360 35.35 28.29 -13.99
C ALA C 360 34.20 29.11 -13.41
N SER C 361 33.53 28.60 -12.40
CA SER C 361 32.40 29.33 -11.84
C SER C 361 32.74 30.78 -11.47
N GLY C 362 33.85 30.99 -10.76
CA GLY C 362 34.24 32.35 -10.38
C GLY C 362 34.21 33.34 -11.53
N ALA C 363 34.96 33.05 -12.58
CA ALA C 363 35.01 33.91 -13.75
C ALA C 363 33.66 33.90 -14.47
N ARG C 364 32.94 32.78 -14.38
CA ARG C 364 31.63 32.65 -15.03
C ARG C 364 30.64 33.67 -14.48
N ILE C 365 30.49 33.74 -13.15
CA ILE C 365 29.55 34.68 -12.58
C ILE C 365 30.00 36.11 -12.78
N LEU C 366 31.31 36.37 -12.79
CA LEU C 366 31.79 37.73 -13.01
C LEU C 366 31.36 38.17 -14.39
N THR C 367 31.50 37.28 -15.36
CA THR C 367 31.12 37.60 -16.72
C THR C 367 29.64 37.97 -16.80
N THR C 368 28.78 37.17 -16.15
CA THR C 368 27.35 37.43 -16.19
C THR C 368 26.98 38.71 -15.46
N LEU C 369 27.75 39.07 -14.44
CA LEU C 369 27.50 40.28 -13.66
C LEU C 369 27.79 41.52 -14.50
N VAL C 370 29.02 41.58 -15.01
CA VAL C 370 29.50 42.70 -15.83
C VAL C 370 28.58 43.02 -16.99
N HIS C 371 28.22 42.00 -17.77
CA HIS C 371 27.32 42.18 -18.90
C HIS C 371 25.94 42.70 -18.49
N GLU C 372 25.38 42.20 -17.39
CA GLU C 372 24.07 42.66 -16.94
C GLU C 372 24.20 44.06 -16.38
N MET C 373 25.34 44.35 -15.74
CA MET C 373 25.59 45.69 -15.16
C MET C 373 25.53 46.73 -16.27
N ARG C 374 26.11 46.40 -17.42
CA ARG C 374 26.11 47.31 -18.55
C ARG C 374 24.75 47.55 -19.16
N ARG C 375 23.97 46.48 -19.37
CA ARG C 375 22.68 46.70 -19.97
C ARG C 375 21.69 47.43 -19.07
N ARG C 376 21.73 47.21 -17.77
CA ARG C 376 20.81 47.95 -16.90
C ARG C 376 21.49 49.14 -16.24
N LYS C 377 22.66 49.47 -16.74
CA LYS C 377 23.45 50.61 -16.26
C LYS C 377 23.55 50.78 -14.76
N VAL C 378 23.88 49.69 -14.08
CA VAL C 378 24.07 49.68 -12.62
C VAL C 378 25.48 50.19 -12.36
N GLN C 379 25.66 50.94 -11.27
CA GLN C 379 26.98 51.49 -10.95
C GLN C 379 27.88 50.54 -10.17
N PHE C 380 27.32 49.83 -9.19
CA PHE C 380 28.13 48.93 -8.37
C PHE C 380 27.64 47.49 -8.34
N GLY C 381 28.55 46.56 -8.62
CA GLY C 381 28.20 45.16 -8.61
C GLY C 381 29.10 44.32 -7.72
N LEU C 382 28.53 43.26 -7.16
CA LEU C 382 29.27 42.37 -6.28
C LEU C 382 29.20 40.91 -6.74
N ALA C 383 30.37 40.26 -6.83
CA ALA C 383 30.47 38.86 -7.22
C ALA C 383 31.16 38.12 -6.07
N THR C 384 30.46 37.19 -5.44
CA THR C 384 31.07 36.46 -4.32
C THR C 384 30.63 34.99 -4.24
N MET C 385 31.54 34.12 -3.78
CA MET C 385 31.28 32.68 -3.68
C MET C 385 31.75 32.00 -2.39
N CYS C 386 31.17 30.84 -2.11
CA CYS C 386 31.56 30.05 -0.95
C CYS C 386 32.68 29.17 -1.48
N ILE C 387 33.60 28.78 -0.62
CA ILE C 387 34.70 27.94 -1.06
C ILE C 387 34.90 26.72 -0.14
N GLY C 388 35.08 25.55 -0.76
CA GLY C 388 35.28 24.31 -0.03
C GLY C 388 36.33 24.31 1.05
N VAL C 389 36.02 23.66 2.15
CA VAL C 389 36.90 23.56 3.30
C VAL C 389 36.98 24.86 4.09
N GLY C 390 35.97 25.73 3.88
CA GLY C 390 35.87 26.99 4.63
C GLY C 390 36.49 28.31 4.22
N GLN C 391 36.09 28.85 3.07
CA GLN C 391 36.62 30.14 2.61
C GLN C 391 35.56 30.90 1.84
N GLY C 392 35.86 32.15 1.54
CA GLY C 392 34.93 32.98 0.79
C GLY C 392 35.71 34.06 0.07
N ILE C 393 35.28 34.39 -1.15
CA ILE C 393 35.96 35.42 -1.90
C ILE C 393 34.90 36.33 -2.49
N ALA C 394 35.22 37.61 -2.62
CA ALA C 394 34.29 38.60 -3.17
C ALA C 394 35.05 39.70 -3.91
N VAL C 395 34.44 40.17 -4.99
CA VAL C 395 35.04 41.21 -5.82
C VAL C 395 34.03 42.31 -6.13
N VAL C 396 34.37 43.56 -5.82
CA VAL C 396 33.45 44.66 -6.09
C VAL C 396 33.86 45.35 -7.38
N VAL C 397 32.87 45.56 -8.25
CA VAL C 397 33.10 46.18 -9.54
C VAL C 397 32.21 47.40 -9.79
N GLU C 398 32.78 48.41 -10.44
CA GLU C 398 32.05 49.64 -10.77
C GLU C 398 31.88 49.70 -12.28
N GLY C 399 30.63 49.86 -12.72
CA GLY C 399 30.35 49.91 -14.15
C GLY C 399 30.85 51.19 -14.80
N MET C 400 31.02 51.15 -16.12
CA MET C 400 31.49 52.30 -16.90
C MET C 400 30.95 52.33 -18.34
N PRO D 2 58.16 50.82 -0.71
CA PRO D 2 58.53 49.69 0.18
C PRO D 2 57.33 49.27 1.03
N GLU D 3 56.32 48.68 0.39
CA GLU D 3 55.17 48.26 1.14
C GLU D 3 55.20 46.78 1.50
N ALA D 4 56.00 45.99 0.78
CA ALA D 4 56.05 44.54 1.05
C ALA D 4 57.37 44.07 1.61
N TRP D 5 57.40 43.82 2.91
CA TRP D 5 58.62 43.36 3.57
C TRP D 5 58.65 41.89 3.94
N ILE D 6 59.80 41.26 3.66
CA ILE D 6 60.05 39.86 3.98
C ILE D 6 60.67 39.86 5.36
N VAL D 7 59.90 39.37 6.34
CA VAL D 7 60.35 39.34 7.72
C VAL D 7 60.86 38.00 8.21
N GLU D 8 60.53 36.93 7.51
CA GLU D 8 60.94 35.61 7.96
C GLU D 8 60.97 34.64 6.79
N ALA D 9 61.93 33.72 6.83
CA ALA D 9 62.09 32.73 5.78
C ALA D 9 62.53 31.40 6.38
N VAL D 10 61.85 30.32 6.01
CA VAL D 10 62.16 29.00 6.52
C VAL D 10 61.97 27.92 5.44
N ARG D 11 62.68 26.81 5.58
CA ARG D 11 62.56 25.71 4.64
C ARG D 11 62.89 24.40 5.35
N THR D 12 62.24 23.32 4.93
CA THR D 12 62.51 22.02 5.52
C THR D 12 63.70 21.49 4.75
N PRO D 13 64.41 20.49 5.27
CA PRO D 13 65.53 20.05 4.45
C PRO D 13 64.98 19.39 3.19
N ILE D 14 65.82 19.20 2.18
CA ILE D 14 65.40 18.58 0.93
C ILE D 14 65.81 17.13 0.85
N GLY D 15 64.80 16.27 0.75
CA GLY D 15 65.05 14.84 0.67
C GLY D 15 65.06 14.26 -0.74
N LYS D 16 65.70 13.09 -0.89
CA LYS D 16 65.78 12.40 -2.18
C LYS D 16 64.47 11.68 -2.46
N HIS D 17 64.23 11.37 -3.73
CA HIS D 17 63.03 10.65 -4.11
C HIS D 17 63.02 9.33 -3.36
N GLY D 18 61.91 9.03 -2.70
CA GLY D 18 61.81 7.81 -1.93
C GLY D 18 62.80 7.81 -0.79
N GLY D 19 63.30 9.00 -0.46
CA GLY D 19 64.28 9.12 0.60
C GLY D 19 63.76 9.49 1.97
N ALA D 20 64.58 10.26 2.69
CA ALA D 20 64.30 10.72 4.06
C ALA D 20 62.92 11.33 4.34
N LEU D 21 62.29 11.95 3.36
CA LEU D 21 60.97 12.52 3.60
C LEU D 21 59.86 11.87 2.79
N ALA D 22 60.13 10.70 2.22
CA ALA D 22 59.12 10.01 1.41
C ALA D 22 57.92 9.54 2.24
N SER D 23 58.12 9.43 3.55
CA SER D 23 57.06 8.98 4.43
C SER D 23 56.13 10.13 4.82
N VAL D 24 56.61 11.37 4.69
CA VAL D 24 55.82 12.54 5.04
C VAL D 24 54.95 12.96 3.87
N ARG D 25 53.67 13.21 4.14
CA ARG D 25 52.77 13.64 3.08
C ARG D 25 52.89 15.16 2.86
N PRO D 26 52.83 15.60 1.61
CA PRO D 26 52.95 17.03 1.27
C PRO D 26 52.17 17.97 2.15
N ASP D 27 50.86 17.74 2.28
CA ASP D 27 50.06 18.62 3.11
C ASP D 27 50.64 18.73 4.51
N ASP D 28 51.14 17.62 5.05
CA ASP D 28 51.75 17.64 6.37
C ASP D 28 53.08 18.35 6.33
N LEU D 29 53.86 18.06 5.30
CA LEU D 29 55.18 18.65 5.10
C LEU D 29 55.07 20.17 5.10
N LEU D 30 54.20 20.70 4.25
CA LEU D 30 53.98 22.15 4.15
C LEU D 30 53.52 22.76 5.48
N ALA D 31 52.74 22.02 6.24
CA ALA D 31 52.26 22.53 7.53
C ALA D 31 53.46 22.77 8.45
N HIS D 32 54.48 21.93 8.32
CA HIS D 32 55.66 22.09 9.16
C HIS D 32 56.30 23.43 8.88
N ALA D 33 56.47 23.73 7.60
CA ALA D 33 57.07 24.99 7.18
C ALA D 33 56.23 26.14 7.68
N LEU D 34 54.94 26.08 7.41
CA LEU D 34 54.01 27.12 7.83
C LEU D 34 54.01 27.34 9.36
N SER D 35 53.97 26.27 10.16
CA SER D 35 53.99 26.41 11.61
C SER D 35 55.29 27.08 12.05
N VAL D 36 56.39 26.53 11.58
CA VAL D 36 57.72 27.02 11.89
C VAL D 36 57.92 28.50 11.55
N LEU D 37 57.48 28.91 10.36
CA LEU D 37 57.62 30.30 9.95
C LEU D 37 57.04 31.24 11.01
N VAL D 38 55.78 31.01 11.38
CA VAL D 38 55.07 31.85 12.35
C VAL D 38 55.54 31.73 13.79
N ASP D 39 55.91 30.53 14.20
CA ASP D 39 56.35 30.35 15.57
C ASP D 39 57.60 31.17 15.89
N ARG D 40 58.55 31.23 14.96
CA ARG D 40 59.77 32.00 15.22
C ARG D 40 59.67 33.46 14.86
N SER D 41 58.58 33.86 14.21
CA SER D 41 58.42 35.25 13.82
C SER D 41 57.88 36.10 14.96
N GLY D 42 57.11 35.48 15.83
CA GLY D 42 56.53 36.22 16.94
C GLY D 42 55.27 36.92 16.46
N VAL D 43 54.70 36.43 15.36
CA VAL D 43 53.49 36.99 14.80
C VAL D 43 52.36 35.98 14.99
N PRO D 44 51.40 36.26 15.87
CA PRO D 44 50.31 35.30 16.06
C PRO D 44 49.67 34.87 14.75
N LYS D 45 49.38 33.58 14.62
CA LYS D 45 48.78 33.03 13.42
C LYS D 45 47.54 33.78 12.98
N GLU D 46 46.66 34.12 13.92
CA GLU D 46 45.43 34.83 13.57
C GLU D 46 45.69 36.14 12.82
N GLU D 47 46.95 36.58 12.78
CA GLU D 47 47.31 37.81 12.07
C GLU D 47 47.45 37.60 10.58
N VAL D 48 47.75 36.38 10.18
CA VAL D 48 47.92 36.06 8.77
C VAL D 48 46.60 36.15 7.99
N GLU D 49 46.62 36.94 6.92
CA GLU D 49 45.45 37.19 6.08
C GLU D 49 45.13 36.10 5.08
N ASP D 50 46.14 35.65 4.35
CA ASP D 50 45.95 34.65 3.33
C ASP D 50 47.27 33.91 3.15
N VAL D 51 47.20 32.68 2.67
CA VAL D 51 48.42 31.89 2.47
C VAL D 51 48.50 31.32 1.07
N TYR D 52 49.50 31.77 0.32
CA TYR D 52 49.72 31.30 -1.03
C TYR D 52 50.79 30.20 -0.99
N ALA D 53 50.56 29.15 -1.77
CA ALA D 53 51.49 28.04 -1.82
C ALA D 53 51.60 27.52 -3.23
N GLY D 54 52.80 27.13 -3.63
CA GLY D 54 53.01 26.59 -4.96
C GLY D 54 53.07 25.08 -4.90
N CYS D 55 52.50 24.42 -5.90
CA CYS D 55 52.51 22.96 -5.96
C CYS D 55 52.25 22.54 -7.41
N ALA D 56 53.26 21.92 -8.02
CA ALA D 56 53.19 21.50 -9.42
C ALA D 56 52.18 20.41 -9.76
N ASN D 57 51.92 19.52 -8.81
CA ASN D 57 51.01 18.39 -9.01
C ASN D 57 50.04 18.26 -7.85
N GLN D 58 48.80 18.67 -8.02
CA GLN D 58 47.85 18.58 -6.90
C GLN D 58 46.87 17.42 -7.02
N ALA D 59 47.38 16.29 -7.48
CA ALA D 59 46.59 15.09 -7.69
C ALA D 59 46.54 14.09 -6.54
N GLY D 60 47.48 14.17 -5.61
CA GLY D 60 47.49 13.23 -4.51
C GLY D 60 47.13 13.80 -3.16
N GLU D 61 47.97 13.52 -2.17
CA GLU D 61 47.74 13.99 -0.80
C GLU D 61 47.76 15.51 -0.76
N ASP D 62 48.10 16.11 -1.89
CA ASP D 62 48.15 17.57 -2.01
C ASP D 62 46.96 18.10 -2.81
N ASN D 63 45.90 17.31 -2.87
CA ASN D 63 44.72 17.69 -3.65
C ASN D 63 43.83 18.67 -2.95
N ARG D 64 43.01 19.34 -3.74
CA ARG D 64 42.05 20.31 -3.26
C ARG D 64 42.59 21.43 -2.39
N ASN D 65 43.56 22.15 -2.94
CA ASN D 65 44.15 23.34 -2.30
C ASN D 65 44.99 23.07 -1.05
N VAL D 66 46.20 22.59 -1.28
CA VAL D 66 47.12 22.28 -0.19
C VAL D 66 47.30 23.42 0.81
N ALA D 67 47.34 24.66 0.31
CA ALA D 67 47.54 25.80 1.20
C ALA D 67 46.53 25.81 2.33
N ARG D 68 45.24 25.69 1.99
CA ARG D 68 44.20 25.70 3.01
C ARG D 68 44.29 24.48 3.92
N MET D 69 44.60 23.32 3.33
CA MET D 69 44.71 22.10 4.12
C MET D 69 45.91 22.21 5.07
N ALA D 70 47.04 22.65 4.55
CA ALA D 70 48.26 22.77 5.33
C ALA D 70 48.14 23.79 6.45
N LEU D 71 47.51 24.93 6.18
CA LEU D 71 47.37 25.96 7.19
C LEU D 71 46.43 25.50 8.33
N LEU D 72 45.38 24.77 8.01
CA LEU D 72 44.48 24.25 9.06
C LEU D 72 45.23 23.21 9.88
N LEU D 73 45.97 22.33 9.18
CA LEU D 73 46.74 21.28 9.82
C LEU D 73 47.77 21.86 10.77
N ALA D 74 48.33 23.00 10.37
CA ALA D 74 49.35 23.68 11.15
C ALA D 74 48.81 24.40 12.37
N GLY D 75 47.50 24.31 12.58
CA GLY D 75 46.91 24.95 13.74
C GLY D 75 46.47 26.37 13.58
N PHE D 76 46.54 26.91 12.38
CA PHE D 76 46.10 28.30 12.14
C PHE D 76 44.60 28.41 12.34
N PRO D 77 44.14 29.55 12.88
CA PRO D 77 42.71 29.70 13.08
C PRO D 77 41.95 29.59 11.75
N VAL D 78 40.67 29.26 11.85
CA VAL D 78 39.83 29.07 10.67
C VAL D 78 39.68 30.27 9.72
N GLU D 79 39.90 31.48 10.21
CA GLU D 79 39.75 32.68 9.39
C GLU D 79 40.85 32.93 8.34
N VAL D 80 42.03 32.37 8.56
CA VAL D 80 43.13 32.57 7.62
C VAL D 80 42.75 31.88 6.32
N ALA D 81 42.86 32.59 5.21
CA ALA D 81 42.52 32.00 3.92
C ALA D 81 43.74 31.36 3.30
N GLY D 82 43.55 30.74 2.15
CA GLY D 82 44.65 30.09 1.46
C GLY D 82 44.32 29.76 0.03
N CYS D 83 45.34 29.65 -0.80
CA CYS D 83 45.18 29.37 -2.22
C CYS D 83 46.47 28.73 -2.75
N THR D 84 46.33 27.78 -3.66
CA THR D 84 47.47 27.09 -4.24
C THR D 84 47.68 27.57 -5.69
N VAL D 85 48.86 28.12 -5.95
CA VAL D 85 49.19 28.60 -7.29
C VAL D 85 50.04 27.56 -7.98
N ASN D 86 49.93 27.46 -9.29
CA ASN D 86 50.69 26.46 -10.06
C ASN D 86 51.26 27.00 -11.36
N ARG D 87 52.56 27.32 -11.37
CA ARG D 87 53.26 27.79 -12.56
C ARG D 87 54.45 26.83 -12.64
N LEU D 88 54.17 25.54 -12.44
CA LEU D 88 55.15 24.46 -12.45
C LEU D 88 56.40 24.71 -11.61
N CYS D 89 57.57 24.55 -12.22
CA CYS D 89 58.85 24.75 -11.54
C CYS D 89 58.94 26.09 -10.80
N GLY D 90 58.24 27.09 -11.32
CA GLY D 90 58.26 28.41 -10.70
C GLY D 90 57.11 28.73 -9.76
N SER D 91 56.33 27.74 -9.39
CA SER D 91 55.19 27.98 -8.51
C SER D 91 55.59 28.57 -7.16
N GLY D 92 56.73 28.11 -6.63
CA GLY D 92 57.20 28.60 -5.35
C GLY D 92 57.38 30.10 -5.29
N LEU D 93 57.97 30.66 -6.33
CA LEU D 93 58.22 32.09 -6.42
C LEU D 93 56.90 32.81 -6.66
N GLU D 94 56.11 32.29 -7.60
CA GLU D 94 54.81 32.87 -7.96
C GLU D 94 53.96 33.10 -6.72
N ALA D 95 54.15 32.26 -5.71
CA ALA D 95 53.41 32.37 -4.45
C ALA D 95 53.84 33.61 -3.68
N VAL D 96 55.13 33.91 -3.69
CA VAL D 96 55.62 35.09 -2.98
C VAL D 96 55.20 36.33 -3.72
N ALA D 97 55.30 36.28 -5.04
CA ALA D 97 54.91 37.41 -5.87
C ALA D 97 53.45 37.76 -5.56
N GLN D 98 52.62 36.74 -5.51
CA GLN D 98 51.20 36.92 -5.23
C GLN D 98 50.98 37.59 -3.88
N ALA D 99 51.75 37.18 -2.89
CA ALA D 99 51.64 37.75 -1.54
C ALA D 99 52.01 39.23 -1.59
N ALA D 100 53.15 39.51 -2.20
CA ALA D 100 53.62 40.89 -2.34
C ALA D 100 52.56 41.78 -3.01
N ARG D 101 52.04 41.35 -4.17
CA ARG D 101 51.04 42.13 -4.90
C ARG D 101 49.79 42.47 -4.11
N ALA D 102 49.47 41.62 -3.13
CA ALA D 102 48.30 41.83 -2.29
C ALA D 102 48.65 42.90 -1.26
N ILE D 103 49.85 42.82 -0.71
CA ILE D 103 50.28 43.82 0.25
C ILE D 103 50.33 45.18 -0.45
N TRP D 104 50.87 45.21 -1.67
CA TRP D 104 50.94 46.44 -2.44
C TRP D 104 49.56 47.06 -2.72
N ALA D 105 48.56 46.19 -2.92
CA ALA D 105 47.20 46.65 -3.20
C ALA D 105 46.49 47.11 -1.92
N GLY D 106 47.21 47.08 -0.81
CA GLY D 106 46.63 47.50 0.46
C GLY D 106 45.44 46.68 0.96
N GLU D 107 45.52 45.36 0.84
CA GLU D 107 44.42 44.51 1.31
C GLU D 107 44.76 44.09 2.73
N GLY D 108 45.50 43.00 2.88
CA GLY D 108 45.89 42.58 4.21
C GLY D 108 47.22 43.18 4.63
N LYS D 109 47.69 42.88 5.84
CA LYS D 109 48.97 43.39 6.32
C LYS D 109 50.00 42.27 6.45
N VAL D 110 49.51 41.03 6.60
CA VAL D 110 50.39 39.89 6.74
C VAL D 110 50.01 38.76 5.77
N TYR D 111 50.96 38.34 4.95
CA TYR D 111 50.73 37.26 3.99
C TYR D 111 51.89 36.26 4.02
N ILE D 112 51.63 35.04 3.56
CA ILE D 112 52.66 34.03 3.52
C ILE D 112 52.76 33.48 2.12
N GLY D 113 53.98 33.34 1.64
CA GLY D 113 54.20 32.83 0.30
C GLY D 113 55.03 31.58 0.47
N SER D 114 54.51 30.44 0.05
CA SER D 114 55.23 29.19 0.23
C SER D 114 55.08 28.22 -0.94
N GLY D 115 55.76 27.08 -0.82
CA GLY D 115 55.68 26.07 -1.84
C GLY D 115 55.98 24.71 -1.26
N VAL D 116 55.42 23.67 -1.85
CA VAL D 116 55.62 22.30 -1.39
C VAL D 116 55.53 21.35 -2.57
N GLU D 117 56.25 20.24 -2.49
CA GLU D 117 56.23 19.23 -3.53
C GLU D 117 56.77 17.93 -2.98
N SER D 118 55.98 16.86 -3.03
CA SER D 118 56.44 15.56 -2.58
C SER D 118 56.41 14.68 -3.81
N MET D 119 57.52 14.61 -4.51
CA MET D 119 57.62 13.83 -5.73
C MET D 119 57.65 12.33 -5.49
N SER D 120 57.89 11.97 -4.24
CA SER D 120 57.94 10.56 -3.87
C SER D 120 56.55 9.95 -3.84
N ARG D 121 55.61 10.69 -3.27
CA ARG D 121 54.24 10.20 -3.13
C ARG D 121 53.28 10.65 -4.23
N ALA D 122 53.78 11.20 -5.31
CA ALA D 122 52.89 11.64 -6.38
C ALA D 122 52.15 10.39 -6.86
N PRO D 123 50.81 10.45 -6.89
CA PRO D 123 49.94 9.35 -7.32
C PRO D 123 49.94 9.06 -8.82
N TYR D 124 49.17 8.06 -9.21
CA TYR D 124 49.01 7.69 -10.60
C TYR D 124 47.67 8.31 -11.02
N ALA D 125 47.52 8.62 -12.29
CA ALA D 125 46.25 9.21 -12.75
C ALA D 125 45.71 8.31 -13.84
N VAL D 126 44.42 8.00 -13.73
CA VAL D 126 43.78 7.12 -14.69
C VAL D 126 42.60 7.84 -15.35
N PRO D 127 42.49 7.73 -16.70
CA PRO D 127 41.44 8.35 -17.51
C PRO D 127 40.08 7.81 -17.18
N LYS D 128 39.04 8.59 -17.46
CA LYS D 128 37.68 8.12 -17.20
C LYS D 128 37.14 7.50 -18.48
N PRO D 129 36.39 6.42 -18.35
CA PRO D 129 35.83 5.80 -19.54
C PRO D 129 34.84 6.76 -20.13
N GLU D 130 34.60 6.66 -21.43
CA GLU D 130 33.63 7.55 -22.07
C GLU D 130 32.49 6.71 -22.61
N ARG D 131 32.71 5.41 -22.66
CA ARG D 131 31.72 4.48 -23.18
C ARG D 131 31.34 3.48 -22.09
N GLY D 132 30.22 2.80 -22.30
CA GLY D 132 29.70 1.83 -21.35
C GLY D 132 30.67 0.74 -20.94
N PHE D 133 30.82 -0.28 -21.76
CA PHE D 133 31.73 -1.35 -21.40
C PHE D 133 32.88 -1.31 -22.37
N PRO D 134 33.91 -0.55 -22.00
CA PRO D 134 35.12 -0.35 -22.79
C PRO D 134 35.87 -1.65 -23.12
N THR D 135 36.86 -1.52 -23.98
CA THR D 135 37.72 -2.62 -24.39
C THR D 135 39.03 -1.92 -24.74
N GLY D 136 40.14 -2.55 -24.41
CA GLY D 136 41.43 -1.95 -24.68
C GLY D 136 42.11 -1.57 -23.38
N ASN D 137 43.44 -1.72 -23.35
CA ASN D 137 44.21 -1.40 -22.17
C ASN D 137 44.23 0.08 -21.92
N LEU D 138 44.45 0.45 -20.67
CA LEU D 138 44.52 1.85 -20.28
C LEU D 138 45.89 2.11 -19.72
N VAL D 139 46.20 3.39 -19.52
CA VAL D 139 47.50 3.76 -18.96
C VAL D 139 47.34 4.44 -17.63
N MET D 140 48.26 4.14 -16.72
CA MET D 140 48.22 4.80 -15.43
C MET D 140 49.41 5.75 -15.49
N TYR D 141 49.14 7.04 -15.65
CA TYR D 141 50.21 8.05 -15.73
C TYR D 141 50.83 8.33 -14.36
N ASP D 142 52.15 8.32 -14.28
CA ASP D 142 52.86 8.60 -13.04
C ASP D 142 53.06 10.12 -12.92
N THR D 143 52.28 10.78 -12.08
CA THR D 143 52.35 12.23 -11.91
C THR D 143 53.67 12.73 -11.36
N THR D 144 54.59 11.82 -11.05
CA THR D 144 55.91 12.20 -10.54
C THR D 144 56.69 12.74 -11.73
N LEU D 145 56.41 12.18 -12.90
CA LEU D 145 57.10 12.54 -14.14
C LEU D 145 56.53 13.79 -14.83
N GLY D 146 56.64 13.82 -16.16
CA GLY D 146 56.18 14.99 -16.90
C GLY D 146 54.91 14.93 -17.73
N TRP D 147 55.07 14.89 -19.05
CA TRP D 147 53.93 14.86 -19.97
C TRP D 147 53.03 13.67 -19.74
N ARG D 148 51.72 13.92 -19.73
CA ARG D 148 50.71 12.90 -19.52
C ARG D 148 49.39 13.40 -20.09
N PHE D 149 48.47 12.47 -20.37
CA PHE D 149 47.18 12.83 -20.96
C PHE D 149 47.47 13.80 -22.12
N VAL D 150 48.56 13.56 -22.82
CA VAL D 150 48.98 14.42 -23.94
C VAL D 150 47.86 14.79 -24.91
N ASN D 151 47.81 16.06 -25.30
CA ASN D 151 46.80 16.54 -26.25
C ASN D 151 47.44 16.43 -27.64
N PRO D 152 46.79 15.70 -28.56
CA PRO D 152 47.34 15.56 -29.91
C PRO D 152 47.72 16.90 -30.54
N LYS D 153 46.84 17.88 -30.40
CA LYS D 153 47.05 19.21 -30.95
C LYS D 153 48.32 19.83 -30.39
N MET D 154 48.56 19.60 -29.11
CA MET D 154 49.78 20.09 -28.47
C MET D 154 50.97 19.43 -29.17
N GLN D 155 50.97 18.10 -29.25
CA GLN D 155 52.03 17.34 -29.90
C GLN D 155 52.38 17.90 -31.28
N ALA D 156 51.35 18.35 -32.00
CA ALA D 156 51.53 18.89 -33.33
C ALA D 156 52.08 20.31 -33.40
N LEU D 157 51.70 21.17 -32.47
CA LEU D 157 52.17 22.54 -32.50
C LEU D 157 53.60 22.65 -31.99
N TYR D 158 53.86 22.07 -30.83
CA TYR D 158 55.19 22.08 -30.23
C TYR D 158 55.31 20.62 -29.84
N GLY D 159 56.51 20.14 -29.58
CA GLY D 159 56.59 18.74 -29.22
C GLY D 159 56.10 18.51 -27.81
N THR D 160 56.54 17.38 -27.25
CA THR D 160 56.24 17.05 -25.87
C THR D 160 57.55 16.53 -25.35
N GLU D 161 58.62 17.26 -25.71
CA GLU D 161 59.95 16.89 -25.29
C GLU D 161 60.05 17.07 -23.78
N SER D 162 60.79 16.19 -23.13
CA SER D 162 60.95 16.25 -21.69
C SER D 162 61.89 17.39 -21.33
N MET D 163 61.86 17.78 -20.05
CA MET D 163 62.72 18.84 -19.57
C MET D 163 64.14 18.48 -19.99
N GLY D 164 64.56 17.27 -19.62
CA GLY D 164 65.89 16.79 -19.96
C GLY D 164 66.22 17.01 -21.42
N GLU D 165 65.24 16.79 -22.29
CA GLU D 165 65.47 16.98 -23.70
C GLU D 165 65.69 18.45 -24.05
N THR D 166 64.88 19.34 -23.48
CA THR D 166 65.06 20.76 -23.77
C THR D 166 66.40 21.25 -23.23
N ALA D 167 66.95 20.51 -22.27
CA ALA D 167 68.24 20.87 -21.72
C ALA D 167 69.28 20.55 -22.79
N GLU D 168 69.06 19.46 -23.53
CA GLU D 168 69.99 19.10 -24.60
C GLU D 168 69.87 20.11 -25.72
N ASN D 169 68.64 20.48 -26.06
CA ASN D 169 68.43 21.46 -27.13
C ASN D 169 69.25 22.71 -26.83
N LEU D 170 69.31 23.10 -25.55
CA LEU D 170 70.07 24.27 -25.13
C LEU D 170 71.55 24.01 -25.25
N ALA D 171 71.99 22.87 -24.74
CA ALA D 171 73.39 22.51 -24.82
C ALA D 171 73.83 22.67 -26.28
N GLU D 172 73.04 22.09 -27.19
CA GLU D 172 73.34 22.18 -28.61
C GLU D 172 73.37 23.62 -29.12
N MET D 173 72.28 24.33 -28.89
CA MET D 173 72.15 25.71 -29.34
C MET D 173 73.29 26.62 -28.89
N TYR D 174 73.71 26.48 -27.63
CA TYR D 174 74.79 27.30 -27.08
C TYR D 174 76.18 26.63 -27.11
N GLY D 175 76.21 25.39 -27.56
CA GLY D 175 77.48 24.68 -27.63
C GLY D 175 78.15 24.56 -26.28
N ILE D 176 77.39 24.11 -25.29
CA ILE D 176 77.88 23.93 -23.93
C ILE D 176 78.34 22.50 -23.81
N ARG D 177 79.66 22.32 -23.76
CA ARG D 177 80.27 20.99 -23.69
C ARG D 177 80.02 20.23 -22.40
N ARG D 178 80.17 18.91 -22.50
CA ARG D 178 79.98 18.02 -21.37
C ARG D 178 80.92 18.38 -20.22
N GLU D 179 82.19 18.60 -20.53
CA GLU D 179 83.17 18.95 -19.52
C GLU D 179 82.77 20.19 -18.73
N GLU D 180 82.17 21.16 -19.42
CA GLU D 180 81.70 22.40 -18.77
C GLU D 180 80.55 22.08 -17.80
N GLN D 181 79.56 21.34 -18.30
CA GLN D 181 78.40 20.95 -17.50
C GLN D 181 78.78 20.20 -16.23
N ASP D 182 79.66 19.21 -16.34
CA ASP D 182 80.09 18.45 -15.18
C ASP D 182 80.84 19.33 -14.19
N ARG D 183 81.62 20.27 -14.72
CA ARG D 183 82.37 21.17 -13.86
C ARG D 183 81.39 22.03 -13.06
N PHE D 184 80.36 22.55 -13.73
CA PHE D 184 79.35 23.35 -13.04
C PHE D 184 78.70 22.51 -11.94
N ALA D 185 78.33 21.28 -12.28
CA ALA D 185 77.70 20.38 -11.32
C ALA D 185 78.60 20.13 -10.11
N LEU D 186 79.88 19.93 -10.35
CA LEU D 186 80.83 19.70 -9.27
C LEU D 186 80.88 20.88 -8.30
N LEU D 187 80.78 22.10 -8.82
CA LEU D 187 80.82 23.28 -7.96
C LEU D 187 79.55 23.42 -7.13
N SER D 188 78.42 22.98 -7.67
CA SER D 188 77.19 23.07 -6.93
C SER D 188 77.31 22.22 -5.66
N HIS D 189 77.91 21.04 -5.79
CA HIS D 189 78.07 20.16 -4.64
C HIS D 189 79.05 20.71 -3.62
N GLN D 190 80.21 21.14 -4.10
CA GLN D 190 81.23 21.68 -3.21
C GLN D 190 80.74 22.88 -2.38
N LYS D 191 80.04 23.81 -3.04
CA LYS D 191 79.52 24.99 -2.34
C LYS D 191 78.44 24.57 -1.35
N ALA D 192 77.63 23.60 -1.74
CA ALA D 192 76.57 23.11 -0.87
C ALA D 192 77.20 22.47 0.36
N VAL D 193 78.10 21.50 0.13
CA VAL D 193 78.76 20.80 1.22
C VAL D 193 79.47 21.76 2.16
N ARG D 194 80.14 22.74 1.57
CA ARG D 194 80.86 23.76 2.30
C ARG D 194 79.86 24.61 3.11
N ALA D 195 78.77 24.99 2.48
CA ALA D 195 77.77 25.81 3.16
C ALA D 195 77.20 25.13 4.40
N TRP D 196 76.86 23.86 4.28
CA TRP D 196 76.29 23.10 5.40
C TRP D 196 77.29 22.95 6.53
N GLU D 197 78.46 22.47 6.12
CA GLU D 197 79.60 22.23 6.97
C GLU D 197 79.97 23.47 7.79
N GLU D 198 79.86 24.64 7.18
CA GLU D 198 80.19 25.91 7.85
C GLU D 198 79.01 26.55 8.58
N GLY D 199 77.88 25.86 8.58
CA GLY D 199 76.71 26.36 9.28
C GLY D 199 75.87 27.46 8.65
N ARG D 200 76.01 27.70 7.35
CA ARG D 200 75.20 28.76 6.72
C ARG D 200 73.75 28.36 6.49
N PHE D 201 73.42 27.09 6.66
CA PHE D 201 72.05 26.64 6.47
C PHE D 201 71.28 26.49 7.78
N GLN D 202 72.01 26.56 8.90
CA GLN D 202 71.41 26.41 10.22
C GLN D 202 70.26 27.35 10.53
N ASP D 203 70.34 28.60 10.05
CA ASP D 203 69.29 29.58 10.30
C ASP D 203 68.01 29.34 9.51
N GLU D 204 68.15 29.07 8.22
CA GLU D 204 67.00 28.86 7.33
C GLU D 204 66.32 27.49 7.37
N VAL D 205 67.05 26.46 7.76
CA VAL D 205 66.48 25.11 7.79
C VAL D 205 65.81 24.74 9.10
N VAL D 206 64.62 24.16 9.02
CA VAL D 206 63.89 23.73 10.21
C VAL D 206 63.70 22.23 10.10
N PRO D 207 64.16 21.47 11.10
CA PRO D 207 64.07 20.02 11.16
C PRO D 207 62.66 19.45 11.01
N VAL D 208 62.58 18.29 10.36
CA VAL D 208 61.32 17.59 10.13
C VAL D 208 61.30 16.25 10.82
N PRO D 209 60.36 16.04 11.76
CA PRO D 209 60.28 14.75 12.46
C PRO D 209 59.63 13.71 11.57
N VAL D 210 60.31 12.58 11.41
CA VAL D 210 59.80 11.48 10.60
C VAL D 210 59.53 10.29 11.51
N LYS D 211 58.37 9.65 11.33
CA LYS D 211 58.04 8.50 12.15
C LYS D 211 58.51 7.25 11.40
N ARG D 212 59.38 6.50 12.06
CA ARG D 212 59.91 5.27 11.48
C ARG D 212 59.41 4.11 12.35
N GLY D 213 58.20 3.65 12.04
CA GLY D 213 57.61 2.56 12.80
C GLY D 213 57.08 3.06 14.12
N LYS D 214 57.84 2.82 15.18
CA LYS D 214 57.44 3.22 16.52
C LYS D 214 58.14 4.48 16.98
N GLU D 215 59.38 4.68 16.53
CA GLU D 215 60.12 5.86 16.96
C GLU D 215 60.36 6.95 15.91
N GLU D 216 60.49 8.18 16.40
CA GLU D 216 60.72 9.34 15.55
C GLU D 216 62.19 9.59 15.26
N ILE D 217 62.46 10.04 14.05
CA ILE D 217 63.80 10.37 13.60
C ILE D 217 63.73 11.83 13.17
N LEU D 218 64.81 12.56 13.36
CA LEU D 218 64.79 13.96 12.99
C LEU D 218 65.63 14.24 11.76
N VAL D 219 64.97 14.47 10.62
CA VAL D 219 65.69 14.81 9.39
C VAL D 219 66.07 16.28 9.50
N GLU D 220 67.36 16.58 9.49
CA GLU D 220 67.79 17.97 9.64
C GLU D 220 68.83 18.51 8.66
N GLN D 221 69.04 17.78 7.57
CA GLN D 221 70.02 18.20 6.56
C GLN D 221 69.63 17.71 5.16
N ASP D 222 69.82 18.55 4.16
CA ASP D 222 69.51 18.16 2.80
C ASP D 222 70.29 16.87 2.58
N GLU D 223 69.66 15.83 2.03
CA GLU D 223 70.40 14.59 1.84
C GLU D 223 70.96 14.48 0.44
N GLY D 224 70.84 15.56 -0.32
CA GLY D 224 71.33 15.55 -1.70
C GLY D 224 72.83 15.75 -1.93
N PRO D 225 73.45 16.78 -1.33
CA PRO D 225 74.87 17.04 -1.50
C PRO D 225 75.79 15.88 -1.08
N ARG D 226 76.78 15.59 -1.91
CA ARG D 226 77.71 14.52 -1.59
C ARG D 226 79.15 15.01 -1.66
N ARG D 227 79.83 14.87 -0.54
CA ARG D 227 81.23 15.26 -0.40
C ARG D 227 82.14 14.55 -1.40
N ASP D 228 81.84 13.28 -1.67
CA ASP D 228 82.66 12.46 -2.58
C ASP D 228 82.44 12.69 -4.07
N THR D 229 81.65 13.69 -4.42
CA THR D 229 81.40 14.00 -5.83
C THR D 229 82.75 14.34 -6.46
N SER D 230 83.06 13.71 -7.58
CA SER D 230 84.34 13.97 -8.25
C SER D 230 84.11 14.26 -9.72
N LEU D 231 85.07 14.95 -10.32
CA LEU D 231 84.97 15.29 -11.72
C LEU D 231 85.11 14.05 -12.59
N GLU D 232 85.76 13.02 -12.06
CA GLU D 232 85.95 11.76 -12.79
C GLU D 232 84.69 10.92 -12.80
N LYS D 233 84.04 10.81 -11.64
CA LYS D 233 82.81 10.05 -11.54
C LYS D 233 81.76 10.67 -12.45
N LEU D 234 81.59 11.99 -12.33
CA LEU D 234 80.62 12.75 -13.13
C LEU D 234 80.74 12.50 -14.62
N ALA D 235 81.97 12.29 -15.09
CA ALA D 235 82.28 12.06 -16.49
C ALA D 235 82.03 10.60 -16.92
N ALA D 236 81.87 9.74 -15.92
CA ALA D 236 81.63 8.33 -16.18
C ALA D 236 80.17 8.06 -16.54
N LEU D 237 79.27 8.93 -16.10
CA LEU D 237 77.85 8.76 -16.38
C LEU D 237 77.51 8.87 -17.85
N ARG D 238 76.47 8.15 -18.27
CA ARG D 238 76.03 8.15 -19.66
C ARG D 238 74.88 9.12 -19.85
N PRO D 239 74.74 9.67 -21.06
CA PRO D 239 73.67 10.62 -21.32
C PRO D 239 72.39 9.93 -20.92
N VAL D 240 71.36 10.69 -20.57
CA VAL D 240 70.12 10.06 -20.17
C VAL D 240 68.92 10.49 -21.00
N PHE D 241 69.09 11.55 -21.79
CA PHE D 241 67.99 12.05 -22.60
C PHE D 241 68.16 11.93 -24.12
N ARG D 242 69.40 11.81 -24.56
CA ARG D 242 69.67 11.66 -25.99
C ARG D 242 70.97 10.90 -26.22
N GLU D 243 70.86 9.81 -26.97
CA GLU D 243 72.00 8.96 -27.29
C GLU D 243 73.15 9.81 -27.83
N GLY D 244 74.33 9.64 -27.23
CA GLY D 244 75.47 10.42 -27.66
C GLY D 244 75.26 11.86 -27.23
N GLY D 245 74.45 12.03 -26.19
CA GLY D 245 74.15 13.36 -25.69
C GLY D 245 75.14 13.88 -24.68
N THR D 246 74.75 14.91 -23.92
CA THR D 246 75.65 15.50 -22.95
C THR D 246 75.04 15.65 -21.55
N VAL D 247 73.72 15.63 -21.45
CA VAL D 247 73.06 15.76 -20.16
C VAL D 247 72.98 14.41 -19.45
N THR D 248 73.55 14.34 -18.25
CA THR D 248 73.54 13.10 -17.49
C THR D 248 72.78 13.27 -16.19
N ALA D 249 72.52 12.17 -15.50
CA ALA D 249 71.81 12.23 -14.23
C ALA D 249 72.63 13.04 -13.23
N GLY D 250 73.94 13.07 -13.45
CA GLY D 250 74.84 13.78 -12.56
C GLY D 250 74.92 15.29 -12.73
N ASN D 251 74.64 15.78 -13.94
CA ASN D 251 74.69 17.22 -14.18
C ASN D 251 73.29 17.81 -14.33
N SER D 252 72.33 17.15 -13.70
CA SER D 252 70.92 17.56 -13.70
C SER D 252 70.38 17.45 -12.28
N SER D 253 69.33 18.18 -11.98
CA SER D 253 68.75 18.10 -10.65
C SER D 253 67.93 16.82 -10.51
N PRO D 254 67.82 16.30 -9.29
CA PRO D 254 67.05 15.08 -9.07
C PRO D 254 65.57 15.39 -8.81
N LEU D 255 64.85 14.38 -8.36
CA LEU D 255 63.44 14.54 -8.00
C LEU D 255 63.50 14.52 -6.46
N ASN D 256 62.91 15.52 -5.81
CA ASN D 256 63.00 15.58 -4.36
C ASN D 256 61.73 16.01 -3.68
N ASP D 257 61.71 15.86 -2.35
CA ASP D 257 60.58 16.25 -1.51
C ASP D 257 61.04 17.45 -0.69
N GLY D 258 60.13 18.37 -0.42
CA GLY D 258 60.50 19.51 0.38
C GLY D 258 59.42 20.56 0.47
N ALA D 259 59.61 21.52 1.37
CA ALA D 259 58.66 22.60 1.54
C ALA D 259 59.39 23.85 2.05
N ALA D 260 58.86 25.02 1.72
CA ALA D 260 59.46 26.27 2.15
C ALA D 260 58.39 27.35 2.20
N ALA D 261 58.58 28.33 3.09
CA ALA D 261 57.61 29.40 3.24
C ALA D 261 58.26 30.69 3.73
N VAL D 262 57.79 31.80 3.20
CA VAL D 262 58.32 33.11 3.57
C VAL D 262 57.16 33.99 4.09
N LEU D 263 57.43 34.72 5.18
CA LEU D 263 56.43 35.59 5.77
C LEU D 263 56.62 37.03 5.33
N LEU D 264 55.62 37.58 4.63
CA LEU D 264 55.64 38.96 4.15
C LEU D 264 54.62 39.81 4.89
N VAL D 265 55.04 41.01 5.26
CA VAL D 265 54.17 41.91 5.98
C VAL D 265 54.32 43.34 5.43
N SER D 266 53.29 44.17 5.60
CA SER D 266 53.37 45.56 5.14
C SER D 266 54.37 46.34 5.99
N ASP D 267 55.01 47.34 5.38
CA ASP D 267 56.01 48.13 6.10
C ASP D 267 55.47 48.83 7.35
N ASP D 268 54.26 49.35 7.28
CA ASP D 268 53.68 50.00 8.44
C ASP D 268 53.41 48.99 9.55
N TYR D 269 53.03 47.76 9.20
CA TYR D 269 52.77 46.71 10.18
C TYR D 269 54.08 46.34 10.88
N ALA D 270 55.11 46.12 10.07
CA ALA D 270 56.42 45.77 10.61
C ALA D 270 56.84 46.81 11.65
N LYS D 271 56.69 48.08 11.28
CA LYS D 271 57.04 49.19 12.16
C LYS D 271 56.24 49.16 13.45
N ALA D 272 54.93 48.95 13.34
CA ALA D 272 54.06 48.93 14.51
C ALA D 272 54.28 47.75 15.44
N HIS D 273 54.95 46.69 14.98
CA HIS D 273 55.15 45.54 15.84
C HIS D 273 56.62 45.21 16.05
N GLY D 274 57.49 46.11 15.61
CA GLY D 274 58.91 45.90 15.77
C GLY D 274 59.50 44.72 15.04
N LEU D 275 58.98 44.41 13.86
CA LEU D 275 59.52 43.29 13.11
C LEU D 275 60.72 43.78 12.29
N ARG D 276 61.85 43.11 12.43
CA ARG D 276 63.08 43.47 11.71
C ARG D 276 63.09 42.83 10.31
N PRO D 277 63.02 43.66 9.26
CA PRO D 277 63.02 43.22 7.87
C PRO D 277 64.25 42.44 7.46
N LEU D 278 64.04 41.46 6.59
CA LEU D 278 65.13 40.63 6.10
C LEU D 278 65.44 41.20 4.73
N ALA D 279 64.37 41.56 4.03
CA ALA D 279 64.49 42.13 2.70
C ALA D 279 63.19 42.78 2.27
N ARG D 280 63.25 43.46 1.14
CA ARG D 280 62.13 44.18 0.58
C ARG D 280 61.90 43.72 -0.86
N VAL D 281 60.64 43.48 -1.22
CA VAL D 281 60.34 43.05 -2.59
C VAL D 281 60.34 44.28 -3.48
N ARG D 282 61.30 44.35 -4.39
CA ARG D 282 61.43 45.47 -5.30
C ARG D 282 60.59 45.35 -6.56
N ALA D 283 60.79 44.29 -7.31
CA ALA D 283 60.02 44.12 -8.54
C ALA D 283 59.85 42.66 -8.91
N ILE D 284 58.79 42.37 -9.67
CA ILE D 284 58.53 41.00 -10.10
C ILE D 284 58.28 40.99 -11.61
N ALA D 285 58.64 39.91 -12.27
CA ALA D 285 58.42 39.81 -13.70
C ALA D 285 58.29 38.37 -14.11
N VAL D 286 57.43 38.12 -15.09
CA VAL D 286 57.18 36.78 -15.59
C VAL D 286 57.26 36.87 -17.12
N ALA D 287 57.72 35.81 -17.77
CA ALA D 287 57.85 35.83 -19.24
C ALA D 287 57.82 34.45 -19.85
N GLY D 288 57.38 34.36 -21.09
CA GLY D 288 57.30 33.08 -21.77
C GLY D 288 58.32 32.93 -22.88
N VAL D 289 58.85 31.72 -23.02
CA VAL D 289 59.83 31.42 -24.06
C VAL D 289 59.40 30.13 -24.77
N PRO D 290 59.94 29.85 -25.96
CA PRO D 290 59.54 28.62 -26.65
C PRO D 290 59.77 27.34 -25.82
N PRO D 291 58.76 26.46 -25.76
CA PRO D 291 58.85 25.20 -25.02
C PRO D 291 60.13 24.37 -25.23
N ARG D 292 60.54 24.23 -26.48
CA ARG D 292 61.74 23.42 -26.77
C ARG D 292 63.02 23.89 -26.10
N ILE D 293 63.04 25.11 -25.58
CA ILE D 293 64.22 25.60 -24.88
C ILE D 293 63.80 26.37 -23.63
N MET D 294 62.89 25.78 -22.87
CA MET D 294 62.38 26.39 -21.65
C MET D 294 63.49 26.82 -20.69
N GLY D 295 64.66 26.23 -20.85
CA GLY D 295 65.76 26.57 -19.98
C GLY D 295 66.09 28.06 -19.86
N ILE D 296 66.03 28.81 -20.96
CA ILE D 296 66.38 30.22 -20.91
C ILE D 296 65.36 31.15 -20.26
N GLY D 297 64.21 30.62 -19.90
CA GLY D 297 63.19 31.44 -19.26
C GLY D 297 63.69 32.56 -18.36
N PRO D 298 64.72 32.34 -17.52
CA PRO D 298 65.23 33.38 -16.63
C PRO D 298 65.71 34.67 -17.31
N VAL D 299 66.25 34.55 -18.53
CA VAL D 299 66.75 35.73 -19.25
C VAL D 299 65.71 36.84 -19.43
N PRO D 300 64.67 36.61 -20.23
CA PRO D 300 63.70 37.69 -20.39
C PRO D 300 63.00 38.12 -19.10
N ALA D 301 62.89 37.21 -18.15
CA ALA D 301 62.22 37.52 -16.89
C ALA D 301 63.11 38.38 -16.00
N THR D 302 64.41 38.11 -16.02
CA THR D 302 65.34 38.90 -15.22
C THR D 302 65.43 40.30 -15.81
N ARG D 303 65.45 40.39 -17.14
CA ARG D 303 65.50 41.67 -17.84
C ARG D 303 64.32 42.55 -17.45
N LYS D 304 63.11 41.99 -17.57
CA LYS D 304 61.91 42.72 -17.25
C LYS D 304 61.83 43.10 -15.78
N ALA D 305 62.36 42.25 -14.91
CA ALA D 305 62.33 42.53 -13.48
C ALA D 305 63.31 43.65 -13.14
N LEU D 306 64.55 43.51 -13.59
CA LEU D 306 65.55 44.52 -13.35
C LEU D 306 65.06 45.88 -13.84
N GLU D 307 64.48 45.89 -15.03
CA GLU D 307 63.97 47.11 -15.61
C GLU D 307 62.85 47.70 -14.74
N ARG D 308 62.00 46.83 -14.18
CA ARG D 308 60.90 47.29 -13.34
C ARG D 308 61.41 47.79 -12.00
N ALA D 309 62.61 47.37 -11.63
CA ALA D 309 63.18 47.79 -10.37
C ALA D 309 64.12 48.97 -10.60
N GLY D 310 64.32 49.31 -11.87
CA GLY D 310 65.21 50.41 -12.20
C GLY D 310 66.63 50.11 -11.79
N LEU D 311 67.07 48.89 -12.08
CA LEU D 311 68.42 48.48 -11.74
C LEU D 311 69.07 47.86 -12.94
N SER D 312 70.36 47.60 -12.83
CA SER D 312 71.11 46.98 -13.92
C SER D 312 71.63 45.69 -13.35
N PHE D 313 71.88 44.71 -14.21
CA PHE D 313 72.37 43.44 -13.71
C PHE D 313 73.57 43.64 -12.77
N SER D 314 74.45 44.58 -13.12
CA SER D 314 75.64 44.87 -12.33
C SER D 314 75.39 45.35 -10.91
N ASP D 315 74.17 45.79 -10.62
CA ASP D 315 73.83 46.25 -9.29
C ASP D 315 73.54 45.05 -8.37
N LEU D 316 73.32 43.88 -8.99
CA LEU D 316 73.01 42.68 -8.22
C LEU D 316 74.23 42.22 -7.45
N GLY D 317 74.05 42.00 -6.15
CA GLY D 317 75.15 41.55 -5.32
C GLY D 317 75.07 40.09 -4.94
N LEU D 318 73.95 39.44 -5.27
CA LEU D 318 73.74 38.04 -4.94
C LEU D 318 72.73 37.46 -5.94
N ILE D 319 73.08 36.37 -6.60
CA ILE D 319 72.20 35.77 -7.61
C ILE D 319 71.86 34.30 -7.35
N GLU D 320 70.57 34.02 -7.24
CA GLU D 320 70.09 32.65 -7.04
C GLU D 320 69.36 32.20 -8.32
N LEU D 321 70.07 31.41 -9.14
CA LEU D 321 69.50 30.91 -10.39
C LEU D 321 69.29 29.40 -10.19
N ASN D 322 68.03 28.98 -10.19
CA ASN D 322 67.74 27.58 -9.97
C ASN D 322 68.40 26.67 -10.98
N GLU D 323 69.09 25.66 -10.48
CA GLU D 323 69.81 24.73 -11.34
C GLU D 323 68.99 23.52 -11.78
N ALA D 324 68.18 23.67 -12.84
CA ALA D 324 67.37 22.57 -13.32
C ALA D 324 68.25 21.58 -14.08
N PHE D 325 69.21 22.15 -14.81
CA PHE D 325 70.15 21.36 -15.61
C PHE D 325 71.41 22.20 -15.78
N ALA D 326 72.58 21.58 -15.58
CA ALA D 326 73.83 22.28 -15.75
C ALA D 326 73.80 22.98 -17.10
N ALA D 327 73.38 22.23 -18.12
CA ALA D 327 73.29 22.76 -19.48
C ALA D 327 72.39 23.96 -19.57
N GLN D 328 71.23 23.91 -18.91
CA GLN D 328 70.30 25.04 -18.96
C GLN D 328 70.86 26.27 -18.24
N ALA D 329 71.36 26.06 -17.03
CA ALA D 329 71.92 27.14 -16.24
C ALA D 329 73.04 27.85 -16.99
N LEU D 330 73.98 27.09 -17.55
CA LEU D 330 75.10 27.67 -18.29
C LEU D 330 74.66 28.49 -19.50
N ALA D 331 73.59 28.04 -20.17
CA ALA D 331 73.10 28.78 -21.33
C ALA D 331 72.60 30.13 -20.83
N VAL D 332 71.93 30.14 -19.69
CA VAL D 332 71.45 31.40 -19.15
C VAL D 332 72.66 32.26 -18.83
N LEU D 333 73.65 31.67 -18.15
CA LEU D 333 74.85 32.41 -17.80
C LEU D 333 75.49 33.03 -19.05
N ARG D 334 75.39 32.33 -20.18
CA ARG D 334 75.97 32.85 -21.43
C ARG D 334 75.30 34.19 -21.72
N GLU D 335 73.97 34.20 -21.75
CA GLU D 335 73.20 35.41 -22.02
C GLU D 335 73.56 36.57 -21.09
N TRP D 336 73.85 36.26 -19.84
CA TRP D 336 74.22 37.32 -18.90
C TRP D 336 75.69 37.65 -18.96
N SER D 337 76.45 36.85 -19.69
CA SER D 337 77.89 37.05 -19.82
C SER D 337 78.52 36.90 -18.43
N LEU D 338 78.20 35.80 -17.74
CA LEU D 338 78.75 35.54 -16.43
C LEU D 338 79.45 34.19 -16.42
N SER D 339 80.43 34.05 -15.54
CA SER D 339 81.17 32.81 -15.45
C SER D 339 80.65 32.02 -14.26
N MET D 340 80.63 30.69 -14.39
CA MET D 340 80.14 29.85 -13.32
C MET D 340 80.92 30.06 -12.03
N GLU D 341 82.03 30.80 -12.12
CA GLU D 341 82.85 31.06 -10.95
C GLU D 341 82.39 32.30 -10.18
N ASP D 342 81.44 33.03 -10.75
CA ASP D 342 80.92 34.24 -10.13
C ASP D 342 80.59 34.03 -8.65
N GLN D 343 81.24 34.77 -7.77
CA GLN D 343 81.02 34.65 -6.33
C GLN D 343 79.60 34.98 -5.88
N ARG D 344 78.83 35.61 -6.76
CA ARG D 344 77.46 36.00 -6.44
C ARG D 344 76.46 34.87 -6.73
N LEU D 345 76.81 34.03 -7.68
CA LEU D 345 75.98 32.93 -8.13
C LEU D 345 75.84 31.78 -7.13
N ASN D 346 74.60 31.39 -6.86
CA ASN D 346 74.29 30.30 -5.94
C ASN D 346 75.45 30.01 -5.00
N PRO D 347 75.73 30.93 -4.08
CA PRO D 347 76.82 30.84 -3.09
C PRO D 347 76.83 29.60 -2.20
N ASN D 348 75.67 29.04 -1.86
CA ASN D 348 75.68 27.89 -1.00
C ASN D 348 75.24 26.62 -1.71
N GLY D 349 75.33 26.65 -3.03
CA GLY D 349 74.94 25.49 -3.81
C GLY D 349 73.58 25.64 -4.47
N GLY D 350 73.40 24.88 -5.54
CA GLY D 350 72.15 24.93 -6.27
C GLY D 350 71.40 23.62 -6.28
N ALA D 351 70.30 23.60 -7.03
CA ALA D 351 69.44 22.44 -7.13
C ALA D 351 70.13 21.13 -7.47
N ILE D 352 71.14 21.14 -8.34
CA ILE D 352 71.81 19.89 -8.72
C ILE D 352 72.29 19.10 -7.51
N ALA D 353 72.78 19.80 -6.50
CA ALA D 353 73.27 19.17 -5.29
C ALA D 353 72.23 19.16 -4.20
N LEU D 354 71.53 20.28 -4.02
CA LEU D 354 70.52 20.44 -2.99
C LEU D 354 69.17 19.77 -3.22
N GLY D 355 68.70 19.82 -4.47
CA GLY D 355 67.42 19.22 -4.81
C GLY D 355 66.43 20.16 -5.49
N HIS D 356 65.49 19.60 -6.24
CA HIS D 356 64.52 20.41 -6.94
C HIS D 356 63.09 19.92 -6.71
N PRO D 357 62.56 20.14 -5.50
CA PRO D 357 61.20 19.74 -5.13
C PRO D 357 60.24 20.73 -5.78
N LEU D 358 60.13 20.62 -7.11
CA LEU D 358 59.29 21.47 -7.93
C LEU D 358 58.57 22.60 -7.23
N GLY D 359 57.29 22.38 -6.95
CA GLY D 359 56.49 23.40 -6.30
C GLY D 359 57.13 24.22 -5.19
N ALA D 360 58.09 23.67 -4.46
CA ALA D 360 58.70 24.40 -3.34
C ALA D 360 60.02 25.11 -3.67
N SER D 361 60.66 24.72 -4.76
CA SER D 361 61.94 25.30 -5.13
C SER D 361 61.93 26.84 -5.21
N GLY D 362 60.87 27.40 -5.78
CA GLY D 362 60.78 28.85 -5.88
C GLY D 362 61.01 29.51 -4.53
N ALA D 363 60.16 29.16 -3.57
CA ALA D 363 60.24 29.69 -2.23
C ALA D 363 61.52 29.25 -1.56
N ARG D 364 61.99 28.05 -1.88
CA ARG D 364 63.23 27.54 -1.28
C ARG D 364 64.42 28.44 -1.62
N ILE D 365 64.65 28.71 -2.91
CA ILE D 365 65.76 29.57 -3.29
C ILE D 365 65.62 31.01 -2.79
N LEU D 366 64.40 31.53 -2.70
CA LEU D 366 64.25 32.88 -2.18
C LEU D 366 64.72 32.91 -0.72
N THR D 367 64.43 31.82 0.01
CA THR D 367 64.83 31.73 1.41
C THR D 367 66.33 31.77 1.56
N THR D 368 67.03 30.97 0.77
CA THR D 368 68.49 30.90 0.82
C THR D 368 69.13 32.23 0.42
N LEU D 369 68.48 32.94 -0.51
CA LEU D 369 68.95 34.23 -1.01
C LEU D 369 68.87 35.29 0.08
N VAL D 370 67.67 35.46 0.62
CA VAL D 370 67.42 36.43 1.67
C VAL D 370 68.39 36.27 2.85
N HIS D 371 68.52 35.05 3.36
CA HIS D 371 69.41 34.82 4.49
C HIS D 371 70.86 35.14 4.19
N GLU D 372 71.34 34.74 3.01
CA GLU D 372 72.71 35.01 2.61
C GLU D 372 72.88 36.51 2.37
N MET D 373 71.85 37.17 1.83
CA MET D 373 71.91 38.60 1.58
C MET D 373 72.19 39.33 2.90
N ARG D 374 71.50 38.90 3.96
CA ARG D 374 71.64 39.52 5.27
C ARG D 374 73.00 39.31 5.92
N ARG D 375 73.55 38.10 5.84
CA ARG D 375 74.83 37.88 6.47
C ARG D 375 75.96 38.60 5.77
N ARG D 376 75.95 38.66 4.45
CA ARG D 376 77.04 39.36 3.76
C ARG D 376 76.62 40.79 3.37
N LYS D 377 75.52 41.25 3.97
CA LYS D 377 74.99 42.58 3.78
C LYS D 377 74.92 43.09 2.36
N VAL D 378 74.46 42.24 1.46
CA VAL D 378 74.33 42.63 0.06
C VAL D 378 73.09 43.50 -0.05
N GLN D 379 73.09 44.44 -1.00
CA GLN D 379 71.95 45.32 -1.16
C GLN D 379 70.89 44.80 -2.13
N PHE D 380 71.31 44.25 -3.26
CA PHE D 380 70.33 43.74 -4.23
C PHE D 380 70.53 42.29 -4.63
N GLY D 381 69.48 41.50 -4.49
CA GLY D 381 69.56 40.09 -4.85
C GLY D 381 68.51 39.72 -5.88
N LEU D 382 68.80 38.69 -6.66
CA LEU D 382 67.90 38.21 -7.69
C LEU D 382 67.60 36.70 -7.58
N ALA D 383 66.33 36.35 -7.64
CA ALA D 383 65.92 34.95 -7.58
C ALA D 383 65.13 34.68 -8.87
N THR D 384 65.58 33.73 -9.67
CA THR D 384 64.89 33.43 -10.92
C THR D 384 64.98 31.94 -11.31
N MET D 385 63.95 31.44 -12.00
CA MET D 385 63.91 30.04 -12.41
C MET D 385 63.37 29.81 -13.80
N CYS D 386 63.71 28.66 -14.38
CA CYS D 386 63.18 28.26 -15.68
C CYS D 386 61.88 27.51 -15.36
N ILE D 387 60.91 27.55 -16.25
CA ILE D 387 59.61 26.90 -16.03
C ILE D 387 59.18 25.97 -17.17
N GLY D 388 58.75 24.77 -16.79
CA GLY D 388 58.30 23.80 -17.77
C GLY D 388 57.35 24.33 -18.83
N VAL D 389 57.49 23.81 -20.04
CA VAL D 389 56.66 24.20 -21.17
C VAL D 389 56.89 25.65 -21.66
N GLY D 390 58.04 26.21 -21.30
CA GLY D 390 58.41 27.54 -21.77
C GLY D 390 58.10 28.82 -21.00
N GLN D 391 58.62 28.95 -19.79
CA GLN D 391 58.38 30.15 -19.00
C GLN D 391 59.57 30.49 -18.11
N GLY D 392 59.48 31.64 -17.45
CA GLY D 392 60.52 32.07 -16.56
C GLY D 392 59.93 33.08 -15.61
N ILE D 393 60.46 33.12 -14.39
CA ILE D 393 60.00 34.11 -13.43
C ILE D 393 61.20 34.62 -12.67
N ALA D 394 61.15 35.87 -12.24
CA ALA D 394 62.26 36.45 -11.49
C ALA D 394 61.69 37.46 -10.52
N VAL D 395 62.38 37.62 -9.39
CA VAL D 395 61.99 38.57 -8.35
C VAL D 395 63.22 39.30 -7.85
N VAL D 396 63.14 40.62 -7.79
CA VAL D 396 64.26 41.42 -7.31
C VAL D 396 64.00 41.85 -5.89
N VAL D 397 64.99 41.66 -5.03
CA VAL D 397 64.85 41.99 -3.62
C VAL D 397 65.97 42.91 -3.14
N GLU D 398 65.63 43.85 -2.25
CA GLU D 398 66.59 44.80 -1.70
C GLU D 398 66.78 44.53 -0.20
N GLY D 399 68.01 44.21 0.21
CA GLY D 399 68.25 43.94 1.61
C GLY D 399 68.02 45.11 2.57
N MET D 400 67.78 44.81 3.83
CA MET D 400 67.56 45.87 4.83
C MET D 400 67.97 45.44 6.24
N PRO E 2 -9.12 32.57 -10.10
CA PRO E 2 -9.33 31.65 -8.95
C PRO E 2 -10.46 32.18 -8.08
N GLU E 3 -11.72 32.06 -8.50
CA GLU E 3 -12.81 32.58 -7.68
C GLU E 3 -13.31 31.69 -6.56
N ALA E 4 -13.21 30.36 -6.72
CA ALA E 4 -13.67 29.46 -5.65
C ALA E 4 -12.50 28.79 -4.93
N TRP E 5 -12.19 29.27 -3.72
CA TRP E 5 -11.08 28.74 -2.92
C TRP E 5 -11.44 27.92 -1.69
N ILE E 6 -10.81 26.76 -1.57
CA ILE E 6 -11.00 25.87 -0.44
C ILE E 6 -10.00 26.30 0.65
N VAL E 7 -10.50 26.87 1.73
CA VAL E 7 -9.63 27.36 2.79
C VAL E 7 -9.56 26.46 4.03
N GLU E 8 -10.46 25.49 4.12
CA GLU E 8 -10.46 24.61 5.28
C GLU E 8 -11.18 23.31 4.98
N ALA E 9 -10.68 22.22 5.56
CA ALA E 9 -11.29 20.92 5.34
C ALA E 9 -11.16 20.08 6.60
N VAL E 10 -12.28 19.52 7.05
CA VAL E 10 -12.30 18.70 8.23
C VAL E 10 -13.24 17.53 8.04
N ARG E 11 -13.01 16.47 8.81
CA ARG E 11 -13.85 15.26 8.76
C ARG E 11 -13.79 14.54 10.10
N THR E 12 -14.89 13.90 10.47
CA THR E 12 -14.93 13.16 11.73
C THR E 12 -14.34 11.80 11.39
N PRO E 13 -13.87 11.07 12.39
CA PRO E 13 -13.33 9.76 12.00
C PRO E 13 -14.50 8.92 11.49
N ILE E 14 -14.19 7.86 10.74
CA ILE E 14 -15.23 7.00 10.20
C ILE E 14 -15.44 5.74 11.06
N GLY E 15 -16.65 5.59 11.60
CA GLY E 15 -16.95 4.44 12.45
C GLY E 15 -17.60 3.29 11.71
N LYS E 16 -17.52 2.10 12.29
CA LYS E 16 -18.11 0.91 11.68
C LYS E 16 -19.59 0.89 11.96
N HIS E 17 -20.34 0.14 11.16
CA HIS E 17 -21.78 0.04 11.35
C HIS E 17 -22.03 -0.43 12.77
N GLY E 18 -22.94 0.26 13.45
CA GLY E 18 -23.26 -0.07 14.82
C GLY E 18 -22.04 0.06 15.70
N GLY E 19 -21.04 0.77 15.19
CA GLY E 19 -19.80 0.94 15.91
C GLY E 19 -19.65 2.19 16.77
N ALA E 20 -18.42 2.65 16.86
CA ALA E 20 -18.05 3.81 17.66
C ALA E 20 -18.95 5.05 17.54
N LEU E 21 -19.55 5.29 16.38
CA LEU E 21 -20.39 6.46 16.24
C LEU E 21 -21.85 6.13 16.01
N ALA E 22 -22.23 4.88 16.30
CA ALA E 22 -23.60 4.45 16.11
C ALA E 22 -24.57 5.16 17.05
N SER E 23 -24.05 5.62 18.20
CA SER E 23 -24.88 6.30 19.18
C SER E 23 -25.11 7.75 18.80
N VAL E 24 -24.28 8.26 17.89
CA VAL E 24 -24.40 9.64 17.47
C VAL E 24 -25.37 9.80 16.31
N ARG E 25 -26.34 10.69 16.46
CA ARG E 25 -27.28 10.89 15.38
C ARG E 25 -26.70 11.76 14.28
N PRO E 26 -27.05 11.47 13.03
CA PRO E 26 -26.55 12.21 11.87
C PRO E 26 -26.60 13.74 11.98
N ASP E 27 -27.75 14.28 12.36
CA ASP E 27 -27.86 15.75 12.47
C ASP E 27 -26.83 16.30 13.47
N ASP E 28 -26.64 15.61 14.58
CA ASP E 28 -25.65 16.03 15.57
C ASP E 28 -24.24 15.83 15.02
N LEU E 29 -24.00 14.70 14.35
CA LEU E 29 -22.69 14.39 13.79
C LEU E 29 -22.28 15.46 12.78
N LEU E 30 -23.16 15.80 11.83
CA LEU E 30 -22.83 16.83 10.84
C LEU E 30 -22.54 18.16 11.51
N ALA E 31 -23.30 18.48 12.55
CA ALA E 31 -23.08 19.73 13.28
C ALA E 31 -21.64 19.80 13.78
N HIS E 32 -21.13 18.68 14.29
CA HIS E 32 -19.78 18.66 14.79
C HIS E 32 -18.78 19.06 13.73
N ALA E 33 -18.98 18.57 12.52
CA ALA E 33 -18.09 18.90 11.42
C ALA E 33 -18.23 20.38 11.08
N LEU E 34 -19.47 20.85 10.97
CA LEU E 34 -19.74 22.24 10.64
C LEU E 34 -19.11 23.15 11.66
N SER E 35 -19.33 22.85 12.94
CA SER E 35 -18.77 23.66 14.01
C SER E 35 -17.25 23.72 13.92
N VAL E 36 -16.63 22.54 13.85
CA VAL E 36 -15.19 22.43 13.78
C VAL E 36 -14.57 23.14 12.57
N LEU E 37 -15.22 23.04 11.42
CA LEU E 37 -14.73 23.69 10.20
C LEU E 37 -14.55 25.19 10.41
N VAL E 38 -15.58 25.82 10.94
CA VAL E 38 -15.57 27.25 11.18
C VAL E 38 -14.65 27.67 12.32
N ASP E 39 -14.77 27.01 13.46
CA ASP E 39 -13.94 27.38 14.59
C ASP E 39 -12.46 27.42 14.28
N ARG E 40 -11.95 26.47 13.52
CA ARG E 40 -10.52 26.51 13.23
C ARG E 40 -10.18 27.43 12.07
N SER E 41 -11.18 27.88 11.32
CA SER E 41 -10.94 28.75 10.16
C SER E 41 -10.74 30.22 10.49
N GLY E 42 -11.33 30.65 11.60
CA GLY E 42 -11.21 32.05 11.97
C GLY E 42 -12.17 32.89 11.16
N VAL E 43 -13.24 32.27 10.68
CA VAL E 43 -14.26 32.96 9.90
C VAL E 43 -15.53 32.84 10.72
N PRO E 44 -16.03 33.97 11.27
CA PRO E 44 -17.25 33.93 12.08
C PRO E 44 -18.40 33.27 11.35
N LYS E 45 -19.17 32.47 12.08
CA LYS E 45 -20.28 31.73 11.50
C LYS E 45 -21.23 32.62 10.72
N GLU E 46 -21.51 33.81 11.25
CA GLU E 46 -22.42 34.74 10.59
C GLU E 46 -21.99 35.11 9.17
N GLU E 47 -20.78 34.76 8.79
CA GLU E 47 -20.29 35.08 7.46
C GLU E 47 -20.69 34.05 6.40
N VAL E 48 -21.03 32.84 6.83
CA VAL E 48 -21.42 31.77 5.91
C VAL E 48 -22.76 32.14 5.26
N GLU E 49 -22.81 31.99 3.94
CA GLU E 49 -24.00 32.31 3.14
C GLU E 49 -25.02 31.18 3.05
N ASP E 50 -24.54 29.97 2.78
CA ASP E 50 -25.42 28.81 2.63
C ASP E 50 -24.59 27.58 2.93
N VAL E 51 -25.23 26.54 3.41
CA VAL E 51 -24.55 25.30 3.73
C VAL E 51 -25.10 24.12 2.93
N TYR E 52 -24.29 23.58 2.03
CA TYR E 52 -24.71 22.44 1.24
C TYR E 52 -24.22 21.18 1.92
N ALA E 53 -25.10 20.17 1.98
CA ALA E 53 -24.75 18.91 2.61
C ALA E 53 -25.31 17.74 1.82
N GLY E 54 -24.52 16.68 1.70
CA GLY E 54 -24.97 15.50 0.99
C GLY E 54 -25.45 14.44 1.97
N CYS E 55 -26.52 13.74 1.62
CA CYS E 55 -27.09 12.69 2.44
C CYS E 55 -27.92 11.70 1.59
N ALA E 56 -27.42 10.47 1.47
CA ALA E 56 -28.07 9.44 0.66
C ALA E 56 -29.45 8.99 1.14
N ASN E 57 -29.68 9.02 2.44
CA ASN E 57 -30.95 8.60 3.02
C ASN E 57 -31.41 9.65 4.00
N GLN E 58 -32.47 10.38 3.68
CA GLN E 58 -32.93 11.40 4.61
C GLN E 58 -34.25 11.01 5.23
N ALA E 59 -34.37 9.76 5.67
CA ALA E 59 -35.63 9.27 6.24
C ALA E 59 -35.70 9.20 7.76
N GLY E 60 -34.55 9.24 8.44
CA GLY E 60 -34.55 9.15 9.89
C GLY E 60 -34.20 10.43 10.63
N GLU E 61 -33.21 10.36 11.52
CA GLU E 61 -32.78 11.52 12.29
C GLU E 61 -32.19 12.59 11.38
N ASP E 62 -32.02 12.24 10.11
CA ASP E 62 -31.48 13.18 9.13
C ASP E 62 -32.58 13.73 8.22
N ASN E 63 -33.83 13.67 8.65
CA ASN E 63 -34.93 14.13 7.81
C ASN E 63 -35.13 15.64 7.74
N ARG E 64 -35.87 16.05 6.71
CA ARG E 64 -36.18 17.44 6.46
C ARG E 64 -35.03 18.45 6.38
N ASN E 65 -34.05 18.13 5.54
CA ASN E 65 -32.93 19.02 5.29
C ASN E 65 -31.93 19.08 6.44
N VAL E 66 -31.07 18.07 6.51
CA VAL E 66 -30.05 18.00 7.55
C VAL E 66 -29.16 19.22 7.59
N ALA E 67 -28.83 19.77 6.43
CA ALA E 67 -27.96 20.94 6.40
C ALA E 67 -28.51 22.02 7.32
N ARG E 68 -29.77 22.37 7.13
CA ARG E 68 -30.41 23.40 7.94
C ARG E 68 -30.41 23.04 9.44
N MET E 69 -30.82 21.81 9.72
CA MET E 69 -30.87 21.33 11.09
C MET E 69 -29.49 21.36 11.75
N ALA E 70 -28.52 20.76 11.06
CA ALA E 70 -27.14 20.67 11.55
C ALA E 70 -26.48 22.03 11.82
N LEU E 71 -26.68 22.99 10.92
CA LEU E 71 -26.08 24.31 11.12
C LEU E 71 -26.72 25.03 12.30
N LEU E 72 -28.03 24.87 12.48
CA LEU E 72 -28.72 25.50 13.60
C LEU E 72 -28.23 24.86 14.90
N LEU E 73 -28.07 23.54 14.89
CA LEU E 73 -27.60 22.81 16.06
C LEU E 73 -26.17 23.23 16.36
N ALA E 74 -25.39 23.47 15.31
CA ALA E 74 -23.98 23.84 15.45
C ALA E 74 -23.73 25.27 15.91
N GLY E 75 -24.81 25.95 16.30
CA GLY E 75 -24.68 27.30 16.79
C GLY E 75 -24.58 28.41 15.76
N PHE E 76 -24.79 28.10 14.49
CA PHE E 76 -24.72 29.14 13.47
C PHE E 76 -25.94 30.05 13.64
N PRO E 77 -25.81 31.35 13.28
CA PRO E 77 -26.91 32.28 13.40
C PRO E 77 -28.01 31.86 12.45
N VAL E 78 -29.22 32.29 12.74
CA VAL E 78 -30.38 31.94 11.94
C VAL E 78 -30.37 32.38 10.46
N GLU E 79 -29.50 33.34 10.11
CA GLU E 79 -29.41 33.86 8.74
C GLU E 79 -28.77 32.91 7.74
N VAL E 80 -27.90 32.02 8.22
CA VAL E 80 -27.22 31.08 7.32
C VAL E 80 -28.20 30.06 6.77
N ALA E 81 -28.29 29.98 5.45
CA ALA E 81 -29.19 29.04 4.80
C ALA E 81 -28.56 27.66 4.67
N GLY E 82 -29.37 26.69 4.26
CA GLY E 82 -28.87 25.34 4.10
C GLY E 82 -29.74 24.54 3.17
N CYS E 83 -29.14 23.54 2.52
CA CYS E 83 -29.84 22.67 1.60
C CYS E 83 -29.15 21.32 1.56
N THR E 84 -29.93 20.25 1.46
CA THR E 84 -29.34 18.93 1.43
C THR E 84 -29.44 18.31 0.03
N VAL E 85 -28.27 17.99 -0.51
CA VAL E 85 -28.14 17.42 -1.83
C VAL E 85 -28.06 15.90 -1.78
N ASN E 86 -28.60 15.24 -2.82
CA ASN E 86 -28.57 13.80 -2.86
C ASN E 86 -28.35 13.18 -4.23
N ARG E 87 -27.13 12.69 -4.44
CA ARG E 87 -26.77 12.02 -5.68
C ARG E 87 -26.07 10.77 -5.18
N LEU E 88 -26.72 10.12 -4.21
CA LEU E 88 -26.24 8.89 -3.58
C LEU E 88 -24.77 8.94 -3.15
N CYS E 89 -24.08 7.84 -3.42
CA CYS E 89 -22.67 7.69 -3.07
C CYS E 89 -21.88 8.98 -3.29
N GLY E 90 -22.19 9.69 -4.37
CA GLY E 90 -21.48 10.92 -4.65
C GLY E 90 -22.06 12.22 -4.14
N SER E 91 -23.01 12.13 -3.22
CA SER E 91 -23.63 13.34 -2.70
C SER E 91 -22.67 14.30 -1.98
N GLY E 92 -21.64 13.75 -1.36
CA GLY E 92 -20.68 14.58 -0.65
C GLY E 92 -19.92 15.53 -1.56
N LEU E 93 -19.56 15.07 -2.75
CA LEU E 93 -18.83 15.88 -3.70
C LEU E 93 -19.79 16.88 -4.35
N GLU E 94 -20.98 16.42 -4.71
CA GLU E 94 -21.99 17.27 -5.34
C GLU E 94 -22.21 18.52 -4.49
N ALA E 95 -22.12 18.37 -3.17
CA ALA E 95 -22.32 19.49 -2.27
C ALA E 95 -21.24 20.57 -2.45
N VAL E 96 -20.00 20.16 -2.60
CA VAL E 96 -18.90 21.10 -2.79
C VAL E 96 -19.05 21.78 -4.14
N ALA E 97 -19.35 20.99 -5.16
CA ALA E 97 -19.55 21.52 -6.50
C ALA E 97 -20.62 22.60 -6.44
N GLN E 98 -21.73 22.29 -5.77
CA GLN E 98 -22.85 23.20 -5.61
C GLN E 98 -22.37 24.51 -4.99
N ALA E 99 -21.49 24.41 -4.00
CA ALA E 99 -20.93 25.57 -3.32
C ALA E 99 -20.06 26.39 -4.27
N ALA E 100 -19.14 25.71 -4.93
CA ALA E 100 -18.26 26.39 -5.87
C ALA E 100 -19.07 27.12 -6.94
N ARG E 101 -20.05 26.44 -7.55
CA ARG E 101 -20.86 27.05 -8.61
C ARG E 101 -21.52 28.36 -8.16
N ALA E 102 -21.86 28.43 -6.88
CA ALA E 102 -22.49 29.61 -6.31
C ALA E 102 -21.46 30.74 -6.22
N ILE E 103 -20.28 30.42 -5.71
CA ILE E 103 -19.24 31.44 -5.61
C ILE E 103 -18.92 31.98 -7.01
N TRP E 104 -18.83 31.08 -8.00
CA TRP E 104 -18.54 31.48 -9.37
C TRP E 104 -19.63 32.41 -9.92
N ALA E 105 -20.86 32.20 -9.48
CA ALA E 105 -21.98 33.01 -9.94
C ALA E 105 -21.99 34.38 -9.29
N GLY E 106 -21.06 34.59 -8.36
CA GLY E 106 -20.95 35.87 -7.69
C GLY E 106 -22.07 36.20 -6.73
N GLU E 107 -22.61 35.18 -6.06
CA GLU E 107 -23.68 35.38 -5.09
C GLU E 107 -23.04 35.64 -3.74
N GLY E 108 -22.83 34.61 -2.95
CA GLY E 108 -22.18 34.82 -1.66
C GLY E 108 -20.67 34.78 -1.80
N LYS E 109 -19.96 35.01 -0.69
CA LYS E 109 -18.51 34.99 -0.70
C LYS E 109 -17.96 33.84 0.16
N VAL E 110 -18.83 33.26 0.98
CA VAL E 110 -18.45 32.16 1.87
C VAL E 110 -19.49 31.06 1.82
N TYR E 111 -19.06 29.84 1.51
CA TYR E 111 -19.98 28.71 1.44
C TYR E 111 -19.38 27.46 2.08
N ILE E 112 -20.25 26.52 2.44
CA ILE E 112 -19.82 25.26 3.02
C ILE E 112 -20.36 24.09 2.19
N GLY E 113 -19.48 23.15 1.86
CA GLY E 113 -19.86 21.98 1.12
C GLY E 113 -19.58 20.83 2.07
N SER E 114 -20.58 20.06 2.42
CA SER E 114 -20.34 18.95 3.35
C SER E 114 -21.23 17.75 3.09
N GLY E 115 -21.08 16.74 3.95
CA GLY E 115 -21.87 15.52 3.84
C GLY E 115 -21.89 14.72 5.12
N VAL E 116 -22.92 13.92 5.28
CA VAL E 116 -23.06 13.11 6.47
C VAL E 116 -23.84 11.85 6.12
N GLU E 117 -23.69 10.82 6.94
CA GLU E 117 -24.41 9.59 6.70
C GLU E 117 -24.24 8.74 7.95
N SER E 118 -25.35 8.31 8.53
CA SER E 118 -25.29 7.45 9.70
C SER E 118 -26.01 6.19 9.26
N MET E 119 -25.28 5.26 8.68
CA MET E 119 -25.87 4.01 8.20
C MET E 119 -26.32 3.13 9.36
N SER E 120 -25.81 3.43 10.55
CA SER E 120 -26.16 2.66 11.74
C SER E 120 -27.57 2.97 12.21
N ARG E 121 -27.94 4.25 12.14
CA ARG E 121 -29.24 4.69 12.58
C ARG E 121 -30.29 4.83 11.49
N ALA E 122 -29.98 4.38 10.28
CA ALA E 122 -30.95 4.47 9.20
C ALA E 122 -32.24 3.75 9.61
N PRO E 123 -33.38 4.45 9.60
CA PRO E 123 -34.68 3.88 9.98
C PRO E 123 -35.29 2.87 9.01
N TYR E 124 -36.50 2.41 9.34
CA TYR E 124 -37.25 1.49 8.50
C TYR E 124 -38.34 2.33 7.85
N ALA E 125 -38.69 2.03 6.59
CA ALA E 125 -39.74 2.77 5.91
C ALA E 125 -40.91 1.83 5.64
N VAL E 126 -42.12 2.26 6.00
CA VAL E 126 -43.31 1.44 5.81
C VAL E 126 -44.29 2.16 4.91
N PRO E 127 -44.84 1.45 3.92
CA PRO E 127 -45.81 1.99 2.95
C PRO E 127 -47.13 2.42 3.56
N LYS E 128 -47.81 3.34 2.86
CA LYS E 128 -49.11 3.83 3.31
C LYS E 128 -50.21 2.92 2.75
N PRO E 129 -51.24 2.69 3.54
CA PRO E 129 -52.34 1.83 3.10
C PRO E 129 -52.99 2.60 1.98
N GLU E 130 -53.64 1.91 1.05
CA GLU E 130 -54.32 2.60 -0.03
C GLU E 130 -55.80 2.32 0.05
N ARG E 131 -56.17 1.31 0.84
CA ARG E 131 -57.56 0.91 1.02
C ARG E 131 -57.96 0.96 2.49
N GLY E 132 -59.26 0.86 2.74
CA GLY E 132 -59.80 0.91 4.09
C GLY E 132 -59.23 -0.08 5.08
N PHE E 133 -59.73 -1.30 5.07
CA PHE E 133 -59.22 -2.30 5.98
C PHE E 133 -58.46 -3.29 5.13
N PRO E 134 -57.18 -3.01 4.88
CA PRO E 134 -56.34 -3.89 4.08
C PRO E 134 -56.27 -5.33 4.56
N THR E 135 -55.55 -6.12 3.76
CA THR E 135 -55.31 -7.54 4.00
C THR E 135 -54.02 -7.90 3.30
N GLY E 136 -53.14 -8.62 4.00
CA GLY E 136 -51.87 -9.00 3.40
C GLY E 136 -50.67 -8.47 4.16
N ASN E 137 -49.57 -9.22 4.14
CA ASN E 137 -48.34 -8.83 4.83
C ASN E 137 -47.73 -7.62 4.15
N LEU E 138 -47.09 -6.78 4.95
CA LEU E 138 -46.43 -5.59 4.47
C LEU E 138 -44.93 -5.73 4.73
N VAL E 139 -44.12 -4.88 4.12
CA VAL E 139 -42.68 -4.95 4.34
C VAL E 139 -42.13 -3.69 5.00
N MET E 140 -41.20 -3.88 5.93
CA MET E 140 -40.55 -2.77 6.59
C MET E 140 -39.17 -2.72 5.94
N TYR E 141 -38.96 -1.74 5.08
CA TYR E 141 -37.68 -1.64 4.41
C TYR E 141 -36.61 -1.00 5.28
N ASP E 142 -35.43 -1.62 5.31
CA ASP E 142 -34.29 -1.10 6.05
C ASP E 142 -33.56 -0.09 5.12
N THR E 143 -33.69 1.20 5.43
CA THR E 143 -33.07 2.24 4.62
C THR E 143 -31.55 2.25 4.64
N THR E 144 -30.96 1.31 5.38
CA THR E 144 -29.50 1.18 5.49
C THR E 144 -29.02 0.51 4.21
N LEU E 145 -29.85 -0.37 3.69
CA LEU E 145 -29.51 -1.12 2.48
C LEU E 145 -29.80 -0.35 1.19
N GLY E 146 -30.10 -1.08 0.11
CA GLY E 146 -30.33 -0.44 -1.16
C GLY E 146 -31.75 -0.37 -1.70
N TRP E 147 -32.00 -1.10 -2.79
CA TRP E 147 -33.30 -1.10 -3.41
C TRP E 147 -34.47 -1.33 -2.47
N ARG E 148 -35.47 -0.45 -2.57
CA ARG E 148 -36.69 -0.53 -1.77
C ARG E 148 -37.84 0.17 -2.49
N PHE E 149 -39.09 -0.18 -2.13
CA PHE E 149 -40.26 0.39 -2.77
C PHE E 149 -40.02 0.29 -4.26
N VAL E 150 -39.42 -0.81 -4.70
CA VAL E 150 -39.10 -1.00 -6.11
C VAL E 150 -40.24 -0.77 -7.08
N ASN E 151 -39.94 -0.10 -8.17
CA ASN E 151 -40.92 0.17 -9.20
C ASN E 151 -40.85 -0.97 -10.22
N PRO E 152 -41.98 -1.63 -10.48
CA PRO E 152 -41.97 -2.73 -11.44
C PRO E 152 -41.34 -2.29 -12.76
N LYS E 153 -41.78 -1.14 -13.25
CA LYS E 153 -41.29 -0.59 -14.50
C LYS E 153 -39.78 -0.45 -14.47
N MET E 154 -39.24 -0.16 -13.30
CA MET E 154 -37.81 0.00 -13.13
C MET E 154 -37.20 -1.37 -13.29
N GLN E 155 -37.80 -2.36 -12.64
CA GLN E 155 -37.32 -3.74 -12.68
C GLN E 155 -37.23 -4.25 -14.11
N ALA E 156 -38.21 -3.88 -14.92
CA ALA E 156 -38.29 -4.32 -16.31
C ALA E 156 -37.26 -3.69 -17.25
N LEU E 157 -37.06 -2.37 -17.16
CA LEU E 157 -36.11 -1.66 -18.03
C LEU E 157 -34.65 -1.98 -17.70
N TYR E 158 -34.25 -1.77 -16.45
CA TYR E 158 -32.90 -2.08 -15.97
C TYR E 158 -33.19 -2.94 -14.75
N GLY E 159 -32.25 -3.75 -14.28
CA GLY E 159 -32.59 -4.56 -13.12
C GLY E 159 -32.59 -3.77 -11.81
N THR E 160 -32.54 -4.50 -10.71
CA THR E 160 -32.45 -3.87 -9.41
C THR E 160 -31.30 -4.59 -8.71
N GLU E 161 -30.26 -4.88 -9.49
CA GLU E 161 -29.10 -5.56 -8.95
C GLU E 161 -28.45 -4.67 -7.89
N SER E 162 -27.95 -5.30 -6.84
CA SER E 162 -27.32 -4.59 -5.76
C SER E 162 -25.95 -4.09 -6.16
N MET E 163 -25.46 -3.08 -5.44
CA MET E 163 -24.15 -2.52 -5.74
C MET E 163 -23.17 -3.67 -5.91
N GLY E 164 -23.15 -4.55 -4.91
CA GLY E 164 -22.25 -5.68 -4.93
C GLY E 164 -22.31 -6.49 -6.21
N GLU E 165 -23.51 -6.62 -6.75
CA GLU E 165 -23.67 -7.37 -7.98
C GLU E 165 -23.09 -6.62 -9.17
N THR E 166 -23.22 -5.31 -9.19
CA THR E 166 -22.68 -4.52 -10.30
C THR E 166 -21.17 -4.65 -10.26
N ALA E 167 -20.63 -4.84 -9.06
CA ALA E 167 -19.19 -5.00 -8.89
C ALA E 167 -18.77 -6.28 -9.60
N GLU E 168 -19.57 -7.33 -9.41
CA GLU E 168 -19.33 -8.64 -10.06
C GLU E 168 -19.43 -8.48 -11.56
N ASN E 169 -20.48 -7.79 -12.03
CA ASN E 169 -20.69 -7.58 -13.46
C ASN E 169 -19.42 -6.97 -14.04
N LEU E 170 -18.81 -6.06 -13.29
CA LEU E 170 -17.58 -5.40 -13.74
C LEU E 170 -16.40 -6.37 -13.71
N ALA E 171 -16.24 -7.09 -12.62
CA ALA E 171 -15.16 -8.06 -12.49
C ALA E 171 -15.18 -9.00 -13.70
N GLU E 172 -16.38 -9.40 -14.12
CA GLU E 172 -16.51 -10.29 -15.28
C GLU E 172 -16.16 -9.59 -16.58
N MET E 173 -16.77 -8.44 -16.81
CA MET E 173 -16.54 -7.66 -18.02
C MET E 173 -15.05 -7.34 -18.25
N TYR E 174 -14.34 -6.97 -17.19
CA TYR E 174 -12.94 -6.62 -17.32
C TYR E 174 -12.01 -7.78 -16.99
N GLY E 175 -12.56 -8.88 -16.50
CA GLY E 175 -11.74 -10.02 -16.15
C GLY E 175 -10.79 -9.71 -15.02
N ILE E 176 -11.30 -9.10 -13.97
CA ILE E 176 -10.49 -8.75 -12.81
C ILE E 176 -10.56 -9.90 -11.81
N ARG E 177 -9.49 -10.70 -11.77
CA ARG E 177 -9.42 -11.87 -10.88
C ARG E 177 -9.54 -11.56 -9.40
N ARG E 178 -9.83 -12.61 -8.64
CA ARG E 178 -9.98 -12.52 -7.20
C ARG E 178 -8.66 -12.11 -6.54
N GLU E 179 -7.58 -12.78 -6.93
CA GLU E 179 -6.26 -12.49 -6.37
C GLU E 179 -5.89 -11.02 -6.52
N GLU E 180 -6.29 -10.43 -7.63
CA GLU E 180 -6.00 -9.02 -7.89
C GLU E 180 -6.83 -8.11 -6.97
N GLN E 181 -8.11 -8.44 -6.82
CA GLN E 181 -9.00 -7.65 -5.97
C GLN E 181 -8.55 -7.65 -4.51
N ASP E 182 -8.18 -8.82 -3.99
CA ASP E 182 -7.75 -8.90 -2.59
C ASP E 182 -6.41 -8.20 -2.41
N ARG E 183 -5.57 -8.22 -3.44
CA ARG E 183 -4.28 -7.55 -3.35
C ARG E 183 -4.56 -6.08 -3.20
N PHE E 184 -5.47 -5.59 -4.03
CA PHE E 184 -5.85 -4.19 -4.01
C PHE E 184 -6.35 -3.80 -2.62
N ALA E 185 -7.22 -4.64 -2.07
CA ALA E 185 -7.79 -4.45 -0.74
C ALA E 185 -6.71 -4.45 0.34
N LEU E 186 -5.73 -5.33 0.21
CA LEU E 186 -4.64 -5.38 1.19
C LEU E 186 -3.91 -4.04 1.23
N LEU E 187 -3.69 -3.44 0.05
CA LEU E 187 -2.98 -2.17 0.00
C LEU E 187 -3.74 -1.03 0.65
N SER E 188 -5.05 -0.98 0.43
CA SER E 188 -5.84 0.10 1.03
C SER E 188 -5.60 0.11 2.54
N HIS E 189 -5.59 -1.07 3.14
CA HIS E 189 -5.39 -1.22 4.59
C HIS E 189 -4.00 -0.78 5.01
N GLN E 190 -3.00 -1.30 4.32
CA GLN E 190 -1.63 -0.97 4.65
C GLN E 190 -1.39 0.53 4.58
N LYS E 191 -1.83 1.17 3.50
CA LYS E 191 -1.64 2.62 3.32
C LYS E 191 -2.36 3.41 4.41
N ALA E 192 -3.56 2.96 4.76
CA ALA E 192 -4.36 3.62 5.79
C ALA E 192 -3.69 3.47 7.15
N VAL E 193 -3.29 2.25 7.49
CA VAL E 193 -2.65 2.00 8.78
C VAL E 193 -1.40 2.84 8.90
N ARG E 194 -0.67 2.92 7.79
CA ARG E 194 0.57 3.68 7.72
C ARG E 194 0.31 5.16 7.89
N ALA E 195 -0.62 5.68 7.10
CA ALA E 195 -0.96 7.11 7.18
C ALA E 195 -1.37 7.57 8.59
N TRP E 196 -2.13 6.74 9.31
CA TRP E 196 -2.55 7.11 10.66
C TRP E 196 -1.38 7.11 11.59
N GLU E 197 -0.70 5.99 11.58
CA GLU E 197 0.48 5.72 12.39
C GLU E 197 1.56 6.80 12.23
N GLU E 198 1.67 7.34 11.02
CA GLU E 198 2.65 8.38 10.72
C GLU E 198 2.09 9.78 10.85
N GLY E 199 0.85 9.88 11.33
CA GLY E 199 0.20 11.16 11.56
C GLY E 199 -0.32 12.00 10.42
N ARG E 200 -0.50 11.44 9.24
CA ARG E 200 -1.00 12.23 8.12
C ARG E 200 -2.49 12.57 8.27
N PHE E 201 -3.19 11.91 9.18
CA PHE E 201 -4.61 12.21 9.36
C PHE E 201 -4.86 13.20 10.48
N GLN E 202 -3.82 13.49 11.25
CA GLN E 202 -3.90 14.42 12.38
C GLN E 202 -4.58 15.76 12.07
N ASP E 203 -4.19 16.38 10.96
CA ASP E 203 -4.75 17.68 10.59
C ASP E 203 -6.23 17.68 10.22
N GLU E 204 -6.60 16.78 9.32
CA GLU E 204 -7.96 16.72 8.83
C GLU E 204 -9.02 16.14 9.76
N VAL E 205 -8.61 15.25 10.66
CA VAL E 205 -9.57 14.63 11.57
C VAL E 205 -9.86 15.38 12.87
N VAL E 206 -11.14 15.49 13.20
CA VAL E 206 -11.59 16.15 14.42
C VAL E 206 -12.34 15.14 15.26
N PRO E 207 -11.85 14.85 16.49
CA PRO E 207 -12.48 13.89 17.39
C PRO E 207 -13.94 14.20 17.67
N VAL E 208 -14.72 13.14 17.87
CA VAL E 208 -16.13 13.30 18.16
C VAL E 208 -16.40 12.72 19.54
N PRO E 209 -16.98 13.51 20.45
CA PRO E 209 -17.27 13.02 21.79
C PRO E 209 -18.52 12.14 21.78
N VAL E 210 -18.41 10.94 22.32
CA VAL E 210 -19.53 10.01 22.38
C VAL E 210 -19.92 9.78 23.83
N LYS E 211 -21.21 9.85 24.13
CA LYS E 211 -21.65 9.64 25.49
C LYS E 211 -22.01 8.18 25.75
N ARG E 212 -21.23 7.54 26.62
CA ARG E 212 -21.49 6.16 26.97
C ARG E 212 -22.03 6.07 28.39
N GLY E 213 -23.35 6.12 28.49
CA GLY E 213 -24.00 6.07 29.78
C GLY E 213 -23.85 7.41 30.47
N LYS E 214 -22.95 7.46 31.45
CA LYS E 214 -22.71 8.67 32.24
C LYS E 214 -21.50 9.49 31.77
N GLU E 215 -20.44 8.80 31.35
CA GLU E 215 -19.21 9.47 30.91
C GLU E 215 -18.96 9.49 29.41
N GLU E 216 -18.27 10.54 28.99
CA GLU E 216 -17.92 10.74 27.58
C GLU E 216 -16.61 10.07 27.17
N ILE E 217 -16.59 9.62 25.92
CA ILE E 217 -15.42 8.98 25.33
C ILE E 217 -15.15 9.82 24.11
N LEU E 218 -13.89 9.87 23.71
CA LEU E 218 -13.52 10.65 22.55
C LEU E 218 -13.06 9.76 21.39
N VAL E 219 -13.90 9.58 20.39
CA VAL E 219 -13.55 8.77 19.23
C VAL E 219 -12.67 9.69 18.38
N GLU E 220 -11.44 9.27 18.11
CA GLU E 220 -10.54 10.13 17.34
C GLU E 220 -9.74 9.43 16.26
N GLN E 221 -10.20 8.26 15.83
CA GLN E 221 -9.51 7.51 14.79
C GLN E 221 -10.47 6.61 14.03
N ASP E 222 -10.25 6.47 12.72
CA ASP E 222 -11.11 5.61 11.92
C ASP E 222 -10.96 4.19 12.47
N GLU E 223 -12.07 3.55 12.81
CA GLU E 223 -11.95 2.20 13.35
C GLU E 223 -12.00 1.12 12.26
N GLY E 224 -11.99 1.55 11.00
CA GLY E 224 -12.02 0.60 9.92
C GLY E 224 -10.72 -0.15 9.64
N PRO E 225 -9.61 0.55 9.34
CA PRO E 225 -8.31 -0.09 9.05
C PRO E 225 -7.82 -1.13 10.04
N ARG E 226 -7.34 -2.25 9.53
CA ARG E 226 -6.83 -3.34 10.36
C ARG E 226 -5.36 -3.65 10.06
N ARG E 227 -4.52 -3.55 11.09
CA ARG E 227 -3.11 -3.82 10.95
C ARG E 227 -2.89 -5.29 10.57
N ASP E 228 -3.72 -6.17 11.13
CA ASP E 228 -3.59 -7.61 10.88
C ASP E 228 -4.17 -8.13 9.57
N THR E 229 -4.60 -7.24 8.68
CA THR E 229 -5.17 -7.70 7.41
C THR E 229 -4.06 -8.43 6.67
N SER E 230 -4.37 -9.62 6.18
CA SER E 230 -3.39 -10.43 5.45
C SER E 230 -3.95 -10.90 4.12
N LEU E 231 -3.06 -11.25 3.21
CA LEU E 231 -3.48 -11.70 1.90
C LEU E 231 -4.11 -13.09 1.97
N GLU E 232 -3.82 -13.83 3.03
CA GLU E 232 -4.39 -15.17 3.21
C GLU E 232 -5.80 -15.11 3.74
N LYS E 233 -5.99 -14.36 4.82
CA LYS E 233 -7.31 -14.24 5.42
C LYS E 233 -8.29 -13.73 4.35
N LEU E 234 -7.83 -12.75 3.58
CA LEU E 234 -8.63 -12.12 2.52
C LEU E 234 -9.07 -13.12 1.44
N ALA E 235 -8.24 -14.13 1.21
CA ALA E 235 -8.53 -15.15 0.21
C ALA E 235 -9.45 -16.23 0.76
N ALA E 236 -9.61 -16.28 2.07
CA ALA E 236 -10.45 -17.30 2.68
C ALA E 236 -11.93 -16.90 2.75
N LEU E 237 -12.24 -15.63 2.52
CA LEU E 237 -13.62 -15.17 2.57
C LEU E 237 -14.37 -15.71 1.36
N ARG E 238 -15.67 -15.99 1.53
CA ARG E 238 -16.47 -16.51 0.44
C ARG E 238 -17.18 -15.37 -0.32
N PRO E 239 -17.51 -15.61 -1.61
CA PRO E 239 -18.18 -14.57 -2.38
C PRO E 239 -19.46 -14.19 -1.64
N VAL E 240 -19.88 -12.94 -1.77
CA VAL E 240 -21.07 -12.48 -1.05
C VAL E 240 -22.23 -12.06 -1.93
N PHE E 241 -21.97 -11.87 -3.21
CA PHE E 241 -23.01 -11.41 -4.10
C PHE E 241 -23.37 -12.35 -5.23
N ARG E 242 -22.48 -13.28 -5.56
CA ARG E 242 -22.73 -14.22 -6.65
C ARG E 242 -21.99 -15.52 -6.39
N GLU E 243 -22.75 -16.61 -6.26
CA GLU E 243 -22.15 -17.91 -6.00
C GLU E 243 -21.07 -18.23 -7.04
N GLY E 244 -19.90 -18.62 -6.55
CA GLY E 244 -18.80 -18.89 -7.46
C GLY E 244 -18.26 -17.57 -7.96
N GLY E 245 -18.59 -16.50 -7.24
CA GLY E 245 -18.16 -15.16 -7.62
C GLY E 245 -16.77 -14.76 -7.16
N THR E 246 -16.55 -13.45 -7.09
CA THR E 246 -15.26 -12.89 -6.71
C THR E 246 -15.27 -11.78 -5.66
N VAL E 247 -16.37 -11.01 -5.56
CA VAL E 247 -16.44 -9.94 -4.57
C VAL E 247 -16.79 -10.48 -3.19
N THR E 248 -15.92 -10.21 -2.22
CA THR E 248 -16.12 -10.68 -0.85
C THR E 248 -16.29 -9.49 0.07
N ALA E 249 -16.62 -9.77 1.33
CA ALA E 249 -16.81 -8.71 2.31
C ALA E 249 -15.49 -8.01 2.55
N GLY E 250 -14.40 -8.74 2.25
CA GLY E 250 -13.07 -8.21 2.45
C GLY E 250 -12.50 -7.32 1.36
N ASN E 251 -12.97 -7.49 0.12
CA ASN E 251 -12.49 -6.65 -0.96
C ASN E 251 -13.56 -5.67 -1.45
N SER E 252 -14.40 -5.25 -0.52
CA SER E 252 -15.46 -4.29 -0.76
C SER E 252 -15.60 -3.39 0.49
N SER E 253 -16.09 -2.17 0.30
CA SER E 253 -16.21 -1.23 1.41
C SER E 253 -17.30 -1.66 2.37
N PRO E 254 -17.22 -1.21 3.64
CA PRO E 254 -18.23 -1.55 4.66
C PRO E 254 -19.34 -0.49 4.73
N LEU E 255 -20.21 -0.61 5.73
CA LEU E 255 -21.27 0.36 5.94
C LEU E 255 -20.72 1.16 7.13
N ASN E 256 -20.72 2.48 7.05
CA ASN E 256 -20.16 3.23 8.17
C ASN E 256 -20.90 4.51 8.48
N ASP E 257 -20.47 5.17 9.55
CA ASP E 257 -21.05 6.44 9.97
C ASP E 257 -19.96 7.45 9.80
N GLY E 258 -20.32 8.70 9.60
CA GLY E 258 -19.31 9.73 9.43
C GLY E 258 -19.82 11.02 8.82
N ALA E 259 -19.00 12.06 8.90
CA ALA E 259 -19.36 13.36 8.35
C ALA E 259 -18.11 14.12 7.95
N ALA E 260 -18.25 15.04 7.02
CA ALA E 260 -17.12 15.83 6.56
C ALA E 260 -17.60 17.16 5.99
N ALA E 261 -16.77 18.20 6.12
CA ALA E 261 -17.16 19.50 5.60
C ALA E 261 -15.95 20.31 5.15
N VAL E 262 -16.11 21.06 4.07
CA VAL E 262 -15.05 21.88 3.54
C VAL E 262 -15.60 23.30 3.42
N LEU E 263 -14.78 24.27 3.80
CA LEU E 263 -15.17 25.67 3.74
C LEU E 263 -14.60 26.33 2.48
N LEU E 264 -15.47 26.87 1.63
CA LEU E 264 -15.04 27.53 0.40
C LEU E 264 -15.37 29.02 0.44
N VAL E 265 -14.44 29.83 -0.04
CA VAL E 265 -14.64 31.28 -0.06
C VAL E 265 -14.16 31.86 -1.39
N SER E 266 -14.71 33.02 -1.76
CA SER E 266 -14.31 33.68 -3.00
C SER E 266 -12.88 34.21 -2.82
N ASP E 267 -12.10 34.18 -3.90
CA ASP E 267 -10.72 34.65 -3.82
C ASP E 267 -10.58 36.06 -3.27
N ASP E 268 -11.47 36.97 -3.66
CA ASP E 268 -11.41 38.34 -3.16
C ASP E 268 -11.65 38.38 -1.64
N TYR E 269 -12.55 37.55 -1.16
CA TYR E 269 -12.84 37.50 0.26
C TYR E 269 -11.62 36.97 0.97
N ALA E 270 -11.03 35.91 0.40
CA ALA E 270 -9.85 35.31 0.99
C ALA E 270 -8.77 36.36 1.18
N LYS E 271 -8.52 37.14 0.13
CA LYS E 271 -7.50 38.17 0.18
C LYS E 271 -7.79 39.23 1.24
N ALA E 272 -9.03 39.71 1.28
CA ALA E 272 -9.41 40.74 2.25
C ALA E 272 -9.39 40.28 3.70
N HIS E 273 -9.38 38.97 3.94
CA HIS E 273 -9.37 38.45 5.31
C HIS E 273 -8.12 37.62 5.64
N GLY E 274 -7.15 37.60 4.73
CA GLY E 274 -5.94 36.86 4.96
C GLY E 274 -6.09 35.36 5.15
N LEU E 275 -7.00 34.75 4.39
CA LEU E 275 -7.22 33.31 4.50
C LEU E 275 -6.26 32.59 3.55
N ARG E 276 -5.47 31.68 4.09
CA ARG E 276 -4.53 30.99 3.23
C ARG E 276 -5.24 29.83 2.53
N PRO E 277 -5.19 29.82 1.20
CA PRO E 277 -5.81 28.79 0.35
C PRO E 277 -5.18 27.44 0.52
N LEU E 278 -6.00 26.40 0.44
CA LEU E 278 -5.52 25.04 0.56
C LEU E 278 -5.55 24.48 -0.86
N ALA E 279 -6.46 25.00 -1.67
CA ALA E 279 -6.60 24.59 -3.05
C ALA E 279 -7.66 25.43 -3.71
N ARG E 280 -7.81 25.27 -5.02
CA ARG E 280 -8.79 26.02 -5.78
C ARG E 280 -9.59 25.05 -6.65
N VAL E 281 -10.89 25.29 -6.76
CA VAL E 281 -11.73 24.42 -7.57
C VAL E 281 -11.56 24.73 -9.06
N ARG E 282 -10.93 23.81 -9.78
CA ARG E 282 -10.69 23.99 -11.21
C ARG E 282 -11.89 23.68 -12.08
N ALA E 283 -12.34 22.44 -12.06
CA ALA E 283 -13.46 22.04 -12.88
C ALA E 283 -14.28 20.90 -12.30
N ILE E 284 -15.56 20.86 -12.66
CA ILE E 284 -16.45 19.83 -12.16
C ILE E 284 -17.18 19.13 -13.31
N ALA E 285 -17.51 17.87 -13.10
CA ALA E 285 -18.23 17.14 -14.13
C ALA E 285 -19.02 15.98 -13.56
N VAL E 286 -20.16 15.72 -14.17
CA VAL E 286 -21.02 14.64 -13.75
C VAL E 286 -21.38 13.86 -15.02
N ALA E 287 -21.54 12.55 -14.90
CA ALA E 287 -21.87 11.72 -16.06
C ALA E 287 -22.61 10.46 -15.64
N GLY E 288 -23.45 9.96 -16.54
CA GLY E 288 -24.21 8.76 -16.25
C GLY E 288 -23.68 7.57 -17.04
N VAL E 289 -23.87 6.39 -16.47
CA VAL E 289 -23.44 5.16 -17.10
C VAL E 289 -24.53 4.14 -16.84
N PRO E 290 -24.55 3.04 -17.59
CA PRO E 290 -25.58 2.01 -17.38
C PRO E 290 -25.59 1.45 -15.96
N PRO E 291 -26.77 1.33 -15.36
CA PRO E 291 -26.96 0.82 -13.99
C PRO E 291 -26.21 -0.47 -13.65
N ARG E 292 -26.23 -1.44 -14.56
CA ARG E 292 -25.57 -2.69 -14.26
C ARG E 292 -24.07 -2.64 -14.03
N ILE E 293 -23.40 -1.58 -14.46
CA ILE E 293 -21.96 -1.45 -14.22
C ILE E 293 -21.63 -0.05 -13.73
N MET E 294 -22.45 0.47 -12.82
CA MET E 294 -22.28 1.80 -12.27
C MET E 294 -20.87 2.02 -11.75
N GLY E 295 -20.16 0.93 -11.50
CA GLY E 295 -18.80 1.06 -11.01
C GLY E 295 -17.90 1.96 -11.83
N ILE E 296 -18.02 1.96 -13.16
CA ILE E 296 -17.14 2.79 -14.00
C ILE E 296 -17.46 4.27 -14.10
N GLY E 297 -18.49 4.71 -13.40
CA GLY E 297 -18.86 6.13 -13.44
C GLY E 297 -17.68 7.10 -13.51
N PRO E 298 -16.66 6.93 -12.66
CA PRO E 298 -15.51 7.84 -12.67
C PRO E 298 -14.86 8.08 -14.03
N VAL E 299 -14.91 7.08 -14.90
CA VAL E 299 -14.28 7.22 -16.21
C VAL E 299 -14.79 8.40 -17.06
N PRO E 300 -16.06 8.38 -17.49
CA PRO E 300 -16.54 9.51 -18.30
C PRO E 300 -16.60 10.83 -17.54
N ALA E 301 -16.71 10.75 -16.22
CA ALA E 301 -16.77 11.96 -15.40
C ALA E 301 -15.39 12.59 -15.29
N THR E 302 -14.37 11.77 -15.06
CA THR E 302 -13.03 12.32 -14.96
C THR E 302 -12.57 12.91 -16.28
N ARG E 303 -12.94 12.28 -17.39
CA ARG E 303 -12.49 12.81 -18.65
C ARG E 303 -13.20 14.14 -18.96
N LYS E 304 -14.47 14.26 -18.57
CA LYS E 304 -15.22 15.49 -18.79
C LYS E 304 -14.63 16.59 -17.91
N ALA E 305 -14.25 16.23 -16.70
CA ALA E 305 -13.70 17.22 -15.79
C ALA E 305 -12.34 17.71 -16.29
N LEU E 306 -11.45 16.77 -16.58
CA LEU E 306 -10.12 17.13 -17.07
C LEU E 306 -10.21 18.05 -18.28
N GLU E 307 -11.09 17.70 -19.21
CA GLU E 307 -11.27 18.47 -20.43
C GLU E 307 -11.69 19.89 -20.07
N ARG E 308 -12.61 20.02 -19.13
CA ARG E 308 -13.08 21.35 -18.73
C ARG E 308 -12.00 22.14 -18.01
N ALA E 309 -11.03 21.45 -17.43
CA ALA E 309 -9.96 22.15 -16.74
C ALA E 309 -8.77 22.31 -17.66
N GLY E 310 -8.91 21.85 -18.91
CA GLY E 310 -7.82 21.94 -19.86
C GLY E 310 -6.58 21.19 -19.41
N LEU E 311 -6.78 20.01 -18.81
CA LEU E 311 -5.66 19.22 -18.33
C LEU E 311 -5.73 17.81 -18.91
N SER E 312 -4.63 17.08 -18.78
CA SER E 312 -4.52 15.70 -19.26
C SER E 312 -4.35 14.84 -18.02
N PHE E 313 -4.78 13.59 -18.07
CA PHE E 313 -4.66 12.74 -16.90
C PHE E 313 -3.25 12.75 -16.33
N SER E 314 -2.26 12.85 -17.22
CA SER E 314 -0.85 12.86 -16.81
C SER E 314 -0.42 14.09 -15.99
N ASP E 315 -1.23 15.14 -16.01
CA ASP E 315 -0.95 16.37 -15.27
C ASP E 315 -1.36 16.20 -13.80
N LEU E 316 -2.16 15.18 -13.51
CA LEU E 316 -2.63 14.91 -12.15
C LEU E 316 -1.50 14.40 -11.25
N GLY E 317 -1.33 15.04 -10.10
CA GLY E 317 -0.29 14.64 -9.17
C GLY E 317 -0.76 13.82 -7.99
N LEU E 318 -2.07 13.72 -7.85
CA LEU E 318 -2.66 12.96 -6.76
C LEU E 318 -4.09 12.56 -7.15
N ILE E 319 -4.43 11.31 -6.96
CA ILE E 319 -5.76 10.85 -7.33
C ILE E 319 -6.52 10.15 -6.23
N GLU E 320 -7.70 10.66 -5.94
CA GLU E 320 -8.59 10.07 -4.94
C GLU E 320 -9.74 9.41 -5.67
N LEU E 321 -9.67 8.09 -5.77
CA LEU E 321 -10.70 7.30 -6.42
C LEU E 321 -11.37 6.50 -5.31
N ASN E 322 -12.60 6.89 -4.96
CA ASN E 322 -13.35 6.22 -3.90
C ASN E 322 -13.42 4.73 -4.16
N GLU E 323 -13.03 3.94 -3.16
CA GLU E 323 -13.04 2.48 -3.28
C GLU E 323 -14.34 1.85 -2.83
N ALA E 324 -15.31 1.75 -3.73
CA ALA E 324 -16.60 1.15 -3.42
C ALA E 324 -16.46 -0.37 -3.40
N PHE E 325 -15.66 -0.87 -4.34
CA PHE E 325 -15.40 -2.30 -4.48
C PHE E 325 -14.06 -2.45 -5.18
N ALA E 326 -13.24 -3.37 -4.70
CA ALA E 326 -11.94 -3.57 -5.33
C ALA E 326 -12.15 -3.82 -6.82
N ALA E 327 -13.08 -4.69 -7.14
CA ALA E 327 -13.36 -5.01 -8.52
C ALA E 327 -13.71 -3.75 -9.31
N GLN E 328 -14.56 -2.90 -8.74
CA GLN E 328 -14.97 -1.68 -9.44
C GLN E 328 -13.79 -0.73 -9.61
N ALA E 329 -13.02 -0.52 -8.55
CA ALA E 329 -11.88 0.37 -8.64
C ALA E 329 -10.89 -0.09 -9.71
N LEU E 330 -10.59 -1.38 -9.71
CA LEU E 330 -9.65 -1.94 -10.66
C LEU E 330 -10.15 -1.79 -12.10
N ALA E 331 -11.47 -1.82 -12.27
CA ALA E 331 -12.03 -1.67 -13.60
C ALA E 331 -11.76 -0.24 -14.04
N VAL E 332 -11.98 0.73 -13.16
CA VAL E 332 -11.72 2.11 -13.50
C VAL E 332 -10.24 2.26 -13.83
N LEU E 333 -9.38 1.66 -13.00
CA LEU E 333 -7.96 1.76 -13.25
C LEU E 333 -7.60 1.17 -14.59
N ARG E 334 -8.34 0.15 -15.03
CA ARG E 334 -8.05 -0.44 -16.33
C ARG E 334 -8.19 0.60 -17.43
N GLU E 335 -9.31 1.32 -17.43
CA GLU E 335 -9.59 2.36 -18.40
C GLU E 335 -8.52 3.42 -18.40
N TRP E 336 -8.06 3.79 -17.20
CA TRP E 336 -7.03 4.81 -17.04
C TRP E 336 -5.62 4.32 -17.37
N SER E 337 -5.49 3.01 -17.50
CA SER E 337 -4.20 2.39 -17.78
C SER E 337 -3.26 2.70 -16.61
N LEU E 338 -3.76 2.51 -15.40
CA LEU E 338 -2.98 2.75 -14.20
C LEU E 338 -2.88 1.50 -13.37
N SER E 339 -1.76 1.38 -12.65
CA SER E 339 -1.51 0.22 -11.79
C SER E 339 -1.88 0.57 -10.36
N MET E 340 -2.46 -0.38 -9.64
CA MET E 340 -2.85 -0.13 -8.26
C MET E 340 -1.67 0.31 -7.41
N GLU E 341 -0.46 0.18 -7.97
CA GLU E 341 0.74 0.57 -7.24
C GLU E 341 1.04 2.06 -7.43
N ASP E 342 0.34 2.71 -8.34
CA ASP E 342 0.54 4.12 -8.63
C ASP E 342 0.66 4.91 -7.31
N GLN E 343 1.76 5.63 -7.12
CA GLN E 343 2.00 6.42 -5.92
C GLN E 343 0.99 7.56 -5.75
N ARG E 344 0.32 7.92 -6.84
CA ARG E 344 -0.67 9.02 -6.83
C ARG E 344 -2.01 8.59 -6.29
N LEU E 345 -2.34 7.32 -6.48
CA LEU E 345 -3.62 6.75 -6.07
C LEU E 345 -3.82 6.52 -4.59
N ASN E 346 -4.94 7.03 -4.08
CA ASN E 346 -5.30 6.91 -2.66
C ASN E 346 -4.08 6.66 -1.76
N PRO E 347 -3.19 7.66 -1.65
CA PRO E 347 -1.98 7.58 -0.85
C PRO E 347 -2.17 7.22 0.62
N ASN E 348 -3.27 7.63 1.23
CA ASN E 348 -3.45 7.30 2.64
C ASN E 348 -4.53 6.27 2.90
N GLY E 349 -4.82 5.46 1.87
CA GLY E 349 -5.83 4.44 2.00
C GLY E 349 -7.17 4.83 1.40
N GLY E 350 -7.97 3.81 1.08
CA GLY E 350 -9.28 4.05 0.49
C GLY E 350 -10.43 3.54 1.31
N ALA E 351 -11.64 3.74 0.79
CA ALA E 351 -12.85 3.33 1.48
C ALA E 351 -12.84 1.89 1.96
N ILE E 352 -12.16 1.00 1.25
CA ILE E 352 -12.15 -0.40 1.67
C ILE E 352 -11.68 -0.56 3.10
N ALA E 353 -10.69 0.25 3.48
CA ALA E 353 -10.15 0.18 4.84
C ALA E 353 -10.65 1.30 5.73
N LEU E 354 -10.86 2.47 5.15
CA LEU E 354 -11.29 3.63 5.92
C LEU E 354 -12.78 3.67 6.20
N GLY E 355 -13.59 3.33 5.19
CA GLY E 355 -15.04 3.34 5.37
C GLY E 355 -15.76 4.12 4.27
N HIS E 356 -17.03 3.79 4.05
CA HIS E 356 -17.79 4.46 3.00
C HIS E 356 -19.14 4.99 3.50
N PRO E 357 -19.12 6.02 4.35
CA PRO E 357 -20.35 6.61 4.89
C PRO E 357 -21.02 7.42 3.80
N LEU E 358 -21.57 6.71 2.81
CA LEU E 358 -22.25 7.29 1.66
C LEU E 358 -22.30 8.81 1.54
N GLY E 359 -23.39 9.39 2.02
CA GLY E 359 -23.58 10.83 1.96
C GLY E 359 -22.34 11.68 2.23
N ALA E 360 -21.46 11.22 3.12
CA ALA E 360 -20.29 12.02 3.46
C ALA E 360 -19.01 11.62 2.74
N SER E 361 -19.00 10.49 2.06
CA SER E 361 -17.77 10.05 1.38
C SER E 361 -17.22 11.05 0.37
N GLY E 362 -18.11 11.68 -0.40
CA GLY E 362 -17.63 12.66 -1.37
C GLY E 362 -16.78 13.73 -0.72
N ALA E 363 -17.34 14.43 0.27
CA ALA E 363 -16.63 15.48 0.99
C ALA E 363 -15.44 14.90 1.75
N ARG E 364 -15.61 13.68 2.25
CA ARG E 364 -14.56 13.01 2.98
C ARG E 364 -13.30 12.80 2.14
N ILE E 365 -13.43 12.29 0.91
CA ILE E 365 -12.23 12.07 0.10
C ILE E 365 -11.62 13.39 -0.35
N LEU E 366 -12.45 14.40 -0.62
CA LEU E 366 -11.91 15.69 -1.06
C LEU E 366 -11.02 16.23 0.05
N THR E 367 -11.49 16.12 1.29
CA THR E 367 -10.71 16.58 2.43
C THR E 367 -9.35 15.89 2.48
N THR E 368 -9.29 14.57 2.28
CA THR E 368 -8.01 13.85 2.31
C THR E 368 -7.11 14.27 1.16
N LEU E 369 -7.70 14.51 -0.01
CA LEU E 369 -6.96 14.93 -1.21
C LEU E 369 -6.24 16.24 -1.00
N VAL E 370 -7.01 17.27 -0.70
CA VAL E 370 -6.52 18.62 -0.44
C VAL E 370 -5.38 18.71 0.61
N HIS E 371 -5.58 18.05 1.74
CA HIS E 371 -4.58 18.04 2.81
C HIS E 371 -3.29 17.35 2.34
N GLU E 372 -3.43 16.26 1.59
CA GLU E 372 -2.24 15.55 1.12
C GLU E 372 -1.57 16.36 0.04
N MET E 373 -2.37 17.00 -0.81
CA MET E 373 -1.83 17.84 -1.88
C MET E 373 -0.92 18.91 -1.29
N ARG E 374 -1.39 19.55 -0.24
CA ARG E 374 -0.63 20.59 0.43
C ARG E 374 0.69 20.07 0.96
N ARG E 375 0.66 18.94 1.66
CA ARG E 375 1.90 18.44 2.23
C ARG E 375 2.93 17.97 1.22
N ARG E 376 2.49 17.43 0.09
CA ARG E 376 3.46 16.99 -0.91
C ARG E 376 3.56 17.96 -2.09
N LYS E 377 3.05 19.15 -1.85
CA LYS E 377 3.11 20.24 -2.83
C LYS E 377 2.71 19.87 -4.25
N VAL E 378 1.64 19.08 -4.39
CA VAL E 378 1.14 18.67 -5.71
C VAL E 378 0.28 19.76 -6.34
N GLN E 379 0.39 19.92 -7.66
CA GLN E 379 -0.36 20.98 -8.32
C GLN E 379 -1.78 20.62 -8.71
N PHE E 380 -1.97 19.44 -9.31
CA PHE E 380 -3.32 19.05 -9.72
C PHE E 380 -3.83 17.74 -9.11
N GLY E 381 -4.98 17.81 -8.46
CA GLY E 381 -5.55 16.64 -7.84
C GLY E 381 -6.93 16.32 -8.36
N LEU E 382 -7.27 15.03 -8.37
CA LEU E 382 -8.58 14.59 -8.87
C LEU E 382 -9.33 13.80 -7.82
N ALA E 383 -10.60 14.14 -7.61
CA ALA E 383 -11.45 13.44 -6.66
C ALA E 383 -12.63 12.91 -7.46
N THR E 384 -12.80 11.60 -7.51
CA THR E 384 -13.90 11.02 -8.27
C THR E 384 -14.49 9.75 -7.62
N MET E 385 -15.79 9.53 -7.82
CA MET E 385 -16.51 8.38 -7.24
C MET E 385 -17.53 7.77 -8.17
N CYS E 386 -17.89 6.52 -7.89
CA CYS E 386 -18.90 5.81 -8.66
C CYS E 386 -20.20 6.14 -7.92
N ILE E 387 -21.32 6.11 -8.63
CA ILE E 387 -22.60 6.42 -8.00
C ILE E 387 -23.67 5.36 -8.29
N GLY E 388 -24.41 4.97 -7.26
CA GLY E 388 -25.45 3.96 -7.40
C GLY E 388 -26.48 4.23 -8.48
N VAL E 389 -26.83 3.19 -9.22
CA VAL E 389 -27.81 3.28 -10.30
C VAL E 389 -27.23 3.87 -11.58
N GLY E 390 -25.89 3.91 -11.67
CA GLY E 390 -25.24 4.40 -12.87
C GLY E 390 -24.84 5.84 -13.09
N GLN E 391 -24.02 6.38 -12.19
CA GLN E 391 -23.54 7.75 -12.30
C GLN E 391 -22.10 7.89 -11.84
N GLY E 392 -21.50 9.03 -12.13
CA GLY E 392 -20.13 9.29 -11.73
C GLY E 392 -19.93 10.78 -11.61
N ILE E 393 -19.12 11.21 -10.63
CA ILE E 393 -18.86 12.63 -10.43
C ILE E 393 -17.36 12.81 -10.17
N ALA E 394 -16.79 13.88 -10.70
CA ALA E 394 -15.37 14.13 -10.52
C ALA E 394 -15.12 15.62 -10.34
N VAL E 395 -14.09 15.95 -9.56
CA VAL E 395 -13.76 17.34 -9.32
C VAL E 395 -12.26 17.52 -9.43
N VAL E 396 -11.81 18.48 -10.24
CA VAL E 396 -10.38 18.73 -10.39
C VAL E 396 -10.05 19.93 -9.54
N VAL E 397 -8.96 19.81 -8.79
CA VAL E 397 -8.54 20.86 -7.89
C VAL E 397 -7.06 21.21 -8.09
N GLU E 398 -6.73 22.47 -7.83
CA GLU E 398 -5.39 22.98 -8.02
C GLU E 398 -4.83 23.49 -6.70
N GLY E 399 -3.73 22.90 -6.26
CA GLY E 399 -3.12 23.31 -5.00
C GLY E 399 -2.56 24.72 -5.02
N MET E 400 -2.49 25.35 -3.85
CA MET E 400 -1.97 26.72 -3.75
C MET E 400 -1.27 27.00 -2.41
N GLU F 3 -27.26 34.15 -21.15
CA GLU F 3 -26.45 32.93 -20.85
C GLU F 3 -27.31 31.72 -20.49
N ALA F 4 -28.09 31.76 -19.40
CA ALA F 4 -28.95 30.61 -19.00
C ALA F 4 -30.38 30.86 -19.42
N TRP F 5 -30.83 30.16 -20.46
CA TRP F 5 -32.17 30.35 -21.00
C TRP F 5 -33.23 29.29 -20.72
N ILE F 6 -34.41 29.75 -20.28
CA ILE F 6 -35.54 28.88 -20.00
C ILE F 6 -36.30 28.72 -21.31
N VAL F 7 -36.17 27.54 -21.89
CA VAL F 7 -36.76 27.20 -23.17
C VAL F 7 -38.09 26.49 -23.12
N GLU F 8 -38.38 25.85 -21.99
CA GLU F 8 -39.64 25.11 -21.85
C GLU F 8 -40.04 24.96 -20.38
N ALA F 9 -41.34 24.92 -20.12
CA ALA F 9 -41.85 24.78 -18.76
C ALA F 9 -43.11 23.95 -18.75
N VAL F 10 -43.15 22.95 -17.88
CA VAL F 10 -44.30 22.06 -17.83
C VAL F 10 -44.63 21.64 -16.41
N ARG F 11 -45.89 21.35 -16.16
CA ARG F 11 -46.33 20.88 -14.85
C ARG F 11 -47.54 19.98 -14.98
N THR F 12 -47.64 19.01 -14.06
CA THR F 12 -48.78 18.11 -14.06
C THR F 12 -49.82 18.86 -13.23
N PRO F 13 -51.10 18.48 -13.35
CA PRO F 13 -52.08 19.20 -12.54
C PRO F 13 -51.81 18.83 -11.08
N ILE F 14 -52.23 19.68 -10.13
CA ILE F 14 -52.01 19.42 -8.71
C ILE F 14 -53.20 18.74 -8.06
N GLY F 15 -52.98 17.56 -7.50
CA GLY F 15 -54.07 16.83 -6.88
C GLY F 15 -54.14 16.92 -5.37
N LYS F 16 -55.33 16.67 -4.83
CA LYS F 16 -55.56 16.69 -3.38
C LYS F 16 -54.98 15.48 -2.68
N HIS F 17 -54.71 15.60 -1.39
CA HIS F 17 -54.16 14.48 -0.63
C HIS F 17 -55.11 13.31 -0.81
N GLY F 18 -54.57 12.17 -1.19
CA GLY F 18 -55.40 11.01 -1.39
C GLY F 18 -56.43 11.26 -2.46
N GLY F 19 -56.09 12.16 -3.38
CA GLY F 19 -57.00 12.50 -4.45
C GLY F 19 -56.74 11.85 -5.80
N ALA F 20 -56.97 12.65 -6.84
CA ALA F 20 -56.82 12.23 -8.23
C ALA F 20 -55.48 11.64 -8.60
N LEU F 21 -54.41 12.03 -7.89
CA LEU F 21 -53.10 11.48 -8.21
C LEU F 21 -52.48 10.67 -7.07
N ALA F 22 -53.30 10.23 -6.12
CA ALA F 22 -52.82 9.45 -4.99
C ALA F 22 -52.33 8.08 -5.43
N SER F 23 -52.86 7.59 -6.55
CA SER F 23 -52.49 6.28 -7.05
C SER F 23 -51.17 6.31 -7.80
N VAL F 24 -50.75 7.50 -8.24
CA VAL F 24 -49.51 7.64 -8.99
C VAL F 24 -48.30 7.84 -8.07
N ARG F 25 -47.30 6.97 -8.21
CA ARG F 25 -46.11 7.09 -7.38
C ARG F 25 -45.23 8.24 -7.85
N PRO F 26 -44.61 8.94 -6.89
CA PRO F 26 -43.73 10.08 -7.19
C PRO F 26 -42.72 9.86 -8.31
N ASP F 27 -41.96 8.76 -8.27
CA ASP F 27 -40.98 8.51 -9.31
C ASP F 27 -41.63 8.47 -10.69
N ASP F 28 -42.78 7.81 -10.80
CA ASP F 28 -43.48 7.76 -12.06
C ASP F 28 -44.04 9.16 -12.40
N LEU F 29 -44.58 9.86 -11.40
CA LEU F 29 -45.14 11.20 -11.64
C LEU F 29 -44.10 12.15 -12.22
N LEU F 30 -42.92 12.19 -11.59
CA LEU F 30 -41.85 13.06 -12.06
C LEU F 30 -41.46 12.69 -13.48
N ALA F 31 -41.43 11.39 -13.76
CA ALA F 31 -41.09 10.91 -15.09
C ALA F 31 -42.03 11.51 -16.14
N HIS F 32 -43.31 11.63 -15.81
CA HIS F 32 -44.28 12.19 -16.74
C HIS F 32 -43.94 13.61 -17.12
N ALA F 33 -43.49 14.37 -16.14
CA ALA F 33 -43.11 15.75 -16.38
C ALA F 33 -41.85 15.77 -17.24
N LEU F 34 -40.81 15.06 -16.78
CA LEU F 34 -39.57 15.04 -17.51
C LEU F 34 -39.76 14.65 -18.96
N SER F 35 -40.58 13.63 -19.21
CA SER F 35 -40.82 13.21 -20.58
C SER F 35 -41.52 14.27 -21.39
N VAL F 36 -42.58 14.82 -20.83
CA VAL F 36 -43.32 15.85 -21.54
C VAL F 36 -42.46 17.07 -21.82
N LEU F 37 -41.67 17.47 -20.84
CA LEU F 37 -40.81 18.63 -21.02
C LEU F 37 -39.98 18.52 -22.29
N VAL F 38 -39.30 17.40 -22.44
CA VAL F 38 -38.44 17.17 -23.58
C VAL F 38 -39.14 16.86 -24.89
N ASP F 39 -40.24 16.14 -24.82
CA ASP F 39 -40.95 15.79 -26.05
C ASP F 39 -41.42 17.05 -26.80
N ARG F 40 -42.03 17.99 -26.09
CA ARG F 40 -42.50 19.21 -26.76
C ARG F 40 -41.40 20.24 -27.03
N SER F 41 -40.19 20.01 -26.53
CA SER F 41 -39.10 20.95 -26.73
C SER F 41 -38.38 20.80 -28.06
N GLY F 42 -38.32 19.58 -28.57
CA GLY F 42 -37.62 19.40 -29.83
C GLY F 42 -36.13 19.21 -29.57
N VAL F 43 -35.79 18.86 -28.34
CA VAL F 43 -34.41 18.59 -27.98
C VAL F 43 -34.29 17.13 -27.58
N PRO F 44 -33.55 16.34 -28.34
CA PRO F 44 -33.41 14.93 -27.98
C PRO F 44 -32.95 14.72 -26.54
N LYS F 45 -33.48 13.69 -25.90
CA LYS F 45 -33.13 13.42 -24.53
C LYS F 45 -31.62 13.27 -24.31
N GLU F 46 -30.94 12.57 -25.20
CA GLU F 46 -29.51 12.38 -25.02
C GLU F 46 -28.72 13.69 -24.90
N GLU F 47 -29.36 14.80 -25.24
CA GLU F 47 -28.69 16.11 -25.15
C GLU F 47 -28.70 16.69 -23.74
N VAL F 48 -29.62 16.21 -22.90
CA VAL F 48 -29.72 16.68 -21.51
C VAL F 48 -28.51 16.21 -20.73
N GLU F 49 -27.80 17.14 -20.12
CA GLU F 49 -26.58 16.87 -19.35
C GLU F 49 -26.82 16.30 -17.95
N ASP F 50 -27.76 16.89 -17.21
CA ASP F 50 -28.02 16.47 -15.84
C ASP F 50 -29.43 16.93 -15.47
N VAL F 51 -30.08 16.21 -14.57
CA VAL F 51 -31.43 16.58 -14.16
C VAL F 51 -31.53 16.81 -12.66
N TYR F 52 -31.80 18.05 -12.27
CA TYR F 52 -31.95 18.40 -10.86
C TYR F 52 -33.43 18.32 -10.51
N ALA F 53 -33.72 17.75 -9.35
CA ALA F 53 -35.11 17.62 -8.89
C ALA F 53 -35.26 17.84 -7.39
N GLY F 54 -36.29 18.61 -7.04
CA GLY F 54 -36.56 18.89 -5.64
C GLY F 54 -37.55 17.92 -5.06
N CYS F 55 -37.30 17.47 -3.83
CA CYS F 55 -38.18 16.53 -3.15
C CYS F 55 -37.97 16.67 -1.63
N ALA F 56 -39.02 17.10 -0.94
CA ALA F 56 -38.96 17.32 0.51
C ALA F 56 -38.86 16.06 1.38
N ASN F 57 -39.34 14.94 0.85
CA ASN F 57 -39.34 13.69 1.61
C ASN F 57 -38.92 12.52 0.74
N GLN F 58 -37.66 12.11 0.78
CA GLN F 58 -37.22 11.01 -0.06
C GLN F 58 -37.20 9.67 0.66
N ALA F 59 -38.20 9.42 1.51
CA ALA F 59 -38.27 8.17 2.28
C ALA F 59 -39.16 7.05 1.72
N GLY F 60 -39.95 7.35 0.69
CA GLY F 60 -40.81 6.32 0.13
C GLY F 60 -40.47 5.92 -1.31
N GLU F 61 -41.49 5.83 -2.15
CA GLU F 61 -41.26 5.44 -3.55
C GLU F 61 -40.38 6.47 -4.27
N ASP F 62 -39.98 7.52 -3.54
CA ASP F 62 -39.13 8.56 -4.10
C ASP F 62 -37.70 8.46 -3.52
N ASN F 63 -37.37 7.30 -2.95
CA ASN F 63 -36.06 7.14 -2.34
C ASN F 63 -34.89 6.92 -3.29
N ARG F 64 -33.71 7.21 -2.78
CA ARG F 64 -32.46 7.07 -3.49
C ARG F 64 -32.32 7.81 -4.82
N ASN F 65 -32.46 9.13 -4.74
CA ASN F 65 -32.33 10.01 -5.88
C ASN F 65 -33.41 9.85 -6.93
N VAL F 66 -34.56 10.45 -6.67
CA VAL F 66 -35.70 10.41 -7.57
C VAL F 66 -35.35 10.90 -8.97
N ALA F 67 -34.53 11.94 -9.02
CA ALA F 67 -34.15 12.50 -10.30
C ALA F 67 -33.65 11.41 -11.24
N ARG F 68 -32.65 10.63 -10.79
CA ARG F 68 -32.09 9.57 -11.60
C ARG F 68 -33.10 8.47 -11.93
N MET F 69 -33.93 8.13 -10.95
CA MET F 69 -34.93 7.10 -11.13
C MET F 69 -35.92 7.57 -12.19
N ALA F 70 -36.47 8.76 -11.97
CA ALA F 70 -37.45 9.32 -12.88
C ALA F 70 -36.95 9.46 -14.32
N LEU F 71 -35.73 9.95 -14.51
CA LEU F 71 -35.22 10.12 -15.86
C LEU F 71 -35.09 8.77 -16.57
N LEU F 72 -34.64 7.76 -15.84
CA LEU F 72 -34.51 6.42 -16.43
C LEU F 72 -35.88 5.90 -16.83
N LEU F 73 -36.85 6.06 -15.94
CA LEU F 73 -38.22 5.62 -16.20
C LEU F 73 -38.82 6.35 -17.39
N ALA F 74 -38.47 7.62 -17.51
CA ALA F 74 -38.98 8.47 -18.59
C ALA F 74 -38.35 8.15 -19.93
N GLY F 75 -37.48 7.15 -19.96
CA GLY F 75 -36.86 6.75 -21.20
C GLY F 75 -35.62 7.50 -21.63
N PHE F 76 -35.05 8.32 -20.75
CA PHE F 76 -33.82 9.03 -21.11
C PHE F 76 -32.67 8.02 -21.17
N PRO F 77 -31.72 8.24 -22.09
CA PRO F 77 -30.57 7.33 -22.20
C PRO F 77 -29.77 7.30 -20.89
N VAL F 78 -29.02 6.24 -20.66
CA VAL F 78 -28.26 6.11 -19.42
C VAL F 78 -27.20 7.15 -19.12
N GLU F 79 -26.78 7.91 -20.13
CA GLU F 79 -25.73 8.91 -19.91
C GLU F 79 -26.20 10.16 -19.16
N VAL F 80 -27.50 10.47 -19.23
CA VAL F 80 -28.02 11.63 -18.53
C VAL F 80 -27.90 11.46 -17.04
N ALA F 81 -27.25 12.39 -16.34
CA ALA F 81 -27.13 12.27 -14.89
C ALA F 81 -28.30 12.92 -14.19
N GLY F 82 -28.35 12.77 -12.87
CA GLY F 82 -29.43 13.36 -12.09
C GLY F 82 -29.12 13.46 -10.61
N CYS F 83 -29.67 14.47 -9.96
CA CYS F 83 -29.47 14.65 -8.53
C CYS F 83 -30.74 15.22 -7.93
N THR F 84 -30.98 14.91 -6.66
CA THR F 84 -32.18 15.36 -5.98
C THR F 84 -31.85 16.33 -4.85
N VAL F 85 -32.28 17.56 -5.03
CA VAL F 85 -32.03 18.63 -4.10
C VAL F 85 -33.15 18.76 -3.09
N ASN F 86 -32.79 19.15 -1.87
CA ASN F 86 -33.80 19.30 -0.83
C ASN F 86 -33.60 20.47 0.11
N ARG F 87 -34.42 21.51 -0.10
CA ARG F 87 -34.42 22.70 0.74
C ARG F 87 -35.88 22.89 1.08
N LEU F 88 -36.51 21.80 1.50
CA LEU F 88 -37.92 21.76 1.88
C LEU F 88 -38.85 22.41 0.85
N CYS F 89 -39.77 23.24 1.34
CA CYS F 89 -40.75 23.94 0.51
C CYS F 89 -40.17 24.60 -0.74
N GLY F 90 -38.91 25.03 -0.67
CA GLY F 90 -38.31 25.68 -1.81
C GLY F 90 -37.44 24.79 -2.67
N SER F 91 -37.52 23.48 -2.49
CA SER F 91 -36.69 22.57 -3.27
C SER F 91 -36.93 22.71 -4.77
N GLY F 92 -38.17 22.98 -5.14
CA GLY F 92 -38.49 23.13 -6.55
C GLY F 92 -37.66 24.21 -7.23
N LEU F 93 -37.50 25.35 -6.57
CA LEU F 93 -36.74 26.47 -7.14
C LEU F 93 -35.23 26.22 -7.08
N GLU F 94 -34.76 25.69 -5.94
CA GLU F 94 -33.34 25.39 -5.75
C GLU F 94 -32.84 24.50 -6.90
N ALA F 95 -33.73 23.65 -7.39
CA ALA F 95 -33.41 22.74 -8.50
C ALA F 95 -33.10 23.53 -9.76
N VAL F 96 -33.89 24.59 -10.03
CA VAL F 96 -33.69 25.40 -11.22
C VAL F 96 -32.45 26.25 -11.04
N ALA F 97 -32.29 26.83 -9.86
CA ALA F 97 -31.13 27.65 -9.56
C ALA F 97 -29.89 26.79 -9.84
N GLN F 98 -29.88 25.59 -9.29
CA GLN F 98 -28.80 24.63 -9.44
C GLN F 98 -28.43 24.47 -10.93
N ALA F 99 -29.45 24.29 -11.76
CA ALA F 99 -29.25 24.12 -13.19
C ALA F 99 -28.60 25.36 -13.79
N ALA F 100 -29.20 26.52 -13.56
CA ALA F 100 -28.66 27.77 -14.07
C ALA F 100 -27.17 27.94 -13.73
N ARG F 101 -26.83 27.81 -12.46
CA ARG F 101 -25.45 27.95 -12.01
C ARG F 101 -24.48 27.06 -12.73
N ALA F 102 -24.98 25.93 -13.24
CA ALA F 102 -24.13 25.00 -13.96
C ALA F 102 -23.91 25.55 -15.38
N ILE F 103 -24.98 26.05 -15.99
CA ILE F 103 -24.89 26.61 -17.33
C ILE F 103 -23.93 27.79 -17.31
N TRP F 104 -24.06 28.62 -16.29
CA TRP F 104 -23.20 29.78 -16.12
C TRP F 104 -21.75 29.35 -15.97
N ALA F 105 -21.53 28.22 -15.30
CA ALA F 105 -20.17 27.74 -15.09
C ALA F 105 -19.64 27.12 -16.35
N GLY F 106 -20.47 27.14 -17.39
CA GLY F 106 -20.07 26.59 -18.67
C GLY F 106 -19.69 25.12 -18.68
N GLU F 107 -20.49 24.30 -18.02
CA GLU F 107 -20.21 22.87 -18.00
C GLU F 107 -21.07 22.26 -19.10
N GLY F 108 -22.33 21.98 -18.79
CA GLY F 108 -23.22 21.41 -19.79
C GLY F 108 -23.89 22.52 -20.55
N LYS F 109 -24.65 22.20 -21.59
CA LYS F 109 -25.35 23.22 -22.37
C LYS F 109 -26.87 23.04 -22.21
N VAL F 110 -27.27 21.88 -21.72
CA VAL F 110 -28.68 21.57 -21.50
C VAL F 110 -28.92 20.97 -20.11
N TYR F 111 -29.78 21.61 -19.32
CA TYR F 111 -30.09 21.11 -17.97
C TYR F 111 -31.58 21.14 -17.70
N ILE F 112 -32.02 20.30 -16.75
CA ILE F 112 -33.43 20.27 -16.37
C ILE F 112 -33.56 20.58 -14.88
N GLY F 113 -34.46 21.50 -14.55
CA GLY F 113 -34.68 21.84 -13.15
C GLY F 113 -36.11 21.45 -12.86
N SER F 114 -36.32 20.54 -11.92
CA SER F 114 -37.69 20.12 -11.62
C SER F 114 -37.89 19.76 -10.16
N GLY F 115 -39.10 19.27 -9.88
CA GLY F 115 -39.44 18.90 -8.53
C GLY F 115 -40.70 18.04 -8.50
N VAL F 116 -40.82 17.23 -7.47
CA VAL F 116 -41.96 16.36 -7.34
C VAL F 116 -42.24 16.11 -5.87
N GLU F 117 -43.49 15.84 -5.56
CA GLU F 117 -43.86 15.54 -4.18
C GLU F 117 -45.20 14.81 -4.16
N SER F 118 -45.22 13.61 -3.58
CA SER F 118 -46.47 12.85 -3.49
C SER F 118 -46.70 12.71 -2.01
N MET F 119 -47.45 13.65 -1.43
CA MET F 119 -47.71 13.64 0.00
C MET F 119 -48.72 12.56 0.35
N SER F 120 -49.43 12.08 -0.65
CA SER F 120 -50.43 11.05 -0.41
C SER F 120 -49.75 9.74 -0.07
N ARG F 121 -48.68 9.43 -0.80
CA ARG F 121 -47.94 8.18 -0.60
C ARG F 121 -46.72 8.26 0.32
N ALA F 122 -46.55 9.38 1.03
CA ALA F 122 -45.40 9.51 1.93
C ALA F 122 -45.49 8.38 2.93
N PRO F 123 -44.42 7.58 3.06
CA PRO F 123 -44.37 6.43 3.98
C PRO F 123 -44.27 6.78 5.45
N TYR F 124 -44.14 5.75 6.28
CA TYR F 124 -43.97 5.92 7.73
C TYR F 124 -42.52 5.59 7.98
N ALA F 125 -41.91 6.25 8.96
CA ALA F 125 -40.52 5.97 9.30
C ALA F 125 -40.46 5.44 10.72
N VAL F 126 -39.82 4.28 10.89
CA VAL F 126 -39.68 3.66 12.21
C VAL F 126 -38.20 3.61 12.61
N PRO F 127 -37.88 4.03 13.85
CA PRO F 127 -36.52 4.05 14.41
C PRO F 127 -35.86 2.68 14.48
N LYS F 128 -34.54 2.65 14.49
CA LYS F 128 -33.83 1.39 14.61
C LYS F 128 -33.53 1.14 16.07
N PRO F 129 -33.64 -0.12 16.51
CA PRO F 129 -33.37 -0.48 17.90
C PRO F 129 -31.90 -0.25 18.14
N GLU F 130 -31.53 0.04 19.37
CA GLU F 130 -30.13 0.25 19.66
C GLU F 130 -29.64 -0.83 20.60
N ARG F 131 -30.58 -1.52 21.22
CA ARG F 131 -30.30 -2.59 22.19
C ARG F 131 -30.80 -3.93 21.63
N GLY F 132 -30.41 -5.03 22.27
CA GLY F 132 -30.80 -6.35 21.84
C GLY F 132 -32.27 -6.63 21.82
N PHE F 133 -32.86 -6.93 22.96
CA PHE F 133 -34.27 -7.21 22.96
C PHE F 133 -34.91 -6.06 23.69
N PRO F 134 -35.38 -5.07 22.92
CA PRO F 134 -36.02 -3.87 23.43
C PRO F 134 -37.28 -4.07 24.25
N THR F 135 -37.70 -2.96 24.85
CA THR F 135 -38.88 -2.90 25.69
C THR F 135 -39.41 -1.50 25.47
N GLY F 136 -40.72 -1.38 25.35
CA GLY F 136 -41.30 -0.07 25.14
C GLY F 136 -41.87 0.13 23.76
N ASN F 137 -43.00 0.84 23.70
CA ASN F 137 -43.66 1.13 22.44
C ASN F 137 -42.85 2.09 21.59
N LEU F 138 -42.99 1.93 20.29
CA LEU F 138 -42.29 2.76 19.32
C LEU F 138 -43.27 3.62 18.57
N VAL F 139 -42.73 4.63 17.88
CA VAL F 139 -43.58 5.52 17.11
C VAL F 139 -43.31 5.40 15.63
N MET F 140 -44.37 5.37 14.85
CA MET F 140 -44.22 5.30 13.41
C MET F 140 -44.58 6.71 12.94
N TYR F 141 -43.55 7.48 12.59
CA TYR F 141 -43.73 8.84 12.12
C TYR F 141 -44.28 8.90 10.70
N ASP F 142 -45.27 9.77 10.48
CA ASP F 142 -45.87 9.94 9.17
C ASP F 142 -45.11 11.05 8.43
N THR F 143 -44.31 10.66 7.44
CA THR F 143 -43.51 11.63 6.68
C THR F 143 -44.33 12.59 5.82
N THR F 144 -45.65 12.47 5.87
CA THR F 144 -46.52 13.36 5.12
C THR F 144 -46.56 14.65 5.90
N LEU F 145 -46.41 14.54 7.21
CA LEU F 145 -46.45 15.70 8.10
C LEU F 145 -45.09 16.39 8.32
N GLY F 146 -44.92 16.99 9.49
CA GLY F 146 -43.70 17.74 9.75
C GLY F 146 -42.62 17.19 10.65
N TRP F 147 -42.44 17.84 11.79
CA TRP F 147 -41.41 17.43 12.75
C TRP F 147 -41.48 15.97 13.14
N ARG F 148 -40.32 15.32 13.08
CA ARG F 148 -40.21 13.91 13.42
C ARG F 148 -38.79 13.58 13.84
N PHE F 149 -38.62 12.48 14.56
CA PHE F 149 -37.30 12.10 15.05
C PHE F 149 -36.67 13.34 15.69
N VAL F 150 -37.49 14.13 16.37
CA VAL F 150 -37.06 15.38 17.01
C VAL F 150 -35.81 15.28 17.86
N ASN F 151 -34.93 16.26 17.70
CA ASN F 151 -33.67 16.35 18.45
C ASN F 151 -33.93 17.23 19.67
N PRO F 152 -33.67 16.70 20.87
CA PRO F 152 -33.89 17.46 22.09
C PRO F 152 -33.24 18.82 22.05
N LYS F 153 -31.98 18.84 21.64
CA LYS F 153 -31.20 20.06 21.53
C LYS F 153 -31.89 21.05 20.61
N MET F 154 -32.55 20.53 19.58
CA MET F 154 -33.25 21.41 18.66
C MET F 154 -34.45 21.98 19.39
N GLN F 155 -35.20 21.12 20.08
CA GLN F 155 -36.36 21.58 20.83
C GLN F 155 -35.99 22.68 21.82
N ALA F 156 -34.79 22.59 22.39
CA ALA F 156 -34.32 23.57 23.35
C ALA F 156 -33.92 24.89 22.71
N LEU F 157 -33.16 24.85 21.61
CA LEU F 157 -32.72 26.09 20.95
C LEU F 157 -33.88 26.87 20.36
N TYR F 158 -34.58 26.26 19.42
CA TYR F 158 -35.74 26.87 18.79
C TYR F 158 -36.83 25.83 19.05
N GLY F 159 -38.10 26.19 18.93
CA GLY F 159 -39.09 25.16 19.20
C GLY F 159 -39.20 24.19 18.04
N THR F 160 -40.30 23.46 18.02
CA THR F 160 -40.58 22.55 16.92
C THR F 160 -42.00 22.91 16.55
N GLU F 161 -42.26 24.21 16.46
CA GLU F 161 -43.60 24.66 16.11
C GLU F 161 -43.91 24.25 14.69
N SER F 162 -45.17 23.93 14.44
CA SER F 162 -45.59 23.50 13.11
C SER F 162 -45.63 24.68 12.16
N MET F 163 -45.69 24.39 10.87
CA MET F 163 -45.74 25.46 9.89
C MET F 163 -46.95 26.33 10.25
N GLY F 164 -48.08 25.68 10.46
CA GLY F 164 -49.29 26.39 10.81
C GLY F 164 -49.13 27.31 11.99
N GLU F 165 -48.37 26.88 12.97
CA GLU F 165 -48.14 27.71 14.14
C GLU F 165 -47.31 28.92 13.78
N THR F 166 -46.30 28.74 12.93
CA THR F 166 -45.44 29.86 12.54
C THR F 166 -46.28 30.89 11.82
N ALA F 167 -47.31 30.44 11.11
CA ALA F 167 -48.19 31.36 10.40
C ALA F 167 -48.91 32.23 11.43
N GLU F 168 -49.33 31.61 12.53
CA GLU F 168 -50.00 32.32 13.62
C GLU F 168 -49.04 33.34 14.25
N ASN F 169 -47.79 32.93 14.44
CA ASN F 169 -46.78 33.81 15.01
C ASN F 169 -46.67 35.07 14.15
N LEU F 170 -46.73 34.89 12.83
CA LEU F 170 -46.66 36.03 11.92
C LEU F 170 -47.92 36.88 12.05
N ALA F 171 -49.08 36.24 11.95
CA ALA F 171 -50.36 36.94 12.07
C ALA F 171 -50.33 37.82 13.30
N GLU F 172 -49.82 37.26 14.39
CA GLU F 172 -49.74 37.98 15.65
C GLU F 172 -48.72 39.10 15.60
N MET F 173 -47.56 38.81 15.04
CA MET F 173 -46.49 39.80 14.94
C MET F 173 -46.88 41.03 14.11
N TYR F 174 -47.53 40.80 12.96
CA TYR F 174 -47.92 41.90 12.08
C TYR F 174 -49.36 42.36 12.25
N GLY F 175 -50.12 41.63 13.07
CA GLY F 175 -51.51 42.01 13.27
C GLY F 175 -52.37 41.82 12.04
N ILE F 176 -52.27 40.65 11.41
CA ILE F 176 -53.07 40.37 10.21
C ILE F 176 -54.36 39.69 10.68
N ARG F 177 -55.46 40.41 10.54
CA ARG F 177 -56.76 39.91 10.96
C ARG F 177 -57.28 38.71 10.19
N ARG F 178 -58.26 38.04 10.80
CA ARG F 178 -58.91 36.88 10.22
C ARG F 178 -59.60 37.26 8.92
N GLU F 179 -60.41 38.32 8.98
CA GLU F 179 -61.15 38.77 7.80
C GLU F 179 -60.25 39.08 6.61
N GLU F 180 -59.06 39.59 6.91
CA GLU F 180 -58.11 39.92 5.86
C GLU F 180 -57.57 38.62 5.25
N GLN F 181 -57.23 37.65 6.11
CA GLN F 181 -56.70 36.37 5.64
C GLN F 181 -57.69 35.62 4.76
N ASP F 182 -58.95 35.56 5.18
CA ASP F 182 -59.95 34.87 4.38
C ASP F 182 -60.21 35.59 3.07
N ARG F 183 -60.07 36.91 3.10
CA ARG F 183 -60.27 37.73 1.91
C ARG F 183 -59.18 37.37 0.89
N PHE F 184 -57.96 37.22 1.39
CA PHE F 184 -56.83 36.87 0.55
C PHE F 184 -57.04 35.48 -0.04
N ALA F 185 -57.52 34.56 0.80
CA ALA F 185 -57.78 33.19 0.39
C ALA F 185 -58.83 33.16 -0.71
N LEU F 186 -59.91 33.91 -0.52
CA LEU F 186 -60.98 33.98 -1.52
C LEU F 186 -60.47 34.42 -2.90
N LEU F 187 -59.58 35.41 -2.93
CA LEU F 187 -59.01 35.90 -4.19
C LEU F 187 -58.20 34.80 -4.89
N SER F 188 -57.45 34.04 -4.11
CA SER F 188 -56.63 32.98 -4.69
C SER F 188 -57.54 32.03 -5.49
N HIS F 189 -58.67 31.65 -4.93
CA HIS F 189 -59.59 30.76 -5.61
C HIS F 189 -60.18 31.41 -6.84
N GLN F 190 -60.68 32.63 -6.70
CA GLN F 190 -61.29 33.32 -7.83
C GLN F 190 -60.36 33.42 -9.03
N LYS F 191 -59.11 33.83 -8.77
CA LYS F 191 -58.12 33.99 -9.82
C LYS F 191 -57.75 32.64 -10.45
N ALA F 192 -57.72 31.59 -9.63
CA ALA F 192 -57.39 30.26 -10.14
C ALA F 192 -58.53 29.76 -11.00
N VAL F 193 -59.75 29.86 -10.47
CA VAL F 193 -60.94 29.43 -11.19
C VAL F 193 -61.04 30.12 -12.54
N ARG F 194 -60.82 31.43 -12.52
CA ARG F 194 -60.88 32.21 -13.73
C ARG F 194 -59.77 31.83 -14.70
N ALA F 195 -58.55 31.72 -14.22
CA ALA F 195 -57.45 31.36 -15.11
C ALA F 195 -57.69 30.05 -15.85
N TRP F 196 -58.22 29.05 -15.14
CA TRP F 196 -58.50 27.75 -15.73
C TRP F 196 -59.57 27.89 -16.76
N GLU F 197 -60.67 28.45 -16.29
CA GLU F 197 -61.87 28.72 -17.06
C GLU F 197 -61.57 29.47 -18.36
N GLU F 198 -60.61 30.39 -18.29
CA GLU F 198 -60.21 31.19 -19.45
C GLU F 198 -59.05 30.60 -20.23
N GLY F 199 -58.63 29.40 -19.84
CA GLY F 199 -57.56 28.68 -20.53
C GLY F 199 -56.12 29.10 -20.39
N ARG F 200 -55.77 29.85 -19.34
CA ARG F 200 -54.39 30.27 -19.19
C ARG F 200 -53.48 29.13 -18.75
N PHE F 201 -54.07 28.03 -18.31
CA PHE F 201 -53.28 26.89 -17.87
C PHE F 201 -53.09 25.82 -18.92
N GLN F 202 -53.82 25.93 -20.02
CA GLN F 202 -53.71 24.93 -21.07
C GLN F 202 -52.29 24.69 -21.57
N ASP F 203 -51.49 25.75 -21.69
CA ASP F 203 -50.13 25.62 -22.18
C ASP F 203 -49.18 24.87 -21.29
N GLU F 204 -49.11 25.30 -20.03
CA GLU F 204 -48.21 24.72 -19.07
C GLU F 204 -48.59 23.37 -18.47
N VAL F 205 -49.87 23.05 -18.45
CA VAL F 205 -50.31 21.77 -17.87
C VAL F 205 -50.33 20.61 -18.87
N VAL F 206 -49.79 19.48 -18.43
CA VAL F 206 -49.77 18.26 -19.22
C VAL F 206 -50.47 17.15 -18.44
N PRO F 207 -51.59 16.64 -18.97
CA PRO F 207 -52.41 15.58 -18.39
C PRO F 207 -51.66 14.33 -17.95
N VAL F 208 -52.11 13.76 -16.85
CA VAL F 208 -51.51 12.56 -16.27
C VAL F 208 -52.47 11.37 -16.28
N PRO F 209 -52.13 10.31 -17.04
CA PRO F 209 -53.04 9.16 -17.05
C PRO F 209 -52.99 8.38 -15.73
N VAL F 210 -54.15 8.15 -15.15
CA VAL F 210 -54.28 7.41 -13.90
C VAL F 210 -55.01 6.11 -14.22
N LYS F 211 -54.50 4.99 -13.70
CA LYS F 211 -55.11 3.70 -13.96
C LYS F 211 -56.08 3.40 -12.82
N ARG F 212 -57.37 3.32 -13.13
CA ARG F 212 -58.34 3.01 -12.09
C ARG F 212 -58.88 1.61 -12.37
N GLY F 213 -58.19 0.62 -11.80
CA GLY F 213 -58.57 -0.75 -12.00
C GLY F 213 -58.10 -1.22 -13.36
N LYS F 214 -59.05 -1.34 -14.28
CA LYS F 214 -58.76 -1.81 -15.62
C LYS F 214 -58.63 -0.67 -16.63
N GLU F 215 -59.43 0.37 -16.46
CA GLU F 215 -59.40 1.49 -17.39
C GLU F 215 -58.65 2.73 -16.92
N GLU F 216 -58.09 3.46 -17.88
CA GLU F 216 -57.35 4.69 -17.60
C GLU F 216 -58.24 5.92 -17.62
N ILE F 217 -57.90 6.86 -16.75
CA ILE F 217 -58.61 8.12 -16.65
C ILE F 217 -57.52 9.16 -16.85
N LEU F 218 -57.87 10.29 -17.48
CA LEU F 218 -56.88 11.32 -17.73
C LEU F 218 -57.11 12.52 -16.82
N VAL F 219 -56.24 12.70 -15.83
CA VAL F 219 -56.36 13.84 -14.93
C VAL F 219 -55.77 15.03 -15.65
N GLU F 220 -56.57 16.06 -15.89
CA GLU F 220 -56.06 17.20 -16.62
C GLU F 220 -56.36 18.59 -16.09
N GLN F 221 -56.71 18.70 -14.82
CA GLN F 221 -56.99 20.01 -14.23
C GLN F 221 -56.74 19.92 -12.73
N ASP F 222 -56.25 21.01 -12.14
CA ASP F 222 -56.00 21.03 -10.70
C ASP F 222 -57.32 20.81 -9.98
N GLU F 223 -57.37 19.86 -9.05
CA GLU F 223 -58.63 19.63 -8.36
C GLU F 223 -58.75 20.45 -7.08
N GLY F 224 -57.81 21.35 -6.86
CA GLY F 224 -57.86 22.19 -5.68
C GLY F 224 -58.87 23.33 -5.72
N PRO F 225 -58.81 24.21 -6.73
CA PRO F 225 -59.73 25.35 -6.86
C PRO F 225 -61.22 25.03 -6.84
N ARG F 226 -61.98 25.76 -6.02
CA ARG F 226 -63.43 25.57 -5.93
C ARG F 226 -64.20 26.86 -6.28
N ARG F 227 -65.10 26.75 -7.25
CA ARG F 227 -65.87 27.92 -7.66
C ARG F 227 -66.79 28.40 -6.55
N ASP F 228 -67.34 27.47 -5.79
CA ASP F 228 -68.26 27.79 -4.72
C ASP F 228 -67.64 28.39 -3.46
N THR F 229 -66.34 28.67 -3.50
CA THR F 229 -65.70 29.26 -2.33
C THR F 229 -66.36 30.59 -2.01
N SER F 230 -66.78 30.74 -0.77
CA SER F 230 -67.46 31.96 -0.32
C SER F 230 -66.77 32.61 0.88
N LEU F 231 -66.96 33.92 1.03
CA LEU F 231 -66.36 34.64 2.13
C LEU F 231 -67.02 34.27 3.48
N GLU F 232 -68.26 33.80 3.44
CA GLU F 232 -68.98 33.38 4.64
C GLU F 232 -68.50 32.01 5.07
N LYS F 233 -68.42 31.09 4.11
CA LYS F 233 -67.96 29.74 4.38
C LYS F 233 -66.57 29.79 5.02
N LEU F 234 -65.68 30.58 4.44
CA LEU F 234 -64.32 30.72 4.94
C LEU F 234 -64.25 31.22 6.39
N ALA F 235 -65.23 32.06 6.76
CA ALA F 235 -65.28 32.63 8.10
C ALA F 235 -65.90 31.67 9.13
N ALA F 236 -66.55 30.61 8.64
CA ALA F 236 -67.19 29.63 9.50
C ALA F 236 -66.22 28.57 10.03
N LEU F 237 -65.06 28.43 9.39
CA LEU F 237 -64.07 27.43 9.82
C LEU F 237 -63.44 27.82 11.15
N ARG F 238 -63.02 26.81 11.93
CA ARG F 238 -62.38 27.07 13.22
C ARG F 238 -60.87 27.08 13.10
N PRO F 239 -60.18 27.88 13.92
CA PRO F 239 -58.72 27.91 13.84
C PRO F 239 -58.24 26.45 13.93
N VAL F 240 -57.07 26.16 13.37
CA VAL F 240 -56.60 24.79 13.39
C VAL F 240 -55.24 24.60 14.05
N PHE F 241 -54.55 25.70 14.37
CA PHE F 241 -53.22 25.60 14.97
C PHE F 241 -53.08 26.24 16.33
N ARG F 242 -54.01 27.12 16.67
CA ARG F 242 -53.97 27.81 17.95
C ARG F 242 -55.39 28.18 18.39
N GLU F 243 -55.79 27.73 19.59
CA GLU F 243 -57.14 28.02 20.09
C GLU F 243 -57.37 29.52 20.14
N GLY F 244 -58.49 29.94 19.58
CA GLY F 244 -58.81 31.35 19.54
C GLY F 244 -57.87 31.99 18.53
N GLY F 245 -57.34 31.16 17.64
CA GLY F 245 -56.41 31.63 16.63
C GLY F 245 -57.04 32.26 15.39
N THR F 246 -56.24 32.36 14.34
CA THR F 246 -56.70 32.98 13.10
C THR F 246 -56.52 32.14 11.84
N VAL F 247 -55.50 31.27 11.82
CA VAL F 247 -55.25 30.42 10.65
C VAL F 247 -56.18 29.22 10.58
N THR F 248 -56.98 29.14 9.51
CA THR F 248 -57.93 28.05 9.33
C THR F 248 -57.52 27.16 8.16
N ALA F 249 -58.10 25.97 8.07
CA ALA F 249 -57.79 25.04 6.98
C ALA F 249 -58.13 25.70 5.65
N GLY F 250 -59.04 26.66 5.70
CA GLY F 250 -59.47 27.35 4.50
C GLY F 250 -58.54 28.45 4.02
N ASN F 251 -57.85 29.13 4.94
CA ASN F 251 -56.94 30.20 4.53
C ASN F 251 -55.48 29.74 4.60
N SER F 252 -55.27 28.47 4.33
CA SER F 252 -53.93 27.89 4.30
C SER F 252 -53.89 26.84 3.19
N SER F 253 -52.69 26.56 2.67
CA SER F 253 -52.55 25.61 1.57
C SER F 253 -52.78 24.19 2.04
N PRO F 254 -53.23 23.32 1.13
CA PRO F 254 -53.48 21.93 1.49
C PRO F 254 -52.25 21.06 1.27
N LEU F 255 -52.43 19.76 1.41
CA LEU F 255 -51.35 18.81 1.15
C LEU F 255 -51.71 18.28 -0.22
N ASN F 256 -50.74 18.21 -1.13
CA ASN F 256 -51.06 17.74 -2.47
C ASN F 256 -49.95 16.97 -3.13
N ASP F 257 -50.27 16.42 -4.29
CA ASP F 257 -49.32 15.66 -5.09
C ASP F 257 -49.13 16.41 -6.40
N GLY F 258 -47.92 16.37 -6.94
CA GLY F 258 -47.67 17.04 -8.19
C GLY F 258 -46.22 17.04 -8.60
N ALA F 259 -45.98 17.44 -9.85
CA ALA F 259 -44.64 17.51 -10.38
C ALA F 259 -44.55 18.59 -11.45
N ALA F 260 -43.34 19.14 -11.61
CA ALA F 260 -43.12 20.19 -12.58
C ALA F 260 -41.66 20.16 -13.01
N ALA F 261 -41.41 20.54 -14.26
CA ALA F 261 -40.05 20.56 -14.78
C ALA F 261 -39.86 21.67 -15.81
N VAL F 262 -38.70 22.31 -15.73
CA VAL F 262 -38.37 23.38 -16.64
C VAL F 262 -37.06 23.05 -17.32
N LEU F 263 -37.00 23.26 -18.63
CA LEU F 263 -35.80 22.95 -19.42
C LEU F 263 -34.97 24.20 -19.69
N LEU F 264 -33.73 24.21 -19.19
CA LEU F 264 -32.83 25.33 -19.39
C LEU F 264 -31.67 24.94 -20.27
N VAL F 265 -31.29 25.86 -21.14
CA VAL F 265 -30.19 25.64 -22.08
C VAL F 265 -29.30 26.88 -22.15
N SER F 266 -28.07 26.73 -22.60
CA SER F 266 -27.15 27.87 -22.73
C SER F 266 -27.63 28.70 -23.91
N ASP F 267 -27.36 30.01 -23.87
CA ASP F 267 -27.80 30.90 -24.94
C ASP F 267 -27.20 30.52 -26.28
N ASP F 268 -25.94 30.11 -26.29
CA ASP F 268 -25.27 29.70 -27.52
C ASP F 268 -25.90 28.42 -28.10
N TYR F 269 -26.32 27.51 -27.21
CA TYR F 269 -26.97 26.26 -27.62
C TYR F 269 -28.31 26.57 -28.27
N ALA F 270 -29.10 27.41 -27.60
CA ALA F 270 -30.41 27.79 -28.11
C ALA F 270 -30.26 28.35 -29.53
N LYS F 271 -29.28 29.24 -29.69
CA LYS F 271 -29.01 29.88 -30.98
C LYS F 271 -28.61 28.87 -32.04
N ALA F 272 -27.91 27.82 -31.63
CA ALA F 272 -27.46 26.81 -32.57
C ALA F 272 -28.55 25.81 -32.95
N HIS F 273 -29.65 25.80 -32.22
CA HIS F 273 -30.72 24.86 -32.52
C HIS F 273 -32.10 25.48 -32.72
N GLY F 274 -32.15 26.80 -32.78
CA GLY F 274 -33.41 27.48 -33.02
C GLY F 274 -34.43 27.38 -31.91
N LEU F 275 -33.97 27.34 -30.67
CA LEU F 275 -34.89 27.25 -29.55
C LEU F 275 -35.29 28.65 -29.11
N ARG F 276 -36.58 28.94 -29.14
CA ARG F 276 -37.05 30.26 -28.75
C ARG F 276 -37.18 30.31 -27.22
N PRO F 277 -36.44 31.24 -26.58
CA PRO F 277 -36.43 31.46 -25.14
C PRO F 277 -37.75 31.92 -24.60
N LEU F 278 -38.06 31.47 -23.39
CA LEU F 278 -39.29 31.85 -22.75
C LEU F 278 -38.93 32.96 -21.77
N ALA F 279 -37.72 32.87 -21.24
CA ALA F 279 -37.20 33.82 -20.29
C ALA F 279 -35.73 33.53 -20.06
N ARG F 280 -35.10 34.36 -19.23
CA ARG F 280 -33.68 34.23 -18.92
C ARG F 280 -33.51 34.33 -17.42
N VAL F 281 -32.57 33.57 -16.86
CA VAL F 281 -32.37 33.62 -15.42
C VAL F 281 -31.44 34.79 -15.09
N ARG F 282 -32.00 35.81 -14.43
CA ARG F 282 -31.25 37.01 -14.05
C ARG F 282 -30.40 36.85 -12.81
N ALA F 283 -31.03 36.61 -11.66
CA ALA F 283 -30.29 36.47 -10.43
C ALA F 283 -31.01 35.57 -9.45
N ILE F 284 -30.26 34.93 -8.57
CA ILE F 284 -30.84 34.04 -7.57
C ILE F 284 -30.32 34.41 -6.19
N ALA F 285 -31.13 34.12 -5.18
CA ALA F 285 -30.69 34.45 -3.83
C ALA F 285 -31.39 33.56 -2.83
N VAL F 286 -30.66 33.22 -1.77
CA VAL F 286 -31.19 32.39 -0.72
C VAL F 286 -30.85 33.09 0.59
N ALA F 287 -31.73 32.99 1.58
CA ALA F 287 -31.49 33.64 2.86
C ALA F 287 -32.23 32.91 3.98
N GLY F 288 -31.72 33.03 5.20
CA GLY F 288 -32.34 32.37 6.32
C GLY F 288 -32.96 33.36 7.29
N VAL F 289 -34.05 32.93 7.94
CA VAL F 289 -34.75 33.76 8.93
C VAL F 289 -35.05 32.88 10.14
N PRO F 290 -35.48 33.51 11.26
CA PRO F 290 -35.78 32.70 12.45
C PRO F 290 -36.87 31.67 12.20
N PRO F 291 -36.67 30.42 12.64
CA PRO F 291 -37.66 29.35 12.46
C PRO F 291 -39.08 29.71 12.87
N ARG F 292 -39.23 30.33 14.05
CA ARG F 292 -40.55 30.71 14.56
C ARG F 292 -41.39 31.57 13.63
N ILE F 293 -40.76 32.23 12.66
CA ILE F 293 -41.50 33.06 11.72
C ILE F 293 -40.98 32.82 10.30
N MET F 294 -40.77 31.55 9.97
CA MET F 294 -40.27 31.17 8.65
C MET F 294 -41.05 31.80 7.51
N GLY F 295 -42.29 32.23 7.79
CA GLY F 295 -43.12 32.85 6.77
C GLY F 295 -42.50 34.01 6.01
N ILE F 296 -41.76 34.87 6.69
CA ILE F 296 -41.15 36.03 6.01
C ILE F 296 -39.94 35.73 5.14
N GLY F 297 -39.53 34.48 5.07
CA GLY F 297 -38.36 34.13 4.25
C GLY F 297 -38.21 34.89 2.93
N PRO F 298 -39.28 35.06 2.12
CA PRO F 298 -39.20 35.77 0.83
C PRO F 298 -38.64 37.20 0.88
N VAL F 299 -38.83 37.90 2.00
CA VAL F 299 -38.36 39.26 2.13
C VAL F 299 -36.84 39.44 1.93
N PRO F 300 -36.02 38.91 2.85
CA PRO F 300 -34.58 39.10 2.61
C PRO F 300 -34.07 38.41 1.34
N ALA F 301 -34.77 37.35 0.92
CA ALA F 301 -34.35 36.63 -0.27
C ALA F 301 -34.60 37.45 -1.52
N THR F 302 -35.77 38.09 -1.57
CA THR F 302 -36.12 38.92 -2.72
C THR F 302 -35.22 40.15 -2.81
N ARG F 303 -34.90 40.74 -1.67
CA ARG F 303 -34.01 41.89 -1.62
C ARG F 303 -32.62 41.52 -2.18
N LYS F 304 -32.04 40.43 -1.67
CA LYS F 304 -30.73 39.98 -2.14
C LYS F 304 -30.75 39.63 -3.63
N ALA F 305 -31.86 39.08 -4.10
CA ALA F 305 -31.99 38.69 -5.50
C ALA F 305 -32.08 39.92 -6.40
N LEU F 306 -33.02 40.81 -6.08
CA LEU F 306 -33.19 42.02 -6.83
C LEU F 306 -31.88 42.78 -6.91
N GLU F 307 -31.22 42.91 -5.77
CA GLU F 307 -29.95 43.61 -5.74
C GLU F 307 -28.93 42.97 -6.66
N ARG F 308 -28.89 41.64 -6.71
CA ARG F 308 -27.93 40.96 -7.56
C ARG F 308 -28.28 41.09 -9.02
N ALA F 309 -29.53 41.40 -9.30
CA ALA F 309 -30.00 41.56 -10.66
C ALA F 309 -30.00 43.02 -11.09
N GLY F 310 -29.58 43.88 -10.16
CA GLY F 310 -29.54 45.31 -10.44
C GLY F 310 -30.91 45.89 -10.74
N LEU F 311 -31.92 45.43 -10.01
CA LEU F 311 -33.26 45.91 -10.19
C LEU F 311 -33.89 46.35 -8.88
N SER F 312 -35.01 47.02 -9.00
CA SER F 312 -35.75 47.53 -7.86
C SER F 312 -37.07 46.81 -7.89
N PHE F 313 -37.68 46.64 -6.73
CA PHE F 313 -38.97 45.94 -6.67
C PHE F 313 -39.97 46.48 -7.70
N SER F 314 -39.94 47.79 -7.90
CA SER F 314 -40.84 48.46 -8.84
C SER F 314 -40.61 48.12 -10.32
N ASP F 315 -39.53 47.42 -10.63
CA ASP F 315 -39.25 47.01 -12.00
C ASP F 315 -39.97 45.69 -12.30
N LEU F 316 -40.38 44.99 -11.25
CA LEU F 316 -41.08 43.72 -11.40
C LEU F 316 -42.44 43.92 -12.02
N GLY F 317 -42.73 43.14 -13.08
CA GLY F 317 -44.01 43.25 -13.75
C GLY F 317 -44.95 42.09 -13.50
N LEU F 318 -44.47 41.12 -12.73
CA LEU F 318 -45.24 39.93 -12.36
C LEU F 318 -44.58 39.29 -11.15
N ILE F 319 -45.37 38.93 -10.14
CA ILE F 319 -44.82 38.34 -8.94
C ILE F 319 -45.52 37.07 -8.49
N GLU F 320 -44.77 35.99 -8.39
CA GLU F 320 -45.32 34.73 -7.92
C GLU F 320 -44.76 34.47 -6.52
N LEU F 321 -45.60 34.73 -5.51
CA LEU F 321 -45.27 34.53 -4.10
C LEU F 321 -46.08 33.33 -3.61
N ASN F 322 -45.38 32.22 -3.39
CA ASN F 322 -46.03 31.01 -2.96
C ASN F 322 -46.87 31.24 -1.71
N GLU F 323 -48.15 30.88 -1.78
CA GLU F 323 -49.07 31.07 -0.66
C GLU F 323 -49.10 29.89 0.31
N ALA F 324 -48.15 29.84 1.24
CA ALA F 324 -48.13 28.76 2.22
C ALA F 324 -49.31 28.92 3.15
N PHE F 325 -49.47 30.16 3.62
CA PHE F 325 -50.55 30.54 4.54
C PHE F 325 -50.96 31.97 4.23
N ALA F 326 -52.26 32.24 4.19
CA ALA F 326 -52.73 33.60 3.93
C ALA F 326 -51.97 34.54 4.88
N ALA F 327 -51.97 34.19 6.16
CA ALA F 327 -51.30 35.01 7.16
C ALA F 327 -49.85 35.27 6.80
N GLN F 328 -49.14 34.24 6.38
CA GLN F 328 -47.73 34.42 6.04
C GLN F 328 -47.58 35.29 4.79
N ALA F 329 -48.35 35.00 3.75
CA ALA F 329 -48.25 35.77 2.51
C ALA F 329 -48.51 37.26 2.75
N LEU F 330 -49.55 37.57 3.53
CA LEU F 330 -49.88 38.96 3.82
C LEU F 330 -48.76 39.65 4.61
N ALA F 331 -48.08 38.91 5.47
CA ALA F 331 -46.99 39.47 6.26
C ALA F 331 -45.84 39.86 5.32
N VAL F 332 -45.62 39.07 4.27
CA VAL F 332 -44.58 39.39 3.32
C VAL F 332 -45.02 40.63 2.56
N LEU F 333 -46.29 40.66 2.17
CA LEU F 333 -46.84 41.80 1.45
C LEU F 333 -46.68 43.09 2.27
N ARG F 334 -46.80 42.97 3.59
CA ARG F 334 -46.63 44.14 4.46
C ARG F 334 -45.26 44.75 4.21
N GLU F 335 -44.24 43.91 4.34
CA GLU F 335 -42.86 44.32 4.12
C GLU F 335 -42.64 44.97 2.77
N TRP F 336 -43.30 44.44 1.74
CA TRP F 336 -43.18 44.95 0.38
C TRP F 336 -44.05 46.18 0.19
N SER F 337 -44.94 46.44 1.13
CA SER F 337 -45.86 47.57 1.03
C SER F 337 -46.67 47.38 -0.24
N LEU F 338 -47.29 46.22 -0.37
CA LEU F 338 -48.08 45.87 -1.54
C LEU F 338 -49.45 45.38 -1.09
N SER F 339 -50.48 45.66 -1.89
CA SER F 339 -51.82 45.22 -1.54
C SER F 339 -52.14 43.89 -2.23
N MET F 340 -52.89 43.04 -1.53
CA MET F 340 -53.24 41.75 -2.10
C MET F 340 -54.01 41.90 -3.41
N GLU F 341 -54.36 43.13 -3.74
CA GLU F 341 -55.11 43.39 -4.97
C GLU F 341 -54.23 43.72 -6.18
N ASP F 342 -52.93 43.85 -5.93
CA ASP F 342 -51.98 44.17 -6.99
C ASP F 342 -52.07 43.21 -8.17
N GLN F 343 -52.34 43.76 -9.34
CA GLN F 343 -52.49 43.00 -10.56
C GLN F 343 -51.31 42.09 -10.86
N ARG F 344 -50.15 42.40 -10.30
CA ARG F 344 -48.93 41.61 -10.55
C ARG F 344 -48.83 40.33 -9.71
N LEU F 345 -49.46 40.33 -8.54
CA LEU F 345 -49.39 39.21 -7.61
C LEU F 345 -50.21 37.97 -7.98
N ASN F 346 -49.56 36.81 -7.99
CA ASN F 346 -50.20 35.54 -8.32
C ASN F 346 -51.44 35.78 -9.17
N PRO F 347 -51.24 36.19 -10.42
CA PRO F 347 -52.33 36.47 -11.35
C PRO F 347 -53.28 35.31 -11.64
N ASN F 348 -52.77 34.09 -11.64
CA ASN F 348 -53.66 32.99 -11.94
C ASN F 348 -53.99 32.12 -10.75
N GLY F 349 -53.79 32.68 -9.57
CA GLY F 349 -54.08 31.95 -8.34
C GLY F 349 -52.83 31.47 -7.63
N GLY F 350 -52.97 31.20 -6.33
CA GLY F 350 -51.86 30.73 -5.54
C GLY F 350 -52.10 29.36 -4.93
N ALA F 351 -51.09 28.87 -4.20
CA ALA F 351 -51.15 27.56 -3.57
C ALA F 351 -52.41 27.28 -2.74
N ILE F 352 -52.98 28.31 -2.12
CA ILE F 352 -54.19 28.12 -1.31
C ILE F 352 -55.31 27.45 -2.09
N ALA F 353 -55.42 27.81 -3.37
CA ALA F 353 -56.44 27.24 -4.22
C ALA F 353 -55.87 26.15 -5.13
N LEU F 354 -54.65 26.35 -5.61
CA LEU F 354 -54.02 25.40 -6.53
C LEU F 354 -53.35 24.17 -5.89
N GLY F 355 -52.71 24.36 -4.75
CA GLY F 355 -52.06 23.23 -4.09
C GLY F 355 -50.60 23.46 -3.81
N HIS F 356 -50.11 22.84 -2.73
CA HIS F 356 -48.71 23.00 -2.36
C HIS F 356 -47.96 21.69 -2.24
N PRO F 357 -47.65 21.06 -3.38
CA PRO F 357 -46.92 19.78 -3.40
C PRO F 357 -45.45 20.08 -3.17
N LEU F 358 -45.16 20.46 -1.93
CA LEU F 358 -43.82 20.81 -1.46
C LEU F 358 -42.68 20.80 -2.49
N GLY F 359 -41.97 19.67 -2.54
CA GLY F 359 -40.85 19.56 -3.46
C GLY F 359 -41.06 20.09 -4.86
N ALA F 360 -42.30 20.07 -5.36
CA ALA F 360 -42.55 20.53 -6.71
C ALA F 360 -43.09 21.96 -6.83
N SER F 361 -43.53 22.54 -5.71
CA SER F 361 -44.07 23.88 -5.78
C SER F 361 -43.08 24.91 -6.34
N GLY F 362 -41.80 24.78 -5.99
CA GLY F 362 -40.82 25.72 -6.50
C GLY F 362 -40.88 25.81 -8.01
N ALA F 363 -40.67 24.68 -8.66
CA ALA F 363 -40.71 24.62 -10.11
C ALA F 363 -42.10 24.94 -10.61
N ARG F 364 -43.12 24.55 -9.83
CA ARG F 364 -44.50 24.79 -10.24
C ARG F 364 -44.77 26.28 -10.46
N ILE F 365 -44.48 27.11 -9.45
CA ILE F 365 -44.72 28.54 -9.60
C ILE F 365 -43.81 29.20 -10.64
N LEU F 366 -42.60 28.69 -10.86
CA LEU F 366 -41.74 29.29 -11.87
C LEU F 366 -42.37 29.01 -13.24
N THR F 367 -42.96 27.84 -13.40
CA THR F 367 -43.59 27.49 -14.66
C THR F 367 -44.76 28.43 -14.94
N THR F 368 -45.58 28.70 -13.91
CA THR F 368 -46.73 29.58 -14.07
C THR F 368 -46.32 31.03 -14.28
N LEU F 369 -45.17 31.41 -13.73
CA LEU F 369 -44.67 32.77 -13.87
C LEU F 369 -44.27 33.04 -15.31
N VAL F 370 -43.34 32.23 -15.78
CA VAL F 370 -42.80 32.28 -17.13
C VAL F 370 -43.88 32.30 -18.20
N HIS F 371 -44.81 31.36 -18.14
CA HIS F 371 -45.87 31.30 -19.14
C HIS F 371 -46.72 32.57 -19.14
N GLU F 372 -47.01 33.12 -17.97
CA GLU F 372 -47.82 34.33 -17.91
C GLU F 372 -47.00 35.51 -18.38
N MET F 373 -45.74 35.58 -17.98
CA MET F 373 -44.88 36.68 -18.41
C MET F 373 -44.93 36.79 -19.93
N ARG F 374 -44.85 35.65 -20.60
CA ARG F 374 -44.87 35.64 -22.05
C ARG F 374 -46.16 36.14 -22.64
N ARG F 375 -47.29 35.72 -22.08
CA ARG F 375 -48.55 36.15 -22.65
C ARG F 375 -48.83 37.62 -22.43
N ARG F 376 -48.44 38.18 -21.29
CA ARG F 376 -48.68 39.60 -21.10
C ARG F 376 -47.43 40.45 -21.33
N LYS F 377 -46.44 39.84 -21.97
CA LYS F 377 -45.18 40.48 -22.32
C LYS F 377 -44.52 41.31 -21.23
N VAL F 378 -44.39 40.74 -20.04
CA VAL F 378 -43.76 41.40 -18.90
C VAL F 378 -42.25 41.20 -19.06
N GLN F 379 -41.45 42.19 -18.66
CA GLN F 379 -40.01 42.06 -18.79
C GLN F 379 -39.33 41.40 -17.61
N PHE F 380 -39.74 41.77 -16.40
CA PHE F 380 -39.12 41.20 -15.20
C PHE F 380 -40.09 40.51 -14.25
N GLY F 381 -39.77 39.25 -13.95
CA GLY F 381 -40.61 38.48 -13.05
C GLY F 381 -39.88 37.98 -11.81
N LEU F 382 -40.64 37.77 -10.74
CA LEU F 382 -40.09 37.29 -9.48
C LEU F 382 -40.84 36.06 -8.94
N ALA F 383 -40.08 35.02 -8.59
CA ALA F 383 -40.65 33.80 -8.00
C ALA F 383 -39.95 33.58 -6.66
N THR F 384 -40.71 33.57 -5.57
CA THR F 384 -40.11 33.39 -4.26
C THR F 384 -41.02 32.61 -3.32
N MET F 385 -40.41 31.91 -2.35
CA MET F 385 -41.14 31.08 -1.39
C MET F 385 -40.58 31.08 0.02
N CYS F 386 -41.44 30.71 0.96
CA CYS F 386 -41.07 30.59 2.36
C CYS F 386 -40.61 29.14 2.48
N ILE F 387 -39.65 28.89 3.37
CA ILE F 387 -39.11 27.54 3.55
C ILE F 387 -39.11 27.08 5.01
N GLY F 388 -39.63 25.88 5.26
CA GLY F 388 -39.68 25.34 6.61
C GLY F 388 -38.40 25.42 7.43
N VAL F 389 -38.58 25.69 8.73
CA VAL F 389 -37.48 25.83 9.68
C VAL F 389 -36.66 27.12 9.47
N GLY F 390 -37.24 28.09 8.77
CA GLY F 390 -36.59 29.38 8.60
C GLY F 390 -35.71 29.74 7.41
N GLN F 391 -36.25 29.66 6.20
CA GLN F 391 -35.49 30.01 5.00
C GLN F 391 -36.36 30.63 3.92
N GLY F 392 -35.70 31.19 2.91
CA GLY F 392 -36.42 31.81 1.82
C GLY F 392 -35.58 31.76 0.56
N ILE F 393 -36.21 31.61 -0.59
CA ILE F 393 -35.49 31.57 -1.84
C ILE F 393 -36.23 32.41 -2.87
N ALA F 394 -35.50 33.09 -3.74
CA ALA F 394 -36.12 33.92 -4.77
C ALA F 394 -35.27 33.89 -6.04
N VAL F 395 -35.95 33.98 -7.18
CA VAL F 395 -35.28 33.96 -8.47
C VAL F 395 -35.85 35.06 -9.37
N VAL F 396 -34.97 35.89 -9.93
CA VAL F 396 -35.40 36.97 -10.81
C VAL F 396 -35.26 36.52 -12.25
N VAL F 397 -36.32 36.69 -13.02
CA VAL F 397 -36.31 36.27 -14.41
C VAL F 397 -36.70 37.39 -15.36
N GLU F 398 -36.06 37.41 -16.52
CA GLU F 398 -36.33 38.42 -17.54
C GLU F 398 -36.95 37.75 -18.77
N GLY F 399 -38.10 38.24 -19.19
CA GLY F 399 -38.75 37.64 -20.34
C GLY F 399 -38.04 37.93 -21.65
N MET F 400 -38.31 37.10 -22.65
CA MET F 400 -37.71 37.24 -23.98
C MET F 400 -38.72 36.81 -25.05
N PRO G 2 -59.63 -41.64 42.43
CA PRO G 2 -58.81 -40.43 42.15
C PRO G 2 -58.56 -40.33 40.63
N GLU G 3 -59.59 -40.05 39.86
CA GLU G 3 -59.46 -39.97 38.41
C GLU G 3 -58.21 -39.29 37.80
N ALA G 4 -57.86 -38.07 38.21
CA ALA G 4 -56.71 -37.38 37.57
C ALA G 4 -55.39 -37.35 38.33
N TRP G 5 -54.42 -38.13 37.84
CA TRP G 5 -53.10 -38.21 38.47
C TRP G 5 -51.96 -37.55 37.71
N ILE G 6 -51.15 -36.78 38.45
CA ILE G 6 -49.96 -36.11 37.92
C ILE G 6 -48.81 -37.10 38.03
N VAL G 7 -48.38 -37.65 36.91
CA VAL G 7 -47.33 -38.65 36.91
C VAL G 7 -45.95 -38.16 36.47
N GLU G 8 -45.86 -36.91 36.03
CA GLU G 8 -44.58 -36.36 35.61
C GLU G 8 -44.63 -34.86 35.52
N ALA G 9 -43.55 -34.20 35.89
CA ALA G 9 -43.51 -32.74 35.83
C ALA G 9 -42.12 -32.28 35.43
N VAL G 10 -42.04 -31.41 34.44
CA VAL G 10 -40.76 -30.91 33.98
C VAL G 10 -40.84 -29.45 33.63
N ARG G 11 -39.70 -28.79 33.65
CA ARG G 11 -39.63 -27.38 33.29
C ARG G 11 -38.24 -27.07 32.79
N THR G 12 -38.13 -26.08 31.91
CA THR G 12 -36.85 -25.66 31.37
C THR G 12 -36.37 -24.62 32.37
N PRO G 13 -35.06 -24.34 32.39
CA PRO G 13 -34.63 -23.32 33.35
C PRO G 13 -35.23 -21.98 32.90
N ILE G 14 -35.33 -21.02 33.81
CA ILE G 14 -35.90 -19.73 33.45
C ILE G 14 -34.81 -18.72 33.13
N GLY G 15 -34.92 -18.13 31.93
CA GLY G 15 -33.95 -17.15 31.48
C GLY G 15 -34.39 -15.70 31.66
N LYS G 16 -33.41 -14.79 31.71
CA LYS G 16 -33.70 -13.37 31.87
C LYS G 16 -34.11 -12.84 30.52
N HIS G 17 -34.76 -11.67 30.52
CA HIS G 17 -35.20 -11.06 29.26
C HIS G 17 -33.98 -10.79 28.41
N GLY G 18 -34.02 -11.25 27.17
CA GLY G 18 -32.90 -11.05 26.28
C GLY G 18 -31.71 -11.83 26.77
N GLY G 19 -31.98 -12.74 27.70
CA GLY G 19 -30.93 -13.57 28.29
C GLY G 19 -30.64 -14.91 27.62
N ALA G 20 -30.25 -15.86 28.45
CA ALA G 20 -29.87 -17.21 28.06
C ALA G 20 -30.74 -17.93 27.04
N LEU G 21 -32.05 -17.66 27.08
CA LEU G 21 -32.95 -18.33 26.16
C LEU G 21 -33.62 -17.41 25.15
N ALA G 22 -33.18 -16.16 25.09
CA ALA G 22 -33.75 -15.20 24.15
C ALA G 22 -33.64 -15.67 22.68
N SER G 23 -32.68 -16.55 22.42
CA SER G 23 -32.46 -17.03 21.06
C SER G 23 -33.42 -18.13 20.69
N VAL G 24 -33.96 -18.79 21.71
CA VAL G 24 -34.92 -19.88 21.50
C VAL G 24 -36.33 -19.37 21.29
N ARG G 25 -36.96 -19.77 20.19
CA ARG G 25 -38.33 -19.33 19.96
C ARG G 25 -39.32 -20.12 20.78
N PRO G 26 -40.36 -19.45 21.28
CA PRO G 26 -41.41 -20.06 22.10
C PRO G 26 -41.91 -21.44 21.65
N ASP G 27 -42.33 -21.57 20.40
CA ASP G 27 -42.82 -22.85 19.92
C ASP G 27 -41.79 -23.97 20.06
N ASP G 28 -40.52 -23.64 19.80
CA ASP G 28 -39.44 -24.62 19.94
C ASP G 28 -39.19 -24.87 21.42
N LEU G 29 -39.23 -23.81 22.23
CA LEU G 29 -39.01 -23.95 23.67
C LEU G 29 -40.02 -24.94 24.26
N LEU G 30 -41.30 -24.68 23.99
CA LEU G 30 -42.37 -25.54 24.49
C LEU G 30 -42.21 -26.98 24.03
N ALA G 31 -41.72 -27.17 22.81
CA ALA G 31 -41.54 -28.52 22.30
C ALA G 31 -40.52 -29.25 23.18
N HIS G 32 -39.46 -28.55 23.60
CA HIS G 32 -38.44 -29.18 24.45
C HIS G 32 -39.09 -29.75 25.71
N ALA G 33 -39.92 -28.95 26.36
CA ALA G 33 -40.62 -29.38 27.57
C ALA G 33 -41.51 -30.60 27.26
N LEU G 34 -42.31 -30.49 26.20
CA LEU G 34 -43.20 -31.56 25.81
C LEU G 34 -42.44 -32.85 25.54
N SER G 35 -41.36 -32.75 24.76
CA SER G 35 -40.60 -33.95 24.45
C SER G 35 -40.06 -34.56 25.72
N VAL G 36 -39.44 -33.74 26.55
CA VAL G 36 -38.83 -34.23 27.77
C VAL G 36 -39.81 -34.94 28.68
N LEU G 37 -40.98 -34.33 28.85
CA LEU G 37 -42.01 -34.87 29.71
C LEU G 37 -42.29 -36.33 29.36
N VAL G 38 -42.59 -36.55 28.10
CA VAL G 38 -42.90 -37.87 27.59
C VAL G 38 -41.73 -38.82 27.60
N ASP G 39 -40.58 -38.35 27.17
CA ASP G 39 -39.42 -39.22 27.12
C ASP G 39 -39.11 -39.87 28.46
N ARG G 40 -39.06 -39.07 29.53
CA ARG G 40 -38.76 -39.62 30.85
C ARG G 40 -39.93 -40.32 31.56
N SER G 41 -41.14 -40.22 31.00
CA SER G 41 -42.30 -40.86 31.62
C SER G 41 -42.40 -42.33 31.19
N GLY G 42 -41.93 -42.63 29.98
CA GLY G 42 -42.01 -43.99 29.48
C GLY G 42 -43.40 -44.24 28.95
N VAL G 43 -44.03 -43.16 28.48
CA VAL G 43 -45.38 -43.22 27.91
C VAL G 43 -45.25 -42.78 26.45
N PRO G 44 -45.41 -43.70 25.51
CA PRO G 44 -45.31 -43.32 24.10
C PRO G 44 -46.20 -42.12 23.74
N LYS G 45 -45.66 -41.22 22.93
CA LYS G 45 -46.37 -40.02 22.51
C LYS G 45 -47.76 -40.26 21.95
N GLU G 46 -47.88 -41.26 21.10
CA GLU G 46 -49.17 -41.60 20.50
C GLU G 46 -50.28 -41.78 21.55
N GLU G 47 -49.88 -42.03 22.81
CA GLU G 47 -50.83 -42.25 23.90
C GLU G 47 -51.53 -40.99 24.40
N VAL G 48 -50.90 -39.83 24.20
CA VAL G 48 -51.47 -38.55 24.61
C VAL G 48 -52.70 -38.17 23.78
N GLU G 49 -53.78 -37.78 24.45
CA GLU G 49 -55.04 -37.40 23.81
C GLU G 49 -55.14 -35.96 23.35
N ASP G 50 -54.60 -35.05 24.16
CA ASP G 50 -54.67 -33.63 23.86
C ASP G 50 -53.59 -32.90 24.66
N VAL G 51 -53.12 -31.76 24.15
CA VAL G 51 -52.08 -30.99 24.83
C VAL G 51 -52.57 -29.58 25.09
N TYR G 52 -52.79 -29.25 26.36
CA TYR G 52 -53.21 -27.90 26.71
C TYR G 52 -51.96 -27.13 27.07
N ALA G 53 -51.92 -25.86 26.65
CA ALA G 53 -50.78 -25.00 26.94
C ALA G 53 -51.22 -23.54 27.15
N GLY G 54 -50.64 -22.91 28.17
CA GLY G 54 -50.95 -21.52 28.44
C GLY G 54 -49.94 -20.58 27.79
N CYS G 55 -50.42 -19.46 27.26
CA CYS G 55 -49.56 -18.47 26.63
C CYS G 55 -50.21 -17.09 26.68
N ALA G 56 -49.60 -16.16 27.40
CA ALA G 56 -50.15 -14.82 27.57
C ALA G 56 -50.20 -13.92 26.33
N ASN G 57 -49.31 -14.15 25.37
CA ASN G 57 -49.30 -13.33 24.16
C ASN G 57 -48.98 -14.23 22.98
N GLN G 58 -49.98 -14.49 22.15
CA GLN G 58 -49.77 -15.38 21.01
C GLN G 58 -49.66 -14.64 19.68
N ALA G 59 -48.95 -13.52 19.67
CA ALA G 59 -48.81 -12.69 18.48
C ALA G 59 -47.58 -12.92 17.62
N GLY G 60 -46.52 -13.51 18.18
CA GLY G 60 -45.31 -13.75 17.42
C GLY G 60 -45.06 -15.20 17.02
N GLU G 61 -43.86 -15.71 17.29
CA GLU G 61 -43.52 -17.08 16.93
C GLU G 61 -44.36 -18.09 17.70
N ASP G 62 -45.28 -17.59 18.51
CA ASP G 62 -46.17 -18.45 19.30
C ASP G 62 -47.60 -18.33 18.76
N ASN G 63 -47.71 -17.85 17.52
CA ASN G 63 -49.02 -17.65 16.90
C ASN G 63 -49.73 -18.91 16.40
N ARG G 64 -51.05 -18.78 16.28
CA ARG G 64 -51.94 -19.83 15.82
C ARG G 64 -51.88 -21.15 16.58
N ASN G 65 -52.05 -21.06 17.89
CA ASN G 65 -52.09 -22.21 18.75
C ASN G 65 -50.74 -22.93 18.90
N VAL G 66 -49.94 -22.47 19.86
CA VAL G 66 -48.61 -23.04 20.14
C VAL G 66 -48.64 -24.49 20.53
N ALA G 67 -49.67 -24.87 21.28
CA ALA G 67 -49.78 -26.24 21.74
C ALA G 67 -49.60 -27.18 20.54
N ARG G 68 -50.47 -26.98 19.55
CA ARG G 68 -50.45 -27.80 18.35
C ARG G 68 -49.11 -27.72 17.63
N MET G 69 -48.60 -26.50 17.43
CA MET G 69 -47.32 -26.32 16.74
C MET G 69 -46.19 -27.00 17.54
N ALA G 70 -46.17 -26.76 18.85
CA ALA G 70 -45.13 -27.33 19.69
C ALA G 70 -45.11 -28.85 19.72
N LEU G 71 -46.30 -29.46 19.84
CA LEU G 71 -46.37 -30.91 19.91
C LEU G 71 -45.93 -31.56 18.60
N LEU G 72 -46.24 -30.93 17.46
CA LEU G 72 -45.82 -31.49 16.18
C LEU G 72 -44.30 -31.38 16.07
N LEU G 73 -43.76 -30.23 16.46
CA LEU G 73 -42.32 -30.00 16.42
C LEU G 73 -41.62 -31.00 17.34
N ALA G 74 -42.23 -31.30 18.48
CA ALA G 74 -41.65 -32.24 19.43
C ALA G 74 -41.72 -33.71 18.99
N GLY G 75 -42.10 -33.94 17.74
CA GLY G 75 -42.15 -35.31 17.25
C GLY G 75 -43.41 -36.12 17.56
N PHE G 76 -44.41 -35.50 18.19
CA PHE G 76 -45.64 -36.24 18.49
C PHE G 76 -46.35 -36.61 17.18
N PRO G 77 -47.08 -37.73 17.18
CA PRO G 77 -47.79 -38.15 15.98
C PRO G 77 -48.93 -37.21 15.72
N VAL G 78 -49.31 -37.12 14.45
CA VAL G 78 -50.38 -36.24 13.98
C VAL G 78 -51.75 -36.32 14.71
N GLU G 79 -52.03 -37.44 15.36
CA GLU G 79 -53.32 -37.60 16.04
C GLU G 79 -53.46 -36.91 17.39
N VAL G 80 -52.35 -36.48 18.00
CA VAL G 80 -52.44 -35.80 19.29
C VAL G 80 -52.96 -34.39 19.08
N ALA G 81 -54.04 -34.05 19.77
CA ALA G 81 -54.63 -32.72 19.64
C ALA G 81 -53.98 -31.75 20.58
N GLY G 82 -54.32 -30.47 20.41
CA GLY G 82 -53.76 -29.44 21.26
C GLY G 82 -54.55 -28.15 21.18
N CYS G 83 -54.50 -27.38 22.26
CA CYS G 83 -55.19 -26.10 22.34
C CYS G 83 -54.38 -25.16 23.25
N THR G 84 -54.44 -23.86 22.97
CA THR G 84 -53.70 -22.92 23.80
C THR G 84 -54.63 -22.03 24.60
N VAL G 85 -54.52 -22.16 25.92
CA VAL G 85 -55.35 -21.42 26.86
C VAL G 85 -54.70 -20.10 27.26
N ASN G 86 -55.53 -19.09 27.54
CA ASN G 86 -55.01 -17.78 27.93
C ASN G 86 -55.79 -17.04 29.00
N ARG G 87 -55.26 -17.04 30.21
CA ARG G 87 -55.86 -16.35 31.36
C ARG G 87 -54.67 -15.61 31.95
N LEU G 88 -53.90 -14.99 31.06
CA LEU G 88 -52.71 -14.21 31.41
C LEU G 88 -51.75 -14.93 32.37
N CYS G 89 -51.32 -14.19 33.39
CA CYS G 89 -50.38 -14.72 34.37
C CYS G 89 -50.71 -16.14 34.80
N GLY G 90 -52.00 -16.45 34.88
CA GLY G 90 -52.38 -17.78 35.31
C GLY G 90 -52.64 -18.82 34.25
N SER G 91 -52.29 -18.52 33.00
CA SER G 91 -52.54 -19.47 31.92
C SER G 91 -51.90 -20.85 32.14
N GLY G 92 -50.72 -20.86 32.76
CA GLY G 92 -50.04 -22.10 33.02
C GLY G 92 -50.86 -23.06 33.85
N LEU G 93 -51.44 -22.58 34.94
CA LEU G 93 -52.25 -23.45 35.79
C LEU G 93 -53.58 -23.80 35.10
N GLU G 94 -54.21 -22.82 34.46
CA GLU G 94 -55.47 -23.06 33.76
C GLU G 94 -55.33 -24.24 32.82
N ALA G 95 -54.13 -24.42 32.28
CA ALA G 95 -53.86 -25.51 31.35
C ALA G 95 -53.96 -26.88 32.02
N VAL G 96 -53.45 -26.97 33.25
CA VAL G 96 -53.50 -28.24 33.96
C VAL G 96 -54.92 -28.50 34.40
N ALA G 97 -55.62 -27.45 34.78
CA ALA G 97 -56.99 -27.55 35.23
C ALA G 97 -57.81 -28.13 34.09
N GLN G 98 -57.59 -27.58 32.91
CA GLN G 98 -58.28 -28.02 31.71
C GLN G 98 -58.03 -29.51 31.47
N ALA G 99 -56.79 -29.94 31.65
CA ALA G 99 -56.45 -31.35 31.45
C ALA G 99 -57.16 -32.24 32.44
N ALA G 100 -57.10 -31.87 33.72
CA ALA G 100 -57.75 -32.64 34.76
C ALA G 100 -59.26 -32.75 34.51
N ARG G 101 -59.93 -31.63 34.23
CA ARG G 101 -61.38 -31.65 33.96
C ARG G 101 -61.78 -32.61 32.85
N ALA G 102 -60.88 -32.80 31.89
CA ALA G 102 -61.15 -33.72 30.78
C ALA G 102 -61.04 -35.16 31.28
N ILE G 103 -60.03 -35.43 32.09
CA ILE G 103 -59.87 -36.78 32.62
C ILE G 103 -61.08 -37.14 33.48
N TRP G 104 -61.51 -36.20 34.31
CA TRP G 104 -62.67 -36.41 35.17
C TRP G 104 -63.92 -36.67 34.35
N ALA G 105 -63.98 -36.07 33.16
CA ALA G 105 -65.14 -36.22 32.30
C ALA G 105 -65.11 -37.57 31.58
N GLY G 106 -64.02 -38.31 31.80
CA GLY G 106 -63.90 -39.60 31.17
C GLY G 106 -63.76 -39.61 29.66
N GLU G 107 -63.01 -38.66 29.11
CA GLU G 107 -62.79 -38.63 27.67
C GLU G 107 -61.52 -39.42 27.43
N GLY G 108 -60.38 -38.75 27.42
CA GLY G 108 -59.12 -39.45 27.21
C GLY G 108 -58.57 -40.02 28.51
N LYS G 109 -57.41 -40.66 28.44
CA LYS G 109 -56.76 -41.23 29.63
C LYS G 109 -55.41 -40.57 29.88
N VAL G 110 -54.89 -39.89 28.86
CA VAL G 110 -53.60 -39.22 28.96
C VAL G 110 -53.66 -37.80 28.45
N TYR G 111 -53.30 -36.83 29.29
CA TYR G 111 -53.31 -35.43 28.85
C TYR G 111 -52.06 -34.69 29.33
N ILE G 112 -51.75 -33.57 28.69
CA ILE G 112 -50.60 -32.75 29.10
C ILE G 112 -51.02 -31.31 29.34
N GLY G 113 -50.69 -30.80 30.52
CA GLY G 113 -51.01 -29.42 30.85
C GLY G 113 -49.69 -28.67 30.87
N SER G 114 -49.54 -27.70 29.99
CA SER G 114 -48.28 -26.97 29.92
C SER G 114 -48.43 -25.49 29.71
N GLY G 115 -47.29 -24.81 29.59
CA GLY G 115 -47.30 -23.38 29.37
C GLY G 115 -45.97 -22.93 28.84
N VAL G 116 -45.96 -21.79 28.14
CA VAL G 116 -44.72 -21.26 27.58
C VAL G 116 -44.85 -19.76 27.40
N GLU G 117 -43.72 -19.07 27.47
CA GLU G 117 -43.72 -17.62 27.29
C GLU G 117 -42.31 -17.18 26.95
N SER G 118 -42.18 -16.47 25.84
CA SER G 118 -40.88 -15.96 25.43
C SER G 118 -41.07 -14.44 25.38
N MET G 119 -40.88 -13.79 26.52
CA MET G 119 -41.03 -12.35 26.63
C MET G 119 -39.94 -11.59 25.88
N SER G 120 -38.85 -12.29 25.60
CA SER G 120 -37.72 -11.70 24.87
C SER G 120 -38.08 -11.48 23.40
N ARG G 121 -38.76 -12.46 22.80
CA ARG G 121 -39.12 -12.41 21.40
C ARG G 121 -40.53 -11.92 21.10
N ALA G 122 -41.24 -11.43 22.10
CA ALA G 122 -42.59 -10.91 21.89
C ALA G 122 -42.53 -9.82 20.82
N PRO G 123 -43.24 -10.00 19.71
CA PRO G 123 -43.28 -9.05 18.58
C PRO G 123 -43.94 -7.70 18.88
N TYR G 124 -44.07 -6.87 17.84
CA TYR G 124 -44.72 -5.57 17.99
C TYR G 124 -46.01 -5.69 17.23
N ALA G 125 -47.07 -5.04 17.70
CA ALA G 125 -48.34 -5.10 17.01
C ALA G 125 -48.74 -3.74 16.44
N VAL G 126 -49.13 -3.72 15.18
CA VAL G 126 -49.51 -2.49 14.52
C VAL G 126 -50.95 -2.54 14.00
N PRO G 127 -51.77 -1.54 14.36
CA PRO G 127 -53.17 -1.46 13.93
C PRO G 127 -53.35 -1.52 12.42
N LYS G 128 -54.58 -1.82 12.00
CA LYS G 128 -54.92 -1.87 10.58
C LYS G 128 -55.58 -0.57 10.16
N PRO G 129 -55.11 0.03 9.08
CA PRO G 129 -55.69 1.28 8.62
C PRO G 129 -57.16 1.06 8.40
N GLU G 130 -57.95 2.12 8.51
CA GLU G 130 -59.39 2.00 8.29
C GLU G 130 -59.82 2.83 7.11
N ARG G 131 -58.94 3.73 6.68
CA ARG G 131 -59.21 4.61 5.54
C ARG G 131 -58.19 4.35 4.45
N GLY G 132 -58.47 4.93 3.28
CA GLY G 132 -57.60 4.80 2.14
C GLY G 132 -56.19 5.34 2.34
N PHE G 133 -55.98 6.65 2.19
CA PHE G 133 -54.64 7.18 2.39
C PHE G 133 -54.61 7.92 3.71
N PRO G 134 -54.30 7.22 4.80
CA PRO G 134 -54.24 7.80 6.14
C PRO G 134 -53.30 8.98 6.25
N THR G 135 -53.25 9.55 7.44
CA THR G 135 -52.39 10.67 7.77
C THR G 135 -52.30 10.66 9.30
N GLY G 136 -51.11 10.90 9.84
CA GLY G 136 -50.97 10.88 11.28
C GLY G 136 -50.08 9.73 11.72
N ASN G 137 -49.31 9.93 12.78
CA ASN G 137 -48.40 8.90 13.26
C ASN G 137 -49.14 7.72 13.88
N LEU G 138 -48.50 6.55 13.82
CA LEU G 138 -49.09 5.33 14.37
C LEU G 138 -48.23 4.83 15.52
N VAL G 139 -48.74 3.84 16.25
CA VAL G 139 -47.99 3.27 17.35
C VAL G 139 -47.71 1.81 17.14
N MET G 140 -46.47 1.41 17.42
CA MET G 140 -46.09 0.01 17.32
C MET G 140 -46.05 -0.48 18.74
N TYR G 141 -47.05 -1.25 19.12
CA TYR G 141 -47.13 -1.75 20.47
C TYR G 141 -46.18 -2.92 20.74
N ASP G 142 -45.49 -2.86 21.87
CA ASP G 142 -44.59 -3.93 22.25
C ASP G 142 -45.39 -4.90 23.10
N THR G 143 -45.66 -6.07 22.55
CA THR G 143 -46.43 -7.11 23.22
C THR G 143 -45.75 -7.70 24.46
N THR G 144 -44.49 -7.32 24.70
CA THR G 144 -43.76 -7.80 25.86
C THR G 144 -44.33 -7.13 27.09
N LEU G 145 -44.82 -5.91 26.91
CA LEU G 145 -45.38 -5.14 28.02
C LEU G 145 -46.86 -5.43 28.28
N GLY G 146 -47.58 -4.45 28.80
CA GLY G 146 -48.98 -4.68 29.13
C GLY G 146 -50.04 -4.06 28.26
N TRP G 147 -50.74 -3.07 28.81
CA TRP G 147 -51.82 -2.41 28.10
C TRP G 147 -51.46 -1.91 26.71
N ARG G 148 -52.31 -2.25 25.74
CA ARG G 148 -52.13 -1.86 24.37
C ARG G 148 -53.48 -1.88 23.65
N PHE G 149 -53.58 -1.19 22.53
CA PHE G 149 -54.84 -1.10 21.78
C PHE G 149 -55.93 -0.80 22.77
N VAL G 150 -55.60 -0.03 23.79
CA VAL G 150 -56.56 0.30 24.83
C VAL G 150 -57.93 0.75 24.36
N ASN G 151 -58.96 0.27 25.05
CA ASN G 151 -60.34 0.59 24.75
C ASN G 151 -60.72 1.78 25.62
N PRO G 152 -61.18 2.87 25.01
CA PRO G 152 -61.57 4.07 25.75
C PRO G 152 -62.55 3.75 26.85
N LYS G 153 -63.57 2.96 26.52
CA LYS G 153 -64.58 2.56 27.47
C LYS G 153 -63.93 1.87 28.64
N MET G 154 -62.90 1.08 28.36
CA MET G 154 -62.17 0.35 29.40
C MET G 154 -61.50 1.36 30.31
N GLN G 155 -60.85 2.35 29.71
CA GLN G 155 -60.15 3.41 30.45
C GLN G 155 -61.10 4.11 31.40
N ALA G 156 -62.34 4.31 30.96
CA ALA G 156 -63.35 4.97 31.77
C ALA G 156 -63.92 4.15 32.94
N LEU G 157 -64.23 2.87 32.73
CA LEU G 157 -64.80 2.04 33.80
C LEU G 157 -63.79 1.76 34.89
N TYR G 158 -62.68 1.12 34.51
CA TYR G 158 -61.60 0.80 35.43
C TYR G 158 -60.40 1.45 34.74
N GLY G 159 -59.31 1.65 35.44
CA GLY G 159 -58.18 2.27 34.75
C GLY G 159 -57.41 1.29 33.89
N THR G 160 -56.20 1.68 33.52
CA THR G 160 -55.34 0.81 32.75
C THR G 160 -54.02 0.88 33.50
N GLU G 161 -54.11 0.87 34.82
CA GLU G 161 -52.92 0.93 35.67
C GLU G 161 -52.10 -0.31 35.39
N SER G 162 -50.78 -0.15 35.37
CA SER G 162 -49.87 -1.25 35.10
C SER G 162 -49.86 -2.20 36.28
N MET G 163 -49.40 -3.42 36.04
CA MET G 163 -49.33 -4.40 37.12
C MET G 163 -48.56 -3.81 38.29
N GLY G 164 -47.42 -3.18 37.99
CA GLY G 164 -46.61 -2.58 39.03
C GLY G 164 -47.38 -1.56 39.85
N GLU G 165 -48.33 -0.87 39.21
CA GLU G 165 -49.12 0.13 39.92
C GLU G 165 -50.13 -0.54 40.85
N THR G 166 -50.76 -1.61 40.38
CA THR G 166 -51.73 -2.28 41.22
C THR G 166 -50.97 -2.80 42.42
N ALA G 167 -49.68 -3.05 42.24
CA ALA G 167 -48.84 -3.55 43.32
C ALA G 167 -48.75 -2.45 44.38
N GLU G 168 -48.60 -1.21 43.93
CA GLU G 168 -48.55 -0.05 44.82
C GLU G 168 -49.89 0.11 45.54
N ASN G 169 -50.98 0.05 44.79
CA ASN G 169 -52.32 0.17 45.38
C ASN G 169 -52.47 -0.80 46.54
N LEU G 170 -51.95 -2.02 46.38
CA LEU G 170 -52.03 -3.01 47.44
C LEU G 170 -51.11 -2.62 48.59
N ALA G 171 -49.88 -2.24 48.29
CA ALA G 171 -48.93 -1.83 49.33
C ALA G 171 -49.61 -0.77 50.20
N GLU G 172 -50.31 0.16 49.55
CA GLU G 172 -51.00 1.24 50.25
C GLU G 172 -52.15 0.71 51.10
N MET G 173 -53.08 0.02 50.45
CA MET G 173 -54.26 -0.54 51.11
C MET G 173 -53.94 -1.35 52.37
N TYR G 174 -52.91 -2.21 52.30
CA TYR G 174 -52.53 -3.04 53.43
C TYR G 174 -51.40 -2.48 54.27
N GLY G 175 -50.82 -1.37 53.84
CA GLY G 175 -49.74 -0.76 54.58
C GLY G 175 -48.49 -1.62 54.66
N ILE G 176 -48.10 -2.17 53.52
CA ILE G 176 -46.92 -3.01 53.46
C ILE G 176 -45.71 -2.12 53.19
N ARG G 177 -44.87 -1.96 54.21
CA ARG G 177 -43.69 -1.11 54.11
C ARG G 177 -42.62 -1.63 53.15
N ARG G 178 -41.75 -0.72 52.74
CA ARG G 178 -40.66 -1.01 51.83
C ARG G 178 -39.68 -2.01 52.43
N GLU G 179 -39.33 -1.81 53.69
CA GLU G 179 -38.39 -2.69 54.39
C GLU G 179 -38.87 -4.13 54.35
N GLU G 180 -40.18 -4.32 54.57
CA GLU G 180 -40.76 -5.66 54.56
C GLU G 180 -40.75 -6.29 53.17
N GLN G 181 -41.05 -5.48 52.16
CA GLN G 181 -41.06 -5.94 50.77
C GLN G 181 -39.67 -6.41 50.37
N ASP G 182 -38.65 -5.61 50.66
CA ASP G 182 -37.28 -6.01 50.30
C ASP G 182 -36.86 -7.24 51.11
N ARG G 183 -37.29 -7.30 52.37
CA ARG G 183 -36.96 -8.42 53.23
C ARG G 183 -37.52 -9.68 52.57
N PHE G 184 -38.77 -9.60 52.13
CA PHE G 184 -39.41 -10.70 51.45
C PHE G 184 -38.63 -11.12 50.19
N ALA G 185 -38.21 -10.14 49.40
CA ALA G 185 -37.46 -10.39 48.19
C ALA G 185 -36.12 -11.06 48.50
N LEU G 186 -35.47 -10.63 49.57
CA LEU G 186 -34.18 -11.22 49.91
C LEU G 186 -34.33 -12.72 50.16
N LEU G 187 -35.41 -13.08 50.84
CA LEU G 187 -35.67 -14.49 51.14
C LEU G 187 -35.85 -15.31 49.86
N SER G 188 -36.64 -14.79 48.92
CA SER G 188 -36.90 -15.48 47.68
C SER G 188 -35.58 -15.87 47.01
N HIS G 189 -34.63 -14.96 46.97
CA HIS G 189 -33.34 -15.25 46.36
C HIS G 189 -32.56 -16.28 47.16
N GLN G 190 -32.51 -16.09 48.48
CA GLN G 190 -31.79 -16.99 49.36
C GLN G 190 -32.29 -18.43 49.26
N LYS G 191 -33.60 -18.61 49.30
CA LYS G 191 -34.20 -19.95 49.20
C LYS G 191 -33.90 -20.61 47.86
N ALA G 192 -33.94 -19.80 46.79
CA ALA G 192 -33.68 -20.27 45.43
C ALA G 192 -32.23 -20.69 45.27
N VAL G 193 -31.32 -19.82 45.67
CA VAL G 193 -29.91 -20.12 45.54
C VAL G 193 -29.56 -21.37 46.34
N ARG G 194 -30.17 -21.51 47.50
CA ARG G 194 -29.92 -22.66 48.35
C ARG G 194 -30.49 -23.92 47.69
N ALA G 195 -31.73 -23.84 47.23
CA ALA G 195 -32.38 -24.98 46.58
C ALA G 195 -31.56 -25.50 45.42
N TRP G 196 -31.04 -24.61 44.59
CA TRP G 196 -30.23 -25.03 43.45
C TRP G 196 -28.99 -25.70 43.96
N GLU G 197 -28.25 -24.93 44.74
CA GLU G 197 -27.01 -25.34 45.37
C GLU G 197 -27.12 -26.74 46.00
N GLU G 198 -28.23 -27.00 46.67
CA GLU G 198 -28.47 -28.29 47.34
C GLU G 198 -29.09 -29.35 46.42
N GLY G 199 -29.25 -29.01 45.14
CA GLY G 199 -29.80 -29.94 44.17
C GLY G 199 -31.29 -30.27 44.17
N ARG G 200 -32.12 -29.44 44.79
CA ARG G 200 -33.55 -29.72 44.81
C ARG G 200 -34.22 -29.47 43.47
N PHE G 201 -33.52 -28.78 42.56
CA PHE G 201 -34.09 -28.49 41.26
C PHE G 201 -33.65 -29.49 40.19
N GLN G 202 -32.63 -30.27 40.49
CA GLN G 202 -32.11 -31.24 39.53
C GLN G 202 -33.15 -32.16 38.88
N ASP G 203 -34.13 -32.63 39.65
CA ASP G 203 -35.16 -33.52 39.13
C ASP G 203 -36.13 -32.92 38.14
N GLU G 204 -36.72 -31.78 38.51
CA GLU G 204 -37.70 -31.11 37.67
C GLU G 204 -37.16 -30.36 36.44
N VAL G 205 -35.92 -29.91 36.50
CA VAL G 205 -35.35 -29.15 35.38
C VAL G 205 -34.69 -29.96 34.27
N VAL G 206 -35.03 -29.63 33.03
CA VAL G 206 -34.45 -30.26 31.86
C VAL G 206 -33.67 -29.21 31.09
N PRO G 207 -32.37 -29.46 30.86
CA PRO G 207 -31.50 -28.53 30.13
C PRO G 207 -31.95 -28.24 28.72
N VAL G 208 -31.74 -27.01 28.29
CA VAL G 208 -32.11 -26.60 26.94
C VAL G 208 -30.86 -26.21 26.17
N PRO G 209 -30.68 -26.82 25.00
CA PRO G 209 -29.50 -26.50 24.19
C PRO G 209 -29.74 -25.21 23.41
N VAL G 210 -28.82 -24.27 23.52
CA VAL G 210 -28.90 -22.99 22.80
C VAL G 210 -27.79 -22.94 21.76
N LYS G 211 -28.12 -22.54 20.54
CA LYS G 211 -27.12 -22.46 19.50
C LYS G 211 -26.51 -21.08 19.43
N ARG G 212 -25.23 -20.99 19.76
CA ARG G 212 -24.54 -19.71 19.68
C ARG G 212 -23.60 -19.72 18.49
N GLY G 213 -24.14 -19.26 17.36
CA GLY G 213 -23.37 -19.21 16.14
C GLY G 213 -23.21 -20.59 15.56
N LYS G 214 -22.04 -21.18 15.78
CA LYS G 214 -21.70 -22.50 15.25
C LYS G 214 -21.83 -23.60 16.32
N GLU G 215 -21.49 -23.27 17.56
CA GLU G 215 -21.53 -24.25 18.64
C GLU G 215 -22.73 -24.13 19.58
N GLU G 216 -23.12 -25.28 20.15
CA GLU G 216 -24.24 -25.37 21.10
C GLU G 216 -23.77 -25.22 22.53
N ILE G 217 -24.58 -24.54 23.33
CA ILE G 217 -24.30 -24.34 24.73
C ILE G 217 -25.51 -24.93 25.44
N LEU G 218 -25.30 -25.50 26.62
CA LEU G 218 -26.40 -26.11 27.34
C LEU G 218 -26.80 -25.25 28.53
N VAL G 219 -27.96 -24.60 28.44
CA VAL G 219 -28.47 -23.78 29.54
C VAL G 219 -29.14 -24.77 30.48
N GLU G 220 -28.67 -24.85 31.72
CA GLU G 220 -29.27 -25.79 32.63
C GLU G 220 -29.52 -25.30 34.06
N GLN G 221 -29.66 -23.99 34.22
CA GLN G 221 -29.90 -23.44 35.55
C GLN G 221 -30.58 -22.11 35.41
N ASP G 222 -31.57 -21.80 36.25
CA ASP G 222 -32.24 -20.51 36.15
C ASP G 222 -31.19 -19.43 36.30
N GLU G 223 -31.19 -18.42 35.44
CA GLU G 223 -30.17 -17.40 35.58
C GLU G 223 -30.67 -16.22 36.40
N GLY G 224 -31.85 -16.36 36.98
CA GLY G 224 -32.40 -15.29 37.79
C GLY G 224 -31.81 -15.07 39.16
N PRO G 225 -31.78 -16.08 40.05
CA PRO G 225 -31.25 -15.99 41.41
C PRO G 225 -29.84 -15.44 41.50
N ARG G 226 -29.62 -14.55 42.48
CA ARG G 226 -28.30 -13.98 42.69
C ARG G 226 -27.86 -14.17 44.14
N ARG G 227 -26.71 -14.81 44.31
CA ARG G 227 -26.18 -15.05 45.63
C ARG G 227 -25.85 -13.74 46.34
N ASP G 228 -25.35 -12.77 45.58
CA ASP G 228 -24.94 -11.47 46.11
C ASP G 228 -26.06 -10.53 46.49
N THR G 229 -27.31 -11.01 46.43
CA THR G 229 -28.44 -10.15 46.79
C THR G 229 -28.27 -9.74 48.23
N SER G 230 -28.38 -8.45 48.50
CA SER G 230 -28.23 -7.94 49.85
C SER G 230 -29.38 -7.02 50.23
N LEU G 231 -29.66 -6.96 51.53
CA LEU G 231 -30.74 -6.11 52.01
C LEU G 231 -30.44 -4.64 51.81
N GLU G 232 -29.14 -4.31 51.71
CA GLU G 232 -28.68 -2.94 51.50
C GLU G 232 -28.86 -2.51 50.06
N LYS G 233 -28.43 -3.37 49.14
CA LYS G 233 -28.54 -3.07 47.73
C LYS G 233 -30.02 -2.93 47.39
N LEU G 234 -30.83 -3.87 47.88
CA LEU G 234 -32.27 -3.88 47.65
C LEU G 234 -32.95 -2.59 48.09
N ALA G 235 -32.40 -1.96 49.12
CA ALA G 235 -32.98 -0.73 49.64
C ALA G 235 -32.50 0.50 48.86
N ALA G 236 -31.47 0.32 48.06
CA ALA G 236 -30.92 1.42 47.30
C ALA G 236 -31.66 1.70 45.99
N LEU G 237 -32.47 0.75 45.54
CA LEU G 237 -33.20 0.93 44.30
C LEU G 237 -34.29 1.98 44.48
N ARG G 238 -34.62 2.70 43.41
CA ARG G 238 -35.66 3.72 43.50
C ARG G 238 -37.02 3.17 43.03
N PRO G 239 -38.14 3.72 43.56
CA PRO G 239 -39.48 3.26 43.16
C PRO G 239 -39.56 3.28 41.63
N VAL G 240 -40.28 2.33 41.03
CA VAL G 240 -40.36 2.29 39.57
C VAL G 240 -41.74 2.56 38.98
N PHE G 241 -42.77 2.55 39.82
CA PHE G 241 -44.12 2.75 39.30
C PHE G 241 -44.86 3.96 39.87
N ARG G 242 -44.38 4.45 41.00
CA ARG G 242 -45.03 5.59 41.63
C ARG G 242 -43.99 6.39 42.40
N GLU G 243 -43.88 7.66 42.02
CA GLU G 243 -42.92 8.54 42.66
C GLU G 243 -43.15 8.53 44.18
N GLY G 244 -42.07 8.32 44.92
CA GLY G 244 -42.20 8.26 46.36
C GLY G 244 -42.94 6.98 46.71
N GLY G 245 -42.83 6.02 45.79
CA GLY G 245 -43.50 4.75 45.97
C GLY G 245 -42.71 3.73 46.79
N THR G 246 -43.09 2.47 46.66
CA THR G 246 -42.45 1.42 47.42
C THR G 246 -42.02 0.21 46.57
N VAL G 247 -42.68 -0.04 45.45
CA VAL G 247 -42.33 -1.17 44.60
C VAL G 247 -41.12 -0.84 43.71
N THR G 248 -40.05 -1.60 43.87
CA THR G 248 -38.82 -1.39 43.07
C THR G 248 -38.55 -2.57 42.16
N ALA G 249 -37.66 -2.36 41.20
CA ALA G 249 -37.31 -3.41 40.25
C ALA G 249 -36.77 -4.61 41.02
N GLY G 250 -36.30 -4.37 42.24
CA GLY G 250 -35.73 -5.42 43.06
C GLY G 250 -36.70 -6.26 43.87
N ASN G 251 -37.84 -5.69 44.26
CA ASN G 251 -38.80 -6.48 45.02
C ASN G 251 -40.02 -6.84 44.20
N SER G 252 -39.81 -7.00 42.89
CA SER G 252 -40.83 -7.39 41.94
C SER G 252 -40.21 -8.38 40.93
N SER G 253 -41.02 -9.25 40.34
CA SER G 253 -40.48 -10.23 39.39
C SER G 253 -40.02 -9.59 38.09
N PRO G 254 -39.15 -10.28 37.36
CA PRO G 254 -38.66 -9.73 36.10
C PRO G 254 -39.45 -10.28 34.93
N LEU G 255 -38.95 -10.01 33.72
CA LEU G 255 -39.57 -10.52 32.52
C LEU G 255 -38.63 -11.66 32.17
N ASN G 256 -39.18 -12.85 31.88
CA ASN G 256 -38.32 -13.99 31.58
C ASN G 256 -38.89 -14.91 30.50
N ASP G 257 -38.07 -15.85 30.06
CA ASP G 257 -38.50 -16.83 29.08
C ASP G 257 -38.49 -18.17 29.77
N GLY G 258 -39.36 -19.07 29.34
CA GLY G 258 -39.40 -20.38 29.94
C GLY G 258 -40.60 -21.18 29.52
N ALA G 259 -40.58 -22.47 29.86
CA ALA G 259 -41.66 -23.36 29.52
C ALA G 259 -41.70 -24.52 30.52
N ALA G 260 -42.89 -25.06 30.72
CA ALA G 260 -43.06 -26.17 31.64
C ALA G 260 -44.23 -27.00 31.19
N ALA G 261 -44.23 -28.27 31.60
CA ALA G 261 -45.30 -29.16 31.24
C ALA G 261 -45.44 -30.28 32.25
N VAL G 262 -46.68 -30.64 32.52
CA VAL G 262 -46.97 -31.71 33.46
C VAL G 262 -47.86 -32.76 32.76
N LEU G 263 -47.52 -34.02 32.97
CA LEU G 263 -48.26 -35.13 32.38
C LEU G 263 -49.30 -35.67 33.37
N LEU G 264 -50.57 -35.68 32.96
CA LEU G 264 -51.66 -36.19 33.79
C LEU G 264 -52.34 -37.37 33.13
N VAL G 265 -52.61 -38.41 33.90
CA VAL G 265 -53.27 -39.60 33.36
C VAL G 265 -54.34 -40.07 34.32
N SER G 266 -55.29 -40.86 33.81
CA SER G 266 -56.39 -41.37 34.63
C SER G 266 -55.85 -42.40 35.61
N ASP G 267 -56.47 -42.49 36.78
CA ASP G 267 -56.00 -43.44 37.77
C ASP G 267 -55.94 -44.86 37.24
N ASP G 268 -56.97 -45.27 36.50
CA ASP G 268 -57.00 -46.62 35.95
C ASP G 268 -55.90 -46.85 34.89
N TYR G 269 -55.54 -45.79 34.18
CA TYR G 269 -54.48 -45.86 33.17
C TYR G 269 -53.13 -46.02 33.88
N ALA G 270 -52.93 -45.24 34.94
CA ALA G 270 -51.71 -45.29 35.71
C ALA G 270 -51.50 -46.70 36.21
N LYS G 271 -52.54 -47.26 36.84
CA LYS G 271 -52.48 -48.61 37.37
C LYS G 271 -52.14 -49.63 36.30
N ALA G 272 -52.81 -49.53 35.15
CA ALA G 272 -52.57 -50.47 34.08
C ALA G 272 -51.20 -50.35 33.45
N HIS G 273 -50.53 -49.21 33.61
CA HIS G 273 -49.21 -49.03 33.01
C HIS G 273 -48.06 -48.88 34.00
N GLY G 274 -48.36 -49.08 35.27
CA GLY G 274 -47.35 -48.99 36.30
C GLY G 274 -46.78 -47.60 36.50
N LEU G 275 -47.59 -46.58 36.28
CA LEU G 275 -47.12 -45.20 36.47
C LEU G 275 -47.28 -44.80 37.93
N ARG G 276 -46.18 -44.42 38.55
CA ARG G 276 -46.17 -44.00 39.96
C ARG G 276 -46.57 -42.54 40.06
N PRO G 277 -47.72 -42.27 40.71
CA PRO G 277 -48.28 -40.93 40.91
C PRO G 277 -47.42 -40.00 41.74
N LEU G 278 -47.35 -38.74 41.30
CA LEU G 278 -46.59 -37.71 41.98
C LEU G 278 -47.57 -37.02 42.91
N ALA G 279 -48.80 -36.86 42.43
CA ALA G 279 -49.84 -36.21 43.20
C ALA G 279 -51.17 -36.41 42.50
N ARG G 280 -52.25 -36.03 43.16
CA ARG G 280 -53.58 -36.17 42.61
C ARG G 280 -54.26 -34.80 42.61
N VAL G 281 -54.93 -34.43 41.53
CA VAL G 281 -55.60 -33.13 41.50
C VAL G 281 -56.87 -33.21 42.34
N ARG G 282 -56.87 -32.51 43.46
CA ARG G 282 -58.00 -32.50 44.38
C ARG G 282 -59.14 -31.59 43.95
N ALA G 283 -58.88 -30.29 43.91
CA ALA G 283 -59.90 -29.32 43.53
C ALA G 283 -59.33 -28.09 42.81
N ILE G 284 -60.16 -27.46 41.99
CA ILE G 284 -59.78 -26.28 41.22
C ILE G 284 -60.79 -25.15 41.41
N ALA G 285 -60.30 -23.91 41.42
CA ALA G 285 -61.20 -22.78 41.58
C ALA G 285 -60.60 -21.53 40.95
N VAL G 286 -61.46 -20.74 40.31
CA VAL G 286 -61.02 -19.49 39.68
C VAL G 286 -61.90 -18.37 40.24
N ALA G 287 -61.36 -17.17 40.35
CA ALA G 287 -62.16 -16.08 40.87
C ALA G 287 -61.68 -14.73 40.35
N GLY G 288 -62.57 -13.74 40.33
CA GLY G 288 -62.19 -12.43 39.87
C GLY G 288 -62.19 -11.40 41.00
N VAL G 289 -61.35 -10.39 40.86
CA VAL G 289 -61.24 -9.31 41.84
C VAL G 289 -61.14 -8.01 41.07
N PRO G 290 -61.25 -6.86 41.75
CA PRO G 290 -61.14 -5.59 41.01
C PRO G 290 -59.77 -5.39 40.38
N PRO G 291 -59.73 -4.97 39.10
CA PRO G 291 -58.48 -4.74 38.38
C PRO G 291 -57.44 -3.94 39.16
N ARG G 292 -57.85 -2.88 39.81
CA ARG G 292 -56.90 -2.04 40.54
C ARG G 292 -56.08 -2.75 41.62
N ILE G 293 -56.55 -3.88 42.12
CA ILE G 293 -55.80 -4.62 43.14
C ILE G 293 -55.78 -6.10 42.82
N MET G 294 -55.54 -6.41 41.55
CA MET G 294 -55.48 -7.78 41.05
C MET G 294 -54.58 -8.65 41.90
N GLY G 295 -53.69 -8.02 42.66
CA GLY G 295 -52.78 -8.75 43.51
C GLY G 295 -53.40 -9.77 44.44
N ILE G 296 -54.54 -9.45 45.05
CA ILE G 296 -55.18 -10.40 45.99
C ILE G 296 -55.94 -11.55 45.36
N GLY G 297 -55.96 -11.63 44.03
CA GLY G 297 -56.65 -12.71 43.37
C GLY G 297 -56.58 -14.07 44.06
N PRO G 298 -55.39 -14.48 44.54
CA PRO G 298 -55.28 -15.77 45.22
C PRO G 298 -56.25 -15.98 46.37
N VAL G 299 -56.52 -14.94 47.15
CA VAL G 299 -57.41 -15.08 48.31
C VAL G 299 -58.74 -15.80 48.03
N PRO G 300 -59.66 -15.17 47.26
CA PRO G 300 -60.93 -15.85 47.02
C PRO G 300 -60.78 -17.15 46.25
N ALA G 301 -59.75 -17.24 45.42
CA ALA G 301 -59.53 -18.45 44.64
C ALA G 301 -59.16 -19.61 45.56
N THR G 302 -58.21 -19.38 46.46
CA THR G 302 -57.79 -20.40 47.41
C THR G 302 -58.94 -20.85 48.32
N ARG G 303 -59.71 -19.89 48.80
CA ARG G 303 -60.84 -20.18 49.66
C ARG G 303 -61.78 -21.12 48.92
N LYS G 304 -62.16 -20.74 47.70
CA LYS G 304 -63.05 -21.53 46.86
C LYS G 304 -62.48 -22.92 46.60
N ALA G 305 -61.18 -23.00 46.35
CA ALA G 305 -60.56 -24.27 46.08
C ALA G 305 -60.51 -25.19 47.31
N LEU G 306 -60.10 -24.62 48.44
CA LEU G 306 -60.03 -25.39 49.68
C LEU G 306 -61.42 -25.91 50.05
N GLU G 307 -62.43 -25.05 49.87
CA GLU G 307 -63.79 -25.44 50.19
C GLU G 307 -64.21 -26.61 49.31
N ARG G 308 -63.87 -26.53 48.04
CA ARG G 308 -64.23 -27.58 47.09
C ARG G 308 -63.51 -28.89 47.39
N ALA G 309 -62.33 -28.82 48.01
CA ALA G 309 -61.58 -30.03 48.33
C ALA G 309 -61.89 -30.50 49.74
N GLY G 310 -62.79 -29.78 50.41
CA GLY G 310 -63.16 -30.13 51.77
C GLY G 310 -61.97 -30.07 52.70
N LEU G 311 -61.13 -29.04 52.53
CA LEU G 311 -59.96 -28.89 53.38
C LEU G 311 -59.94 -27.49 54.00
N SER G 312 -59.04 -27.30 54.96
CA SER G 312 -58.87 -26.02 55.63
C SER G 312 -57.46 -25.55 55.30
N PHE G 313 -57.24 -24.24 55.30
CA PHE G 313 -55.92 -23.70 54.98
C PHE G 313 -54.84 -24.42 55.79
N SER G 314 -55.17 -24.73 57.04
CA SER G 314 -54.28 -25.41 57.96
C SER G 314 -53.88 -26.83 57.57
N ASP G 315 -54.61 -27.46 56.64
CA ASP G 315 -54.29 -28.83 56.22
C ASP G 315 -53.17 -28.81 55.18
N LEU G 316 -52.93 -27.64 54.62
CA LEU G 316 -51.90 -27.47 53.59
C LEU G 316 -50.51 -27.64 54.18
N GLY G 317 -49.69 -28.45 53.50
CA GLY G 317 -48.34 -28.67 53.99
C GLY G 317 -47.26 -28.01 53.16
N LEU G 318 -47.64 -27.43 52.04
CA LEU G 318 -46.69 -26.76 51.17
C LEU G 318 -47.48 -25.76 50.34
N ILE G 319 -47.01 -24.51 50.29
CA ILE G 319 -47.73 -23.48 49.54
C ILE G 319 -46.90 -22.75 48.48
N GLU G 320 -47.32 -22.86 47.23
CA GLU G 320 -46.63 -22.15 46.16
C GLU G 320 -47.48 -20.95 45.75
N LEU G 321 -47.11 -19.78 46.25
CA LEU G 321 -47.83 -18.54 45.93
C LEU G 321 -46.95 -17.72 45.00
N ASN G 322 -47.25 -17.73 43.70
CA ASN G 322 -46.43 -16.99 42.73
C ASN G 322 -46.16 -15.56 43.15
N GLU G 323 -44.88 -15.19 43.15
CA GLU G 323 -44.45 -13.86 43.56
C GLU G 323 -44.39 -12.88 42.42
N ALA G 324 -45.50 -12.20 42.13
CA ALA G 324 -45.51 -11.24 41.04
C ALA G 324 -44.81 -9.98 41.54
N PHE G 325 -45.13 -9.62 42.79
CA PHE G 325 -44.57 -8.44 43.44
C PHE G 325 -44.48 -8.75 44.93
N ALA G 326 -43.42 -8.29 45.57
CA ALA G 326 -43.28 -8.52 46.99
C ALA G 326 -44.52 -7.96 47.67
N ALA G 327 -44.90 -6.74 47.27
CA ALA G 327 -46.06 -6.07 47.84
C ALA G 327 -47.35 -6.86 47.69
N GLN G 328 -47.57 -7.43 46.51
CA GLN G 328 -48.77 -8.20 46.25
C GLN G 328 -48.80 -9.49 47.08
N ALA G 329 -47.69 -10.22 47.09
CA ALA G 329 -47.61 -11.46 47.84
C ALA G 329 -47.86 -11.21 49.33
N LEU G 330 -47.19 -10.21 49.89
CA LEU G 330 -47.35 -9.90 51.30
C LEU G 330 -48.80 -9.54 51.66
N ALA G 331 -49.51 -8.92 50.73
CA ALA G 331 -50.90 -8.55 50.99
C ALA G 331 -51.77 -9.82 51.06
N VAL G 332 -51.42 -10.82 50.23
CA VAL G 332 -52.14 -12.07 50.22
C VAL G 332 -51.86 -12.71 51.57
N LEU G 333 -50.59 -12.72 51.96
CA LEU G 333 -50.19 -13.30 53.23
C LEU G 333 -50.96 -12.67 54.40
N ARG G 334 -51.24 -11.37 54.31
CA ARG G 334 -51.99 -10.70 55.38
C ARG G 334 -53.34 -11.39 55.53
N GLU G 335 -54.06 -11.54 54.42
CA GLU G 335 -55.36 -12.18 54.42
C GLU G 335 -55.30 -13.60 55.00
N TRP G 336 -54.25 -14.33 54.63
CA TRP G 336 -54.07 -15.69 55.11
C TRP G 336 -53.52 -15.73 56.54
N SER G 337 -53.12 -14.58 57.06
CA SER G 337 -52.55 -14.52 58.41
C SER G 337 -51.34 -15.45 58.47
N LEU G 338 -50.43 -15.26 57.52
CA LEU G 338 -49.22 -16.05 57.44
C LEU G 338 -48.02 -15.14 57.41
N SER G 339 -46.91 -15.62 57.94
CA SER G 339 -45.69 -14.84 57.97
C SER G 339 -44.82 -15.29 56.81
N MET G 340 -44.09 -14.36 56.20
CA MET G 340 -43.24 -14.71 55.08
C MET G 340 -42.18 -15.73 55.45
N GLU G 341 -42.05 -16.03 56.74
CA GLU G 341 -41.06 -17.00 57.20
C GLU G 341 -41.60 -18.43 57.25
N ASP G 342 -42.90 -18.59 56.97
CA ASP G 342 -43.54 -19.91 56.99
C ASP G 342 -42.76 -20.92 56.16
N GLN G 343 -42.35 -22.01 56.80
CA GLN G 343 -41.59 -23.04 56.12
C GLN G 343 -42.33 -23.67 54.95
N ARG G 344 -43.64 -23.48 54.90
CA ARG G 344 -44.47 -24.03 53.84
C ARG G 344 -44.44 -23.20 52.55
N LEU G 345 -44.24 -21.89 52.70
CA LEU G 345 -44.24 -20.95 51.59
C LEU G 345 -43.03 -20.97 50.66
N ASN G 346 -43.28 -21.08 49.36
CA ASN G 346 -42.24 -21.11 48.33
C ASN G 346 -40.91 -21.58 48.93
N PRO G 347 -40.83 -22.87 49.29
CA PRO G 347 -39.63 -23.47 49.88
C PRO G 347 -38.35 -23.35 49.08
N ASN G 348 -38.45 -23.35 47.76
CA ASN G 348 -37.23 -23.23 46.96
C ASN G 348 -37.13 -21.92 46.23
N GLY G 349 -37.78 -20.90 46.77
CA GLY G 349 -37.74 -19.59 46.16
C GLY G 349 -38.95 -19.28 45.31
N GLY G 350 -39.14 -18.01 45.02
CA GLY G 350 -40.27 -17.60 44.21
C GLY G 350 -39.90 -16.83 42.96
N ALA G 351 -40.92 -16.37 42.22
CA ALA G 351 -40.74 -15.64 40.98
C ALA G 351 -39.79 -14.44 41.08
N ILE G 352 -39.75 -13.76 42.22
CA ILE G 352 -38.86 -12.62 42.33
C ILE G 352 -37.41 -12.96 42.04
N ALA G 353 -37.01 -14.18 42.40
CA ALA G 353 -35.65 -14.63 42.16
C ALA G 353 -35.54 -15.58 40.98
N LEU G 354 -36.57 -16.43 40.80
CA LEU G 354 -36.57 -17.42 39.73
C LEU G 354 -37.00 -16.92 38.34
N GLY G 355 -38.04 -16.09 38.31
CA GLY G 355 -38.54 -15.58 37.05
C GLY G 355 -40.05 -15.76 36.88
N HIS G 356 -40.66 -14.89 36.07
CA HIS G 356 -42.09 -14.97 35.85
C HIS G 356 -42.45 -15.02 34.37
N PRO G 357 -42.06 -16.11 33.66
CA PRO G 357 -42.38 -16.22 32.24
C PRO G 357 -43.88 -16.45 32.08
N LEU G 358 -44.65 -15.39 32.34
CA LEU G 358 -46.11 -15.42 32.27
C LEU G 358 -46.77 -16.76 31.97
N GLY G 359 -47.13 -16.93 30.70
CA GLY G 359 -47.78 -18.15 30.24
C GLY G 359 -47.33 -19.47 30.85
N ALA G 360 -46.05 -19.58 31.19
CA ALA G 360 -45.53 -20.83 31.75
C ALA G 360 -45.42 -20.83 33.26
N SER G 361 -45.51 -19.66 33.90
CA SER G 361 -45.39 -19.60 35.35
C SER G 361 -46.33 -20.55 36.09
N GLY G 362 -47.58 -20.60 35.65
CA GLY G 362 -48.58 -21.49 36.26
C GLY G 362 -48.07 -22.91 36.38
N ALA G 363 -47.82 -23.55 35.24
CA ALA G 363 -47.33 -24.90 35.22
C ALA G 363 -45.97 -24.98 35.92
N ARG G 364 -45.18 -23.91 35.81
CA ARG G 364 -43.85 -23.87 36.43
C ARG G 364 -43.97 -24.12 37.94
N ILE G 365 -44.76 -23.30 38.63
CA ILE G 365 -44.92 -23.45 40.07
C ILE G 365 -45.55 -24.81 40.49
N LEU G 366 -46.45 -25.35 39.68
CA LEU G 366 -47.03 -26.63 40.05
C LEU G 366 -45.92 -27.68 40.00
N THR G 367 -45.06 -27.59 39.00
CA THR G 367 -43.96 -28.54 38.87
C THR G 367 -43.10 -28.53 40.13
N THR G 368 -42.74 -27.33 40.59
CA THR G 368 -41.92 -27.20 41.80
C THR G 368 -42.65 -27.71 43.05
N LEU G 369 -43.95 -27.48 43.10
CA LEU G 369 -44.78 -27.90 44.24
C LEU G 369 -44.79 -29.42 44.36
N VAL G 370 -45.26 -30.08 43.31
CA VAL G 370 -45.34 -31.52 43.29
C VAL G 370 -44.00 -32.21 43.65
N HIS G 371 -42.92 -31.78 43.02
CA HIS G 371 -41.61 -32.37 43.30
C HIS G 371 -41.18 -32.20 44.75
N GLU G 372 -41.42 -31.02 45.32
CA GLU G 372 -41.07 -30.78 46.71
C GLU G 372 -42.00 -31.56 47.62
N MET G 373 -43.27 -31.65 47.24
CA MET G 373 -44.24 -32.40 48.05
C MET G 373 -43.78 -33.84 48.21
N ARG G 374 -43.29 -34.43 47.12
CA ARG G 374 -42.84 -35.81 47.18
C ARG G 374 -41.62 -35.99 48.03
N ARG G 375 -40.64 -35.09 47.90
CA ARG G 375 -39.44 -35.25 48.70
C ARG G 375 -39.68 -35.02 50.19
N ARG G 376 -40.61 -34.15 50.56
CA ARG G 376 -40.85 -33.98 51.99
C ARG G 376 -42.14 -34.65 52.45
N LYS G 377 -42.62 -35.58 51.63
CA LYS G 377 -43.83 -36.35 51.91
C LYS G 377 -45.00 -35.59 52.54
N VAL G 378 -45.36 -34.46 51.94
CA VAL G 378 -46.48 -33.67 52.42
C VAL G 378 -47.74 -34.22 51.77
N GLN G 379 -48.87 -34.12 52.47
CA GLN G 379 -50.12 -34.63 51.90
C GLN G 379 -50.89 -33.63 51.06
N PHE G 380 -50.99 -32.38 51.50
CA PHE G 380 -51.73 -31.40 50.72
C PHE G 380 -50.93 -30.18 50.30
N GLY G 381 -51.00 -29.84 49.01
CA GLY G 381 -50.28 -28.70 48.50
C GLY G 381 -51.20 -27.74 47.78
N LEU G 382 -50.87 -26.45 47.83
CA LEU G 382 -51.64 -25.41 47.17
C LEU G 382 -50.80 -24.59 46.20
N ALA G 383 -51.32 -24.39 44.99
CA ALA G 383 -50.65 -23.61 43.96
C ALA G 383 -51.64 -22.53 43.55
N THR G 384 -51.23 -21.27 43.66
CA THR G 384 -52.11 -20.16 43.33
C THR G 384 -51.35 -18.92 42.84
N MET G 385 -51.96 -18.16 41.95
CA MET G 385 -51.36 -16.96 41.37
C MET G 385 -52.33 -15.81 41.18
N CYS G 386 -51.78 -14.61 41.06
CA CYS G 386 -52.58 -13.41 40.83
C CYS G 386 -52.65 -13.32 39.30
N ILE G 387 -53.74 -12.78 38.76
CA ILE G 387 -53.86 -12.66 37.30
C ILE G 387 -54.22 -11.23 36.88
N GLY G 388 -53.49 -10.73 35.88
CA GLY G 388 -53.70 -9.39 35.36
C GLY G 388 -55.15 -9.02 35.05
N VAL G 389 -55.48 -7.76 35.32
CA VAL G 389 -56.81 -7.21 35.10
C VAL G 389 -57.83 -7.78 36.08
N GLY G 390 -57.35 -8.30 37.21
CA GLY G 390 -58.25 -8.78 38.24
C GLY G 390 -58.76 -10.20 38.37
N GLN G 391 -57.86 -11.18 38.46
CA GLN G 391 -58.29 -12.57 38.61
C GLN G 391 -57.33 -13.34 39.49
N GLY G 392 -57.72 -14.57 39.79
CA GLY G 392 -56.89 -15.44 40.62
C GLY G 392 -57.25 -16.88 40.37
N ILE G 393 -56.26 -17.75 40.45
CA ILE G 393 -56.52 -19.16 40.24
C ILE G 393 -55.79 -19.94 41.30
N ALA G 394 -56.35 -21.09 41.66
CA ALA G 394 -55.76 -21.95 42.68
C ALA G 394 -56.10 -23.40 42.39
N VAL G 395 -55.17 -24.29 42.72
CA VAL G 395 -55.33 -25.72 42.51
C VAL G 395 -54.84 -26.50 43.71
N VAL G 396 -55.69 -27.35 44.29
CA VAL G 396 -55.28 -28.13 45.44
C VAL G 396 -54.90 -29.53 44.99
N VAL G 397 -53.76 -29.98 45.48
CA VAL G 397 -53.19 -31.27 45.12
C VAL G 397 -52.90 -32.14 46.33
N GLU G 398 -53.09 -33.44 46.17
CA GLU G 398 -52.85 -34.40 47.25
C GLU G 398 -51.69 -35.30 46.83
N GLY G 399 -50.64 -35.33 47.63
CA GLY G 399 -49.49 -36.16 47.32
C GLY G 399 -49.77 -37.63 47.46
N MET G 400 -48.96 -38.46 46.81
CA MET G 400 -49.13 -39.91 46.88
C MET G 400 -47.76 -40.62 46.75
N PRO H 2 -78.24 -35.45 33.70
CA PRO H 2 -77.92 -34.27 32.85
C PRO H 2 -77.32 -33.19 33.74
N GLU H 3 -76.01 -33.06 33.79
CA GLU H 3 -75.46 -32.05 34.67
C GLU H 3 -75.10 -30.72 34.02
N ALA H 4 -74.96 -30.68 32.71
CA ALA H 4 -74.64 -29.40 32.05
C ALA H 4 -75.73 -29.00 31.08
N TRP H 5 -76.49 -27.97 31.45
CA TRP H 5 -77.61 -27.50 30.62
C TRP H 5 -77.44 -26.16 29.92
N ILE H 6 -77.71 -26.16 28.61
CA ILE H 6 -77.64 -24.97 27.79
C ILE H 6 -78.99 -24.26 27.91
N VAL H 7 -79.02 -23.13 28.60
CA VAL H 7 -80.28 -22.41 28.80
C VAL H 7 -80.51 -21.18 27.94
N GLU H 8 -79.50 -20.75 27.20
CA GLU H 8 -79.63 -19.59 26.32
C GLU H 8 -78.49 -19.55 25.31
N ALA H 9 -78.81 -19.21 24.07
CA ALA H 9 -77.80 -19.12 23.01
C ALA H 9 -78.05 -17.88 22.21
N VAL H 10 -76.99 -17.10 21.99
CA VAL H 10 -77.12 -15.85 21.25
C VAL H 10 -75.95 -15.62 20.31
N ARG H 11 -76.19 -14.89 19.23
CA ARG H 11 -75.14 -14.55 18.28
C ARG H 11 -75.41 -13.21 17.57
N THR H 12 -74.34 -12.50 17.27
CA THR H 12 -74.43 -11.23 16.57
C THR H 12 -74.49 -11.60 15.10
N PRO H 13 -74.99 -10.70 14.24
CA PRO H 13 -74.99 -11.14 12.84
C PRO H 13 -73.52 -11.23 12.35
N ILE H 14 -73.27 -11.98 11.29
CA ILE H 14 -71.92 -12.13 10.75
C ILE H 14 -71.66 -11.18 9.58
N GLY H 15 -70.69 -10.28 9.74
CA GLY H 15 -70.41 -9.33 8.70
C GLY H 15 -69.24 -9.71 7.81
N LYS H 16 -69.20 -9.12 6.61
CA LYS H 16 -68.13 -9.38 5.65
C LYS H 16 -66.88 -8.67 6.10
N HIS H 17 -65.73 -9.09 5.55
CA HIS H 17 -64.45 -8.47 5.90
C HIS H 17 -64.46 -7.00 5.47
N GLY H 18 -64.10 -6.12 6.39
CA GLY H 18 -64.12 -4.71 6.07
C GLY H 18 -65.54 -4.28 5.78
N GLY H 19 -66.51 -5.06 6.27
CA GLY H 19 -67.92 -4.79 6.08
C GLY H 19 -68.66 -4.10 7.21
N ALA H 20 -69.94 -4.46 7.39
CA ALA H 20 -70.83 -3.89 8.40
C ALA H 20 -70.34 -3.82 9.85
N LEU H 21 -69.47 -4.75 10.24
CA LEU H 21 -68.95 -4.75 11.60
C LEU H 21 -67.46 -4.48 11.70
N ALA H 22 -66.89 -3.97 10.61
CA ALA H 22 -65.45 -3.67 10.56
C ALA H 22 -65.09 -2.55 11.53
N SER H 23 -66.07 -1.70 11.82
CA SER H 23 -65.84 -0.58 12.72
C SER H 23 -65.90 -0.98 14.19
N VAL H 24 -66.48 -2.13 14.48
CA VAL H 24 -66.59 -2.58 15.86
C VAL H 24 -65.38 -3.40 16.28
N ARG H 25 -64.83 -3.09 17.44
CA ARG H 25 -63.68 -3.83 17.94
C ARG H 25 -64.09 -5.10 18.64
N PRO H 26 -63.32 -6.17 18.44
CA PRO H 26 -63.54 -7.51 19.00
C PRO H 26 -63.98 -7.51 20.45
N ASP H 27 -63.25 -6.81 21.31
CA ASP H 27 -63.61 -6.78 22.72
C ASP H 27 -64.98 -6.17 22.93
N ASP H 28 -65.31 -5.13 22.18
CA ASP H 28 -66.63 -4.52 22.32
C ASP H 28 -67.69 -5.45 21.70
N LEU H 29 -67.34 -6.10 20.60
CA LEU H 29 -68.27 -7.01 19.91
C LEU H 29 -68.68 -8.15 20.84
N LEU H 30 -67.68 -8.85 21.40
CA LEU H 30 -67.94 -9.95 22.32
C LEU H 30 -68.81 -9.48 23.48
N ALA H 31 -68.54 -8.27 23.98
CA ALA H 31 -69.30 -7.69 25.08
C ALA H 31 -70.78 -7.62 24.75
N HIS H 32 -71.11 -7.36 23.49
CA HIS H 32 -72.50 -7.30 23.08
C HIS H 32 -73.19 -8.65 23.24
N ALA H 33 -72.51 -9.70 22.83
CA ALA H 33 -73.04 -11.03 22.93
C ALA H 33 -73.21 -11.39 24.39
N LEU H 34 -72.14 -11.23 25.16
CA LEU H 34 -72.19 -11.55 26.58
C LEU H 34 -73.31 -10.82 27.30
N SER H 35 -73.47 -9.54 27.02
CA SER H 35 -74.51 -8.76 27.68
C SER H 35 -75.89 -9.29 27.32
N VAL H 36 -76.13 -9.46 26.03
CA VAL H 36 -77.39 -9.95 25.53
C VAL H 36 -77.76 -11.31 26.06
N LEU H 37 -76.79 -12.22 26.09
CA LEU H 37 -77.03 -13.57 26.58
C LEU H 37 -77.66 -13.54 27.95
N VAL H 38 -76.97 -12.88 28.88
CA VAL H 38 -77.46 -12.79 30.25
C VAL H 38 -78.70 -11.91 30.46
N ASP H 39 -78.85 -10.87 29.65
CA ASP H 39 -80.02 -10.01 29.81
C ASP H 39 -81.32 -10.75 29.55
N ARG H 40 -81.37 -11.52 28.48
CA ARG H 40 -82.57 -12.26 28.10
C ARG H 40 -82.77 -13.55 28.91
N SER H 41 -81.76 -13.95 29.67
CA SER H 41 -81.84 -15.18 30.45
C SER H 41 -82.51 -15.03 31.78
N GLY H 42 -82.48 -13.83 32.36
CA GLY H 42 -83.09 -13.65 33.65
C GLY H 42 -82.22 -14.20 34.76
N VAL H 43 -80.91 -14.26 34.49
CA VAL H 43 -79.95 -14.73 35.48
C VAL H 43 -78.97 -13.58 35.71
N PRO H 44 -79.02 -12.97 36.90
CA PRO H 44 -78.12 -11.84 37.19
C PRO H 44 -76.66 -12.15 36.85
N LYS H 45 -75.98 -11.16 36.29
CA LYS H 45 -74.58 -11.33 35.91
C LYS H 45 -73.69 -11.83 37.05
N GLU H 46 -73.92 -11.32 38.26
CA GLU H 46 -73.12 -11.74 39.41
C GLU H 46 -73.15 -13.24 39.65
N GLU H 47 -74.10 -13.91 38.99
CA GLU H 47 -74.23 -15.36 39.14
C GLU H 47 -73.25 -16.14 38.27
N VAL H 48 -72.73 -15.51 37.21
CA VAL H 48 -71.78 -16.17 36.29
C VAL H 48 -70.45 -16.41 36.98
N GLU H 49 -69.96 -17.65 36.93
CA GLU H 49 -68.72 -18.01 37.59
C GLU H 49 -67.46 -17.68 36.81
N ASP H 50 -67.45 -18.05 35.54
CA ASP H 50 -66.29 -17.89 34.67
C ASP H 50 -66.79 -17.75 33.24
N VAL H 51 -66.06 -17.02 32.40
CA VAL H 51 -66.47 -16.85 30.99
C VAL H 51 -65.38 -17.31 30.02
N TYR H 52 -65.65 -18.42 29.33
CA TYR H 52 -64.72 -18.97 28.35
C TYR H 52 -65.05 -18.38 27.00
N ALA H 53 -64.03 -17.95 26.28
CA ALA H 53 -64.21 -17.37 24.96
C ALA H 53 -63.15 -17.83 23.98
N GLY H 54 -63.56 -18.13 22.75
CA GLY H 54 -62.61 -18.57 21.76
C GLY H 54 -62.20 -17.41 20.85
N CYS H 55 -60.91 -17.37 20.51
CA CYS H 55 -60.37 -16.32 19.66
C CYS H 55 -59.09 -16.85 18.97
N ALA H 56 -59.12 -16.88 17.64
CA ALA H 56 -58.01 -17.40 16.84
C ALA H 56 -56.75 -16.53 16.77
N ASN H 57 -56.90 -15.23 16.98
CA ASN H 57 -55.79 -14.29 16.88
C ASN H 57 -55.92 -13.23 17.96
N GLN H 58 -55.19 -13.38 19.05
CA GLN H 58 -55.31 -12.40 20.12
C GLN H 58 -54.20 -11.34 20.12
N ALA H 59 -53.83 -10.87 18.92
CA ALA H 59 -52.77 -9.87 18.75
C ALA H 59 -53.21 -8.41 18.70
N GLY H 60 -54.48 -8.16 18.42
CA GLY H 60 -54.93 -6.78 18.35
C GLY H 60 -55.79 -6.30 19.51
N GLU H 61 -56.90 -5.64 19.16
CA GLU H 61 -57.85 -5.13 20.16
C GLU H 61 -58.43 -6.26 21.00
N ASP H 62 -58.07 -7.50 20.64
CA ASP H 62 -58.53 -8.68 21.37
C ASP H 62 -57.38 -9.27 22.18
N ASN H 63 -56.40 -8.43 22.51
CA ASN H 63 -55.24 -8.88 23.25
C ASN H 63 -55.44 -9.02 24.74
N ARG H 64 -54.57 -9.83 25.35
CA ARG H 64 -54.59 -10.10 26.78
C ARG H 64 -55.91 -10.55 27.38
N ASN H 65 -56.37 -11.73 26.94
CA ASN H 65 -57.61 -12.34 27.44
C ASN H 65 -58.86 -11.52 27.15
N VAL H 66 -59.41 -11.68 25.94
CA VAL H 66 -60.60 -10.94 25.55
C VAL H 66 -61.80 -11.25 26.41
N ALA H 67 -61.87 -12.49 26.89
CA ALA H 67 -62.99 -12.88 27.73
C ALA H 67 -63.10 -11.93 28.91
N ARG H 68 -61.98 -11.75 29.62
CA ARG H 68 -61.92 -10.89 30.78
C ARG H 68 -62.21 -9.46 30.44
N MET H 69 -61.68 -9.01 29.31
CA MET H 69 -61.89 -7.63 28.87
C MET H 69 -63.36 -7.42 28.52
N ALA H 70 -63.88 -8.32 27.68
CA ALA H 70 -65.27 -8.26 27.24
C ALA H 70 -66.30 -8.29 28.36
N LEU H 71 -66.14 -9.20 29.32
CA LEU H 71 -67.11 -9.27 30.40
C LEU H 71 -67.09 -8.00 31.25
N LEU H 72 -65.92 -7.43 31.49
CA LEU H 72 -65.85 -6.18 32.25
C LEU H 72 -66.55 -5.04 31.48
N LEU H 73 -66.33 -4.99 30.17
CA LEU H 73 -66.94 -3.99 29.30
C LEU H 73 -68.45 -4.15 29.28
N ALA H 74 -68.91 -5.40 29.35
CA ALA H 74 -70.34 -5.72 29.30
C ALA H 74 -71.10 -5.48 30.61
N GLY H 75 -70.46 -4.82 31.58
CA GLY H 75 -71.16 -4.54 32.82
C GLY H 75 -71.14 -5.61 33.90
N PHE H 76 -70.53 -6.76 33.62
CA PHE H 76 -70.47 -7.82 34.62
C PHE H 76 -69.61 -7.38 35.79
N PRO H 77 -70.01 -7.78 37.02
CA PRO H 77 -69.27 -7.42 38.22
C PRO H 77 -67.86 -8.02 38.18
N VAL H 78 -66.95 -7.34 38.86
CA VAL H 78 -65.56 -7.74 38.92
C VAL H 78 -65.23 -9.18 39.37
N GLU H 79 -66.18 -9.85 40.04
CA GLU H 79 -65.96 -11.21 40.53
C GLU H 79 -65.95 -12.28 39.43
N VAL H 80 -66.71 -12.05 38.37
CA VAL H 80 -66.78 -12.99 37.26
C VAL H 80 -65.42 -13.16 36.62
N ALA H 81 -64.92 -14.39 36.55
CA ALA H 81 -63.62 -14.66 35.94
C ALA H 81 -63.78 -14.88 34.46
N GLY H 82 -62.65 -15.04 33.76
CA GLY H 82 -62.69 -15.24 32.32
C GLY H 82 -61.36 -15.72 31.77
N CYS H 83 -61.44 -16.46 30.67
CA CYS H 83 -60.25 -17.00 30.04
C CYS H 83 -60.53 -17.16 28.56
N THR H 84 -59.49 -16.99 27.75
CA THR H 84 -59.62 -17.10 26.30
C THR H 84 -58.94 -18.37 25.79
N VAL H 85 -59.76 -19.22 25.19
CA VAL H 85 -59.33 -20.49 24.65
C VAL H 85 -59.04 -20.37 23.16
N ASN H 86 -57.98 -21.04 22.70
CA ASN H 86 -57.59 -20.96 21.30
C ASN H 86 -57.17 -22.27 20.62
N ARG H 87 -58.09 -22.84 19.85
CA ARG H 87 -57.84 -24.05 19.07
C ARG H 87 -58.33 -23.68 17.67
N LEU H 88 -57.83 -22.53 17.19
CA LEU H 88 -58.14 -21.96 15.88
C LEU H 88 -59.60 -21.93 15.47
N CYS H 89 -59.89 -22.47 14.29
CA CYS H 89 -61.26 -22.51 13.76
C CYS H 89 -62.26 -23.07 14.78
N GLY H 90 -61.81 -24.03 15.57
CA GLY H 90 -62.69 -24.63 16.55
C GLY H 90 -62.72 -24.00 17.94
N SER H 91 -62.12 -22.84 18.12
CA SER H 91 -62.10 -22.21 19.44
C SER H 91 -63.47 -21.94 20.04
N GLY H 92 -64.43 -21.63 19.18
CA GLY H 92 -65.77 -21.35 19.67
C GLY H 92 -66.40 -22.53 20.39
N LEU H 93 -66.21 -23.73 19.87
CA LEU H 93 -66.78 -24.94 20.50
C LEU H 93 -65.94 -25.37 21.69
N GLU H 94 -64.62 -25.17 21.61
CA GLU H 94 -63.74 -25.54 22.70
C GLU H 94 -64.17 -24.78 23.96
N ALA H 95 -64.66 -23.56 23.77
CA ALA H 95 -65.10 -22.72 24.89
C ALA H 95 -66.30 -23.35 25.61
N VAL H 96 -67.26 -23.83 24.83
CA VAL H 96 -68.44 -24.46 25.39
C VAL H 96 -68.06 -25.75 26.11
N ALA H 97 -67.20 -26.54 25.49
CA ALA H 97 -66.73 -27.79 26.07
C ALA H 97 -66.09 -27.47 27.42
N GLN H 98 -65.20 -26.49 27.42
CA GLN H 98 -64.51 -26.06 28.63
C GLN H 98 -65.53 -25.74 29.74
N ALA H 99 -66.60 -25.02 29.38
CA ALA H 99 -67.64 -24.65 30.34
C ALA H 99 -68.36 -25.88 30.88
N ALA H 100 -68.74 -26.79 29.99
CA ALA H 100 -69.44 -28.01 30.38
C ALA H 100 -68.64 -28.83 31.38
N ARG H 101 -67.37 -29.05 31.05
CA ARG H 101 -66.47 -29.84 31.90
C ARG H 101 -66.35 -29.28 33.30
N ALA H 102 -66.44 -27.97 33.43
CA ALA H 102 -66.35 -27.33 34.73
C ALA H 102 -67.61 -27.66 35.52
N ILE H 103 -68.77 -27.52 34.88
CA ILE H 103 -70.05 -27.83 35.53
C ILE H 103 -70.04 -29.28 35.99
N TRP H 104 -69.58 -30.16 35.11
CA TRP H 104 -69.52 -31.59 35.40
C TRP H 104 -68.59 -31.84 36.58
N ALA H 105 -67.57 -31.00 36.71
CA ALA H 105 -66.63 -31.15 37.81
C ALA H 105 -67.23 -30.60 39.09
N GLY H 106 -68.44 -30.07 38.98
CA GLY H 106 -69.13 -29.53 40.13
C GLY H 106 -68.45 -28.37 40.81
N GLU H 107 -67.93 -27.41 40.04
CA GLU H 107 -67.27 -26.22 40.57
C GLU H 107 -68.29 -25.09 40.61
N GLY H 108 -68.46 -24.37 39.49
CA GLY H 108 -69.44 -23.31 39.46
C GLY H 108 -70.79 -23.89 39.06
N LYS H 109 -71.84 -23.07 39.07
CA LYS H 109 -73.17 -23.54 38.69
C LYS H 109 -73.60 -22.87 37.38
N VAL H 110 -72.97 -21.73 37.08
CA VAL H 110 -73.26 -20.93 35.88
C VAL H 110 -71.98 -20.60 35.10
N TYR H 111 -71.92 -21.00 33.84
CA TYR H 111 -70.75 -20.73 33.00
C TYR H 111 -71.16 -20.25 31.61
N ILE H 112 -70.29 -19.46 30.98
CA ILE H 112 -70.55 -18.97 29.63
C ILE H 112 -69.49 -19.48 28.66
N GLY H 113 -69.95 -20.04 27.53
CA GLY H 113 -69.05 -20.54 26.50
C GLY H 113 -69.29 -19.63 25.30
N SER H 114 -68.24 -19.00 24.79
CA SER H 114 -68.42 -18.06 23.69
C SER H 114 -67.19 -17.91 22.83
N GLY H 115 -67.29 -17.03 21.86
CA GLY H 115 -66.17 -16.80 20.96
C GLY H 115 -66.34 -15.51 20.18
N VAL H 116 -65.23 -14.99 19.69
CA VAL H 116 -65.27 -13.76 18.92
C VAL H 116 -64.10 -13.72 17.96
N GLU H 117 -64.27 -13.01 16.85
CA GLU H 117 -63.20 -12.88 15.88
C GLU H 117 -63.50 -11.74 14.97
N SER H 118 -62.61 -10.76 14.94
CA SER H 118 -62.78 -9.61 14.06
C SER H 118 -61.62 -9.67 13.09
N MET H 119 -61.83 -10.38 11.99
CA MET H 119 -60.79 -10.55 10.98
C MET H 119 -60.49 -9.25 10.26
N SER H 120 -61.43 -8.30 10.36
CA SER H 120 -61.27 -7.03 9.70
C SER H 120 -60.21 -6.22 10.39
N ARG H 121 -60.27 -6.21 11.71
CA ARG H 121 -59.32 -5.42 12.50
C ARG H 121 -58.10 -6.18 13.00
N ALA H 122 -57.82 -7.32 12.40
CA ALA H 122 -56.65 -8.10 12.81
C ALA H 122 -55.43 -7.24 12.49
N PRO H 123 -54.55 -7.06 13.48
CA PRO H 123 -53.33 -6.24 13.33
C PRO H 123 -52.23 -6.87 12.52
N TYR H 124 -51.08 -6.19 12.50
CA TYR H 124 -49.89 -6.68 11.79
C TYR H 124 -48.95 -7.05 12.93
N ALA H 125 -48.11 -8.05 12.70
CA ALA H 125 -47.15 -8.47 13.71
C ALA H 125 -45.75 -8.29 13.16
N VAL H 126 -44.90 -7.59 13.92
CA VAL H 126 -43.53 -7.36 13.46
C VAL H 126 -42.54 -7.94 14.45
N PRO H 127 -41.54 -8.69 13.95
CA PRO H 127 -40.48 -9.36 14.72
C PRO H 127 -39.62 -8.41 15.51
N LYS H 128 -39.11 -8.88 16.62
CA LYS H 128 -38.22 -8.06 17.44
C LYS H 128 -36.79 -8.22 16.96
N PRO H 129 -36.02 -7.12 16.99
CA PRO H 129 -34.63 -7.21 16.53
C PRO H 129 -33.90 -8.05 17.54
N GLU H 130 -32.84 -8.73 17.11
CA GLU H 130 -32.06 -9.57 18.01
C GLU H 130 -30.66 -9.02 18.19
N ARG H 131 -30.29 -8.06 17.34
CA ARG H 131 -28.98 -7.43 17.33
C ARG H 131 -29.13 -5.92 17.50
N GLY H 132 -28.01 -5.24 17.75
CA GLY H 132 -28.01 -3.81 17.94
C GLY H 132 -28.54 -2.97 16.78
N PHE H 133 -27.73 -2.74 15.76
CA PHE H 133 -28.24 -1.95 14.65
C PHE H 133 -28.36 -2.90 13.47
N PRO H 134 -29.55 -3.49 13.32
CA PRO H 134 -29.86 -4.44 12.25
C PRO H 134 -29.66 -3.89 10.87
N THR H 135 -29.84 -4.77 9.90
CA THR H 135 -29.74 -4.45 8.49
C THR H 135 -30.63 -5.52 7.88
N GLY H 136 -31.32 -5.20 6.80
CA GLY H 136 -32.18 -6.17 6.16
C GLY H 136 -33.64 -5.78 6.37
N ASN H 137 -34.42 -5.89 5.31
CA ASN H 137 -35.82 -5.55 5.38
C ASN H 137 -36.50 -6.52 6.35
N LEU H 138 -37.64 -6.10 6.87
CA LEU H 138 -38.42 -6.93 7.78
C LEU H 138 -39.80 -7.16 7.21
N VAL H 139 -40.51 -8.14 7.75
CA VAL H 139 -41.85 -8.47 7.28
C VAL H 139 -42.87 -8.13 8.32
N MET H 140 -43.97 -7.51 7.91
CA MET H 140 -45.07 -7.19 8.82
C MET H 140 -46.17 -8.20 8.45
N TYR H 141 -46.34 -9.22 9.29
CA TYR H 141 -47.34 -10.21 8.98
C TYR H 141 -48.74 -9.74 9.25
N ASP H 142 -49.63 -10.05 8.33
CA ASP H 142 -51.02 -9.70 8.50
C ASP H 142 -51.70 -10.87 9.24
N THR H 143 -52.01 -10.66 10.52
CA THR H 143 -52.64 -11.68 11.34
C THR H 143 -54.04 -12.08 10.88
N THR H 144 -54.56 -11.40 9.86
CA THR H 144 -55.90 -11.71 9.35
C THR H 144 -55.80 -13.04 8.59
N LEU H 145 -54.63 -13.27 8.00
CA LEU H 145 -54.39 -14.47 7.20
C LEU H 145 -53.89 -15.69 7.99
N GLY H 146 -53.09 -16.54 7.34
CA GLY H 146 -52.62 -17.75 7.98
C GLY H 146 -51.22 -17.89 8.52
N TRP H 147 -50.42 -18.74 7.89
CA TRP H 147 -49.05 -18.98 8.34
C TRP H 147 -48.21 -17.71 8.46
N ARG H 148 -47.47 -17.62 9.56
CA ARG H 148 -46.62 -16.46 9.79
C ARG H 148 -45.53 -16.82 10.80
N PHE H 149 -44.49 -16.02 10.88
CA PHE H 149 -43.38 -16.32 11.79
C PHE H 149 -43.06 -17.82 11.65
N VAL H 150 -43.24 -18.33 10.44
CA VAL H 150 -43.02 -19.73 10.14
C VAL H 150 -41.71 -20.31 10.67
N ASN H 151 -41.79 -21.49 11.26
CA ASN H 151 -40.62 -22.17 11.80
C ASN H 151 -40.08 -23.12 10.73
N PRO H 152 -38.79 -22.99 10.40
CA PRO H 152 -38.15 -23.83 9.38
C PRO H 152 -38.41 -25.29 9.62
N LYS H 153 -38.19 -25.71 10.88
CA LYS H 153 -38.41 -27.09 11.26
C LYS H 153 -39.83 -27.54 10.93
N MET H 154 -40.80 -26.64 11.11
CA MET H 154 -42.18 -26.96 10.79
C MET H 154 -42.30 -27.19 9.28
N GLN H 155 -41.82 -26.22 8.50
CA GLN H 155 -41.83 -26.26 7.03
C GLN H 155 -41.35 -27.60 6.53
N ALA H 156 -40.30 -28.11 7.17
CA ALA H 156 -39.68 -29.36 6.79
C ALA H 156 -40.46 -30.63 7.19
N LEU H 157 -41.08 -30.64 8.37
CA LEU H 157 -41.82 -31.82 8.81
C LEU H 157 -43.14 -31.98 8.07
N TYR H 158 -43.92 -30.91 8.04
CA TYR H 158 -45.21 -30.88 7.34
C TYR H 158 -45.11 -29.54 6.61
N GLY H 159 -45.83 -29.36 5.52
CA GLY H 159 -45.66 -28.08 4.84
C GLY H 159 -46.26 -26.92 5.60
N THR H 160 -46.52 -25.85 4.86
CA THR H 160 -47.17 -24.68 5.42
C THR H 160 -48.21 -24.35 4.35
N GLU H 161 -48.90 -25.39 3.88
CA GLU H 161 -49.92 -25.23 2.87
C GLU H 161 -51.11 -24.48 3.48
N SER H 162 -51.67 -23.56 2.71
CA SER H 162 -52.80 -22.77 3.18
C SER H 162 -54.02 -23.64 3.37
N MET H 163 -54.99 -23.13 4.12
CA MET H 163 -56.23 -23.84 4.37
C MET H 163 -56.81 -24.21 3.00
N GLY H 164 -56.86 -23.22 2.12
CA GLY H 164 -57.39 -23.42 0.79
C GLY H 164 -56.68 -24.55 0.07
N GLU H 165 -55.37 -24.64 0.22
CA GLU H 165 -54.66 -25.71 -0.44
C GLU H 165 -55.04 -27.05 0.18
N THR H 166 -55.24 -27.08 1.48
CA THR H 166 -55.60 -28.32 2.15
C THR H 166 -56.96 -28.75 1.62
N ALA H 167 -57.75 -27.78 1.19
CA ALA H 167 -59.07 -28.07 0.63
C ALA H 167 -58.88 -28.80 -0.71
N GLU H 168 -57.96 -28.30 -1.54
CA GLU H 168 -57.69 -28.93 -2.83
C GLU H 168 -57.18 -30.36 -2.62
N ASN H 169 -56.24 -30.54 -1.68
CA ASN H 169 -55.70 -31.86 -1.40
C ASN H 169 -56.81 -32.84 -1.10
N LEU H 170 -57.86 -32.34 -0.44
CA LEU H 170 -59.01 -33.19 -0.11
C LEU H 170 -59.81 -33.45 -1.38
N ALA H 171 -60.14 -32.39 -2.12
CA ALA H 171 -60.90 -32.52 -3.37
C ALA H 171 -60.26 -33.61 -4.22
N GLU H 172 -58.94 -33.53 -4.33
CA GLU H 172 -58.14 -34.48 -5.08
C GLU H 172 -58.29 -35.88 -4.47
N MET H 173 -57.98 -35.99 -3.18
CA MET H 173 -58.04 -37.25 -2.46
C MET H 173 -59.34 -38.00 -2.58
N TYR H 174 -60.45 -37.27 -2.48
CA TYR H 174 -61.78 -37.87 -2.57
C TYR H 174 -62.42 -37.76 -3.93
N GLY H 175 -61.79 -37.04 -4.84
CA GLY H 175 -62.33 -36.88 -6.19
C GLY H 175 -63.64 -36.13 -6.17
N ILE H 176 -63.64 -34.99 -5.49
CA ILE H 176 -64.83 -34.16 -5.41
C ILE H 176 -64.75 -33.14 -6.52
N ARG H 177 -65.61 -33.31 -7.52
CA ARG H 177 -65.64 -32.42 -8.69
C ARG H 177 -66.01 -30.97 -8.40
N ARG H 178 -65.73 -30.12 -9.38
CA ARG H 178 -66.03 -28.71 -9.29
C ARG H 178 -67.54 -28.53 -9.22
N GLU H 179 -68.25 -29.12 -10.17
CA GLU H 179 -69.71 -29.00 -10.22
C GLU H 179 -70.36 -29.35 -8.91
N GLU H 180 -69.87 -30.39 -8.26
CA GLU H 180 -70.44 -30.80 -7.00
C GLU H 180 -70.18 -29.75 -5.92
N GLN H 181 -68.95 -29.24 -5.88
CA GLN H 181 -68.60 -28.24 -4.89
C GLN H 181 -69.45 -26.99 -5.03
N ASP H 182 -69.63 -26.52 -6.27
CA ASP H 182 -70.45 -25.32 -6.49
C ASP H 182 -71.90 -25.60 -6.16
N ARG H 183 -72.34 -26.82 -6.44
CA ARG H 183 -73.72 -27.19 -6.15
C ARG H 183 -73.93 -27.11 -4.65
N PHE H 184 -72.95 -27.61 -3.91
CA PHE H 184 -73.01 -27.59 -2.45
C PHE H 184 -73.07 -26.16 -1.91
N ALA H 185 -72.26 -25.28 -2.49
CA ALA H 185 -72.25 -23.88 -2.07
C ALA H 185 -73.60 -23.21 -2.38
N LEU H 186 -74.15 -23.51 -3.54
CA LEU H 186 -75.43 -22.95 -3.95
C LEU H 186 -76.50 -23.21 -2.92
N LEU H 187 -76.54 -24.43 -2.39
CA LEU H 187 -77.53 -24.81 -1.38
C LEU H 187 -77.34 -24.06 -0.10
N SER H 188 -76.08 -23.87 0.30
CA SER H 188 -75.77 -23.15 1.53
C SER H 188 -76.40 -21.75 1.48
N HIS H 189 -76.28 -21.08 0.34
CA HIS H 189 -76.87 -19.75 0.19
C HIS H 189 -78.39 -19.84 0.22
N GLN H 190 -78.96 -20.75 -0.57
CA GLN H 190 -80.42 -20.89 -0.64
C GLN H 190 -81.07 -21.16 0.72
N LYS H 191 -80.48 -22.08 1.49
CA LYS H 191 -81.01 -22.41 2.80
C LYS H 191 -80.92 -21.23 3.76
N ALA H 192 -79.80 -20.51 3.70
CA ALA H 192 -79.60 -19.36 4.57
C ALA H 192 -80.58 -18.23 4.23
N VAL H 193 -80.73 -17.95 2.93
CA VAL H 193 -81.63 -16.90 2.50
C VAL H 193 -83.05 -17.27 2.90
N ARG H 194 -83.36 -18.55 2.76
CA ARG H 194 -84.69 -19.04 3.10
C ARG H 194 -84.92 -18.97 4.61
N ALA H 195 -83.92 -19.34 5.39
CA ALA H 195 -84.05 -19.30 6.83
C ALA H 195 -84.29 -17.89 7.34
N TRP H 196 -83.50 -16.93 6.85
CA TRP H 196 -83.67 -15.54 7.27
C TRP H 196 -85.06 -15.04 6.92
N GLU H 197 -85.36 -15.14 5.63
CA GLU H 197 -86.62 -14.75 5.03
C GLU H 197 -87.83 -15.26 5.79
N GLU H 198 -87.71 -16.48 6.30
CA GLU H 198 -88.78 -17.15 7.04
C GLU H 198 -88.68 -17.01 8.56
N GLY H 199 -87.78 -16.14 9.02
CA GLY H 199 -87.63 -15.86 10.44
C GLY H 199 -87.01 -16.86 11.39
N ARG H 200 -86.29 -17.85 10.89
CA ARG H 200 -85.67 -18.83 11.77
C ARG H 200 -84.48 -18.25 12.53
N PHE H 201 -83.96 -17.12 12.08
CA PHE H 201 -82.82 -16.53 12.75
C PHE H 201 -83.22 -15.45 13.75
N GLN H 202 -84.48 -15.04 13.73
CA GLN H 202 -84.93 -13.99 14.62
C GLN H 202 -84.67 -14.22 16.11
N ASP H 203 -84.77 -15.46 16.56
CA ASP H 203 -84.55 -15.75 17.97
C ASP H 203 -83.10 -15.70 18.44
N GLU H 204 -82.21 -16.37 17.72
CA GLU H 204 -80.81 -16.42 18.10
C GLU H 204 -79.98 -15.15 17.85
N VAL H 205 -80.37 -14.36 16.87
CA VAL H 205 -79.62 -13.15 16.53
C VAL H 205 -79.98 -11.88 17.29
N VAL H 206 -78.95 -11.18 17.75
CA VAL H 206 -79.15 -9.94 18.47
C VAL H 206 -78.40 -8.84 17.74
N PRO H 207 -79.14 -7.83 17.25
CA PRO H 207 -78.60 -6.67 16.54
C PRO H 207 -77.47 -5.92 17.24
N VAL H 208 -76.54 -5.46 16.42
CA VAL H 208 -75.39 -4.74 16.92
C VAL H 208 -75.39 -3.31 16.39
N PRO H 209 -75.38 -2.34 17.32
CA PRO H 209 -75.37 -0.92 16.95
C PRO H 209 -73.98 -0.46 16.49
N VAL H 210 -73.91 0.00 15.25
CA VAL H 210 -72.66 0.50 14.68
C VAL H 210 -72.74 2.01 14.58
N LYS H 211 -71.69 2.69 15.01
CA LYS H 211 -71.67 4.15 14.94
C LYS H 211 -71.02 4.56 13.62
N ARG H 212 -71.79 5.26 12.80
CA ARG H 212 -71.28 5.73 11.52
C ARG H 212 -71.20 7.26 11.60
N GLY H 213 -70.06 7.73 12.09
CA GLY H 213 -69.84 9.15 12.25
C GLY H 213 -70.58 9.68 13.46
N LYS H 214 -71.67 10.39 13.20
CA LYS H 214 -72.48 10.97 14.26
C LYS H 214 -73.69 10.12 14.64
N GLU H 215 -74.24 9.41 13.66
CA GLU H 215 -75.42 8.58 13.94
C GLU H 215 -75.18 7.08 13.97
N GLU H 216 -76.03 6.39 14.72
CA GLU H 216 -75.94 4.93 14.88
C GLU H 216 -76.81 4.19 13.86
N ILE H 217 -76.32 3.03 13.45
CA ILE H 217 -77.02 2.16 12.50
C ILE H 217 -77.10 0.84 13.24
N LEU H 218 -78.14 0.08 12.98
CA LEU H 218 -78.31 -1.19 13.66
C LEU H 218 -78.15 -2.34 12.67
N VAL H 219 -77.03 -3.04 12.78
CA VAL H 219 -76.78 -4.18 11.90
C VAL H 219 -77.56 -5.35 12.49
N GLU H 220 -78.47 -5.92 11.71
CA GLU H 220 -79.26 -7.00 12.27
C GLU H 220 -79.51 -8.17 11.38
N GLN H 221 -78.65 -8.38 10.40
CA GLN H 221 -78.80 -9.51 9.52
C GLN H 221 -77.44 -9.87 8.95
N ASP H 222 -77.16 -11.17 8.82
CA ASP H 222 -75.88 -11.60 8.28
C ASP H 222 -75.77 -11.00 6.89
N GLU H 223 -74.67 -10.31 6.57
CA GLU H 223 -74.59 -9.73 5.24
C GLU H 223 -73.92 -10.63 4.22
N GLY H 224 -73.70 -11.89 4.59
CA GLY H 224 -73.07 -12.83 3.69
C GLY H 224 -73.97 -13.47 2.63
N PRO H 225 -75.08 -14.09 3.01
CA PRO H 225 -76.00 -14.73 2.07
C PRO H 225 -76.46 -13.85 0.92
N ARG H 226 -76.46 -14.40 -0.29
CA ARG H 226 -76.90 -13.65 -1.47
C ARG H 226 -78.01 -14.39 -2.22
N ARG H 227 -79.14 -13.72 -2.40
CA ARG H 227 -80.26 -14.34 -3.11
C ARG H 227 -79.93 -14.61 -4.57
N ASP H 228 -79.15 -13.73 -5.18
CA ASP H 228 -78.81 -13.86 -6.59
C ASP H 228 -77.76 -14.93 -6.89
N THR H 229 -77.32 -15.65 -5.86
CA THR H 229 -76.34 -16.70 -6.05
C THR H 229 -76.86 -17.68 -7.07
N SER H 230 -76.09 -17.92 -8.13
CA SER H 230 -76.50 -18.84 -9.20
C SER H 230 -75.43 -19.87 -9.50
N LEU H 231 -75.86 -21.00 -10.07
CA LEU H 231 -74.95 -22.08 -10.38
C LEU H 231 -74.01 -21.76 -11.57
N GLU H 232 -74.38 -20.78 -12.38
CA GLU H 232 -73.54 -20.39 -13.51
C GLU H 232 -72.45 -19.43 -13.08
N LYS H 233 -72.82 -18.48 -12.22
CA LYS H 233 -71.89 -17.49 -11.73
C LYS H 233 -70.81 -18.20 -10.93
N LEU H 234 -71.23 -19.16 -10.09
CA LEU H 234 -70.32 -19.93 -9.26
C LEU H 234 -69.28 -20.68 -10.11
N ALA H 235 -69.72 -21.12 -11.28
CA ALA H 235 -68.86 -21.87 -12.19
C ALA H 235 -67.90 -20.98 -12.97
N ALA H 236 -68.20 -19.69 -13.03
CA ALA H 236 -67.37 -18.74 -13.77
C ALA H 236 -66.13 -18.28 -13.00
N LEU H 237 -66.12 -18.51 -11.69
CA LEU H 237 -64.99 -18.10 -10.87
C LEU H 237 -63.78 -18.95 -11.20
N ARG H 238 -62.59 -18.38 -11.00
CA ARG H 238 -61.34 -19.10 -11.26
C ARG H 238 -60.78 -19.72 -9.97
N PRO H 239 -60.07 -20.85 -10.08
CA PRO H 239 -59.51 -21.47 -8.88
C PRO H 239 -58.68 -20.39 -8.18
N VAL H 240 -58.57 -20.46 -6.85
CA VAL H 240 -57.82 -19.44 -6.12
C VAL H 240 -56.62 -19.98 -5.36
N PHE H 241 -56.54 -21.30 -5.22
CA PHE H 241 -55.44 -21.89 -4.46
C PHE H 241 -54.51 -22.78 -5.25
N ARG H 242 -54.98 -23.31 -6.37
CA ARG H 242 -54.13 -24.17 -7.17
C ARG H 242 -54.49 -24.05 -8.64
N GLU H 243 -53.52 -23.65 -9.45
CA GLU H 243 -53.72 -23.49 -10.88
C GLU H 243 -54.41 -24.71 -11.45
N GLY H 244 -55.51 -24.47 -12.18
CA GLY H 244 -56.26 -25.56 -12.76
C GLY H 244 -56.92 -26.34 -11.63
N GLY H 245 -57.14 -25.64 -10.52
CA GLY H 245 -57.73 -26.25 -9.35
C GLY H 245 -59.24 -26.32 -9.34
N THR H 246 -59.81 -26.53 -8.16
CA THR H 246 -61.25 -26.66 -8.03
C THR H 246 -61.88 -25.71 -6.99
N VAL H 247 -61.13 -25.40 -5.94
CA VAL H 247 -61.64 -24.52 -4.90
C VAL H 247 -61.62 -23.07 -5.40
N THR H 248 -62.80 -22.45 -5.41
CA THR H 248 -62.92 -21.06 -5.85
C THR H 248 -63.37 -20.23 -4.66
N ALA H 249 -63.24 -18.92 -4.76
CA ALA H 249 -63.65 -18.04 -3.66
C ALA H 249 -65.15 -18.21 -3.41
N GLY H 250 -65.85 -18.71 -4.43
CA GLY H 250 -67.28 -18.90 -4.31
C GLY H 250 -67.73 -20.14 -3.56
N ASN H 251 -66.96 -21.21 -3.62
CA ASN H 251 -67.33 -22.43 -2.92
C ASN H 251 -66.48 -22.64 -1.68
N SER H 252 -66.10 -21.54 -1.05
CA SER H 252 -65.33 -21.55 0.18
C SER H 252 -65.82 -20.38 1.04
N SER H 253 -65.64 -20.49 2.35
CA SER H 253 -66.09 -19.47 3.26
C SER H 253 -65.29 -18.19 3.12
N PRO H 254 -65.88 -17.07 3.52
CA PRO H 254 -65.15 -15.81 3.43
C PRO H 254 -64.48 -15.51 4.77
N LEU H 255 -63.94 -14.31 4.92
CA LEU H 255 -63.31 -13.89 6.18
C LEU H 255 -64.39 -12.97 6.75
N ASN H 256 -64.72 -13.12 8.03
CA ASN H 256 -65.78 -12.30 8.61
C ASN H 256 -65.54 -11.87 10.04
N ASP H 257 -66.45 -11.03 10.53
CA ASP H 257 -66.42 -10.53 11.90
C ASP H 257 -67.66 -11.09 12.58
N GLY H 258 -67.61 -11.28 13.88
CA GLY H 258 -68.78 -11.80 14.57
C GLY H 258 -68.49 -12.33 15.95
N ALA H 259 -69.55 -12.55 16.73
CA ALA H 259 -69.40 -13.07 18.08
C ALA H 259 -70.64 -13.86 18.46
N ALA H 260 -70.47 -14.83 19.34
CA ALA H 260 -71.58 -15.67 19.78
C ALA H 260 -71.29 -16.14 21.20
N ALA H 261 -72.35 -16.39 21.97
CA ALA H 261 -72.17 -16.82 23.34
C ALA H 261 -73.32 -17.68 23.79
N VAL H 262 -72.99 -18.75 24.50
CA VAL H 262 -74.01 -19.63 25.01
C VAL H 262 -73.89 -19.74 26.53
N LEU H 263 -75.04 -19.73 27.20
CA LEU H 263 -75.09 -19.79 28.65
C LEU H 263 -75.41 -21.20 29.16
N LEU H 264 -74.48 -21.80 29.89
CA LEU H 264 -74.68 -23.14 30.44
C LEU H 264 -74.76 -23.08 31.97
N VAL H 265 -75.63 -23.91 32.52
CA VAL H 265 -75.83 -23.93 33.96
C VAL H 265 -76.04 -25.37 34.44
N SER H 266 -75.76 -25.64 35.72
CA SER H 266 -75.96 -27.00 36.26
C SER H 266 -77.46 -27.32 36.32
N ASP H 267 -77.79 -28.60 36.15
CA ASP H 267 -79.19 -29.00 36.17
C ASP H 267 -79.88 -28.61 37.47
N ASP H 268 -79.18 -28.70 38.59
CA ASP H 268 -79.77 -28.34 39.88
C ASP H 268 -80.02 -26.84 39.98
N TYR H 269 -79.14 -26.05 39.38
CA TYR H 269 -79.29 -24.60 39.39
C TYR H 269 -80.50 -24.24 38.56
N ALA H 270 -80.63 -24.87 37.40
CA ALA H 270 -81.76 -24.62 36.50
C ALA H 270 -83.07 -24.92 37.21
N LYS H 271 -83.09 -26.01 37.97
CA LYS H 271 -84.28 -26.41 38.70
C LYS H 271 -84.61 -25.40 39.77
N ALA H 272 -83.57 -24.95 40.47
CA ALA H 272 -83.76 -23.99 41.56
C ALA H 272 -84.19 -22.61 41.11
N HIS H 273 -84.00 -22.28 39.84
CA HIS H 273 -84.37 -20.95 39.38
C HIS H 273 -85.41 -20.95 38.26
N GLY H 274 -85.94 -22.14 37.93
CA GLY H 274 -86.93 -22.25 36.89
C GLY H 274 -86.44 -21.91 35.50
N LEU H 275 -85.25 -22.39 35.17
CA LEU H 275 -84.68 -22.14 33.85
C LEU H 275 -85.07 -23.29 32.94
N ARG H 276 -85.66 -22.97 31.80
CA ARG H 276 -86.07 -24.00 30.85
C ARG H 276 -84.93 -24.32 29.89
N PRO H 277 -84.44 -25.57 29.95
CA PRO H 277 -83.35 -26.07 29.13
C PRO H 277 -83.64 -26.02 27.63
N LEU H 278 -82.59 -25.76 26.88
CA LEU H 278 -82.66 -25.68 25.45
C LEU H 278 -82.12 -27.03 25.02
N ALA H 279 -81.08 -27.46 25.72
CA ALA H 279 -80.45 -28.72 25.40
C ALA H 279 -79.52 -29.13 26.54
N ARG H 280 -78.94 -30.29 26.41
CA ARG H 280 -78.06 -30.84 27.42
C ARG H 280 -76.78 -31.31 26.73
N VAL H 281 -75.63 -31.01 27.30
CA VAL H 281 -74.38 -31.46 26.67
C VAL H 281 -74.21 -32.94 26.99
N ARG H 282 -74.19 -33.77 25.94
CA ARG H 282 -74.04 -35.22 26.07
C ARG H 282 -72.60 -35.70 26.12
N ALA H 283 -71.86 -35.45 25.04
CA ALA H 283 -70.46 -35.86 24.98
C ALA H 283 -69.64 -34.93 24.11
N ILE H 284 -68.35 -34.88 24.40
CA ILE H 284 -67.41 -34.04 23.65
C ILE H 284 -66.21 -34.89 23.23
N ALA H 285 -65.60 -34.53 22.11
CA ALA H 285 -64.41 -35.25 21.64
C ALA H 285 -63.56 -34.36 20.73
N VAL H 286 -62.25 -34.50 20.89
CA VAL H 286 -61.28 -33.75 20.11
C VAL H 286 -60.34 -34.76 19.46
N ALA H 287 -59.89 -34.48 18.24
CA ALA H 287 -59.00 -35.41 17.58
C ALA H 287 -58.13 -34.71 16.54
N GLY H 288 -56.94 -35.28 16.31
CA GLY H 288 -56.01 -34.71 15.36
C GLY H 288 -55.83 -35.52 14.08
N VAL H 289 -55.66 -34.83 12.97
CA VAL H 289 -55.45 -35.45 11.66
C VAL H 289 -54.26 -34.81 10.97
N PRO H 290 -53.75 -35.44 9.89
CA PRO H 290 -52.60 -34.84 9.22
C PRO H 290 -52.88 -33.43 8.66
N PRO H 291 -52.00 -32.47 8.99
CA PRO H 291 -52.13 -31.08 8.54
C PRO H 291 -52.54 -30.89 7.08
N ARG H 292 -51.87 -31.60 6.18
CA ARG H 292 -52.16 -31.46 4.76
C ARG H 292 -53.62 -31.69 4.35
N ILE H 293 -54.42 -32.32 5.21
CA ILE H 293 -55.82 -32.54 4.90
C ILE H 293 -56.66 -32.33 6.15
N MET H 294 -56.40 -31.22 6.84
CA MET H 294 -57.09 -30.87 8.07
C MET H 294 -58.62 -30.85 7.90
N GLY H 295 -59.08 -30.81 6.65
CA GLY H 295 -60.50 -30.80 6.37
C GLY H 295 -61.29 -31.93 7.00
N ILE H 296 -60.75 -33.15 7.01
CA ILE H 296 -61.48 -34.29 7.58
C ILE H 296 -61.55 -34.36 9.11
N GLY H 297 -60.93 -33.42 9.80
CA GLY H 297 -60.97 -33.45 11.25
C GLY H 297 -62.29 -33.92 11.85
N PRO H 298 -63.44 -33.43 11.38
CA PRO H 298 -64.73 -33.86 11.93
C PRO H 298 -64.97 -35.35 12.00
N VAL H 299 -64.40 -36.11 11.06
CA VAL H 299 -64.62 -37.54 11.05
C VAL H 299 -64.22 -38.23 12.36
N PRO H 300 -62.91 -38.27 12.71
CA PRO H 300 -62.53 -38.94 13.97
C PRO H 300 -63.10 -38.28 15.22
N ALA H 301 -63.41 -37.00 15.15
CA ALA H 301 -63.96 -36.29 16.29
C ALA H 301 -65.41 -36.68 16.54
N THR H 302 -66.19 -36.78 15.47
CA THR H 302 -67.58 -37.15 15.60
C THR H 302 -67.70 -38.59 16.08
N ARG H 303 -66.84 -39.47 15.56
CA ARG H 303 -66.86 -40.87 15.95
C ARG H 303 -66.59 -41.04 17.44
N LYS H 304 -65.58 -40.32 17.93
CA LYS H 304 -65.21 -40.34 19.34
C LYS H 304 -66.35 -39.78 20.21
N ALA H 305 -66.98 -38.72 19.72
CA ALA H 305 -68.06 -38.08 20.46
C ALA H 305 -69.29 -38.98 20.54
N LEU H 306 -69.68 -39.53 19.41
CA LEU H 306 -70.84 -40.40 19.35
C LEU H 306 -70.63 -41.60 20.25
N GLU H 307 -69.43 -42.16 20.21
CA GLU H 307 -69.13 -43.32 21.03
C GLU H 307 -69.19 -42.96 22.51
N ARG H 308 -68.73 -41.78 22.87
CA ARG H 308 -68.77 -41.36 24.26
C ARG H 308 -70.17 -41.05 24.73
N ALA H 309 -71.08 -40.75 23.81
CA ALA H 309 -72.46 -40.46 24.17
C ALA H 309 -73.32 -41.71 23.96
N GLY H 310 -72.67 -42.83 23.63
CA GLY H 310 -73.39 -44.07 23.40
C GLY H 310 -74.48 -43.96 22.33
N LEU H 311 -74.17 -43.24 21.26
CA LEU H 311 -75.12 -43.05 20.16
C LEU H 311 -74.49 -43.46 18.84
N SER H 312 -75.33 -43.62 17.82
CA SER H 312 -74.87 -43.99 16.48
C SER H 312 -75.17 -42.79 15.58
N PHE H 313 -74.42 -42.63 14.50
CA PHE H 313 -74.67 -41.48 13.64
C PHE H 313 -76.14 -41.38 13.25
N SER H 314 -76.78 -42.53 13.04
CA SER H 314 -78.19 -42.54 12.65
C SER H 314 -79.16 -42.01 13.71
N ASP H 315 -78.68 -41.75 14.92
CA ASP H 315 -79.53 -41.23 16.00
C ASP H 315 -79.60 -39.71 15.95
N LEU H 316 -78.69 -39.12 15.18
CA LEU H 316 -78.63 -37.67 15.03
C LEU H 316 -79.81 -37.18 14.19
N GLY H 317 -80.55 -36.21 14.72
CA GLY H 317 -81.67 -35.68 13.98
C GLY H 317 -81.36 -34.34 13.34
N LEU H 318 -80.19 -33.80 13.65
CA LEU H 318 -79.79 -32.51 13.12
C LEU H 318 -78.27 -32.46 13.15
N ILE H 319 -77.65 -31.99 12.07
CA ILE H 319 -76.19 -31.95 12.01
C ILE H 319 -75.63 -30.62 11.54
N GLU H 320 -74.83 -29.98 12.39
CA GLU H 320 -74.18 -28.71 12.05
C GLU H 320 -72.71 -28.99 11.74
N LEU H 321 -72.39 -29.08 10.45
CA LEU H 321 -71.03 -29.34 9.99
C LEU H 321 -70.54 -28.03 9.39
N ASN H 322 -69.59 -27.40 10.05
CA ASN H 322 -69.09 -26.12 9.57
C ASN H 322 -68.50 -26.20 8.18
N GLU H 323 -68.94 -25.28 7.33
CA GLU H 323 -68.49 -25.22 5.95
C GLU H 323 -67.25 -24.38 5.71
N ALA H 324 -66.07 -24.91 6.00
CA ALA H 324 -64.84 -24.16 5.77
C ALA H 324 -64.65 -24.06 4.26
N PHE H 325 -64.83 -25.18 3.56
CA PHE H 325 -64.69 -25.29 2.11
C PHE H 325 -65.69 -26.31 1.60
N ALA H 326 -66.31 -26.05 0.46
CA ALA H 326 -67.27 -27.00 -0.10
C ALA H 326 -66.57 -28.33 -0.27
N ALA H 327 -65.35 -28.29 -0.78
CA ALA H 327 -64.56 -29.51 -0.98
C ALA H 327 -64.30 -30.28 0.32
N GLN H 328 -63.94 -29.56 1.39
CA GLN H 328 -63.66 -30.23 2.65
C GLN H 328 -64.92 -30.80 3.27
N ALA H 329 -66.02 -30.04 3.22
CA ALA H 329 -67.28 -30.51 3.78
C ALA H 329 -67.77 -31.78 3.07
N LEU H 330 -67.73 -31.77 1.75
CA LEU H 330 -68.17 -32.92 0.98
C LEU H 330 -67.29 -34.14 1.26
N ALA H 331 -66.01 -33.92 1.52
CA ALA H 331 -65.12 -35.03 1.82
C ALA H 331 -65.57 -35.66 3.13
N VAL H 332 -65.98 -34.82 4.07
CA VAL H 332 -66.45 -35.34 5.35
C VAL H 332 -67.72 -36.11 5.06
N LEU H 333 -68.60 -35.53 4.26
CA LEU H 333 -69.86 -36.19 3.92
C LEU H 333 -69.60 -37.57 3.32
N ARG H 334 -68.50 -37.72 2.58
CA ARG H 334 -68.19 -39.03 2.00
C ARG H 334 -67.99 -40.02 3.14
N GLU H 335 -67.14 -39.67 4.09
CA GLU H 335 -66.85 -40.56 5.22
C GLU H 335 -68.12 -40.97 5.95
N TRP H 336 -69.05 -40.03 6.06
CA TRP H 336 -70.31 -40.31 6.74
C TRP H 336 -71.34 -41.01 5.85
N SER H 337 -71.07 -41.09 4.56
CA SER H 337 -72.00 -41.72 3.61
C SER H 337 -73.31 -40.95 3.66
N LEU H 338 -73.21 -39.63 3.46
CA LEU H 338 -74.36 -38.74 3.46
C LEU H 338 -74.37 -37.88 2.22
N SER H 339 -75.55 -37.44 1.83
CA SER H 339 -75.67 -36.61 0.66
C SER H 339 -75.91 -35.15 1.07
N MET H 340 -75.37 -34.22 0.30
CA MET H 340 -75.52 -32.83 0.62
C MET H 340 -76.99 -32.42 0.66
N GLU H 341 -77.87 -33.34 0.30
CA GLU H 341 -79.31 -33.05 0.31
C GLU H 341 -79.95 -33.49 1.63
N ASP H 342 -79.15 -34.06 2.52
CA ASP H 342 -79.62 -34.52 3.81
C ASP H 342 -80.35 -33.40 4.56
N GLN H 343 -81.63 -33.61 4.83
CA GLN H 343 -82.43 -32.62 5.53
C GLN H 343 -81.93 -32.26 6.91
N ARG H 344 -81.03 -33.06 7.45
CA ARG H 344 -80.49 -32.80 8.77
C ARG H 344 -79.31 -31.84 8.74
N LEU H 345 -78.58 -31.85 7.62
CA LEU H 345 -77.38 -31.04 7.41
C LEU H 345 -77.60 -29.54 7.24
N ASN H 346 -76.89 -28.76 8.05
CA ASN H 346 -76.96 -27.30 8.02
C ASN H 346 -78.28 -26.87 7.42
N PRO H 347 -79.37 -27.05 8.17
CA PRO H 347 -80.73 -26.70 7.73
C PRO H 347 -80.97 -25.23 7.41
N ASN H 348 -80.25 -24.32 8.05
CA ASN H 348 -80.46 -22.91 7.78
C ASN H 348 -79.28 -22.24 7.08
N GLY H 349 -78.43 -23.05 6.45
CA GLY H 349 -77.27 -22.54 5.75
C GLY H 349 -75.97 -22.75 6.52
N GLY H 350 -74.86 -22.70 5.79
CA GLY H 350 -73.56 -22.88 6.41
C GLY H 350 -72.63 -21.69 6.25
N ALA H 351 -71.41 -21.83 6.75
CA ALA H 351 -70.42 -20.77 6.69
C ALA H 351 -70.18 -20.20 5.31
N ILE H 352 -70.33 -21.02 4.27
CA ILE H 352 -70.11 -20.54 2.91
C ILE H 352 -70.97 -19.32 2.62
N ALA H 353 -72.19 -19.34 3.12
CA ALA H 353 -73.09 -18.23 2.90
C ALA H 353 -73.22 -17.30 4.10
N LEU H 354 -73.13 -17.87 5.30
CA LEU H 354 -73.27 -17.08 6.52
C LEU H 354 -71.99 -16.40 7.02
N GLY H 355 -70.86 -17.06 6.88
CA GLY H 355 -69.63 -16.45 7.35
C GLY H 355 -68.85 -17.33 8.30
N HIS H 356 -67.54 -17.17 8.31
CA HIS H 356 -66.69 -17.99 9.16
C HIS H 356 -65.77 -17.15 10.02
N PRO H 357 -66.33 -16.43 11.00
CA PRO H 357 -65.54 -15.59 11.90
C PRO H 357 -64.78 -16.49 12.87
N LEU H 358 -63.77 -17.18 12.36
CA LEU H 358 -62.95 -18.12 13.10
C LEU H 358 -63.32 -18.35 14.56
N GLY H 359 -62.66 -17.61 15.44
CA GLY H 359 -62.91 -17.74 16.86
C GLY H 359 -64.35 -17.92 17.32
N ALA H 360 -65.30 -17.30 16.64
CA ALA H 360 -66.71 -17.39 17.06
C ALA H 360 -67.55 -18.46 16.35
N SER H 361 -67.05 -18.96 15.23
CA SER H 361 -67.82 -19.96 14.51
C SER H 361 -68.24 -21.12 15.39
N GLY H 362 -67.34 -21.63 16.20
CA GLY H 362 -67.71 -22.75 17.06
C GLY H 362 -69.01 -22.47 17.80
N ALA H 363 -68.99 -21.45 18.63
CA ALA H 363 -70.16 -21.08 19.40
C ALA H 363 -71.32 -20.70 18.47
N ARG H 364 -71.01 -20.07 17.35
CA ARG H 364 -72.02 -19.65 16.40
C ARG H 364 -72.86 -20.85 15.92
N ILE H 365 -72.20 -21.91 15.44
CA ILE H 365 -72.93 -23.07 14.95
C ILE H 365 -73.67 -23.84 16.04
N LEU H 366 -73.15 -23.83 17.26
CA LEU H 366 -73.88 -24.53 18.31
C LEU H 366 -75.17 -23.76 18.59
N THR H 367 -75.11 -22.43 18.52
CA THR H 367 -76.27 -21.59 18.76
C THR H 367 -77.34 -21.90 17.75
N THR H 368 -76.96 -21.94 16.47
CA THR H 368 -77.91 -22.22 15.40
C THR H 368 -78.50 -23.64 15.49
N LEU H 369 -77.70 -24.58 16.00
CA LEU H 369 -78.11 -25.99 16.14
C LEU H 369 -79.18 -26.16 17.21
N VAL H 370 -78.85 -25.70 18.40
CA VAL H 370 -79.73 -25.75 19.55
C VAL H 370 -81.09 -25.09 19.25
N HIS H 371 -81.08 -23.89 18.69
CA HIS H 371 -82.31 -23.20 18.34
C HIS H 371 -83.17 -23.95 17.32
N GLU H 372 -82.53 -24.59 16.35
CA GLU H 372 -83.29 -25.34 15.35
C GLU H 372 -83.78 -26.65 15.96
N MET H 373 -82.98 -27.24 16.83
CA MET H 373 -83.37 -28.49 17.47
C MET H 373 -84.68 -28.30 18.23
N ARG H 374 -84.79 -27.18 18.94
CA ARG H 374 -85.99 -26.88 19.74
C ARG H 374 -87.20 -26.71 18.85
N ARG H 375 -87.07 -25.92 17.79
CA ARG H 375 -88.23 -25.70 16.94
C ARG H 375 -88.72 -26.92 16.20
N ARG H 376 -87.83 -27.83 15.84
CA ARG H 376 -88.30 -29.02 15.17
C ARG H 376 -88.23 -30.25 16.07
N LYS H 377 -88.17 -29.99 17.38
CA LYS H 377 -88.15 -31.03 18.43
C LYS H 377 -87.31 -32.30 18.17
N VAL H 378 -86.06 -32.08 17.75
CA VAL H 378 -85.13 -33.16 17.48
C VAL H 378 -84.49 -33.54 18.80
N GLN H 379 -84.22 -34.82 19.00
CA GLN H 379 -83.63 -35.27 20.24
C GLN H 379 -82.10 -35.20 20.31
N PHE H 380 -81.42 -35.55 19.23
CA PHE H 380 -79.96 -35.52 19.25
C PHE H 380 -79.36 -34.69 18.13
N GLY H 381 -78.49 -33.77 18.52
CA GLY H 381 -77.83 -32.91 17.56
C GLY H 381 -76.31 -32.98 17.63
N LEU H 382 -75.65 -32.77 16.49
CA LEU H 382 -74.19 -32.81 16.40
C LEU H 382 -73.61 -31.53 15.80
N ALA H 383 -72.60 -30.96 16.47
CA ALA H 383 -71.94 -29.76 15.99
C ALA H 383 -70.47 -30.12 15.90
N THR H 384 -69.88 -30.00 14.70
CA THR H 384 -68.47 -30.31 14.51
C THR H 384 -67.80 -29.41 13.48
N MET H 385 -66.47 -29.24 13.61
CA MET H 385 -65.70 -28.39 12.70
C MET H 385 -64.32 -28.91 12.37
N CYS H 386 -63.76 -28.40 11.28
CA CYS H 386 -62.41 -28.76 10.86
C CYS H 386 -61.53 -27.70 11.51
N ILE H 387 -60.31 -28.05 11.91
CA ILE H 387 -59.43 -27.08 12.55
C ILE H 387 -58.04 -26.96 11.91
N GLY H 388 -57.61 -25.72 11.68
CA GLY H 388 -56.31 -25.45 11.06
C GLY H 388 -55.14 -26.20 11.64
N VAL H 389 -54.26 -26.64 10.75
CA VAL H 389 -53.06 -27.41 11.07
C VAL H 389 -53.35 -28.83 11.53
N GLY H 390 -54.52 -29.34 11.17
CA GLY H 390 -54.90 -30.72 11.46
C GLY H 390 -55.61 -31.17 12.72
N GLN H 391 -56.81 -30.64 12.95
CA GLN H 391 -57.57 -31.03 14.13
C GLN H 391 -59.06 -31.02 13.87
N GLY H 392 -59.80 -31.59 14.81
CA GLY H 392 -61.25 -31.63 14.69
C GLY H 392 -61.89 -31.65 16.06
N ILE H 393 -63.05 -31.02 16.19
CA ILE H 393 -63.74 -31.03 17.47
C ILE H 393 -65.24 -31.26 17.25
N ALA H 394 -65.87 -32.07 18.09
CA ALA H 394 -67.29 -32.33 17.95
C ALA H 394 -67.97 -32.34 19.31
N VAL H 395 -69.25 -32.01 19.33
CA VAL H 395 -70.03 -31.96 20.56
C VAL H 395 -71.43 -32.51 20.31
N VAL H 396 -71.85 -33.50 21.09
CA VAL H 396 -73.18 -34.06 20.93
C VAL H 396 -74.11 -33.48 21.97
N VAL H 397 -75.28 -33.04 21.52
CA VAL H 397 -76.25 -32.40 22.38
C VAL H 397 -77.61 -33.07 22.32
N GLU H 398 -78.29 -33.14 23.47
CA GLU H 398 -79.62 -33.74 23.57
C GLU H 398 -80.64 -32.66 23.88
N GLY H 399 -81.60 -32.45 22.98
CA GLY H 399 -82.61 -31.44 23.20
C GLY H 399 -83.50 -31.73 24.39
N MET H 400 -84.20 -30.71 24.88
CA MET H 400 -85.09 -30.89 26.01
C MET H 400 -86.27 -29.92 25.94
#